data_7Q9F
#
_entry.id   7Q9F
#
_cell.length_a   1.00
_cell.length_b   1.00
_cell.length_c   1.00
_cell.angle_alpha   90.00
_cell.angle_beta   90.00
_cell.angle_gamma   90.00
#
_symmetry.space_group_name_H-M   'P 1'
#
loop_
_entity.id
_entity.type
_entity.pdbx_description
1 polymer 'Spike glycoprotein'
2 polymer 'Beta-50 light chain'
3 polymer 'Beta-50 heavy chain'
4 branched 2-acetamido-2-deoxy-beta-D-glucopyranose-(1-4)-[alpha-L-fucopyranose-(1-6)]2-acetamido-2-deoxy-beta-D-glucopyranose
5 branched 2-acetamido-2-deoxy-beta-D-glucopyranose-(1-4)-2-acetamido-2-deoxy-beta-D-glucopyranose
6 branched beta-D-mannopyranose-(1-4)-2-acetamido-2-deoxy-beta-D-glucopyranose-(1-4)-[alpha-L-fucopyranose-(1-6)]2-acetamido-2-deoxy-beta-D-glucopyranose
7 non-polymer 2-acetamido-2-deoxy-beta-D-glucopyranose
#
loop_
_entity_poly.entity_id
_entity_poly.type
_entity_poly.pdbx_seq_one_letter_code
_entity_poly.pdbx_strand_id
1 'polypeptide(L)'
;MFVFLVLLPLVSSQCVNFTTRTQLPPAYTNSFTRGVYYPDKVFRSSVLHSTQDLFLPFFSNVTWFHAIHVSGTNGTKRFA
NPVLPFNDGVYFASTEKSNIIRGWIFGTTLDSKTQSLLIVNNATNVVIKVCEFQFCNDPFLGVYYHKNNKSWMESEFRVY
SSANNCTFEYVSQPFLMDLEGKQGNFKNLREFVFKNIDGYFKIYSKHTPINLVRGLPQGFSALEPLVDLPIGINITRFQT
LHISYLTPGDSSSGWTAGAAAYYVGYLQPRTFLLKYNENGTITDAVDCALDPLSETKCTLKSFTVEKGIYQTSNFRVQPT
ESIVRFPNITNLCPFGEVFNATRFASVYAWNRKRISNCVADYSVLYNSASFSTFKCYGVSPTKLNDLCFTNVYADSFVIR
GDEVRQIAPGQTGNIADYNYKLPDDFTGCVIAWNSNNLDSKVGGNYNYLYRLFRKSNLKPFERDISTEIYQAGSTPCNGV
KGFNCYFPLQSYGFQPTYGVGYQPYRVVVLSFELLHAPATVCGPKKSTNLVKNKCVNFNFNGLTGTGVLTESNKKFLPFQ
QFGRDIADTTDAVRDPQTLEILDITPCSFGGVSVITPGTNTSNQVAVLYQGVNCTEVPVAIHADQLTPTWRVYSTGSNVF
QTRAGCLIGAEHVNNSYECDIPIGAGICASYQTQTNSPGSASSVASQSIIAYTMSLGVENSVAYSNNSIAIPTNFTISVT
TEILPVSMTKTSVDCTMYICGDSTECSNLLLQYGSFCTQLNRALTGIAVEQDKNTQEVFAQVKQIYKTPPIKDFGGFNFS
QILPDPSKPSKRSFIEDLLFNKVTLADAGFIKQYGDCLGDIAARDLICAQKFNGLTVLPPLLTDEMIAQYTSALLAGTIT
SGWTFGAGAALQIPFAMQMAYRFNGIGVTQNVLYENQKLIANQFNSAIGKIQDSLSSTASALGKLQDVVNQNAQALNTLV
KQLSSNFGAISSVLNDILSRLDPPEAEVQIDRLITGRLQSLQTYVTQQLIRAAEIRASANLAATKMSECVLGQSKRVDFC
GKGYHLMSFPQSAPHGVVFLHVTYVPAQEKNFTTAPAICHDGKAHFPREGVFVSNGTHWFVTQRNFYEPQIITTDNTFVS
GNCDVVIGIVNNTVYDPLQPELDSFKEELDKYFKNHTSPDVDLGDISGINASVVNIQKEIDRLNEVAKNLNESLIDLQEL
GKYEQGSGYIPEAPRDGQAYVRKDGEWVLLSTFLGRSLEVLFQGPGHHHHHHHHGSAWSHPQFEKGGGSGGGSGGSAWSH
PQFEK
;
A,B,C
2 'polypeptide(L)'
;DIVMTQSPGTLSLSPGERATLSCRASQSFTSSYLAWYQQKPGQAPRLLIYGASSRATGIPDRFSGTGSGTDFTLTISRLE
PEDFAVYYCQQYGTSPRMYTFGQGTKVDIKRTVAAPSVFIFPPSDEQLKSGTASVVCLLNNFYPREAKVQWKVDNALQSG
NSQESVTEQDSKDSTYSLSSTLTLSKADYEKHKVYACEVTHQGLSSPVTKSFNRGEC
;
L,F,K
3 'polypeptide(L)'
;EVQLVQSGAEVKKPGSSVKVSCKASRGTFNTYVFTWVRQAPGQGLEWMGGIIPFFGTADYAQKFQGRVTITADDSTSTAY
MELSSLRSEDTAVYYCSRLSQWDLLPMWGQGTLVTVSSASTKGPSVFPLAPSSKSTSGGTAALGCLVKDYFPEPVTVSWN
SGALTSGVHTFPAVLQSSGLYSLSSVVTVPSSSLGTQTYICNVNHKPSNTKVDKKVEPKSCDK
;
H,E,J
#
loop_
_chem_comp.id
_chem_comp.type
_chem_comp.name
_chem_comp.formula
BMA D-saccharide, beta linking beta-D-mannopyranose 'C6 H12 O6'
FUC L-saccharide, alpha linking alpha-L-fucopyranose 'C6 H12 O5'
NAG D-saccharide, beta linking 2-acetamido-2-deoxy-beta-D-glucopyranose 'C8 H15 N O6'
#
# COMPACT_ATOMS: atom_id res chain seq x y z
N PRO A 25 11.16 24.38 -55.75
CA PRO A 25 11.61 22.99 -55.85
C PRO A 25 12.40 22.55 -54.62
N PRO A 26 11.79 21.75 -53.75
CA PRO A 26 12.48 21.33 -52.53
C PRO A 26 13.69 20.44 -52.82
N ALA A 27 14.70 20.55 -51.98
CA ALA A 27 15.89 19.70 -52.06
C ALA A 27 16.08 19.02 -50.72
N TYR A 28 17.14 18.24 -50.59
CA TYR A 28 17.43 17.53 -49.35
C TYR A 28 18.92 17.59 -49.05
N THR A 29 19.24 17.55 -47.76
CA THR A 29 20.61 17.69 -47.31
C THR A 29 20.80 16.90 -46.03
N ASN A 30 22.06 16.62 -45.72
CA ASN A 30 22.41 15.89 -44.52
C ASN A 30 22.51 16.84 -43.32
N SER A 31 21.87 16.45 -42.21
CA SER A 31 21.86 17.28 -41.02
C SER A 31 23.10 17.13 -40.15
N PHE A 32 23.92 16.12 -40.41
CA PHE A 32 25.16 15.90 -39.64
C PHE A 32 24.77 15.80 -38.17
N THR A 33 25.35 16.60 -37.28
CA THR A 33 25.10 16.49 -35.84
C THR A 33 24.38 17.71 -35.28
N ARG A 34 23.78 18.53 -36.14
CA ARG A 34 23.11 19.73 -35.66
C ARG A 34 21.82 19.36 -34.92
N GLY A 35 21.41 20.25 -34.02
CA GLY A 35 20.18 20.08 -33.28
C GLY A 35 20.39 19.48 -31.91
N VAL A 36 21.38 20.00 -31.17
CA VAL A 36 21.66 19.59 -29.80
C VAL A 36 21.46 20.81 -28.90
N TYR A 37 20.44 20.74 -28.04
CA TYR A 37 20.07 21.85 -27.19
C TYR A 37 19.91 21.36 -25.77
N TYR A 38 20.19 22.23 -24.81
CA TYR A 38 20.09 21.87 -23.40
C TYR A 38 18.65 21.47 -23.10
N PRO A 39 18.42 20.27 -22.56
CA PRO A 39 17.03 19.87 -22.25
C PRO A 39 16.44 20.57 -21.03
N ASP A 40 17.26 21.23 -20.22
CA ASP A 40 16.76 21.88 -19.01
C ASP A 40 17.77 22.94 -18.59
N LYS A 41 17.32 23.80 -17.66
CA LYS A 41 18.17 24.86 -17.12
C LYS A 41 19.06 24.38 -15.99
N VAL A 42 18.98 23.10 -15.62
CA VAL A 42 19.86 22.54 -14.59
C VAL A 42 21.29 22.62 -15.08
N PHE A 43 22.20 22.98 -14.19
CA PHE A 43 23.62 23.07 -14.51
C PHE A 43 24.32 21.77 -14.12
N ARG A 44 25.10 21.23 -15.06
CA ARG A 44 25.91 20.05 -14.82
C ARG A 44 27.27 20.26 -15.44
N SER A 45 28.29 19.63 -14.84
CA SER A 45 29.66 19.81 -15.30
C SER A 45 30.39 18.48 -15.29
N SER A 46 31.07 18.18 -16.39
CA SER A 46 31.95 17.00 -16.48
C SER A 46 31.20 15.73 -16.12
N VAL A 47 29.97 15.61 -16.61
CA VAL A 47 29.15 14.41 -16.38
C VAL A 47 28.46 14.05 -17.68
N LEU A 48 28.47 12.76 -18.02
CA LEU A 48 27.86 12.28 -19.25
C LEU A 48 26.37 11.98 -19.01
N HIS A 49 25.61 13.05 -18.85
CA HIS A 49 24.19 12.92 -18.54
C HIS A 49 23.45 12.30 -19.72
N SER A 50 22.46 11.47 -19.41
CA SER A 50 21.62 10.83 -20.40
C SER A 50 20.20 11.38 -20.31
N THR A 51 19.66 11.83 -21.43
CA THR A 51 18.36 12.48 -21.46
C THR A 51 17.48 11.83 -22.51
N GLN A 52 16.18 12.03 -22.39
CA GLN A 52 15.20 11.56 -23.36
C GLN A 52 14.23 12.70 -23.64
N ASP A 53 14.20 13.16 -24.88
CA ASP A 53 13.33 14.30 -25.22
C ASP A 53 13.27 14.42 -26.73
N LEU A 54 12.67 15.51 -27.21
CA LEU A 54 12.54 15.77 -28.64
C LEU A 54 13.86 16.28 -29.17
N PHE A 55 14.55 15.46 -29.95
CA PHE A 55 15.83 15.83 -30.53
C PHE A 55 15.78 15.61 -32.03
N LEU A 56 16.69 16.29 -32.74
CA LEU A 56 16.82 16.11 -34.17
C LEU A 56 17.76 14.93 -34.44
N PRO A 57 17.29 13.83 -35.02
CA PRO A 57 18.18 12.68 -35.21
C PRO A 57 19.41 13.05 -36.01
N PHE A 58 20.55 12.53 -35.59
CA PHE A 58 21.80 12.81 -36.28
C PHE A 58 21.77 12.24 -37.68
N PHE A 59 22.44 12.93 -38.60
CA PHE A 59 22.54 12.48 -40.00
C PHE A 59 21.16 12.23 -40.59
N SER A 60 20.22 13.11 -40.26
CA SER A 60 18.86 13.01 -40.75
C SER A 60 18.81 13.51 -42.20
N ASN A 61 17.60 13.71 -42.72
CA ASN A 61 17.37 14.13 -44.10
C ASN A 61 16.57 15.43 -44.06
N VAL A 62 17.27 16.55 -43.96
CA VAL A 62 16.63 17.85 -43.76
C VAL A 62 16.23 18.43 -45.10
N THR A 63 14.99 18.90 -45.20
CA THR A 63 14.52 19.54 -46.42
C THR A 63 15.16 20.90 -46.58
N TRP A 64 15.47 21.24 -47.83
CA TRP A 64 16.18 22.46 -48.18
C TRP A 64 15.29 23.30 -49.09
N PHE A 65 15.15 24.58 -48.76
CA PHE A 65 14.27 25.48 -49.48
C PHE A 65 15.02 26.75 -49.85
N HIS A 66 14.59 27.38 -50.94
CA HIS A 66 15.13 28.65 -51.41
C HIS A 66 13.99 29.59 -51.74
N ALA A 67 14.20 30.88 -51.49
CA ALA A 67 13.18 31.89 -51.73
C ALA A 67 13.63 32.84 -52.84
N ASN A 81 8.05 29.33 -50.33
CA ASN A 81 8.06 29.08 -48.89
C ASN A 81 6.67 28.66 -48.42
N PRO A 82 6.31 27.41 -48.70
CA PRO A 82 4.96 26.94 -48.33
C PRO A 82 4.81 26.73 -46.84
N VAL A 83 3.59 26.41 -46.40
CA VAL A 83 3.28 26.21 -45.00
C VAL A 83 3.72 24.80 -44.63
N LEU A 84 4.90 24.68 -44.04
CA LEU A 84 5.40 23.37 -43.67
C LEU A 84 4.66 22.83 -42.45
N PRO A 85 4.39 21.53 -42.39
CA PRO A 85 3.80 20.95 -41.17
C PRO A 85 4.75 21.10 -39.99
N PHE A 86 4.17 21.26 -38.80
CA PHE A 86 4.96 21.44 -37.58
C PHE A 86 5.21 20.12 -36.87
N ASN A 87 4.21 19.23 -36.84
CA ASN A 87 4.35 17.90 -36.23
C ASN A 87 4.75 18.10 -34.76
N ASP A 88 5.67 17.30 -34.23
CA ASP A 88 6.04 17.36 -32.82
C ASP A 88 7.19 18.31 -32.56
N GLY A 89 7.71 18.99 -33.58
CA GLY A 89 8.83 19.90 -33.39
C GLY A 89 9.34 20.36 -34.73
N VAL A 90 10.19 21.38 -34.68
CA VAL A 90 10.76 21.96 -35.89
C VAL A 90 12.19 22.41 -35.61
N TYR A 91 13.10 22.07 -36.51
CA TYR A 91 14.44 22.62 -36.53
C TYR A 91 14.52 23.63 -37.67
N PHE A 92 15.36 24.65 -37.48
CA PHE A 92 15.45 25.76 -38.43
C PHE A 92 16.90 26.22 -38.48
N ALA A 93 17.40 26.49 -39.68
CA ALA A 93 18.78 26.93 -39.85
C ALA A 93 18.84 27.92 -41.00
N SER A 94 19.28 29.13 -40.71
CA SER A 94 19.39 30.19 -41.71
C SER A 94 20.81 30.71 -41.76
N THR A 95 21.39 30.72 -42.96
CA THR A 95 22.72 31.29 -43.20
C THR A 95 22.50 32.69 -43.75
N GLU A 96 22.58 33.69 -42.86
CA GLU A 96 22.23 35.07 -43.21
C GLU A 96 23.32 36.02 -42.73
N LYS A 97 23.20 37.28 -43.14
CA LYS A 97 24.09 38.33 -42.67
C LYS A 97 23.39 39.65 -42.37
N SER A 98 22.10 39.79 -42.68
CA SER A 98 21.37 41.01 -42.41
C SER A 98 20.02 40.76 -41.74
N ASN A 99 19.80 39.55 -41.22
CA ASN A 99 18.55 39.19 -40.54
C ASN A 99 17.35 39.38 -41.48
N ILE A 100 17.46 38.75 -42.65
CA ILE A 100 16.37 38.81 -43.62
C ILE A 100 15.14 38.08 -43.09
N ILE A 101 15.34 36.88 -42.55
CA ILE A 101 14.24 36.11 -41.98
C ILE A 101 13.95 36.63 -40.58
N ARG A 102 12.73 37.12 -40.37
CA ARG A 102 12.34 37.71 -39.10
C ARG A 102 11.01 37.20 -38.56
N GLY A 103 10.16 36.63 -39.39
CA GLY A 103 8.81 36.27 -38.98
C GLY A 103 8.56 34.77 -39.05
N TRP A 104 7.70 34.29 -38.17
CA TRP A 104 7.24 32.91 -38.16
C TRP A 104 5.75 32.90 -37.81
N ILE A 105 5.02 31.97 -38.42
CA ILE A 105 3.61 31.78 -38.14
C ILE A 105 3.39 30.31 -37.81
N PHE A 106 2.66 30.06 -36.73
CA PHE A 106 2.32 28.70 -36.31
C PHE A 106 0.82 28.61 -36.14
N GLY A 107 0.25 27.45 -36.45
CA GLY A 107 -1.18 27.27 -36.27
C GLY A 107 -1.64 25.95 -36.86
N THR A 108 -2.94 25.87 -37.10
CA THR A 108 -3.54 24.70 -37.73
C THR A 108 -4.21 25.03 -39.05
N THR A 109 -5.05 26.07 -39.07
CA THR A 109 -5.72 26.50 -40.29
C THR A 109 -5.26 27.85 -40.81
N LEU A 110 -4.86 28.76 -39.92
CA LEU A 110 -4.34 30.07 -40.32
C LEU A 110 -5.35 30.82 -41.18
N ASP A 111 -6.61 30.85 -40.71
CA ASP A 111 -7.69 31.51 -41.43
C ASP A 111 -8.57 32.33 -40.49
N SER A 112 -8.01 32.76 -39.35
CA SER A 112 -8.68 33.56 -38.33
C SER A 112 -9.77 32.78 -37.60
N LYS A 113 -10.03 31.52 -37.96
CA LYS A 113 -11.00 30.71 -37.24
C LYS A 113 -10.42 30.10 -35.99
N THR A 114 -9.10 30.09 -35.83
CA THR A 114 -8.46 29.56 -34.65
C THR A 114 -7.22 30.40 -34.36
N GLN A 115 -6.78 30.34 -33.10
CA GLN A 115 -5.64 31.15 -32.68
C GLN A 115 -4.37 30.66 -33.39
N SER A 116 -3.63 31.60 -33.96
CA SER A 116 -2.37 31.31 -34.63
C SER A 116 -1.29 32.20 -34.04
N LEU A 117 -0.16 31.60 -33.67
CA LEU A 117 0.94 32.35 -33.09
C LEU A 117 1.73 33.06 -34.18
N LEU A 118 1.92 34.36 -34.01
CA LEU A 118 2.78 35.15 -34.88
C LEU A 118 4.00 35.60 -34.08
N ILE A 119 5.18 35.33 -34.61
CA ILE A 119 6.44 35.71 -33.98
C ILE A 119 7.18 36.63 -34.95
N VAL A 120 7.57 37.80 -34.47
CA VAL A 120 8.29 38.76 -35.29
C VAL A 120 9.65 39.01 -34.66
N ASN A 121 10.20 37.99 -34.00
CA ASN A 121 11.47 38.12 -33.31
C ASN A 121 12.60 38.40 -34.28
N ASN A 122 13.12 39.63 -34.25
CA ASN A 122 14.26 40.03 -35.05
C ASN A 122 15.34 40.58 -34.12
N ALA A 123 16.53 40.00 -34.20
CA ALA A 123 17.62 40.38 -33.30
C ALA A 123 17.14 40.25 -31.85
N THR A 124 16.71 41.37 -31.26
CA THR A 124 16.17 41.37 -29.90
C THR A 124 14.74 41.89 -29.83
N ASN A 125 14.18 42.37 -30.93
CA ASN A 125 12.83 42.92 -30.94
C ASN A 125 11.83 41.80 -31.20
N VAL A 126 10.92 41.57 -30.26
CA VAL A 126 9.90 40.54 -30.36
C VAL A 126 8.53 41.21 -30.32
N VAL A 127 7.68 40.86 -31.29
CA VAL A 127 6.36 41.45 -31.43
C VAL A 127 5.31 40.35 -31.36
N ILE A 128 5.57 39.32 -30.55
CA ILE A 128 4.77 38.12 -30.60
C ILE A 128 3.32 38.42 -30.29
N LYS A 129 2.42 37.88 -31.10
CA LYS A 129 0.98 37.98 -30.89
C LYS A 129 0.34 36.62 -31.13
N VAL A 130 -0.83 36.42 -30.52
CA VAL A 130 -1.57 35.16 -30.64
C VAL A 130 -2.99 35.40 -31.13
N CYS A 131 -3.22 36.49 -31.85
CA CYS A 131 -4.55 36.78 -32.34
C CYS A 131 -4.95 35.79 -33.43
N GLU A 132 -6.25 35.73 -33.71
CA GLU A 132 -6.79 34.93 -34.82
C GLU A 132 -6.69 35.77 -36.09
N PHE A 133 -5.48 35.82 -36.65
CA PHE A 133 -5.21 36.68 -37.79
C PHE A 133 -5.84 36.12 -39.05
N GLN A 134 -6.11 37.01 -40.00
CA GLN A 134 -6.59 36.65 -41.33
C GLN A 134 -5.44 36.92 -42.30
N PHE A 135 -4.59 35.92 -42.48
CA PHE A 135 -3.40 36.08 -43.31
C PHE A 135 -3.76 36.21 -44.78
N CYS A 136 -2.94 36.96 -45.51
CA CYS A 136 -3.12 37.09 -46.94
C CYS A 136 -2.65 35.82 -47.65
N ASN A 137 -2.80 35.80 -48.98
CA ASN A 137 -2.36 34.65 -49.74
C ASN A 137 -0.85 34.47 -49.65
N ASP A 138 -0.10 35.57 -49.78
CA ASP A 138 1.37 35.55 -49.69
C ASP A 138 1.78 36.69 -48.76
N PRO A 139 1.56 36.54 -47.46
CA PRO A 139 1.94 37.60 -46.52
C PRO A 139 3.44 37.84 -46.53
N PHE A 140 3.83 39.09 -46.34
CA PHE A 140 5.24 39.46 -46.32
C PHE A 140 5.37 40.84 -45.69
N LEU A 141 6.58 41.39 -45.71
CA LEU A 141 6.86 42.72 -45.21
C LEU A 141 7.70 43.48 -46.23
N GLY A 142 7.60 44.81 -46.19
CA GLY A 142 8.38 45.64 -47.08
C GLY A 142 9.80 45.83 -46.61
N VAL A 143 10.59 46.50 -47.44
CA VAL A 143 11.99 46.77 -47.14
C VAL A 143 12.09 48.00 -46.24
N GLU A 156 7.32 48.26 -45.18
CA GLU A 156 5.90 47.94 -45.08
C GLU A 156 5.67 46.74 -44.18
N PHE A 157 4.44 46.60 -43.68
CA PHE A 157 4.04 45.46 -42.85
C PHE A 157 2.63 45.07 -43.28
N ARG A 158 2.54 44.10 -44.19
CA ARG A 158 1.26 43.58 -44.68
C ARG A 158 1.31 42.07 -44.54
N VAL A 159 0.93 41.57 -43.36
CA VAL A 159 0.93 40.15 -43.07
C VAL A 159 -0.47 39.61 -42.81
N TYR A 160 -1.26 40.32 -42.01
CA TYR A 160 -2.61 39.90 -41.67
C TYR A 160 -3.57 41.05 -41.95
N SER A 161 -4.73 40.71 -42.52
CA SER A 161 -5.76 41.70 -42.78
C SER A 161 -6.68 41.91 -41.58
N SER A 162 -6.56 41.09 -40.55
CA SER A 162 -7.41 41.22 -39.36
C SER A 162 -6.67 40.69 -38.15
N ALA A 163 -7.07 41.16 -36.98
CA ALA A 163 -6.51 40.69 -35.71
C ALA A 163 -7.57 40.89 -34.64
N ASN A 164 -8.30 39.83 -34.30
CA ASN A 164 -9.40 39.89 -33.36
C ASN A 164 -9.19 38.90 -32.23
N ASN A 165 -9.60 39.30 -31.02
CA ASN A 165 -9.56 38.43 -29.84
C ASN A 165 -8.12 37.96 -29.57
N CYS A 166 -7.25 38.93 -29.31
CA CYS A 166 -5.86 38.65 -28.96
C CYS A 166 -5.80 38.28 -27.48
N THR A 167 -5.48 37.02 -27.19
CA THR A 167 -5.42 36.54 -25.82
C THR A 167 -4.08 36.81 -25.15
N PHE A 168 -3.07 37.25 -25.89
CA PHE A 168 -1.76 37.51 -25.31
C PHE A 168 -0.89 38.22 -26.32
N GLU A 169 0.09 38.96 -25.82
CA GLU A 169 1.06 39.64 -26.66
C GLU A 169 2.36 39.82 -25.87
N TYR A 170 3.48 39.50 -26.50
CA TYR A 170 4.80 39.61 -25.88
C TYR A 170 5.64 40.61 -26.66
N VAL A 171 6.21 41.58 -25.96
CA VAL A 171 6.98 42.67 -26.56
C VAL A 171 8.39 42.65 -25.99
N SER A 172 9.37 42.75 -26.88
CA SER A 172 10.78 42.82 -26.46
C SER A 172 11.63 43.42 -27.57
N PHE A 186 32.21 35.16 -43.55
CA PHE A 186 31.87 35.66 -42.22
C PHE A 186 30.36 35.84 -42.08
N LYS A 187 29.61 34.88 -42.59
CA LYS A 187 28.16 34.85 -42.44
C LYS A 187 27.79 34.30 -41.07
N ASN A 188 26.56 34.61 -40.63
CA ASN A 188 26.04 34.12 -39.38
C ASN A 188 25.05 33.00 -39.65
N LEU A 189 25.32 31.82 -39.10
CA LEU A 189 24.38 30.71 -39.13
C LEU A 189 23.56 30.77 -37.85
N ARG A 190 22.26 31.03 -37.99
CA ARG A 190 21.35 31.08 -36.86
C ARG A 190 20.49 29.83 -36.88
N GLU A 191 20.57 29.05 -35.80
CA GLU A 191 19.83 27.82 -35.66
C GLU A 191 18.80 27.98 -34.56
N PHE A 192 17.61 27.44 -34.79
CA PHE A 192 16.51 27.55 -33.86
C PHE A 192 15.80 26.22 -33.77
N VAL A 193 15.31 25.91 -32.57
CA VAL A 193 14.49 24.73 -32.33
C VAL A 193 13.20 25.21 -31.69
N PHE A 194 12.08 24.93 -32.36
CA PHE A 194 10.75 25.33 -31.91
C PHE A 194 9.96 24.07 -31.57
N LYS A 195 9.41 24.04 -30.35
CA LYS A 195 8.54 22.92 -29.99
C LYS A 195 7.45 23.41 -29.06
N ASN A 196 6.40 22.61 -28.94
CA ASN A 196 5.23 22.95 -28.14
C ASN A 196 4.86 21.75 -27.29
N ILE A 197 4.98 21.90 -25.98
CA ILE A 197 4.66 20.83 -25.03
C ILE A 197 3.82 21.40 -23.90
N ASP A 198 2.66 20.78 -23.66
CA ASP A 198 1.79 21.15 -22.54
C ASP A 198 1.39 22.62 -22.62
N GLY A 199 1.15 23.10 -23.83
CA GLY A 199 0.77 24.49 -24.02
C GLY A 199 1.89 25.48 -23.87
N TYR A 200 3.13 25.01 -23.77
CA TYR A 200 4.30 25.87 -23.66
C TYR A 200 5.08 25.82 -24.96
N PHE A 201 5.40 26.99 -25.51
CA PHE A 201 6.19 27.12 -26.71
C PHE A 201 7.62 27.41 -26.31
N LYS A 202 8.54 26.56 -26.76
CA LYS A 202 9.95 26.65 -26.43
C LYS A 202 10.74 26.93 -27.70
N ILE A 203 11.59 27.95 -27.63
CA ILE A 203 12.47 28.35 -28.73
C ILE A 203 13.89 28.37 -28.18
N TYR A 204 14.73 27.49 -28.72
CA TYR A 204 16.15 27.44 -28.39
C TYR A 204 16.94 28.00 -29.56
N SER A 205 17.82 28.95 -29.30
CA SER A 205 18.52 29.68 -30.34
C SER A 205 20.02 29.50 -30.22
N LYS A 206 20.72 29.66 -31.34
CA LYS A 206 22.18 29.65 -31.35
C LYS A 206 22.67 30.34 -32.61
N HIS A 207 23.41 31.43 -32.44
CA HIS A 207 24.04 32.13 -33.56
C HIS A 207 25.53 31.81 -33.56
N THR A 208 26.04 31.36 -34.70
CA THR A 208 27.45 31.01 -34.83
C THR A 208 28.05 31.67 -36.05
N PRO A 209 29.36 31.96 -36.03
CA PRO A 209 30.02 32.47 -37.23
C PRO A 209 30.43 31.32 -38.14
N ILE A 210 30.03 31.36 -39.40
CA ILE A 210 30.39 30.36 -40.38
C ILE A 210 30.90 31.06 -41.64
N ASN A 211 31.76 30.36 -42.38
CA ASN A 211 32.21 30.80 -43.70
C ASN A 211 31.98 29.62 -44.63
N LEU A 212 30.76 29.49 -45.13
CA LEU A 212 30.40 28.40 -46.02
C LEU A 212 29.00 28.63 -46.56
N VAL A 213 28.78 28.29 -47.82
CA VAL A 213 27.47 28.34 -48.43
C VAL A 213 26.99 26.99 -48.94
N ARG A 214 27.86 25.98 -48.96
CA ARG A 214 27.47 24.67 -49.49
C ARG A 214 26.39 24.03 -48.63
N GLY A 215 26.60 23.98 -47.32
CA GLY A 215 25.63 23.33 -46.46
C GLY A 215 26.03 23.46 -45.00
N LEU A 216 25.35 22.69 -44.17
CA LEU A 216 25.57 22.76 -42.73
C LEU A 216 26.99 22.32 -42.39
N PRO A 217 27.70 23.05 -41.53
CA PRO A 217 29.06 22.63 -41.17
C PRO A 217 29.04 21.29 -40.45
N GLN A 218 30.09 20.50 -40.68
CA GLN A 218 30.21 19.19 -40.06
C GLN A 218 30.98 19.32 -38.75
N GLY A 219 30.36 20.03 -37.81
CA GLY A 219 30.94 20.23 -36.50
C GLY A 219 29.93 19.96 -35.39
N PHE A 220 30.12 20.58 -34.24
CA PHE A 220 29.21 20.41 -33.11
C PHE A 220 29.02 21.74 -32.40
N SER A 221 27.78 22.02 -32.01
CA SER A 221 27.46 23.27 -31.34
C SER A 221 26.22 23.09 -30.48
N ALA A 222 26.25 23.66 -29.29
CA ALA A 222 25.12 23.62 -28.37
C ALA A 222 24.14 24.74 -28.68
N LEU A 223 22.87 24.49 -28.36
CA LEU A 223 21.81 25.47 -28.53
C LEU A 223 21.30 25.89 -27.17
N GLU A 224 21.36 27.17 -26.87
CA GLU A 224 20.86 27.67 -25.60
C GLU A 224 19.37 27.94 -25.69
N PRO A 225 18.66 27.87 -24.57
CA PRO A 225 17.25 28.29 -24.56
C PRO A 225 17.12 29.80 -24.49
N LEU A 226 16.20 30.34 -25.28
CA LEU A 226 15.89 31.76 -25.24
C LEU A 226 14.46 32.04 -24.83
N VAL A 227 13.47 31.43 -25.49
CA VAL A 227 12.08 31.79 -25.28
C VAL A 227 11.34 30.59 -24.73
N ASP A 228 10.51 30.82 -23.70
CA ASP A 228 9.61 29.81 -23.16
C ASP A 228 8.35 30.53 -22.73
N LEU A 229 7.26 30.36 -23.49
CA LEU A 229 6.05 31.15 -23.27
C LEU A 229 4.83 30.23 -23.21
N PRO A 230 3.94 30.41 -22.22
CA PRO A 230 2.69 29.60 -22.17
C PRO A 230 1.57 30.16 -23.05
N ILE A 231 1.60 29.79 -24.32
CA ILE A 231 0.57 30.26 -25.26
C ILE A 231 -0.63 29.32 -25.27
N GLY A 232 -0.40 28.02 -25.15
CA GLY A 232 -1.49 27.06 -25.15
C GLY A 232 -2.26 27.05 -26.47
N ILE A 233 -1.55 27.02 -27.59
CA ILE A 233 -2.14 27.08 -28.92
C ILE A 233 -1.94 25.73 -29.59
N ASN A 234 -3.02 25.18 -30.15
CA ASN A 234 -2.91 23.96 -30.95
C ASN A 234 -2.23 24.29 -32.27
N ILE A 235 -1.13 23.62 -32.56
CA ILE A 235 -0.30 23.91 -33.73
C ILE A 235 -0.05 22.60 -34.48
N THR A 236 -0.23 22.64 -35.79
CA THR A 236 0.11 21.52 -36.66
C THR A 236 0.96 21.91 -37.87
N ARG A 237 0.99 23.19 -38.24
CA ARG A 237 1.78 23.66 -39.37
C ARG A 237 2.42 25.00 -39.00
N PHE A 238 3.47 25.34 -39.74
CA PHE A 238 4.16 26.61 -39.54
C PHE A 238 4.74 27.06 -40.87
N GLN A 239 5.02 28.36 -40.94
CA GLN A 239 5.56 28.97 -42.15
C GLN A 239 6.48 30.13 -41.77
N THR A 240 7.40 30.45 -42.67
CA THR A 240 8.38 31.50 -42.47
C THR A 240 7.89 32.81 -43.09
N LEU A 241 8.56 33.90 -42.70
CA LEU A 241 8.26 35.23 -43.22
C LEU A 241 9.58 35.98 -43.34
N HIS A 242 9.96 36.31 -44.56
CA HIS A 242 11.19 37.03 -44.87
C HIS A 242 10.87 38.50 -45.09
N ILE A 243 11.88 39.26 -45.51
CA ILE A 243 11.70 40.69 -45.77
C ILE A 243 10.69 40.88 -46.90
N TYR A 262 16.83 28.32 -46.51
CA TYR A 262 16.97 27.79 -45.16
C TYR A 262 16.68 26.29 -45.13
N TYR A 263 16.69 25.70 -43.94
CA TYR A 263 16.50 24.27 -43.77
C TYR A 263 15.49 24.03 -42.66
N VAL A 264 14.76 22.92 -42.76
CA VAL A 264 13.69 22.58 -41.83
C VAL A 264 13.83 21.11 -41.48
N GLY A 265 14.38 20.81 -40.31
CA GLY A 265 14.45 19.46 -39.80
C GLY A 265 13.35 19.20 -38.80
N TYR A 266 12.87 17.95 -38.76
CA TYR A 266 11.77 17.55 -37.91
C TYR A 266 12.30 16.74 -36.74
N LEU A 267 11.89 17.13 -35.53
CA LEU A 267 12.34 16.47 -34.32
C LEU A 267 11.60 15.16 -34.10
N GLN A 268 12.17 14.31 -33.26
CA GLN A 268 11.56 13.05 -32.88
C GLN A 268 11.89 12.77 -31.42
N PRO A 269 11.07 11.94 -30.75
CA PRO A 269 11.34 11.64 -29.34
C PRO A 269 12.51 10.67 -29.18
N ARG A 270 13.72 11.20 -29.16
CA ARG A 270 14.93 10.39 -29.10
C ARG A 270 15.50 10.39 -27.68
N THR A 271 16.56 9.60 -27.52
CA THR A 271 17.31 9.52 -26.26
C THR A 271 18.77 9.81 -26.58
N PHE A 272 19.31 10.84 -25.95
CA PHE A 272 20.67 11.29 -26.21
C PHE A 272 21.52 11.12 -24.97
N LEU A 273 22.84 11.13 -25.19
CA LEU A 273 23.83 10.99 -24.12
C LEU A 273 24.75 12.21 -24.20
N LEU A 274 24.33 13.29 -23.55
CA LEU A 274 25.08 14.54 -23.62
C LEU A 274 26.39 14.44 -22.86
N LYS A 275 27.40 15.18 -23.33
CA LYS A 275 28.68 15.29 -22.65
C LYS A 275 28.88 16.74 -22.24
N TYR A 276 28.48 17.07 -21.02
CA TYR A 276 28.73 18.41 -20.51
C TYR A 276 30.23 18.62 -20.32
N ASN A 277 30.70 19.80 -20.72
CA ASN A 277 32.12 20.12 -20.62
C ASN A 277 32.42 20.60 -19.20
N GLU A 278 33.62 21.17 -19.01
CA GLU A 278 34.00 21.68 -17.70
C GLU A 278 33.16 22.86 -17.27
N ASN A 279 32.41 23.48 -18.19
CA ASN A 279 31.65 24.69 -17.89
C ASN A 279 30.19 24.56 -18.28
N GLY A 280 29.66 23.33 -18.35
CA GLY A 280 28.26 23.13 -18.65
C GLY A 280 27.90 23.18 -20.12
N THR A 281 28.86 23.37 -21.01
CA THR A 281 28.58 23.40 -22.43
C THR A 281 28.55 21.99 -23.00
N ILE A 282 27.49 21.68 -23.75
CA ILE A 282 27.34 20.37 -24.38
C ILE A 282 28.25 20.36 -25.60
N THR A 283 29.43 19.76 -25.46
CA THR A 283 30.40 19.71 -26.55
C THR A 283 30.34 18.41 -27.34
N ASP A 284 29.42 17.51 -27.01
CA ASP A 284 29.30 16.26 -27.74
C ASP A 284 28.05 15.53 -27.28
N ALA A 285 27.44 14.79 -28.21
CA ALA A 285 26.24 14.02 -27.92
C ALA A 285 26.27 12.72 -28.72
N VAL A 286 25.51 11.74 -28.24
CA VAL A 286 25.41 10.43 -28.89
C VAL A 286 23.95 10.16 -29.18
N ASP A 287 23.65 9.79 -30.41
CA ASP A 287 22.28 9.50 -30.84
C ASP A 287 22.06 8.00 -30.69
N CYS A 288 21.49 7.60 -29.55
CA CYS A 288 21.46 6.19 -29.19
C CYS A 288 20.76 5.32 -30.22
N ALA A 289 19.89 5.90 -31.05
CA ALA A 289 19.14 5.15 -32.04
C ALA A 289 19.78 5.22 -33.42
N LEU A 290 21.03 5.66 -33.51
CA LEU A 290 21.67 5.81 -34.82
C LEU A 290 22.19 4.49 -35.35
N ASP A 291 23.14 3.87 -34.63
CA ASP A 291 23.78 2.65 -35.09
C ASP A 291 24.23 1.86 -33.89
N PRO A 292 24.56 0.58 -34.06
CA PRO A 292 24.93 -0.24 -32.90
C PRO A 292 26.08 0.33 -32.08
N LEU A 293 27.06 0.97 -32.72
CA LEU A 293 28.15 1.56 -31.95
C LEU A 293 27.63 2.66 -31.04
N SER A 294 26.74 3.51 -31.55
CA SER A 294 26.16 4.55 -30.71
C SER A 294 25.33 3.95 -29.59
N GLU A 295 24.60 2.88 -29.86
CA GLU A 295 23.82 2.23 -28.82
C GLU A 295 24.72 1.66 -27.74
N THR A 296 25.85 1.06 -28.14
CA THR A 296 26.80 0.55 -27.16
C THR A 296 27.38 1.68 -26.34
N LYS A 297 27.71 2.80 -26.97
CA LYS A 297 28.22 3.95 -26.23
C LYS A 297 27.20 4.42 -25.20
N CYS A 298 25.93 4.48 -25.59
CA CYS A 298 24.89 4.89 -24.64
C CYS A 298 24.78 3.89 -23.50
N THR A 299 24.84 2.59 -23.80
CA THR A 299 24.72 1.58 -22.76
C THR A 299 25.89 1.67 -21.77
N LEU A 300 27.10 1.89 -22.27
CA LEU A 300 28.28 1.94 -21.42
C LEU A 300 28.51 3.32 -20.80
N LYS A 301 27.68 4.31 -21.13
CA LYS A 301 27.83 5.66 -20.57
C LYS A 301 29.23 6.19 -20.81
N SER A 302 29.75 5.99 -22.02
CA SER A 302 31.07 6.48 -22.36
C SER A 302 31.14 6.74 -23.86
N PHE A 303 32.09 7.60 -24.24
CA PHE A 303 32.34 7.90 -25.64
C PHE A 303 33.49 7.10 -26.23
N THR A 304 34.18 6.29 -25.42
CA THR A 304 35.24 5.42 -25.89
C THR A 304 34.91 3.99 -25.46
N VAL A 305 34.90 3.07 -26.41
CA VAL A 305 34.53 1.68 -26.17
C VAL A 305 35.72 0.81 -26.53
N GLU A 306 36.24 0.09 -25.54
CA GLU A 306 37.32 -0.85 -25.80
C GLU A 306 36.81 -2.06 -26.56
N LYS A 307 37.73 -2.77 -27.21
CA LYS A 307 37.34 -3.93 -28.00
C LYS A 307 36.68 -4.97 -27.11
N GLY A 308 35.70 -5.67 -27.66
CA GLY A 308 34.98 -6.69 -26.94
C GLY A 308 33.58 -6.84 -27.49
N ILE A 309 32.79 -7.65 -26.79
CA ILE A 309 31.41 -7.92 -27.16
C ILE A 309 30.53 -7.44 -26.02
N TYR A 310 29.68 -6.45 -26.31
CA TYR A 310 28.85 -5.82 -25.30
C TYR A 310 27.38 -6.03 -25.63
N GLN A 311 26.59 -6.34 -24.61
CA GLN A 311 25.16 -6.51 -24.77
C GLN A 311 24.49 -5.15 -24.59
N THR A 312 23.71 -4.74 -25.58
CA THR A 312 23.06 -3.43 -25.57
C THR A 312 21.60 -3.52 -25.13
N SER A 313 20.80 -4.33 -25.83
CA SER A 313 19.38 -4.43 -25.53
C SER A 313 18.89 -5.81 -25.98
N ASN A 314 17.57 -5.96 -26.04
CA ASN A 314 16.94 -7.20 -26.43
C ASN A 314 16.22 -7.01 -27.76
N PHE A 315 16.54 -7.88 -28.72
CA PHE A 315 15.78 -7.97 -29.95
C PHE A 315 14.53 -8.79 -29.69
N ARG A 316 13.39 -8.30 -30.17
CA ARG A 316 12.10 -8.93 -29.91
C ARG A 316 11.20 -8.71 -31.12
N VAL A 317 10.80 -9.79 -31.77
CA VAL A 317 9.96 -9.68 -32.96
C VAL A 317 8.60 -9.11 -32.56
N GLN A 318 8.17 -8.08 -33.27
CA GLN A 318 6.89 -7.46 -32.99
C GLN A 318 5.77 -8.17 -33.72
N PRO A 319 4.55 -8.11 -33.18
CA PRO A 319 3.42 -8.79 -33.83
C PRO A 319 3.12 -8.18 -35.19
N THR A 320 2.64 -9.02 -36.11
CA THR A 320 2.29 -8.59 -37.45
C THR A 320 0.85 -8.08 -37.53
N GLU A 321 -0.10 -8.86 -37.03
CA GLU A 321 -1.51 -8.51 -37.12
C GLU A 321 -2.26 -9.17 -35.97
N SER A 322 -3.47 -8.67 -35.72
CA SER A 322 -4.28 -9.12 -34.60
C SER A 322 -5.30 -10.15 -35.05
N ILE A 323 -5.50 -11.19 -34.24
CA ILE A 323 -6.46 -12.25 -34.49
C ILE A 323 -7.42 -12.31 -33.32
N VAL A 324 -8.71 -12.18 -33.59
CA VAL A 324 -9.77 -12.32 -32.60
C VAL A 324 -10.74 -13.38 -33.09
N ARG A 325 -10.97 -14.40 -32.28
CA ARG A 325 -11.86 -15.49 -32.64
C ARG A 325 -12.76 -15.82 -31.46
N PHE A 326 -14.07 -15.71 -31.67
CA PHE A 326 -15.07 -16.04 -30.67
C PHE A 326 -15.95 -17.19 -31.17
N PRO A 327 -16.59 -17.93 -30.27
CA PRO A 327 -17.43 -19.05 -30.71
C PRO A 327 -18.63 -18.58 -31.52
N ASN A 328 -19.10 -19.46 -32.40
CA ASN A 328 -20.30 -19.18 -33.18
C ASN A 328 -21.45 -18.78 -32.27
N ILE A 329 -22.00 -17.58 -32.50
CA ILE A 329 -23.19 -17.14 -31.80
C ILE A 329 -24.08 -16.39 -32.78
N THR A 330 -25.38 -16.68 -32.75
CA THR A 330 -26.35 -16.07 -33.65
C THR A 330 -27.55 -15.54 -32.88
N ASN A 331 -27.37 -15.15 -31.63
CA ASN A 331 -28.46 -14.69 -30.77
C ASN A 331 -28.01 -13.49 -29.95
N LEU A 332 -28.97 -12.88 -29.25
CA LEU A 332 -28.72 -11.79 -28.33
C LEU A 332 -29.21 -12.16 -26.94
N CYS A 333 -28.45 -11.79 -25.93
CA CYS A 333 -28.80 -12.16 -24.56
C CYS A 333 -30.06 -11.41 -24.14
N PRO A 334 -31.11 -12.10 -23.72
CA PRO A 334 -32.37 -11.40 -23.35
C PRO A 334 -32.28 -10.72 -21.99
N PHE A 335 -31.37 -9.75 -21.88
CA PHE A 335 -31.25 -8.98 -20.65
C PHE A 335 -32.53 -8.19 -20.38
N GLY A 336 -33.21 -7.74 -21.42
CA GLY A 336 -34.39 -6.91 -21.27
C GLY A 336 -35.47 -7.56 -20.43
N GLU A 337 -35.37 -8.87 -20.22
CA GLU A 337 -36.35 -9.56 -19.39
C GLU A 337 -36.28 -9.09 -17.94
N VAL A 338 -35.09 -8.78 -17.45
CA VAL A 338 -34.88 -8.48 -16.03
C VAL A 338 -34.85 -6.98 -15.77
N PHE A 339 -34.08 -6.22 -16.56
CA PHE A 339 -33.93 -4.80 -16.29
C PHE A 339 -35.24 -4.04 -16.49
N ASN A 340 -36.00 -4.42 -17.52
CA ASN A 340 -37.20 -3.70 -17.92
C ASN A 340 -38.47 -4.41 -17.50
N ALA A 341 -38.39 -5.37 -16.57
CA ALA A 341 -39.56 -6.11 -16.14
C ALA A 341 -40.56 -5.19 -15.47
N THR A 342 -41.85 -5.49 -15.68
CA THR A 342 -42.90 -4.66 -15.09
C THR A 342 -42.81 -4.68 -13.57
N ARG A 343 -42.60 -5.85 -12.99
CA ARG A 343 -42.52 -6.00 -11.55
C ARG A 343 -41.27 -6.79 -11.18
N PHE A 344 -40.80 -6.57 -9.96
CA PHE A 344 -39.60 -7.21 -9.45
C PHE A 344 -39.94 -8.07 -8.24
N ALA A 345 -39.26 -9.21 -8.13
CA ALA A 345 -39.44 -10.08 -6.98
C ALA A 345 -38.81 -9.45 -5.74
N SER A 346 -39.30 -9.87 -4.58
CA SER A 346 -38.81 -9.33 -3.33
C SER A 346 -37.34 -9.72 -3.12
N VAL A 347 -36.66 -8.93 -2.29
CA VAL A 347 -35.23 -9.16 -2.07
C VAL A 347 -35.00 -10.55 -1.48
N TYR A 348 -35.86 -10.97 -0.55
CA TYR A 348 -35.75 -12.30 0.00
C TYR A 348 -35.99 -13.37 -1.06
N ALA A 349 -36.65 -13.02 -2.16
CA ALA A 349 -36.89 -13.94 -3.25
C ALA A 349 -36.27 -13.42 -4.54
N TRP A 350 -35.02 -12.96 -4.45
CA TRP A 350 -34.35 -12.35 -5.59
C TRP A 350 -34.37 -13.31 -6.78
N ASN A 351 -34.73 -12.78 -7.95
CA ASN A 351 -34.95 -13.60 -9.14
C ASN A 351 -33.67 -13.67 -9.95
N ARG A 352 -33.17 -14.89 -10.18
CA ARG A 352 -31.93 -15.11 -10.91
C ARG A 352 -32.23 -15.66 -12.29
N LYS A 353 -31.64 -15.04 -13.31
CA LYS A 353 -31.72 -15.52 -14.68
C LYS A 353 -30.33 -15.91 -15.16
N ARG A 354 -30.21 -17.13 -15.67
CA ARG A 354 -28.99 -17.60 -16.29
C ARG A 354 -28.97 -17.18 -17.75
N ILE A 355 -27.80 -16.71 -18.21
CA ILE A 355 -27.63 -16.21 -19.56
C ILE A 355 -26.42 -16.90 -20.16
N SER A 356 -26.63 -17.52 -21.32
CA SER A 356 -25.58 -18.21 -22.06
C SER A 356 -26.01 -18.32 -23.52
N ASN A 357 -25.04 -18.64 -24.37
CA ASN A 357 -25.27 -18.82 -25.80
C ASN A 357 -25.91 -17.57 -26.41
N CYS A 358 -25.16 -16.48 -26.38
CA CYS A 358 -25.67 -15.21 -26.90
C CYS A 358 -24.55 -14.17 -26.85
N VAL A 359 -24.62 -13.22 -27.76
CA VAL A 359 -23.70 -12.10 -27.81
C VAL A 359 -24.46 -10.84 -27.42
N ALA A 360 -23.95 -10.13 -26.42
CA ALA A 360 -24.58 -8.92 -25.92
C ALA A 360 -23.53 -7.86 -25.69
N ASP A 361 -23.83 -6.63 -26.10
CA ASP A 361 -22.95 -5.51 -25.79
C ASP A 361 -23.12 -5.12 -24.33
N TYR A 362 -22.14 -4.38 -23.82
CA TYR A 362 -22.17 -3.90 -22.45
C TYR A 362 -21.96 -2.40 -22.32
N SER A 363 -21.53 -1.71 -23.40
CA SER A 363 -21.37 -0.27 -23.33
C SER A 363 -22.70 0.46 -23.27
N VAL A 364 -23.79 -0.17 -23.71
CA VAL A 364 -25.08 0.52 -23.75
C VAL A 364 -25.55 0.88 -22.35
N LEU A 365 -25.46 -0.07 -21.41
CA LEU A 365 -25.90 0.21 -20.06
C LEU A 365 -25.08 1.33 -19.44
N TYR A 366 -23.76 1.29 -19.61
CA TYR A 366 -22.93 2.34 -19.06
C TYR A 366 -23.25 3.69 -19.69
N ASN A 367 -23.53 3.72 -20.99
CA ASN A 367 -23.90 4.96 -21.64
C ASN A 367 -25.20 5.51 -21.06
N SER A 368 -26.17 4.65 -20.81
CA SER A 368 -27.43 5.08 -20.21
C SER A 368 -27.19 5.50 -18.77
N ALA A 369 -27.50 6.75 -18.46
CA ALA A 369 -27.25 7.31 -17.13
C ALA A 369 -28.45 7.15 -16.21
N SER A 370 -29.48 6.41 -16.63
CA SER A 370 -30.67 6.26 -15.80
C SER A 370 -30.39 5.49 -14.52
N PHE A 371 -29.24 4.84 -14.39
CA PHE A 371 -28.90 4.06 -13.22
C PHE A 371 -28.16 4.95 -12.22
N SER A 372 -28.74 5.12 -11.03
CA SER A 372 -28.12 5.96 -10.03
C SER A 372 -26.76 5.41 -9.59
N THR A 373 -26.69 4.10 -9.38
CA THR A 373 -25.46 3.44 -8.97
C THR A 373 -25.08 2.41 -10.03
N PHE A 374 -23.82 2.44 -10.46
CA PHE A 374 -23.33 1.54 -11.50
C PHE A 374 -21.85 1.25 -11.17
N LYS A 375 -21.62 0.14 -10.48
CA LYS A 375 -20.29 -0.23 -10.02
C LYS A 375 -19.94 -1.62 -10.53
N CYS A 376 -18.65 -1.93 -10.50
CA CYS A 376 -18.17 -3.25 -10.88
C CYS A 376 -17.06 -3.68 -9.94
N TYR A 377 -16.98 -4.99 -9.71
CA TYR A 377 -15.96 -5.59 -8.87
C TYR A 377 -15.26 -6.70 -9.64
N GLY A 378 -13.94 -6.62 -9.72
CA GLY A 378 -13.15 -7.62 -10.42
C GLY A 378 -13.07 -7.43 -11.92
N VAL A 379 -13.75 -6.43 -12.48
CA VAL A 379 -13.71 -6.16 -13.91
C VAL A 379 -14.19 -4.74 -14.14
N SER A 380 -13.78 -4.16 -15.26
CA SER A 380 -14.18 -2.80 -15.60
C SER A 380 -15.30 -2.80 -16.63
N PRO A 381 -16.32 -1.96 -16.47
CA PRO A 381 -17.41 -1.96 -17.47
C PRO A 381 -16.93 -1.64 -18.88
N THR A 382 -15.96 -0.73 -19.02
CA THR A 382 -15.48 -0.37 -20.35
C THR A 382 -14.79 -1.55 -21.02
N LYS A 383 -13.86 -2.18 -20.31
CA LYS A 383 -13.20 -3.37 -20.84
C LYS A 383 -14.14 -4.56 -20.94
N LEU A 384 -15.32 -4.48 -20.33
CA LEU A 384 -16.23 -5.62 -20.31
C LEU A 384 -16.77 -5.95 -21.70
N ASN A 385 -16.71 -5.01 -22.64
CA ASN A 385 -17.30 -5.25 -23.95
C ASN A 385 -16.64 -6.43 -24.64
N ASP A 386 -15.31 -6.40 -24.77
CA ASP A 386 -14.57 -7.45 -25.46
C ASP A 386 -13.97 -8.42 -24.44
N LEU A 387 -14.86 -9.18 -23.80
CA LEU A 387 -14.42 -10.17 -22.82
C LEU A 387 -15.50 -11.24 -22.70
N CYS A 388 -15.22 -12.42 -23.22
CA CYS A 388 -16.19 -13.51 -23.19
C CYS A 388 -16.31 -14.08 -21.78
N PHE A 389 -17.38 -14.86 -21.57
CA PHE A 389 -17.60 -15.52 -20.30
C PHE A 389 -18.37 -16.82 -20.55
N THR A 390 -18.23 -17.76 -19.60
CA THR A 390 -18.93 -19.03 -19.73
C THR A 390 -20.42 -18.88 -19.42
N ASN A 391 -20.74 -18.14 -18.37
CA ASN A 391 -22.14 -17.93 -18.00
C ASN A 391 -22.29 -16.57 -17.33
N VAL A 392 -23.50 -16.01 -17.39
CA VAL A 392 -23.81 -14.77 -16.69
C VAL A 392 -25.05 -15.02 -15.85
N TYR A 393 -25.04 -14.51 -14.62
CA TYR A 393 -26.21 -14.57 -13.74
C TYR A 393 -26.69 -13.15 -13.48
N ALA A 394 -27.94 -12.89 -13.83
CA ALA A 394 -28.58 -11.60 -13.56
C ALA A 394 -29.56 -11.81 -12.42
N ASP A 395 -29.22 -11.27 -11.25
CA ASP A 395 -30.07 -11.38 -10.07
C ASP A 395 -30.76 -10.03 -9.86
N SER A 396 -32.09 -10.02 -9.94
CA SER A 396 -32.88 -8.82 -9.84
C SER A 396 -33.71 -8.83 -8.57
N PHE A 397 -33.80 -7.67 -7.92
CA PHE A 397 -34.62 -7.51 -6.73
C PHE A 397 -34.87 -6.02 -6.52
N VAL A 398 -35.57 -5.70 -5.43
CA VAL A 398 -35.89 -4.32 -5.07
C VAL A 398 -35.59 -4.13 -3.60
N ILE A 399 -34.79 -3.12 -3.29
CA ILE A 399 -34.56 -2.69 -1.92
C ILE A 399 -34.69 -1.17 -1.88
N ARG A 400 -34.53 -0.59 -0.71
CA ARG A 400 -34.68 0.86 -0.59
C ARG A 400 -33.30 1.53 -0.71
N GLY A 401 -33.31 2.86 -0.82
CA GLY A 401 -32.10 3.56 -1.23
C GLY A 401 -30.94 3.38 -0.26
N ASP A 402 -31.22 3.45 1.04
CA ASP A 402 -30.16 3.28 2.02
C ASP A 402 -29.57 1.87 1.99
N GLU A 403 -30.42 0.86 1.74
CA GLU A 403 -29.95 -0.52 1.73
C GLU A 403 -29.08 -0.85 0.53
N VAL A 404 -29.02 0.02 -0.48
CA VAL A 404 -28.20 -0.26 -1.65
C VAL A 404 -26.74 -0.44 -1.25
N ARG A 405 -26.30 0.26 -0.20
CA ARG A 405 -24.93 0.12 0.25
C ARG A 405 -24.60 -1.31 0.67
N GLN A 406 -25.59 -2.09 1.06
CA GLN A 406 -25.35 -3.47 1.46
C GLN A 406 -25.03 -4.37 0.28
N ILE A 407 -25.28 -3.93 -0.94
CA ILE A 407 -25.03 -4.77 -2.12
C ILE A 407 -23.58 -4.52 -2.52
N ALA A 408 -22.68 -5.23 -1.86
CA ALA A 408 -21.26 -5.18 -2.18
C ALA A 408 -20.54 -6.30 -1.43
N PRO A 409 -19.41 -6.77 -1.93
CA PRO A 409 -18.73 -7.89 -1.27
C PRO A 409 -18.35 -7.55 0.16
N GLY A 410 -18.50 -8.54 1.05
CA GLY A 410 -18.13 -8.35 2.44
C GLY A 410 -18.88 -7.24 3.13
N GLN A 411 -20.19 -7.15 2.92
CA GLN A 411 -21.00 -6.11 3.52
C GLN A 411 -21.76 -6.65 4.72
N THR A 412 -22.42 -5.74 5.44
CA THR A 412 -23.18 -6.07 6.65
C THR A 412 -24.53 -5.37 6.59
N GLY A 413 -25.48 -5.92 7.34
CA GLY A 413 -26.82 -5.38 7.41
C GLY A 413 -27.87 -6.45 7.24
N ASN A 414 -29.11 -6.05 7.51
CA ASN A 414 -30.23 -6.99 7.42
C ASN A 414 -30.34 -7.56 6.01
N ILE A 415 -30.26 -6.70 4.99
CA ILE A 415 -30.31 -7.18 3.62
C ILE A 415 -29.11 -8.05 3.32
N ALA A 416 -27.92 -7.62 3.75
CA ALA A 416 -26.72 -8.41 3.51
C ALA A 416 -26.78 -9.75 4.23
N ASP A 417 -27.34 -9.76 5.45
CA ASP A 417 -27.33 -10.97 6.27
C ASP A 417 -28.41 -11.95 5.82
N TYR A 418 -29.68 -11.55 5.88
CA TYR A 418 -30.79 -12.49 5.76
C TYR A 418 -31.47 -12.46 4.40
N ASN A 419 -31.15 -11.51 3.53
CA ASN A 419 -31.85 -11.38 2.26
C ASN A 419 -30.96 -11.62 1.06
N TYR A 420 -29.83 -10.95 0.97
CA TYR A 420 -29.02 -11.00 -0.25
C TYR A 420 -27.55 -10.81 0.15
N LYS A 421 -26.75 -11.86 -0.04
CA LYS A 421 -25.33 -11.83 0.31
C LYS A 421 -24.49 -11.98 -0.94
N LEU A 422 -23.39 -11.22 -1.01
CA LEU A 422 -22.47 -11.26 -2.13
C LEU A 422 -21.12 -11.82 -1.70
N PRO A 423 -20.50 -12.70 -2.49
CA PRO A 423 -19.21 -13.26 -2.10
C PRO A 423 -18.11 -12.22 -2.14
N ASP A 424 -17.10 -12.42 -1.28
CA ASP A 424 -15.98 -11.49 -1.24
C ASP A 424 -15.22 -11.47 -2.55
N ASP A 425 -15.15 -12.62 -3.24
CA ASP A 425 -14.49 -12.72 -4.54
C ASP A 425 -15.47 -12.51 -5.68
N PHE A 426 -16.54 -11.74 -5.46
CA PHE A 426 -17.53 -11.51 -6.51
C PHE A 426 -16.88 -10.88 -7.73
N THR A 427 -17.20 -11.41 -8.90
CA THR A 427 -16.72 -10.88 -10.17
C THR A 427 -17.94 -10.50 -11.00
N GLY A 428 -18.12 -9.21 -11.22
CA GLY A 428 -19.26 -8.75 -12.00
C GLY A 428 -19.52 -7.26 -11.75
N CYS A 429 -20.80 -6.92 -11.74
CA CYS A 429 -21.21 -5.53 -11.57
C CYS A 429 -22.54 -5.47 -10.81
N VAL A 430 -22.77 -4.32 -10.19
CA VAL A 430 -23.99 -4.03 -9.46
C VAL A 430 -24.57 -2.74 -10.00
N ILE A 431 -25.86 -2.77 -10.33
CA ILE A 431 -26.56 -1.60 -10.87
C ILE A 431 -27.82 -1.40 -10.05
N ALA A 432 -28.06 -0.16 -9.65
CA ALA A 432 -29.23 0.18 -8.85
C ALA A 432 -29.82 1.49 -9.34
N TRP A 433 -31.14 1.54 -9.47
CA TRP A 433 -31.80 2.77 -9.90
C TRP A 433 -33.14 2.92 -9.18
N ASN A 434 -33.47 4.16 -8.85
CA ASN A 434 -34.71 4.43 -8.13
C ASN A 434 -35.91 3.99 -8.95
N SER A 435 -36.86 3.33 -8.27
CA SER A 435 -38.12 2.92 -8.89
C SER A 435 -39.33 3.51 -8.17
N ASN A 436 -39.13 4.63 -7.47
CA ASN A 436 -40.25 5.25 -6.76
C ASN A 436 -41.36 5.65 -7.71
N ASN A 437 -41.01 5.99 -8.95
CA ASN A 437 -42.01 6.39 -9.93
C ASN A 437 -42.83 5.22 -10.44
N LEU A 438 -42.38 3.99 -10.19
CA LEU A 438 -43.03 2.80 -10.73
C LEU A 438 -43.42 1.79 -9.67
N ASP A 439 -42.58 1.56 -8.66
CA ASP A 439 -42.79 0.53 -7.66
C ASP A 439 -43.27 1.11 -6.34
N SER A 440 -44.11 2.14 -6.41
CA SER A 440 -44.64 2.79 -5.21
C SER A 440 -46.16 2.94 -5.33
N LYS A 441 -46.82 2.85 -4.19
CA LYS A 441 -48.26 3.03 -4.09
C LYS A 441 -48.56 4.11 -3.07
N VAL A 442 -49.57 4.93 -3.36
CA VAL A 442 -49.95 6.00 -2.42
C VAL A 442 -50.32 5.41 -1.07
N GLY A 443 -51.00 4.26 -1.07
CA GLY A 443 -51.36 3.57 0.15
C GLY A 443 -50.28 2.66 0.70
N GLY A 444 -49.12 2.60 0.06
CA GLY A 444 -48.04 1.74 0.50
C GLY A 444 -47.90 0.51 -0.37
N ASN A 445 -46.75 0.37 -1.03
CA ASN A 445 -46.48 -0.77 -1.90
C ASN A 445 -45.85 -1.86 -1.04
N TYR A 446 -46.67 -2.80 -0.58
CA TYR A 446 -46.25 -3.84 0.35
C TYR A 446 -45.92 -5.16 -0.34
N ASN A 447 -45.86 -5.18 -1.66
CA ASN A 447 -45.54 -6.40 -2.37
C ASN A 447 -44.10 -6.85 -2.13
N TYR A 448 -43.24 -5.97 -1.65
CA TYR A 448 -41.83 -6.26 -1.43
C TYR A 448 -41.57 -6.50 0.05
N LEU A 449 -41.00 -7.66 0.35
CA LEU A 449 -40.71 -8.06 1.73
C LEU A 449 -39.25 -8.47 1.83
N TYR A 450 -38.65 -8.19 2.99
CA TYR A 450 -37.28 -8.57 3.28
C TYR A 450 -37.24 -9.42 4.54
N ARG A 451 -36.41 -10.45 4.54
CA ARG A 451 -36.30 -11.34 5.68
C ARG A 451 -35.65 -10.60 6.83
N LEU A 452 -36.42 -10.33 7.88
CA LEU A 452 -35.93 -9.59 9.04
C LEU A 452 -35.32 -10.49 10.10
N PHE A 453 -35.68 -11.78 10.12
CA PHE A 453 -35.18 -12.71 11.11
C PHE A 453 -34.71 -14.00 10.44
N ARG A 454 -33.55 -14.49 10.87
CA ARG A 454 -33.05 -15.78 10.41
C ARG A 454 -31.99 -16.27 11.39
N LYS A 455 -31.91 -17.59 11.54
CA LYS A 455 -30.99 -18.18 12.50
C LYS A 455 -29.53 -17.90 12.14
N SER A 456 -29.24 -17.59 10.87
CA SER A 456 -27.88 -17.31 10.46
C SER A 456 -27.91 -16.42 9.22
N ASN A 457 -26.78 -15.79 8.94
CA ASN A 457 -26.65 -14.96 7.74
C ASN A 457 -26.65 -15.83 6.49
N LEU A 458 -27.32 -15.35 5.45
CA LEU A 458 -27.34 -16.08 4.19
C LEU A 458 -25.95 -16.17 3.58
N LYS A 459 -25.64 -17.33 3.03
CA LYS A 459 -24.40 -17.48 2.28
C LYS A 459 -24.50 -16.71 0.97
N PRO A 460 -23.36 -16.38 0.36
CA PRO A 460 -23.41 -15.65 -0.91
C PRO A 460 -24.22 -16.40 -1.96
N PHE A 461 -25.05 -15.64 -2.69
CA PHE A 461 -25.89 -16.22 -3.74
C PHE A 461 -26.77 -17.34 -3.19
N GLU A 462 -27.32 -17.12 -2.00
CA GLU A 462 -28.23 -18.08 -1.37
C GLU A 462 -29.62 -17.46 -1.30
N ARG A 463 -30.62 -18.20 -1.78
CA ARG A 463 -32.01 -17.74 -1.82
C ARG A 463 -32.83 -18.54 -0.82
N ASP A 464 -33.50 -17.83 0.08
CA ASP A 464 -34.37 -18.45 1.08
C ASP A 464 -35.72 -17.77 1.05
N ILE A 465 -36.79 -18.56 0.99
CA ILE A 465 -38.15 -18.03 0.96
C ILE A 465 -38.99 -18.67 2.05
N SER A 466 -38.32 -19.30 3.03
CA SER A 466 -39.03 -19.88 4.15
C SER A 466 -39.74 -18.81 4.95
N THR A 467 -40.98 -19.10 5.35
CA THR A 467 -41.80 -18.16 6.10
C THR A 467 -42.13 -18.67 7.50
N GLU A 468 -41.35 -19.63 8.01
CA GLU A 468 -41.60 -20.16 9.34
C GLU A 468 -41.46 -19.06 10.38
N ILE A 469 -42.38 -19.05 11.35
CA ILE A 469 -42.33 -18.05 12.41
C ILE A 469 -41.02 -18.20 13.17
N TYR A 470 -40.24 -17.11 13.22
CA TYR A 470 -38.95 -17.15 13.88
C TYR A 470 -39.13 -17.34 15.39
N GLN A 471 -38.27 -18.17 15.97
CA GLN A 471 -38.29 -18.47 17.39
C GLN A 471 -37.09 -17.82 18.04
N ALA A 472 -37.33 -16.72 18.77
CA ALA A 472 -36.27 -16.00 19.45
C ALA A 472 -36.01 -16.50 20.87
N GLY A 473 -36.83 -17.40 21.38
CA GLY A 473 -36.64 -17.92 22.72
C GLY A 473 -36.72 -19.43 22.77
N SER A 474 -36.86 -19.99 23.98
CA SER A 474 -36.97 -21.44 24.14
C SER A 474 -38.37 -21.96 23.83
N THR A 475 -39.36 -21.09 23.79
CA THR A 475 -40.73 -21.52 23.53
C THR A 475 -40.87 -21.94 22.08
N PRO A 476 -41.27 -23.18 21.77
CA PRO A 476 -41.45 -23.56 20.36
C PRO A 476 -42.61 -22.84 19.71
N CYS A 477 -42.33 -21.97 18.75
CA CYS A 477 -43.37 -21.25 18.01
C CYS A 477 -44.04 -22.24 17.06
N ASN A 478 -45.25 -22.68 17.42
CA ASN A 478 -45.97 -23.67 16.63
C ASN A 478 -46.76 -23.01 15.50
N GLY A 479 -46.03 -22.27 14.66
CA GLY A 479 -46.65 -21.61 13.54
C GLY A 479 -47.62 -20.52 13.92
N VAL A 480 -47.53 -19.98 15.12
CA VAL A 480 -48.41 -18.92 15.60
C VAL A 480 -47.56 -17.73 16.01
N LYS A 481 -47.91 -16.56 15.50
CA LYS A 481 -47.18 -15.34 15.82
C LYS A 481 -47.46 -14.93 17.26
N GLY A 482 -46.42 -14.42 17.92
CA GLY A 482 -46.58 -13.97 19.29
C GLY A 482 -45.27 -13.41 19.80
N PHE A 483 -45.22 -13.18 21.12
CA PHE A 483 -44.01 -12.70 21.75
C PHE A 483 -42.89 -13.73 21.55
N ASN A 484 -41.73 -13.25 21.10
CA ASN A 484 -40.61 -14.09 20.70
C ASN A 484 -40.97 -15.05 19.57
N CYS A 485 -42.10 -14.83 18.89
CA CYS A 485 -42.53 -15.61 17.74
C CYS A 485 -42.93 -14.61 16.66
N TYR A 486 -41.98 -14.22 15.83
CA TYR A 486 -42.17 -13.15 14.86
C TYR A 486 -42.03 -13.70 13.43
N PHE A 487 -42.78 -13.09 12.53
CA PHE A 487 -42.75 -13.51 11.13
C PHE A 487 -41.42 -13.09 10.50
N PRO A 488 -40.71 -13.98 9.81
CA PRO A 488 -39.38 -13.63 9.31
C PRO A 488 -39.37 -12.46 8.34
N LEU A 489 -40.42 -12.30 7.53
CA LEU A 489 -40.44 -11.30 6.48
C LEU A 489 -41.18 -10.05 6.96
N GLN A 490 -40.57 -8.89 6.75
CA GLN A 490 -41.20 -7.60 7.00
C GLN A 490 -41.35 -6.89 5.66
N SER A 491 -42.54 -6.33 5.41
CA SER A 491 -42.87 -5.76 4.12
C SER A 491 -42.50 -4.29 4.05
N TYR A 492 -41.94 -3.88 2.92
CA TYR A 492 -41.63 -2.48 2.69
C TYR A 492 -42.90 -1.66 2.55
N GLY A 493 -42.83 -0.40 2.98
CA GLY A 493 -43.90 0.54 2.74
C GLY A 493 -43.91 1.01 1.30
N PHE A 494 -42.81 1.61 0.86
CA PHE A 494 -42.62 2.02 -0.53
C PHE A 494 -43.76 2.92 -0.99
N GLN A 495 -43.86 4.09 -0.36
CA GLN A 495 -44.79 5.12 -0.77
C GLN A 495 -44.07 6.22 -1.53
N PRO A 496 -44.75 6.91 -2.45
CA PRO A 496 -44.08 8.00 -3.18
C PRO A 496 -43.56 9.10 -2.26
N THR A 497 -44.18 9.29 -1.10
CA THR A 497 -43.78 10.37 -0.19
C THR A 497 -42.61 10.00 0.70
N TYR A 498 -42.16 8.74 0.68
CA TYR A 498 -41.03 8.35 1.52
C TYR A 498 -39.74 9.00 1.02
N GLY A 499 -38.76 9.07 1.92
CA GLY A 499 -37.49 9.65 1.57
C GLY A 499 -36.71 8.78 0.60
N VAL A 500 -35.68 9.39 -0.01
CA VAL A 500 -34.90 8.70 -1.03
C VAL A 500 -34.29 7.42 -0.46
N GLY A 501 -33.79 7.48 0.77
CA GLY A 501 -33.25 6.30 1.41
C GLY A 501 -34.28 5.21 1.63
N TYR A 502 -35.56 5.58 1.68
CA TYR A 502 -36.65 4.62 1.82
C TYR A 502 -37.38 4.35 0.51
N GLN A 503 -37.18 5.19 -0.51
CA GLN A 503 -37.87 4.99 -1.77
C GLN A 503 -37.42 3.68 -2.42
N PRO A 504 -38.30 2.99 -3.13
CA PRO A 504 -37.91 1.73 -3.77
C PRO A 504 -36.84 1.95 -4.83
N TYR A 505 -35.98 0.95 -4.98
CA TYR A 505 -34.85 0.94 -5.89
C TYR A 505 -34.74 -0.47 -6.48
N ARG A 506 -34.74 -0.54 -7.80
CA ARG A 506 -34.49 -1.82 -8.47
C ARG A 506 -33.00 -2.04 -8.60
N VAL A 507 -32.54 -3.21 -8.16
CA VAL A 507 -31.12 -3.56 -8.16
C VAL A 507 -30.94 -4.84 -8.96
N VAL A 508 -30.01 -4.80 -9.92
CA VAL A 508 -29.62 -5.95 -10.72
C VAL A 508 -28.14 -6.19 -10.52
N VAL A 509 -27.78 -7.41 -10.16
CA VAL A 509 -26.39 -7.82 -9.98
C VAL A 509 -26.06 -8.81 -11.08
N LEU A 510 -25.04 -8.47 -11.87
CA LEU A 510 -24.52 -9.37 -12.89
C LEU A 510 -23.28 -10.04 -12.35
N SER A 511 -23.27 -11.36 -12.30
CA SER A 511 -22.13 -12.14 -11.87
C SER A 511 -21.65 -13.00 -13.03
N PHE A 512 -20.36 -12.92 -13.34
CA PHE A 512 -19.79 -13.66 -14.45
C PHE A 512 -19.13 -14.93 -13.93
N GLU A 513 -19.36 -16.04 -14.63
CA GLU A 513 -18.73 -17.31 -14.35
C GLU A 513 -17.86 -17.67 -15.54
N LEU A 514 -16.56 -17.72 -15.33
CA LEU A 514 -15.58 -18.03 -16.36
C LEU A 514 -14.79 -19.25 -15.89
N LEU A 515 -15.34 -20.42 -16.16
CA LEU A 515 -14.69 -21.68 -15.80
C LEU A 515 -13.85 -22.15 -16.98
N HIS A 516 -13.34 -23.38 -16.89
CA HIS A 516 -12.57 -23.97 -17.99
C HIS A 516 -13.47 -24.65 -19.00
N ALA A 517 -14.47 -23.93 -19.47
CA ALA A 517 -15.46 -24.41 -20.42
C ALA A 517 -15.58 -23.41 -21.56
N PRO A 518 -16.07 -23.85 -22.72
CA PRO A 518 -16.23 -22.91 -23.84
C PRO A 518 -17.08 -21.72 -23.43
N ALA A 519 -16.52 -20.52 -23.62
CA ALA A 519 -17.26 -19.31 -23.30
C ALA A 519 -18.48 -19.21 -24.19
N THR A 520 -19.64 -18.93 -23.60
CA THR A 520 -20.89 -18.89 -24.33
C THR A 520 -21.51 -17.49 -24.38
N VAL A 521 -20.97 -16.54 -23.63
CA VAL A 521 -21.40 -15.15 -23.69
C VAL A 521 -20.19 -14.31 -24.08
N CYS A 522 -20.29 -13.60 -25.20
CA CYS A 522 -19.20 -12.74 -25.66
C CYS A 522 -19.74 -11.34 -25.96
N GLY A 523 -18.89 -10.48 -26.51
CA GLY A 523 -19.29 -9.13 -26.86
C GLY A 523 -19.37 -8.93 -28.36
N PRO A 524 -19.66 -7.70 -28.78
CA PRO A 524 -19.81 -7.40 -30.21
C PRO A 524 -18.46 -7.32 -30.93
N LYS A 525 -17.78 -8.45 -31.01
CA LYS A 525 -16.47 -8.55 -31.65
C LYS A 525 -16.55 -9.52 -32.81
N LYS A 526 -16.10 -9.09 -33.98
CA LYS A 526 -16.09 -9.96 -35.14
C LYS A 526 -14.96 -10.99 -35.01
N SER A 527 -15.04 -12.02 -35.84
CA SER A 527 -14.06 -13.09 -35.87
C SER A 527 -13.23 -12.97 -37.14
N THR A 528 -11.91 -12.97 -36.99
CA THR A 528 -10.99 -12.84 -38.11
C THR A 528 -10.53 -14.21 -38.58
N ASN A 529 -10.12 -14.28 -39.84
CA ASN A 529 -9.61 -15.52 -40.40
C ASN A 529 -8.30 -15.90 -39.70
N LEU A 530 -8.15 -17.19 -39.41
CA LEU A 530 -7.02 -17.64 -38.63
C LEU A 530 -5.73 -17.50 -39.43
N VAL A 531 -4.67 -17.07 -38.74
CA VAL A 531 -3.34 -16.90 -39.33
C VAL A 531 -2.35 -17.71 -38.50
N LYS A 532 -1.54 -18.52 -39.16
CA LYS A 532 -0.62 -19.42 -38.49
C LYS A 532 0.81 -19.15 -38.95
N ASN A 533 1.76 -19.66 -38.17
CA ASN A 533 3.19 -19.56 -38.49
C ASN A 533 3.65 -18.11 -38.59
N LYS A 534 3.01 -17.22 -37.84
CA LYS A 534 3.40 -15.82 -37.81
C LYS A 534 3.21 -15.25 -36.42
N CYS A 535 4.02 -14.25 -36.09
CA CYS A 535 3.93 -13.58 -34.80
C CYS A 535 2.71 -12.67 -34.81
N VAL A 536 1.59 -13.16 -34.31
CA VAL A 536 0.33 -12.43 -34.34
C VAL A 536 -0.16 -12.21 -32.92
N ASN A 537 -1.04 -11.21 -32.78
CA ASN A 537 -1.68 -10.90 -31.51
C ASN A 537 -3.04 -11.59 -31.51
N PHE A 538 -3.18 -12.62 -30.69
CA PHE A 538 -4.35 -13.48 -30.68
C PHE A 538 -5.25 -13.16 -29.49
N ASN A 539 -6.53 -13.45 -29.66
CA ASN A 539 -7.53 -13.25 -28.60
C ASN A 539 -8.58 -14.35 -28.78
N PHE A 540 -8.43 -15.43 -28.02
CA PHE A 540 -9.33 -16.57 -28.09
C PHE A 540 -10.33 -16.47 -26.94
N ASN A 541 -11.53 -15.98 -27.27
CA ASN A 541 -12.61 -15.78 -26.32
C ASN A 541 -12.08 -15.23 -24.99
N GLY A 542 -11.34 -14.13 -25.10
CA GLY A 542 -10.85 -13.41 -23.95
C GLY A 542 -9.45 -13.77 -23.50
N LEU A 543 -8.89 -14.86 -24.00
CA LEU A 543 -7.56 -15.30 -23.59
C LEU A 543 -6.51 -14.58 -24.45
N THR A 544 -6.40 -13.28 -24.23
CA THR A 544 -5.55 -12.44 -25.06
C THR A 544 -4.08 -12.82 -24.89
N GLY A 545 -3.32 -12.61 -25.95
CA GLY A 545 -1.88 -12.85 -25.88
C GLY A 545 -1.26 -12.53 -27.22
N THR A 546 0.05 -12.75 -27.29
CA THR A 546 0.81 -12.52 -28.52
C THR A 546 1.80 -13.65 -28.70
N GLY A 547 1.86 -14.21 -29.90
CA GLY A 547 2.75 -15.33 -30.13
C GLY A 547 2.58 -15.90 -31.52
N VAL A 548 3.16 -17.07 -31.72
CA VAL A 548 3.07 -17.81 -32.97
C VAL A 548 2.20 -19.03 -32.73
N LEU A 549 1.13 -19.16 -33.51
CA LEU A 549 0.19 -20.27 -33.39
C LEU A 549 0.54 -21.31 -34.45
N THR A 550 0.81 -22.53 -34.01
CA THR A 550 1.14 -23.62 -34.91
C THR A 550 0.23 -24.81 -34.63
N GLU A 551 -0.22 -25.48 -35.69
CA GLU A 551 -1.05 -26.66 -35.51
C GLU A 551 -0.31 -27.68 -34.66
N SER A 552 -0.99 -28.19 -33.64
CA SER A 552 -0.36 -29.03 -32.63
C SER A 552 -0.76 -30.49 -32.81
N ASN A 553 0.03 -31.36 -32.19
CA ASN A 553 -0.23 -32.80 -32.18
C ASN A 553 -0.74 -33.28 -30.83
N LYS A 554 -1.01 -32.37 -29.90
CA LYS A 554 -1.52 -32.78 -28.58
C LYS A 554 -2.89 -33.43 -28.74
N LYS A 555 -3.14 -34.42 -27.88
CA LYS A 555 -4.39 -35.18 -27.92
C LYS A 555 -5.34 -34.58 -26.88
N PHE A 556 -5.89 -33.42 -27.21
CA PHE A 556 -6.86 -32.77 -26.34
C PHE A 556 -8.09 -33.64 -26.18
N LEU A 557 -8.60 -33.71 -24.94
CA LEU A 557 -9.86 -34.40 -24.72
C LEU A 557 -11.02 -33.49 -25.13
N PRO A 558 -12.17 -34.07 -25.50
CA PRO A 558 -13.27 -33.23 -26.03
C PRO A 558 -13.70 -32.13 -25.09
N PHE A 559 -13.74 -32.39 -23.79
CA PHE A 559 -14.20 -31.39 -22.83
C PHE A 559 -13.16 -30.32 -22.53
N GLN A 560 -11.89 -30.59 -22.85
CA GLN A 560 -10.82 -29.66 -22.51
C GLN A 560 -10.85 -28.43 -23.42
N GLN A 561 -10.26 -27.35 -22.93
CA GLN A 561 -10.19 -26.09 -23.67
C GLN A 561 -8.75 -25.70 -24.01
N PHE A 562 -7.86 -25.66 -23.02
CA PHE A 562 -6.51 -25.19 -23.25
C PHE A 562 -5.57 -25.87 -22.27
N GLY A 563 -4.30 -25.93 -22.64
CA GLY A 563 -3.25 -26.52 -21.82
C GLY A 563 -2.30 -25.43 -21.33
N ARG A 564 -1.85 -25.55 -20.09
CA ARG A 564 -1.01 -24.55 -19.46
C ARG A 564 0.44 -25.01 -19.46
N ASP A 565 1.30 -24.20 -18.85
CA ASP A 565 2.74 -24.45 -18.76
C ASP A 565 3.14 -24.49 -17.29
N ILE A 566 4.43 -24.74 -17.05
CA ILE A 566 4.92 -24.80 -15.67
C ILE A 566 4.67 -23.47 -14.96
N ALA A 567 4.81 -22.36 -15.69
CA ALA A 567 4.57 -21.04 -15.13
C ALA A 567 3.09 -20.66 -15.10
N ASP A 568 2.20 -21.64 -15.28
CA ASP A 568 0.76 -21.37 -15.38
C ASP A 568 0.47 -20.35 -16.48
N THR A 569 1.18 -20.51 -17.60
CA THR A 569 0.99 -19.67 -18.78
C THR A 569 0.39 -20.51 -19.90
N THR A 570 -0.57 -19.94 -20.61
CA THR A 570 -1.23 -20.66 -21.68
C THR A 570 -0.21 -21.12 -22.72
N ASP A 571 -0.32 -22.38 -23.14
CA ASP A 571 0.57 -22.94 -24.14
C ASP A 571 -0.15 -23.53 -25.33
N ALA A 572 -1.37 -24.05 -25.15
CA ALA A 572 -2.13 -24.62 -26.25
C ALA A 572 -3.60 -24.29 -26.07
N VAL A 573 -4.24 -23.86 -27.14
CA VAL A 573 -5.63 -23.41 -27.08
C VAL A 573 -6.44 -24.16 -28.13
N ARG A 574 -7.76 -24.16 -27.93
CA ARG A 574 -8.71 -24.73 -28.87
C ARG A 574 -9.43 -23.61 -29.58
N ASP A 575 -9.35 -23.59 -30.91
CA ASP A 575 -10.02 -22.55 -31.66
C ASP A 575 -11.52 -22.62 -31.39
N PRO A 576 -12.15 -21.53 -30.96
CA PRO A 576 -13.56 -21.63 -30.55
C PRO A 576 -14.51 -22.03 -31.66
N GLN A 577 -14.15 -21.81 -32.92
CA GLN A 577 -15.04 -22.10 -34.04
C GLN A 577 -14.74 -23.46 -34.66
N THR A 578 -13.52 -23.67 -35.13
CA THR A 578 -13.10 -24.96 -35.66
C THR A 578 -12.39 -25.73 -34.55
N LEU A 579 -12.92 -26.91 -34.23
CA LEU A 579 -12.41 -27.65 -33.09
C LEU A 579 -11.06 -28.27 -33.40
N GLU A 580 -10.02 -27.44 -33.45
CA GLU A 580 -8.64 -27.87 -33.61
C GLU A 580 -7.82 -27.39 -32.42
N ILE A 581 -6.56 -27.80 -32.39
CA ILE A 581 -5.65 -27.48 -31.30
C ILE A 581 -4.48 -26.69 -31.86
N LEU A 582 -4.18 -25.55 -31.25
CA LEU A 582 -3.11 -24.66 -31.69
C LEU A 582 -2.14 -24.49 -30.53
N ASP A 583 -0.90 -24.94 -30.72
CA ASP A 583 0.15 -24.66 -29.77
C ASP A 583 0.64 -23.23 -29.95
N ILE A 584 0.95 -22.58 -28.84
CA ILE A 584 1.39 -21.18 -28.82
C ILE A 584 2.85 -21.14 -28.42
N THR A 585 3.65 -20.41 -29.20
CA THR A 585 5.05 -20.24 -28.88
C THR A 585 5.38 -18.75 -28.78
N PRO A 586 6.17 -18.31 -27.80
CA PRO A 586 6.63 -16.93 -27.81
C PRO A 586 7.34 -16.62 -29.12
N CYS A 587 7.06 -15.44 -29.67
CA CYS A 587 7.46 -15.16 -31.05
C CYS A 587 8.95 -15.36 -31.24
N SER A 588 9.74 -14.46 -30.66
CA SER A 588 11.20 -14.58 -30.70
C SER A 588 11.80 -13.48 -29.84
N PHE A 589 12.89 -13.78 -29.14
CA PHE A 589 13.56 -12.75 -28.37
C PHE A 589 14.98 -13.21 -28.07
N GLY A 590 15.87 -12.24 -27.88
CA GLY A 590 17.24 -12.57 -27.56
C GLY A 590 18.02 -11.30 -27.30
N GLY A 591 19.30 -11.49 -26.97
CA GLY A 591 20.18 -10.36 -26.78
C GLY A 591 20.69 -9.81 -28.09
N VAL A 592 21.08 -8.54 -28.06
CA VAL A 592 21.67 -7.87 -29.23
C VAL A 592 23.06 -7.42 -28.79
N SER A 593 24.05 -8.29 -28.98
CA SER A 593 25.41 -7.96 -28.62
C SER A 593 26.08 -7.22 -29.76
N VAL A 594 26.93 -6.26 -29.42
CA VAL A 594 27.56 -5.39 -30.40
C VAL A 594 29.06 -5.68 -30.34
N ILE A 595 29.52 -6.62 -31.16
CA ILE A 595 30.94 -6.90 -31.26
C ILE A 595 31.63 -5.71 -31.92
N THR A 596 32.69 -5.21 -31.29
CA THR A 596 33.36 -4.04 -31.81
C THR A 596 34.82 -4.05 -31.40
N PRO A 597 35.73 -3.74 -32.31
CA PRO A 597 37.10 -3.40 -31.89
C PRO A 597 37.09 -2.05 -31.18
N GLY A 598 38.20 -1.75 -30.53
CA GLY A 598 38.30 -0.52 -29.78
C GLY A 598 37.97 0.69 -30.63
N THR A 599 37.13 1.59 -30.09
CA THR A 599 36.74 2.76 -30.87
C THR A 599 37.94 3.60 -31.26
N ASN A 600 39.05 3.47 -30.55
CA ASN A 600 40.28 4.13 -30.98
C ASN A 600 40.76 3.56 -32.31
N THR A 601 40.59 2.25 -32.51
CA THR A 601 41.04 1.63 -33.75
C THR A 601 40.12 1.97 -34.90
N SER A 602 38.85 1.59 -34.81
CA SER A 602 37.91 1.82 -35.90
C SER A 602 36.50 1.80 -35.35
N ASN A 603 35.57 2.37 -36.12
CA ASN A 603 34.18 2.49 -35.71
C ASN A 603 33.29 1.41 -36.32
N GLN A 604 33.85 0.46 -37.07
CA GLN A 604 33.02 -0.57 -37.69
C GLN A 604 32.74 -1.68 -36.70
N VAL A 605 31.47 -2.09 -36.61
CA VAL A 605 31.02 -3.06 -35.63
C VAL A 605 30.17 -4.12 -36.32
N ALA A 606 30.00 -5.25 -35.63
CA ALA A 606 29.12 -6.32 -36.04
C ALA A 606 28.12 -6.61 -34.93
N VAL A 607 26.99 -7.20 -35.29
CA VAL A 607 25.89 -7.40 -34.36
C VAL A 607 25.57 -8.88 -34.29
N LEU A 608 25.48 -9.40 -33.08
CA LEU A 608 25.09 -10.78 -32.80
C LEU A 608 23.70 -10.75 -32.18
N TYR A 609 22.71 -11.27 -32.91
CA TYR A 609 21.40 -11.52 -32.35
C TYR A 609 21.43 -12.93 -31.76
N GLN A 610 21.32 -13.01 -30.44
CA GLN A 610 21.56 -14.25 -29.73
C GLN A 610 20.36 -15.19 -29.84
N GLY A 611 20.64 -16.45 -30.15
CA GLY A 611 19.62 -17.47 -30.11
C GLY A 611 18.49 -17.30 -31.10
N VAL A 612 18.72 -16.59 -32.20
CA VAL A 612 17.72 -16.43 -33.24
C VAL A 612 18.28 -17.03 -34.54
N ASN A 613 17.38 -17.22 -35.49
CA ASN A 613 17.77 -17.65 -36.82
C ASN A 613 18.10 -16.44 -37.67
N CYS A 614 18.85 -16.66 -38.75
CA CYS A 614 19.12 -15.56 -39.67
C CYS A 614 17.96 -15.38 -40.64
N THR A 615 16.75 -15.32 -40.10
CA THR A 615 15.56 -15.02 -40.90
C THR A 615 14.59 -14.07 -40.23
N GLU A 616 14.67 -13.87 -38.91
CA GLU A 616 13.74 -13.01 -38.19
C GLU A 616 14.28 -11.62 -37.95
N VAL A 617 15.48 -11.30 -38.45
CA VAL A 617 16.04 -9.97 -38.29
C VAL A 617 15.32 -9.00 -39.22
N SER A 634 21.71 -3.15 -39.12
CA SER A 634 20.37 -3.72 -39.00
C SER A 634 20.20 -4.90 -39.96
N THR A 635 20.52 -4.67 -41.23
CA THR A 635 20.42 -5.72 -42.25
C THR A 635 21.50 -5.44 -43.29
N GLY A 636 22.66 -6.09 -43.13
CA GLY A 636 23.79 -5.91 -44.00
C GLY A 636 23.81 -6.92 -45.13
N SER A 637 25.04 -7.27 -45.54
CA SER A 637 25.24 -8.22 -46.64
C SER A 637 26.20 -9.34 -46.26
N ASN A 638 26.38 -9.60 -44.97
CA ASN A 638 27.26 -10.65 -44.49
C ASN A 638 26.59 -11.46 -43.39
N VAL A 639 25.34 -11.87 -43.64
CA VAL A 639 24.63 -12.71 -42.68
C VAL A 639 25.43 -13.98 -42.44
N PHE A 640 25.40 -14.47 -41.21
CA PHE A 640 26.18 -15.64 -40.83
C PHE A 640 25.52 -16.29 -39.63
N GLN A 641 25.31 -17.60 -39.70
CA GLN A 641 24.55 -18.33 -38.68
C GLN A 641 25.53 -19.12 -37.82
N THR A 642 25.70 -18.68 -36.58
CA THR A 642 26.50 -19.38 -35.59
C THR A 642 25.58 -20.19 -34.67
N ARG A 643 26.18 -20.92 -33.74
CA ARG A 643 25.39 -21.56 -32.71
C ARG A 643 24.91 -20.55 -31.67
N ALA A 644 25.69 -19.49 -31.43
CA ALA A 644 25.23 -18.44 -30.52
C ALA A 644 24.02 -17.73 -31.09
N GLY A 645 24.02 -17.45 -32.39
CA GLY A 645 22.92 -16.75 -33.01
C GLY A 645 23.25 -16.34 -34.41
N CYS A 646 22.65 -15.23 -34.84
CA CYS A 646 22.88 -14.68 -36.17
C CYS A 646 23.84 -13.51 -36.07
N LEU A 647 24.96 -13.62 -36.77
CA LEU A 647 26.00 -12.59 -36.75
C LEU A 647 25.96 -11.84 -38.07
N ILE A 648 25.76 -10.53 -38.00
CA ILE A 648 25.65 -9.66 -39.17
C ILE A 648 26.75 -8.62 -39.09
N GLY A 649 27.54 -8.50 -40.15
CA GLY A 649 28.61 -7.54 -40.20
C GLY A 649 30.01 -8.12 -40.12
N ALA A 650 30.15 -9.45 -40.19
CA ALA A 650 31.45 -10.10 -40.22
C ALA A 650 31.44 -11.17 -41.30
N GLU A 651 32.53 -11.25 -42.05
CA GLU A 651 32.65 -12.22 -43.13
C GLU A 651 33.36 -13.47 -42.62
N HIS A 652 32.67 -14.60 -42.67
CA HIS A 652 33.26 -15.84 -42.17
C HIS A 652 34.50 -16.19 -42.97
N VAL A 653 35.52 -16.68 -42.28
CA VAL A 653 36.79 -17.05 -42.90
C VAL A 653 37.01 -18.54 -42.69
N ASN A 654 37.77 -19.14 -43.58
CA ASN A 654 38.16 -20.54 -43.46
C ASN A 654 39.43 -20.73 -42.66
N ASN A 655 40.08 -19.65 -42.23
CA ASN A 655 41.28 -19.75 -41.42
C ASN A 655 40.87 -19.94 -39.95
N SER A 656 41.85 -19.85 -39.05
CA SER A 656 41.58 -19.99 -37.63
C SER A 656 42.74 -19.36 -36.88
N TYR A 657 42.43 -18.44 -35.96
CA TYR A 657 43.44 -17.72 -35.22
C TYR A 657 43.22 -17.87 -33.72
N GLU A 658 43.98 -17.13 -32.93
CA GLU A 658 43.71 -17.07 -31.49
C GLU A 658 42.49 -16.20 -31.22
N CYS A 659 41.75 -16.56 -30.18
CA CYS A 659 40.52 -15.84 -29.86
C CYS A 659 40.85 -14.42 -29.43
N ASP A 660 40.11 -13.46 -29.99
CA ASP A 660 40.27 -12.05 -29.64
C ASP A 660 39.04 -11.49 -28.96
N ILE A 661 37.87 -11.63 -29.58
CA ILE A 661 36.60 -11.28 -28.97
C ILE A 661 35.70 -12.50 -29.01
N PRO A 662 35.54 -13.22 -27.90
CA PRO A 662 34.77 -14.47 -27.94
C PRO A 662 33.31 -14.21 -28.25
N ILE A 663 32.69 -15.20 -28.89
CA ILE A 663 31.26 -15.14 -29.22
C ILE A 663 30.55 -16.32 -28.57
N GLY A 664 30.96 -17.52 -28.93
CA GLY A 664 30.35 -18.73 -28.42
C GLY A 664 30.57 -19.88 -29.37
N ALA A 665 30.51 -21.09 -28.81
CA ALA A 665 30.61 -22.31 -29.59
C ALA A 665 31.87 -22.32 -30.44
N GLY A 666 32.95 -21.75 -29.91
CA GLY A 666 34.22 -21.77 -30.61
C GLY A 666 34.38 -20.73 -31.70
N ILE A 667 33.43 -19.81 -31.84
CA ILE A 667 33.54 -18.72 -32.81
C ILE A 667 34.11 -17.50 -32.11
N CYS A 668 35.17 -16.94 -32.69
CA CYS A 668 35.84 -15.77 -32.12
C CYS A 668 36.03 -14.74 -33.22
N ALA A 669 35.31 -13.63 -33.14
CA ALA A 669 35.40 -12.57 -34.14
C ALA A 669 36.47 -11.57 -33.73
N SER A 670 37.25 -11.13 -34.72
CA SER A 670 38.33 -10.17 -34.51
C SER A 670 38.33 -9.16 -35.65
N TYR A 671 39.30 -8.24 -35.60
CA TYR A 671 39.43 -7.17 -36.58
C TYR A 671 40.76 -7.33 -37.29
N GLN A 672 40.72 -7.53 -38.61
CA GLN A 672 41.92 -7.74 -39.40
C GLN A 672 41.67 -7.32 -40.83
N THR A 673 42.70 -7.43 -41.65
CA THR A 673 42.64 -7.07 -43.06
C THR A 673 41.81 -8.10 -43.84
N SER A 686 40.13 -1.32 -46.03
CA SER A 686 40.14 -2.70 -46.50
C SER A 686 39.87 -3.66 -45.35
N GLN A 687 40.26 -3.26 -44.15
CA GLN A 687 40.10 -4.12 -42.99
C GLN A 687 38.61 -4.28 -42.66
N SER A 688 38.24 -5.50 -42.28
CA SER A 688 36.85 -5.81 -41.94
C SER A 688 36.83 -6.84 -40.82
N ILE A 689 35.73 -6.83 -40.07
CA ILE A 689 35.60 -7.75 -38.95
C ILE A 689 35.41 -9.17 -39.48
N ILE A 690 36.23 -10.09 -38.99
CA ILE A 690 36.20 -11.48 -39.43
C ILE A 690 35.67 -12.33 -38.29
N ALA A 691 34.90 -13.36 -38.63
CA ALA A 691 34.39 -14.32 -37.67
C ALA A 691 34.87 -15.71 -38.09
N TYR A 692 35.56 -16.39 -37.18
CA TYR A 692 36.23 -17.64 -37.51
C TYR A 692 36.10 -18.61 -36.34
N THR A 693 36.48 -19.86 -36.60
CA THR A 693 36.55 -20.86 -35.55
C THR A 693 37.84 -20.71 -34.77
N MET A 694 37.73 -20.66 -33.44
CA MET A 694 38.90 -20.46 -32.60
C MET A 694 39.89 -21.59 -32.82
N SER A 695 41.17 -21.24 -32.82
CA SER A 695 42.26 -22.21 -32.96
C SER A 695 42.92 -22.44 -31.61
N LEU A 696 43.14 -23.70 -31.28
CA LEU A 696 43.70 -24.07 -29.99
C LEU A 696 45.22 -24.00 -29.94
N GLY A 697 45.88 -23.78 -31.07
CA GLY A 697 47.32 -23.69 -31.09
C GLY A 697 47.95 -24.38 -32.28
N VAL A 698 49.27 -24.38 -32.33
CA VAL A 698 50.00 -24.97 -33.45
C VAL A 698 50.08 -26.48 -33.26
N GLU A 699 49.63 -27.23 -34.26
CA GLU A 699 49.78 -28.68 -34.23
C GLU A 699 51.25 -29.02 -34.10
N ASN A 700 51.57 -29.95 -33.20
CA ASN A 700 52.97 -30.28 -32.92
C ASN A 700 53.05 -31.75 -32.52
N SER A 701 53.35 -32.61 -33.49
CA SER A 701 53.62 -34.00 -33.19
C SER A 701 55.00 -34.13 -32.56
N VAL A 702 55.16 -35.15 -31.72
CA VAL A 702 56.41 -35.41 -31.01
C VAL A 702 56.96 -36.74 -31.50
N ALA A 703 58.21 -36.74 -31.93
CA ALA A 703 58.80 -37.95 -32.49
C ALA A 703 59.13 -38.94 -31.38
N TYR A 704 58.10 -39.55 -30.80
CA TYR A 704 58.29 -40.52 -29.74
C TYR A 704 58.65 -41.88 -30.31
N SER A 705 59.55 -42.57 -29.63
CA SER A 705 59.92 -43.93 -30.00
C SER A 705 60.60 -44.58 -28.82
N ASN A 706 60.60 -45.92 -28.80
CA ASN A 706 61.03 -46.66 -27.63
C ASN A 706 62.53 -46.55 -27.37
N ASN A 707 63.30 -45.88 -28.22
CA ASN A 707 64.73 -45.70 -27.94
C ASN A 707 65.21 -44.32 -28.33
N SER A 708 64.36 -43.30 -28.24
CA SER A 708 64.72 -41.94 -28.59
C SER A 708 64.41 -41.02 -27.42
N ILE A 709 65.37 -40.18 -27.05
CA ILE A 709 65.20 -39.21 -25.97
C ILE A 709 65.78 -37.88 -26.40
N ALA A 710 65.08 -36.80 -26.10
CA ALA A 710 65.55 -35.45 -26.42
C ALA A 710 66.05 -34.80 -25.13
N ILE A 711 67.29 -34.33 -25.15
CA ILE A 711 67.93 -33.75 -23.97
C ILE A 711 68.29 -32.31 -24.29
N PRO A 712 67.94 -31.35 -23.43
CA PRO A 712 68.34 -29.97 -23.68
C PRO A 712 69.84 -29.78 -23.52
N THR A 713 70.37 -28.79 -24.23
CA THR A 713 71.78 -28.43 -24.15
C THR A 713 72.00 -27.01 -23.68
N ASN A 714 70.95 -26.28 -23.33
CA ASN A 714 71.07 -24.90 -22.91
C ASN A 714 69.90 -24.59 -21.99
N PHE A 715 69.69 -23.31 -21.70
CA PHE A 715 68.60 -22.92 -20.81
C PHE A 715 68.28 -21.44 -21.04
N THR A 716 67.13 -21.04 -20.51
CA THR A 716 66.69 -19.65 -20.54
C THR A 716 66.15 -19.29 -19.16
N ILE A 717 66.67 -18.21 -18.58
CA ILE A 717 66.25 -17.77 -17.26
C ILE A 717 65.16 -16.73 -17.49
N SER A 718 63.92 -17.20 -17.60
CA SER A 718 62.80 -16.30 -17.83
C SER A 718 62.37 -15.65 -16.52
N VAL A 719 61.68 -14.52 -16.65
CA VAL A 719 61.08 -13.82 -15.52
C VAL A 719 59.63 -13.54 -15.86
N THR A 720 58.72 -14.09 -15.07
CA THR A 720 57.29 -13.99 -15.33
C THR A 720 56.64 -13.07 -14.30
N THR A 721 55.82 -12.14 -14.78
CA THR A 721 55.09 -11.24 -13.90
C THR A 721 53.72 -11.84 -13.57
N GLU A 722 53.41 -11.94 -12.29
CA GLU A 722 52.13 -12.47 -11.83
C GLU A 722 51.49 -11.47 -10.89
N ILE A 723 50.27 -11.05 -11.21
CA ILE A 723 49.59 -9.97 -10.51
C ILE A 723 48.43 -10.57 -9.73
N LEU A 724 48.32 -10.21 -8.45
CA LEU A 724 47.24 -10.72 -7.62
C LEU A 724 46.61 -9.57 -6.84
N PRO A 725 45.27 -9.53 -6.76
CA PRO A 725 44.63 -8.55 -5.87
C PRO A 725 44.60 -9.08 -4.45
N VAL A 726 45.08 -8.28 -3.51
CA VAL A 726 45.16 -8.67 -2.11
C VAL A 726 44.03 -8.05 -1.30
N SER A 727 43.69 -6.80 -1.56
CA SER A 727 42.66 -6.12 -0.77
C SER A 727 41.93 -5.12 -1.65
N MET A 728 40.75 -4.72 -1.20
CA MET A 728 39.94 -3.73 -1.89
C MET A 728 39.74 -2.51 -1.00
N THR A 729 38.94 -1.56 -1.48
CA THR A 729 38.76 -0.31 -0.76
C THR A 729 37.90 -0.53 0.48
N LYS A 730 38.39 -0.06 1.62
CA LYS A 730 37.65 -0.14 2.88
C LYS A 730 36.63 0.98 2.91
N THR A 731 35.35 0.65 2.77
CA THR A 731 34.28 1.62 2.76
C THR A 731 33.27 1.31 3.87
N SER A 732 32.62 2.35 4.36
CA SER A 732 31.55 2.20 5.33
C SER A 732 30.45 3.19 4.99
N VAL A 733 29.20 2.71 5.00
CA VAL A 733 28.04 3.53 4.65
C VAL A 733 27.22 3.75 5.90
N ASP A 734 27.03 5.02 6.27
CA ASP A 734 26.18 5.36 7.40
C ASP A 734 24.72 5.16 6.99
N CYS A 735 24.10 4.13 7.55
CA CYS A 735 22.77 3.72 7.09
C CYS A 735 21.76 4.84 7.22
N THR A 736 21.67 5.45 8.40
CA THR A 736 20.65 6.47 8.61
C THR A 736 20.94 7.73 7.80
N MET A 737 22.21 8.12 7.71
CA MET A 737 22.55 9.30 6.91
C MET A 737 22.23 9.07 5.44
N TYR A 738 22.43 7.85 4.95
CA TYR A 738 22.15 7.56 3.55
C TYR A 738 20.66 7.53 3.28
N ILE A 739 19.93 6.69 4.01
CA ILE A 739 18.50 6.52 3.72
C ILE A 739 17.72 7.77 4.10
N CYS A 740 18.01 8.33 5.27
CA CYS A 740 17.20 9.40 5.87
C CYS A 740 18.08 10.57 6.25
N GLY A 741 18.92 11.02 5.33
CA GLY A 741 19.88 12.08 5.66
C GLY A 741 19.24 13.33 6.22
N ASP A 742 19.42 13.55 7.52
CA ASP A 742 18.97 14.77 8.18
C ASP A 742 17.47 15.01 7.99
N SER A 743 16.69 14.10 8.57
CA SER A 743 15.23 14.23 8.55
C SER A 743 14.69 13.46 9.75
N THR A 744 14.19 14.21 10.75
CA THR A 744 13.70 13.57 11.96
C THR A 744 12.54 12.62 11.66
N GLU A 745 11.62 13.04 10.80
CA GLU A 745 10.50 12.18 10.44
C GLU A 745 10.99 10.93 9.73
N CYS A 746 11.93 11.09 8.80
CA CYS A 746 12.46 9.94 8.09
C CYS A 746 13.21 9.01 9.03
N SER A 747 13.99 9.58 9.96
CA SER A 747 14.70 8.74 10.92
C SER A 747 13.73 7.97 11.79
N ASN A 748 12.66 8.63 12.25
CA ASN A 748 11.68 7.93 13.07
C ASN A 748 11.01 6.81 12.30
N LEU A 749 10.63 7.07 11.05
CA LEU A 749 10.02 6.02 10.24
C LEU A 749 10.98 4.86 10.03
N LEU A 750 12.25 5.17 9.75
CA LEU A 750 13.24 4.12 9.56
C LEU A 750 13.41 3.30 10.82
N LEU A 751 13.28 3.93 12.00
CA LEU A 751 13.49 3.20 13.24
C LEU A 751 12.54 2.01 13.36
N GLN A 752 11.37 2.08 12.74
CA GLN A 752 10.41 1.00 12.85
C GLN A 752 10.93 -0.30 12.26
N TYR A 753 11.95 -0.24 11.40
CA TYR A 753 12.49 -1.43 10.76
C TYR A 753 13.48 -2.17 11.64
N GLY A 754 13.41 -1.99 12.95
CA GLY A 754 14.27 -2.74 13.84
C GLY A 754 15.74 -2.44 13.63
N SER A 755 16.53 -3.47 13.36
CA SER A 755 17.97 -3.35 13.26
C SER A 755 18.46 -3.50 11.82
N PHE A 756 17.67 -3.06 10.85
CA PHE A 756 18.09 -3.11 9.47
C PHE A 756 19.13 -2.06 9.13
N CYS A 757 19.62 -1.31 10.12
CA CYS A 757 20.70 -0.37 9.92
C CYS A 757 21.91 -0.62 10.80
N THR A 758 21.75 -1.30 11.93
CA THR A 758 22.86 -1.60 12.81
C THR A 758 23.54 -2.92 12.47
N GLN A 759 23.03 -3.65 11.48
CA GLN A 759 23.67 -4.89 11.04
C GLN A 759 24.46 -4.71 9.75
N LEU A 760 24.06 -3.79 8.89
CA LEU A 760 24.85 -3.53 7.69
C LEU A 760 26.21 -2.95 8.07
N ASN A 761 26.24 -2.00 9.00
CA ASN A 761 27.50 -1.45 9.45
C ASN A 761 28.39 -2.52 10.06
N ARG A 762 27.79 -3.49 10.74
CA ARG A 762 28.57 -4.60 11.28
C ARG A 762 29.26 -5.36 10.14
N ALA A 763 28.51 -5.65 9.07
CA ALA A 763 29.09 -6.38 7.95
C ALA A 763 30.19 -5.58 7.27
N LEU A 764 29.98 -4.28 7.07
CA LEU A 764 30.99 -3.48 6.40
C LEU A 764 32.24 -3.34 7.27
N THR A 765 32.07 -3.19 8.58
CA THR A 765 33.24 -3.14 9.45
C THR A 765 33.98 -4.47 9.46
N GLY A 766 33.24 -5.58 9.41
CA GLY A 766 33.89 -6.86 9.27
C GLY A 766 34.68 -6.97 7.98
N ILE A 767 34.14 -6.44 6.89
CA ILE A 767 34.88 -6.43 5.63
C ILE A 767 36.15 -5.60 5.77
N ALA A 768 36.07 -4.45 6.41
CA ALA A 768 37.27 -3.60 6.55
C ALA A 768 38.35 -4.31 7.36
N VAL A 769 37.96 -4.93 8.48
CA VAL A 769 38.92 -5.67 9.28
C VAL A 769 39.50 -6.81 8.45
N GLU A 770 38.68 -7.46 7.64
CA GLU A 770 39.18 -8.54 6.78
C GLU A 770 40.19 -8.01 5.76
N GLN A 771 39.97 -6.81 5.21
CA GLN A 771 40.94 -6.25 4.28
C GLN A 771 42.28 -6.04 4.96
N ASP A 772 42.26 -5.44 6.15
CA ASP A 772 43.52 -5.23 6.87
C ASP A 772 44.19 -6.56 7.18
N LYS A 773 43.40 -7.56 7.55
CA LYS A 773 43.96 -8.87 7.83
C LYS A 773 44.59 -9.48 6.60
N ASN A 774 43.95 -9.32 5.44
CA ASN A 774 44.50 -9.86 4.20
C ASN A 774 45.87 -9.25 3.91
N THR A 775 45.96 -7.93 3.98
CA THR A 775 47.24 -7.30 3.71
C THR A 775 48.30 -7.75 4.71
N GLN A 776 47.92 -7.85 5.98
CA GLN A 776 48.89 -8.27 6.99
C GLN A 776 49.40 -9.68 6.71
N GLU A 777 48.50 -10.60 6.36
CA GLU A 777 48.92 -11.97 6.09
C GLU A 777 49.81 -12.04 4.86
N VAL A 778 49.45 -11.31 3.80
CA VAL A 778 50.21 -11.41 2.56
C VAL A 778 51.62 -10.83 2.74
N PHE A 779 51.72 -9.65 3.34
CA PHE A 779 53.01 -8.95 3.37
C PHE A 779 53.81 -9.19 4.63
N ALA A 780 53.19 -9.21 5.81
CA ALA A 780 53.93 -9.30 7.07
C ALA A 780 54.38 -10.74 7.34
N GLN A 781 55.05 -11.31 6.34
CA GLN A 781 55.58 -12.66 6.45
C GLN A 781 56.95 -12.71 7.11
N VAL A 782 57.60 -11.57 7.27
CA VAL A 782 58.99 -11.50 7.72
C VAL A 782 59.03 -10.85 9.09
N LYS A 783 59.73 -11.50 10.02
CA LYS A 783 59.78 -11.00 11.40
C LYS A 783 60.62 -9.74 11.51
N GLN A 784 61.77 -9.71 10.84
CA GLN A 784 62.73 -8.61 10.97
C GLN A 784 62.92 -7.92 9.63
N ILE A 785 62.95 -6.59 9.66
CA ILE A 785 63.11 -5.78 8.46
C ILE A 785 64.59 -5.86 8.05
N TYR A 786 64.90 -6.70 7.08
CA TYR A 786 66.25 -6.80 6.57
C TYR A 786 66.54 -5.64 5.62
N LYS A 787 67.81 -5.48 5.29
CA LYS A 787 68.22 -4.46 4.31
C LYS A 787 69.54 -4.87 3.70
N THR A 788 69.66 -4.67 2.39
CA THR A 788 70.83 -5.11 1.67
C THR A 788 72.07 -4.34 2.11
N PRO A 789 73.25 -4.93 1.99
CA PRO A 789 74.48 -4.22 2.31
C PRO A 789 74.73 -3.10 1.30
N PRO A 790 75.59 -2.14 1.62
CA PRO A 790 75.82 -1.04 0.67
C PRO A 790 76.34 -1.51 -0.68
N ILE A 791 77.15 -2.56 -0.72
CA ILE A 791 77.66 -3.07 -1.98
C ILE A 791 76.58 -3.88 -2.68
N LYS A 792 76.81 -4.14 -3.98
CA LYS A 792 75.87 -4.88 -4.83
C LYS A 792 76.60 -5.94 -5.63
N ASP A 793 77.48 -6.69 -4.96
CA ASP A 793 78.30 -7.70 -5.63
C ASP A 793 77.65 -9.08 -5.53
N PHE A 794 76.46 -9.19 -6.12
CA PHE A 794 75.69 -10.42 -6.09
C PHE A 794 76.11 -11.35 -7.23
N GLY A 795 77.39 -11.69 -7.25
CA GLY A 795 77.91 -12.67 -8.18
C GLY A 795 77.77 -12.30 -9.64
N GLY A 796 77.27 -11.10 -9.93
CA GLY A 796 77.07 -10.63 -11.29
C GLY A 796 75.65 -10.22 -11.61
N PHE A 797 74.67 -10.65 -10.82
CA PHE A 797 73.30 -10.25 -11.06
C PHE A 797 73.13 -8.77 -10.70
N ASN A 798 72.00 -8.20 -11.10
CA ASN A 798 71.75 -6.77 -10.93
C ASN A 798 70.30 -6.57 -10.52
N PHE A 799 70.08 -6.24 -9.26
CA PHE A 799 68.73 -6.05 -8.71
C PHE A 799 68.39 -4.58 -8.54
N SER A 800 69.08 -3.68 -9.24
CA SER A 800 68.79 -2.26 -9.09
C SER A 800 67.38 -1.90 -9.52
N GLN A 801 66.76 -2.71 -10.37
CA GLN A 801 65.41 -2.43 -10.85
C GLN A 801 64.33 -2.95 -9.92
N ILE A 802 64.69 -3.66 -8.85
CA ILE A 802 63.70 -4.13 -7.89
C ILE A 802 64.01 -3.72 -6.46
N LEU A 803 65.26 -3.43 -6.10
CA LEU A 803 65.54 -2.94 -4.77
C LEU A 803 65.07 -1.49 -4.65
N PRO A 804 64.83 -1.01 -3.43
CA PRO A 804 64.34 0.37 -3.28
C PRO A 804 65.34 1.38 -3.82
N ASP A 805 64.81 2.48 -4.36
CA ASP A 805 65.63 3.61 -4.79
C ASP A 805 65.56 4.69 -3.73
N PRO A 806 66.64 4.96 -2.99
CA PRO A 806 66.55 5.98 -1.93
C PRO A 806 66.24 7.38 -2.44
N SER A 807 66.48 7.66 -3.73
CA SER A 807 66.31 9.02 -4.22
C SER A 807 64.85 9.47 -4.09
N LYS A 808 63.91 8.61 -4.45
CA LYS A 808 62.51 8.99 -4.37
C LYS A 808 62.07 9.11 -2.91
N PRO A 809 61.06 9.95 -2.63
CA PRO A 809 60.61 10.12 -1.24
C PRO A 809 60.19 8.80 -0.60
N SER A 810 59.21 8.13 -1.21
CA SER A 810 58.84 6.79 -0.77
C SER A 810 59.80 5.78 -1.38
N LYS A 811 60.41 4.95 -0.53
CA LYS A 811 61.45 4.04 -0.97
C LYS A 811 60.86 2.84 -1.71
N ARG A 812 60.21 3.14 -2.83
CA ARG A 812 59.64 2.13 -3.71
C ARG A 812 60.55 1.93 -4.90
N SER A 813 60.80 0.67 -5.24
CA SER A 813 61.71 0.37 -6.34
C SER A 813 61.12 0.87 -7.66
N PHE A 814 61.93 0.79 -8.70
CA PHE A 814 61.51 1.33 -9.99
C PHE A 814 60.26 0.63 -10.52
N ILE A 815 60.24 -0.70 -10.44
CA ILE A 815 59.09 -1.43 -10.95
C ILE A 815 57.86 -1.14 -10.11
N GLU A 816 58.03 -0.98 -8.79
CA GLU A 816 56.91 -0.58 -7.95
C GLU A 816 56.37 0.77 -8.39
N ASP A 817 57.26 1.70 -8.73
CA ASP A 817 56.81 3.01 -9.19
C ASP A 817 56.03 2.89 -10.50
N LEU A 818 56.52 2.07 -11.43
CA LEU A 818 55.77 1.87 -12.67
C LEU A 818 54.39 1.29 -12.38
N LEU A 819 54.32 0.32 -11.47
CA LEU A 819 53.04 -0.27 -11.14
C LEU A 819 52.09 0.76 -10.56
N PHE A 820 52.59 1.60 -9.66
CA PHE A 820 51.75 2.63 -9.08
C PHE A 820 51.24 3.60 -10.13
N ASN A 821 52.13 4.03 -11.04
CA ASN A 821 51.71 4.97 -12.08
C ASN A 821 50.82 4.32 -13.13
N LYS A 822 50.78 2.99 -13.20
CA LYS A 822 49.94 2.31 -14.18
C LYS A 822 48.52 2.07 -13.69
N VAL A 823 48.26 2.24 -12.39
CA VAL A 823 46.92 2.10 -11.83
C VAL A 823 46.49 3.45 -11.28
N THR A 824 45.34 3.94 -11.74
CA THR A 824 44.85 5.24 -11.32
C THR A 824 44.50 5.25 -9.84
N PHE A 852 30.24 12.09 -1.23
CA PHE A 852 29.98 12.51 0.14
C PHE A 852 28.48 12.55 0.43
N ASN A 853 27.89 11.37 0.52
CA ASN A 853 26.46 11.23 0.82
C ASN A 853 26.27 10.11 1.83
N GLY A 854 27.11 10.09 2.85
CA GLY A 854 27.08 9.06 3.86
C GLY A 854 28.00 7.89 3.61
N LEU A 855 28.70 7.85 2.48
CA LEU A 855 29.62 6.77 2.14
C LEU A 855 31.04 7.26 2.39
N THR A 856 31.62 6.83 3.50
CA THR A 856 32.98 7.20 3.87
C THR A 856 33.95 6.11 3.44
N VAL A 857 35.15 6.53 3.05
CA VAL A 857 36.20 5.62 2.61
C VAL A 857 37.30 5.66 3.67
N LEU A 858 37.44 4.57 4.42
CA LEU A 858 38.47 4.52 5.44
C LEU A 858 39.83 4.25 4.80
N PRO A 859 40.91 4.72 5.42
CA PRO A 859 42.24 4.46 4.87
C PRO A 859 42.79 3.14 5.38
N PRO A 860 43.59 2.44 4.58
CA PRO A 860 44.14 1.17 5.03
C PRO A 860 45.09 1.36 6.20
N LEU A 861 45.16 0.33 7.05
CA LEU A 861 46.03 0.40 8.21
C LEU A 861 47.49 0.55 7.80
N LEU A 862 47.93 -0.20 6.79
CA LEU A 862 49.30 -0.17 6.33
C LEU A 862 49.42 0.81 5.17
N THR A 863 50.22 1.85 5.35
CA THR A 863 50.44 2.81 4.27
C THR A 863 51.36 2.21 3.21
N ASP A 864 51.27 2.75 2.00
CA ASP A 864 52.06 2.23 0.89
C ASP A 864 53.53 2.22 1.22
N GLU A 865 54.00 3.16 2.03
CA GLU A 865 55.40 3.16 2.43
C GLU A 865 55.74 1.91 3.24
N MET A 866 54.85 1.53 4.16
CA MET A 866 55.11 0.35 4.97
C MET A 866 55.08 -0.92 4.14
N ILE A 867 54.15 -1.01 3.18
CA ILE A 867 54.12 -2.16 2.29
C ILE A 867 55.40 -2.22 1.46
N ALA A 868 55.87 -1.07 0.99
CA ALA A 868 57.12 -1.03 0.25
C ALA A 868 58.28 -1.49 1.12
N GLN A 869 58.28 -1.10 2.40
CA GLN A 869 59.34 -1.57 3.29
C GLN A 869 59.27 -3.08 3.50
N TYR A 870 58.06 -3.63 3.60
CA TYR A 870 57.93 -5.07 3.75
C TYR A 870 58.44 -5.80 2.52
N THR A 871 58.10 -5.32 1.32
CA THR A 871 58.59 -5.96 0.11
C THR A 871 60.11 -5.82 0.01
N SER A 872 60.65 -4.68 0.42
CA SER A 872 62.10 -4.52 0.43
C SER A 872 62.75 -5.48 1.41
N ALA A 873 62.13 -5.68 2.57
CA ALA A 873 62.67 -6.65 3.53
C ALA A 873 62.68 -8.05 2.96
N LEU A 874 61.58 -8.45 2.31
CA LEU A 874 61.55 -9.78 1.70
C LEU A 874 62.60 -9.90 0.61
N LEU A 875 62.77 -8.85 -0.19
CA LEU A 875 63.78 -8.87 -1.25
C LEU A 875 65.19 -9.01 -0.67
N ALA A 876 65.50 -8.24 0.37
CA ALA A 876 66.82 -8.32 0.97
C ALA A 876 67.05 -9.70 1.57
N GLY A 877 66.04 -10.26 2.23
CA GLY A 877 66.17 -11.59 2.78
C GLY A 877 66.43 -12.63 1.71
N THR A 878 65.66 -12.58 0.62
CA THR A 878 65.86 -13.52 -0.46
C THR A 878 67.23 -13.38 -1.08
N ILE A 879 67.69 -12.15 -1.26
CA ILE A 879 68.96 -11.91 -1.94
C ILE A 879 70.13 -12.38 -1.08
N THR A 880 70.13 -12.03 0.20
CA THR A 880 71.29 -12.30 1.05
C THR A 880 71.26 -13.67 1.73
N SER A 881 70.09 -14.28 1.86
CA SER A 881 69.97 -15.51 2.66
C SER A 881 69.14 -16.60 2.01
N GLY A 882 68.65 -16.40 0.79
CA GLY A 882 67.92 -17.45 0.10
C GLY A 882 66.58 -17.78 0.72
N TRP A 883 66.48 -18.94 1.35
CA TRP A 883 65.25 -19.37 1.99
C TRP A 883 65.36 -19.44 3.50
N THR A 884 66.57 -19.42 4.06
CA THR A 884 66.72 -19.58 5.50
C THR A 884 66.03 -18.47 6.28
N PHE A 885 65.90 -17.28 5.70
CA PHE A 885 65.31 -16.18 6.44
C PHE A 885 63.85 -16.43 6.77
N GLY A 886 63.21 -17.39 6.10
CA GLY A 886 61.84 -17.71 6.41
C GLY A 886 61.71 -18.90 7.34
N ALA A 887 62.79 -19.65 7.52
CA ALA A 887 62.78 -20.82 8.37
C ALA A 887 63.21 -20.52 9.80
N GLY A 888 64.10 -19.55 9.99
CA GLY A 888 64.56 -19.20 11.32
C GLY A 888 65.48 -18.00 11.28
N ALA A 889 66.58 -18.05 12.01
CA ALA A 889 67.55 -16.97 11.94
C ALA A 889 68.10 -16.86 10.53
N ALA A 890 68.14 -15.65 10.00
CA ALA A 890 68.63 -15.44 8.65
C ALA A 890 70.13 -15.71 8.59
N LEU A 891 70.55 -16.43 7.55
CA LEU A 891 71.93 -16.84 7.38
C LEU A 891 72.44 -16.35 6.02
N GLN A 892 73.47 -15.52 6.05
CA GLN A 892 74.02 -15.01 4.80
C GLN A 892 74.70 -16.12 4.01
N ILE A 893 74.66 -15.99 2.69
CA ILE A 893 75.34 -16.93 1.81
C ILE A 893 75.60 -16.23 0.48
N PRO A 894 76.77 -16.39 -0.14
CA PRO A 894 77.03 -15.68 -1.39
C PRO A 894 76.00 -16.01 -2.44
N PHE A 895 75.55 -14.98 -3.16
CA PHE A 895 74.44 -15.21 -4.09
C PHE A 895 74.81 -16.20 -5.18
N ALA A 896 76.06 -16.17 -5.64
CA ALA A 896 76.47 -17.15 -6.63
C ALA A 896 76.36 -18.57 -6.10
N MET A 897 76.35 -18.75 -4.79
CA MET A 897 76.12 -20.07 -4.20
C MET A 897 74.65 -20.31 -3.90
N GLN A 898 73.88 -19.27 -3.60
CA GLN A 898 72.45 -19.45 -3.45
C GLN A 898 71.84 -19.94 -4.75
N MET A 899 72.24 -19.33 -5.87
CA MET A 899 71.74 -19.80 -7.16
C MET A 899 72.20 -21.22 -7.45
N ALA A 900 73.40 -21.60 -7.00
CA ALA A 900 73.82 -22.99 -7.15
C ALA A 900 72.91 -23.91 -6.36
N TYR A 901 72.54 -23.51 -5.15
CA TYR A 901 71.58 -24.29 -4.38
C TYR A 901 70.26 -24.42 -5.13
N ARG A 902 69.77 -23.31 -5.69
CA ARG A 902 68.51 -23.37 -6.42
C ARG A 902 68.62 -24.34 -7.59
N PHE A 903 69.69 -24.21 -8.39
CA PHE A 903 69.88 -25.09 -9.53
C PHE A 903 69.91 -26.55 -9.08
N ASN A 904 70.73 -26.85 -8.07
CA ASN A 904 70.77 -28.21 -7.57
C ASN A 904 69.40 -28.67 -7.10
N GLY A 905 68.54 -27.72 -6.72
CA GLY A 905 67.18 -28.08 -6.35
C GLY A 905 66.36 -28.62 -7.50
N ILE A 906 66.49 -28.00 -8.68
CA ILE A 906 65.66 -28.37 -9.82
C ILE A 906 66.34 -29.48 -10.64
N GLY A 907 67.39 -30.08 -10.10
CA GLY A 907 68.02 -31.24 -10.70
C GLY A 907 69.26 -30.94 -11.51
N VAL A 908 69.48 -29.69 -11.89
CA VAL A 908 70.67 -29.33 -12.65
C VAL A 908 71.83 -29.18 -11.68
N THR A 909 72.88 -29.96 -11.88
CA THR A 909 74.02 -29.96 -10.97
C THR A 909 74.65 -28.58 -10.93
N GLN A 910 75.16 -28.21 -9.75
CA GLN A 910 75.65 -26.85 -9.54
C GLN A 910 76.88 -26.54 -10.38
N ASN A 911 77.55 -27.55 -10.93
CA ASN A 911 78.66 -27.27 -11.82
C ASN A 911 78.21 -26.60 -13.11
N VAL A 912 76.90 -26.57 -13.37
CA VAL A 912 76.38 -25.82 -14.50
C VAL A 912 76.26 -24.34 -14.17
N LEU A 913 75.75 -24.01 -12.99
CA LEU A 913 75.55 -22.61 -12.62
C LEU A 913 76.88 -21.86 -12.59
N TYR A 914 77.87 -22.41 -11.90
CA TYR A 914 79.13 -21.69 -11.74
C TYR A 914 79.82 -21.49 -13.08
N GLU A 915 79.85 -22.52 -13.92
CA GLU A 915 80.54 -22.40 -15.19
C GLU A 915 79.86 -21.42 -16.14
N ASN A 916 78.55 -21.25 -16.01
CA ASN A 916 77.78 -20.35 -16.85
C ASN A 916 77.31 -19.12 -16.09
N GLN A 917 78.03 -18.73 -15.04
CA GLN A 917 77.55 -17.69 -14.16
C GLN A 917 77.32 -16.38 -14.91
N LYS A 918 78.27 -16.01 -15.78
CA LYS A 918 78.11 -14.75 -16.50
C LYS A 918 76.91 -14.79 -17.44
N LEU A 919 76.73 -15.91 -18.15
CA LEU A 919 75.60 -16.02 -19.05
C LEU A 919 74.28 -15.94 -18.29
N ILE A 920 74.21 -16.61 -17.14
CA ILE A 920 72.99 -16.57 -16.34
C ILE A 920 72.73 -15.17 -15.82
N ALA A 921 73.79 -14.47 -15.38
CA ALA A 921 73.61 -13.11 -14.92
C ALA A 921 73.08 -12.21 -16.03
N ASN A 922 73.66 -12.34 -17.23
CA ASN A 922 73.19 -11.54 -18.35
C ASN A 922 71.74 -11.85 -18.69
N GLN A 923 71.37 -13.13 -18.69
CA GLN A 923 70.00 -13.51 -18.99
C GLN A 923 69.04 -12.93 -17.95
N PHE A 924 69.40 -13.00 -16.67
CA PHE A 924 68.51 -12.47 -15.65
C PHE A 924 68.37 -10.96 -15.78
N ASN A 925 69.47 -10.24 -16.02
CA ASN A 925 69.39 -8.79 -16.17
C ASN A 925 68.52 -8.42 -17.38
N SER A 926 68.70 -9.13 -18.50
CA SER A 926 67.90 -8.85 -19.67
C SER A 926 66.43 -9.14 -19.41
N ALA A 927 66.14 -10.21 -18.67
CA ALA A 927 64.75 -10.52 -18.34
C ALA A 927 64.13 -9.43 -17.48
N ILE A 928 64.89 -8.92 -16.50
CA ILE A 928 64.36 -7.84 -15.66
C ILE A 928 64.10 -6.61 -16.51
N GLY A 929 65.03 -6.29 -17.41
CA GLY A 929 64.80 -5.15 -18.28
C GLY A 929 63.57 -5.33 -19.15
N LYS A 930 63.36 -6.54 -19.67
CA LYS A 930 62.18 -6.79 -20.48
C LYS A 930 60.90 -6.64 -19.66
N ILE A 931 60.91 -7.10 -18.42
CA ILE A 931 59.74 -6.91 -17.55
C ILE A 931 59.47 -5.43 -17.35
N GLN A 932 60.53 -4.66 -17.09
CA GLN A 932 60.36 -3.23 -16.90
C GLN A 932 59.75 -2.59 -18.14
N ASP A 933 60.26 -2.94 -19.32
CA ASP A 933 59.75 -2.36 -20.55
C ASP A 933 58.30 -2.77 -20.80
N SER A 934 57.97 -4.03 -20.54
CA SER A 934 56.60 -4.49 -20.75
C SER A 934 55.64 -3.75 -19.83
N LEU A 935 56.02 -3.54 -18.58
CA LEU A 935 55.14 -2.81 -17.66
C LEU A 935 55.04 -1.34 -18.06
N SER A 936 56.14 -0.76 -18.57
CA SER A 936 56.13 0.65 -18.93
C SER A 936 55.36 0.92 -20.21
N SER A 937 55.29 -0.06 -21.12
CA SER A 937 54.67 0.13 -22.43
C SER A 937 53.23 -0.35 -22.46
N THR A 938 52.99 -1.62 -22.14
CA THR A 938 51.66 -2.21 -22.25
C THR A 938 50.80 -1.74 -21.10
N ALA A 939 49.90 -0.80 -21.38
CA ALA A 939 48.95 -0.34 -20.36
C ALA A 939 47.95 -1.43 -19.98
N SER A 940 47.72 -2.40 -20.85
CA SER A 940 46.79 -3.50 -20.59
C SER A 940 47.49 -4.69 -19.94
N ALA A 941 48.17 -4.43 -18.83
CA ALA A 941 48.88 -5.45 -18.08
C ALA A 941 48.28 -5.69 -16.70
N LEU A 942 48.13 -4.63 -15.90
CA LEU A 942 47.54 -4.75 -14.57
C LEU A 942 46.01 -4.82 -14.68
N GLY A 943 45.55 -5.85 -15.39
CA GLY A 943 44.13 -5.98 -15.62
C GLY A 943 43.36 -6.29 -14.34
N LYS A 944 43.91 -7.14 -13.49
CA LYS A 944 43.16 -7.61 -12.32
C LYS A 944 42.97 -6.51 -11.30
N LEU A 945 44.06 -5.79 -10.96
CA LEU A 945 43.94 -4.72 -9.98
C LEU A 945 43.02 -3.61 -10.48
N GLN A 946 43.18 -3.23 -11.75
CA GLN A 946 42.33 -2.19 -12.31
C GLN A 946 40.88 -2.62 -12.33
N ASP A 947 40.63 -3.90 -12.63
CA ASP A 947 39.26 -4.39 -12.62
C ASP A 947 38.67 -4.36 -11.21
N VAL A 948 39.46 -4.72 -10.21
CA VAL A 948 38.97 -4.65 -8.83
C VAL A 948 38.58 -3.22 -8.49
N VAL A 949 39.48 -2.27 -8.77
CA VAL A 949 39.20 -0.89 -8.43
C VAL A 949 37.96 -0.38 -9.18
N ASN A 950 37.87 -0.71 -10.47
CA ASN A 950 36.73 -0.25 -11.26
C ASN A 950 35.43 -0.86 -10.76
N GLN A 951 35.46 -2.14 -10.39
CA GLN A 951 34.24 -2.76 -9.90
C GLN A 951 33.78 -2.12 -8.60
N ASN A 952 34.71 -1.83 -7.69
CA ASN A 952 34.32 -1.18 -6.44
C ASN A 952 33.75 0.22 -6.71
N ALA A 953 34.42 1.00 -7.56
CA ALA A 953 33.94 2.35 -7.85
C ALA A 953 32.59 2.30 -8.54
N GLN A 954 32.39 1.33 -9.44
CA GLN A 954 31.12 1.19 -10.13
C GLN A 954 30.01 0.80 -9.18
N ALA A 955 30.30 -0.07 -8.21
CA ALA A 955 29.29 -0.40 -7.22
C ALA A 955 28.91 0.82 -6.39
N LEU A 956 29.88 1.62 -5.98
CA LEU A 956 29.56 2.83 -5.23
C LEU A 956 28.73 3.79 -6.07
N ASN A 957 29.09 3.95 -7.36
CA ASN A 957 28.35 4.85 -8.22
C ASN A 957 26.91 4.36 -8.39
N THR A 958 26.72 3.06 -8.56
CA THR A 958 25.36 2.53 -8.67
C THR A 958 24.58 2.79 -7.40
N LEU A 959 25.21 2.57 -6.24
CA LEU A 959 24.52 2.80 -4.98
C LEU A 959 24.10 4.26 -4.85
N VAL A 960 24.97 5.18 -5.26
CA VAL A 960 24.63 6.60 -5.18
C VAL A 960 23.51 6.93 -6.15
N LYS A 961 23.61 6.45 -7.39
CA LYS A 961 22.57 6.74 -8.37
C LYS A 961 21.23 6.19 -7.94
N GLN A 962 21.22 5.14 -7.11
CA GLN A 962 19.95 4.62 -6.63
C GLN A 962 19.18 5.64 -5.81
N LEU A 963 19.84 6.69 -5.33
CA LEU A 963 19.15 7.72 -4.56
C LEU A 963 18.22 8.56 -5.41
N SER A 964 18.40 8.57 -6.72
CA SER A 964 17.61 9.42 -7.59
C SER A 964 16.33 8.76 -8.09
N SER A 965 16.04 7.54 -7.66
CA SER A 965 14.86 6.82 -8.11
C SER A 965 13.69 7.09 -7.17
N ASN A 966 12.51 7.27 -7.75
CA ASN A 966 11.33 7.62 -6.97
C ASN A 966 10.76 6.41 -6.22
N PHE A 967 10.99 5.20 -6.72
CA PHE A 967 10.45 3.99 -6.12
C PHE A 967 8.94 4.06 -5.94
N GLY A 968 8.27 4.94 -6.68
CA GLY A 968 6.85 5.16 -6.54
C GLY A 968 6.48 6.42 -5.79
N ALA A 969 7.43 7.03 -5.08
CA ALA A 969 7.15 8.28 -4.41
C ALA A 969 7.02 9.41 -5.43
N ILE A 970 6.37 10.50 -5.02
CA ILE A 970 6.18 11.62 -5.93
C ILE A 970 7.52 12.26 -6.28
N SER A 971 8.46 12.29 -5.35
CA SER A 971 9.76 12.90 -5.59
C SER A 971 10.82 12.13 -4.84
N SER A 972 12.03 12.11 -5.41
CA SER A 972 13.17 11.43 -4.81
C SER A 972 13.98 12.33 -3.88
N VAL A 973 13.55 13.57 -3.68
CA VAL A 973 14.22 14.50 -2.78
C VAL A 973 13.41 14.56 -1.50
N LEU A 974 14.04 14.19 -0.39
CA LEU A 974 13.30 14.12 0.87
C LEU A 974 12.78 15.48 1.29
N ASN A 975 13.61 16.52 1.14
CA ASN A 975 13.20 17.85 1.58
C ASN A 975 12.03 18.37 0.77
N ASP A 976 11.95 18.03 -0.51
CA ASP A 976 10.80 18.45 -1.32
C ASP A 976 9.51 17.86 -0.76
N ILE A 977 9.51 16.57 -0.41
CA ILE A 977 8.31 15.97 0.16
C ILE A 977 8.01 16.61 1.51
N LEU A 978 9.03 16.79 2.35
CA LEU A 978 8.79 17.35 3.67
C LEU A 978 8.23 18.76 3.59
N SER A 979 8.67 19.54 2.61
CA SER A 979 8.27 20.94 2.48
C SER A 979 7.03 21.14 1.64
N ARG A 980 6.38 20.05 1.20
CA ARG A 980 5.18 20.17 0.38
C ARG A 980 4.05 19.26 0.84
N LEU A 981 4.14 18.68 2.02
CA LEU A 981 3.06 17.85 2.53
C LEU A 981 3.06 17.88 4.05
N ASP A 982 1.89 17.58 4.62
CA ASP A 982 1.82 17.39 6.05
C ASP A 982 2.31 16.00 6.42
N PRO A 983 2.82 15.81 7.64
CA PRO A 983 3.45 14.53 7.98
C PRO A 983 2.49 13.36 7.76
N PRO A 984 1.21 13.50 8.11
CA PRO A 984 0.30 12.36 7.90
C PRO A 984 0.21 11.93 6.45
N GLU A 985 0.46 12.82 5.50
CA GLU A 985 0.46 12.46 4.09
C GLU A 985 1.86 12.15 3.59
N ALA A 986 2.86 12.88 4.07
CA ALA A 986 4.23 12.65 3.61
C ALA A 986 4.81 11.34 4.12
N GLU A 987 4.21 10.76 5.16
CA GLU A 987 4.78 9.54 5.72
C GLU A 987 4.72 8.39 4.73
N VAL A 988 3.67 8.32 3.92
CA VAL A 988 3.58 7.23 2.94
C VAL A 988 4.69 7.34 1.92
N GLN A 989 4.91 8.54 1.39
CA GLN A 989 5.98 8.73 0.41
C GLN A 989 7.34 8.44 1.03
N ILE A 990 7.56 8.92 2.26
CA ILE A 990 8.84 8.70 2.89
C ILE A 990 9.05 7.21 3.16
N ASP A 991 7.99 6.49 3.50
CA ASP A 991 8.12 5.05 3.70
C ASP A 991 8.47 4.35 2.39
N ARG A 992 7.86 4.77 1.29
CA ARG A 992 8.22 4.19 0.00
C ARG A 992 9.70 4.40 -0.29
N LEU A 993 10.17 5.64 -0.11
CA LEU A 993 11.57 5.92 -0.38
C LEU A 993 12.48 5.14 0.56
N ILE A 994 12.08 5.02 1.84
CA ILE A 994 12.90 4.28 2.80
C ILE A 994 13.01 2.82 2.39
N THR A 995 11.90 2.21 2.00
CA THR A 995 11.95 0.81 1.59
C THR A 995 12.83 0.65 0.36
N GLY A 996 12.69 1.55 -0.62
CA GLY A 996 13.51 1.43 -1.82
C GLY A 996 14.99 1.56 -1.53
N ARG A 997 15.36 2.58 -0.74
CA ARG A 997 16.77 2.80 -0.46
C ARG A 997 17.34 1.71 0.42
N LEU A 998 16.55 1.19 1.35
CA LEU A 998 17.02 0.09 2.19
C LEU A 998 17.26 -1.16 1.34
N GLN A 999 16.37 -1.43 0.40
CA GLN A 999 16.60 -2.55 -0.52
C GLN A 999 17.87 -2.34 -1.31
N SER A 1000 18.09 -1.14 -1.81
CA SER A 1000 19.31 -0.86 -2.57
C SER A 1000 20.55 -1.07 -1.71
N LEU A 1001 20.52 -0.58 -0.48
CA LEU A 1001 21.68 -0.70 0.39
C LEU A 1001 21.95 -2.15 0.76
N GLN A 1002 20.90 -2.93 1.01
CA GLN A 1002 21.11 -4.35 1.29
C GLN A 1002 21.70 -5.08 0.09
N THR A 1003 21.23 -4.75 -1.11
CA THR A 1003 21.82 -5.35 -2.29
C THR A 1003 23.30 -5.01 -2.41
N TYR A 1004 23.63 -3.74 -2.16
CA TYR A 1004 25.04 -3.34 -2.21
C TYR A 1004 25.86 -4.08 -1.18
N VAL A 1005 25.32 -4.25 0.04
CA VAL A 1005 26.06 -4.93 1.08
C VAL A 1005 26.29 -6.39 0.71
N THR A 1006 25.28 -7.05 0.16
CA THR A 1006 25.47 -8.45 -0.25
C THR A 1006 26.52 -8.55 -1.36
N GLN A 1007 26.46 -7.64 -2.34
CA GLN A 1007 27.47 -7.65 -3.38
C GLN A 1007 28.86 -7.47 -2.78
N GLN A 1008 28.99 -6.56 -1.83
CA GLN A 1008 30.30 -6.33 -1.21
C GLN A 1008 30.76 -7.55 -0.42
N LEU A 1009 29.84 -8.24 0.26
CA LEU A 1009 30.22 -9.43 1.00
C LEU A 1009 30.76 -10.50 0.06
N ILE A 1010 30.07 -10.73 -1.07
CA ILE A 1010 30.53 -11.75 -1.99
C ILE A 1010 31.86 -11.34 -2.63
N ARG A 1011 31.98 -10.08 -3.02
CA ARG A 1011 33.23 -9.63 -3.63
C ARG A 1011 34.38 -9.69 -2.63
N ALA A 1012 34.11 -9.38 -1.36
CA ALA A 1012 35.14 -9.48 -0.34
C ALA A 1012 35.54 -10.93 -0.11
N ALA A 1013 34.59 -11.86 -0.21
CA ALA A 1013 34.96 -13.27 -0.14
C ALA A 1013 35.87 -13.65 -1.30
N GLU A 1014 35.56 -13.17 -2.50
CA GLU A 1014 36.44 -13.44 -3.64
C GLU A 1014 37.83 -12.88 -3.39
N ILE A 1015 37.91 -11.64 -2.92
CA ILE A 1015 39.22 -11.02 -2.68
C ILE A 1015 39.95 -11.75 -1.56
N ARG A 1016 39.22 -12.25 -0.57
CA ARG A 1016 39.88 -12.99 0.50
C ARG A 1016 40.47 -14.29 -0.02
N ALA A 1017 39.76 -14.97 -0.92
CA ALA A 1017 40.34 -16.16 -1.53
C ALA A 1017 41.59 -15.80 -2.32
N SER A 1018 41.54 -14.70 -3.07
CA SER A 1018 42.72 -14.28 -3.83
C SER A 1018 43.87 -13.91 -2.89
N ALA A 1019 43.56 -13.30 -1.74
CA ALA A 1019 44.61 -12.88 -0.83
C ALA A 1019 45.22 -14.08 -0.12
N ASN A 1020 44.42 -15.09 0.21
CA ASN A 1020 44.97 -16.32 0.76
C ASN A 1020 45.86 -17.01 -0.26
N LEU A 1021 45.45 -17.02 -1.53
CA LEU A 1021 46.31 -17.57 -2.57
C LEU A 1021 47.61 -16.79 -2.69
N ALA A 1022 47.54 -15.46 -2.60
CA ALA A 1022 48.74 -14.64 -2.71
C ALA A 1022 49.66 -14.87 -1.51
N ALA A 1023 49.09 -15.01 -0.32
CA ALA A 1023 49.90 -15.32 0.85
C ALA A 1023 50.57 -16.66 0.68
N THR A 1024 49.86 -17.65 0.15
CA THR A 1024 50.48 -18.95 -0.08
C THR A 1024 51.62 -18.84 -1.09
N LYS A 1025 51.41 -18.09 -2.16
CA LYS A 1025 52.47 -17.92 -3.15
C LYS A 1025 53.68 -17.23 -2.53
N MET A 1026 53.44 -16.21 -1.72
CA MET A 1026 54.52 -15.52 -1.03
C MET A 1026 55.29 -16.48 -0.14
N SER A 1027 54.57 -17.26 0.67
CA SER A 1027 55.22 -18.14 1.62
C SER A 1027 56.01 -19.25 0.92
N GLU A 1028 55.46 -19.79 -0.17
CA GLU A 1028 56.02 -21.00 -0.76
C GLU A 1028 56.94 -20.74 -1.94
N CYS A 1029 56.90 -19.55 -2.53
CA CYS A 1029 57.80 -19.19 -3.62
C CYS A 1029 58.90 -18.26 -3.17
N VAL A 1030 58.56 -17.16 -2.50
CA VAL A 1030 59.56 -16.18 -2.10
C VAL A 1030 60.39 -16.72 -0.94
N LEU A 1031 59.73 -17.08 0.16
CA LEU A 1031 60.46 -17.55 1.34
C LEU A 1031 61.17 -18.87 1.08
N GLY A 1032 60.86 -19.57 -0.01
CA GLY A 1032 61.56 -20.78 -0.34
C GLY A 1032 61.22 -21.27 -1.73
N GLN A 1033 62.14 -21.99 -2.35
CA GLN A 1033 61.87 -22.57 -3.67
C GLN A 1033 60.77 -23.60 -3.56
N SER A 1034 59.91 -23.66 -4.57
CA SER A 1034 58.80 -24.59 -4.60
C SER A 1034 58.90 -25.47 -5.84
N LYS A 1035 58.65 -26.77 -5.66
CA LYS A 1035 58.63 -27.72 -6.75
C LYS A 1035 57.24 -27.92 -7.34
N ARG A 1036 56.23 -27.22 -6.82
CA ARG A 1036 54.90 -27.32 -7.37
C ARG A 1036 54.87 -26.79 -8.80
N VAL A 1037 54.43 -27.63 -9.73
CA VAL A 1037 54.51 -27.27 -11.14
C VAL A 1037 53.59 -26.09 -11.42
N ASP A 1038 54.11 -25.10 -12.16
CA ASP A 1038 53.36 -23.92 -12.59
C ASP A 1038 52.79 -23.12 -11.43
N PHE A 1039 53.15 -23.45 -10.18
CA PHE A 1039 52.63 -22.67 -9.06
C PHE A 1039 53.35 -21.34 -8.93
N CYS A 1040 54.67 -21.34 -9.15
CA CYS A 1040 55.46 -20.12 -9.06
C CYS A 1040 56.03 -19.77 -10.44
N GLY A 1041 55.21 -19.88 -11.47
CA GLY A 1041 55.61 -19.44 -12.81
C GLY A 1041 55.95 -20.59 -13.74
N LYS A 1042 55.52 -20.47 -15.00
CA LYS A 1042 55.71 -21.56 -15.95
C LYS A 1042 57.19 -21.90 -16.10
N GLY A 1043 57.50 -23.18 -16.02
CA GLY A 1043 58.86 -23.66 -16.06
C GLY A 1043 59.34 -24.09 -14.69
N TYR A 1044 60.58 -24.57 -14.65
CA TYR A 1044 61.21 -24.88 -13.38
C TYR A 1044 61.45 -23.59 -12.61
N HIS A 1045 61.33 -23.66 -11.29
CA HIS A 1045 61.33 -22.47 -10.44
C HIS A 1045 62.64 -22.35 -9.71
N LEU A 1046 63.24 -21.15 -9.78
CA LEU A 1046 64.46 -20.83 -9.06
C LEU A 1046 64.18 -19.98 -7.82
N MET A 1047 63.44 -18.89 -7.99
CA MET A 1047 63.14 -17.98 -6.89
C MET A 1047 62.05 -17.02 -7.35
N SER A 1048 61.63 -16.14 -6.44
CA SER A 1048 60.63 -15.15 -6.77
C SER A 1048 60.94 -13.88 -6.01
N PHE A 1049 60.64 -12.74 -6.63
CA PHE A 1049 60.85 -11.45 -6.01
C PHE A 1049 59.51 -10.73 -5.92
N PRO A 1050 59.01 -10.42 -4.73
CA PRO A 1050 57.72 -9.74 -4.62
C PRO A 1050 57.85 -8.24 -4.84
N GLN A 1051 56.72 -7.64 -5.19
CA GLN A 1051 56.61 -6.20 -5.34
C GLN A 1051 55.23 -5.78 -4.90
N SER A 1052 55.14 -4.63 -4.25
CA SER A 1052 53.83 -4.09 -3.92
C SER A 1052 53.15 -3.58 -5.18
N ALA A 1053 51.86 -3.26 -5.04
CA ALA A 1053 51.14 -2.59 -6.11
C ALA A 1053 49.82 -2.09 -5.53
N PRO A 1054 49.21 -1.09 -6.15
CA PRO A 1054 47.97 -0.55 -5.57
C PRO A 1054 46.93 -1.63 -5.33
N HIS A 1055 46.63 -1.89 -4.07
CA HIS A 1055 45.65 -2.91 -3.70
C HIS A 1055 46.01 -4.26 -4.29
N GLY A 1056 47.29 -4.64 -4.18
CA GLY A 1056 47.68 -5.95 -4.66
C GLY A 1056 49.18 -6.15 -4.60
N VAL A 1057 49.58 -7.33 -5.07
CA VAL A 1057 50.98 -7.73 -5.09
C VAL A 1057 51.33 -8.23 -6.49
N VAL A 1058 52.62 -8.19 -6.80
CA VAL A 1058 53.13 -8.58 -8.11
C VAL A 1058 54.40 -9.37 -7.89
N PHE A 1059 54.38 -10.65 -8.21
CA PHE A 1059 55.57 -11.49 -8.12
C PHE A 1059 56.31 -11.50 -9.44
N LEU A 1060 57.63 -11.44 -9.36
CA LEU A 1060 58.50 -11.69 -10.50
C LEU A 1060 59.12 -13.06 -10.27
N HIS A 1061 58.59 -14.07 -10.95
CA HIS A 1061 59.05 -15.44 -10.80
C HIS A 1061 60.21 -15.69 -11.75
N VAL A 1062 61.37 -16.02 -11.21
CA VAL A 1062 62.51 -16.43 -12.01
C VAL A 1062 62.39 -17.93 -12.26
N THR A 1063 62.46 -18.33 -13.52
CA THR A 1063 62.23 -19.70 -13.92
C THR A 1063 63.30 -20.16 -14.89
N TYR A 1064 63.66 -21.44 -14.79
CA TYR A 1064 64.70 -22.05 -15.62
C TYR A 1064 64.01 -22.94 -16.66
N VAL A 1065 64.07 -22.54 -17.92
CA VAL A 1065 63.34 -23.21 -19.00
C VAL A 1065 64.35 -23.79 -19.97
N PRO A 1066 64.47 -25.11 -20.10
CA PRO A 1066 65.37 -25.67 -21.12
C PRO A 1066 64.95 -25.23 -22.52
N ALA A 1067 65.93 -24.93 -23.36
CA ALA A 1067 65.67 -24.30 -24.65
C ALA A 1067 66.09 -25.16 -25.83
N GLN A 1068 67.36 -25.53 -25.92
CA GLN A 1068 67.90 -26.18 -27.12
C GLN A 1068 68.10 -27.66 -26.85
N GLU A 1069 67.29 -28.49 -27.49
CA GLU A 1069 67.34 -29.94 -27.30
C GLU A 1069 67.98 -30.64 -28.48
N LYS A 1070 68.57 -31.80 -28.20
CA LYS A 1070 69.14 -32.67 -29.22
C LYS A 1070 68.58 -34.07 -29.04
N ASN A 1071 68.35 -34.74 -30.16
CA ASN A 1071 67.93 -36.14 -30.15
C ASN A 1071 69.09 -37.04 -29.75
N PHE A 1072 68.77 -38.16 -29.11
CA PHE A 1072 69.76 -39.16 -28.76
C PHE A 1072 69.08 -40.51 -28.71
N THR A 1073 69.88 -41.55 -28.90
CA THR A 1073 69.42 -42.93 -28.80
C THR A 1073 69.69 -43.41 -27.38
N THR A 1074 68.64 -43.64 -26.61
CA THR A 1074 68.75 -43.97 -25.21
C THR A 1074 68.73 -45.49 -25.01
N ALA A 1075 68.75 -45.89 -23.75
CA ALA A 1075 68.68 -47.29 -23.38
C ALA A 1075 68.43 -47.41 -21.88
N PRO A 1076 67.48 -48.24 -21.45
CA PRO A 1076 67.19 -48.29 -20.01
C PRO A 1076 68.36 -48.71 -19.16
N ALA A 1077 69.21 -49.59 -19.67
CA ALA A 1077 70.32 -50.12 -18.88
C ALA A 1077 71.41 -50.58 -19.84
N ILE A 1078 72.54 -50.99 -19.28
CA ILE A 1078 73.70 -51.40 -20.08
C ILE A 1078 74.32 -52.63 -19.44
N CYS A 1079 74.62 -53.63 -20.27
CA CYS A 1079 75.21 -54.88 -19.81
C CYS A 1079 76.71 -54.85 -20.04
N HIS A 1080 77.48 -55.11 -18.98
CA HIS A 1080 78.93 -55.12 -19.06
C HIS A 1080 79.48 -56.52 -18.93
N ASP A 1081 79.16 -57.22 -17.85
CA ASP A 1081 79.65 -58.57 -17.59
C ASP A 1081 78.50 -59.47 -17.16
N GLY A 1082 77.41 -59.41 -17.92
CA GLY A 1082 76.21 -60.13 -17.55
C GLY A 1082 75.40 -59.48 -16.46
N LYS A 1083 75.77 -58.29 -16.03
CA LYS A 1083 75.06 -57.56 -14.97
C LYS A 1083 74.51 -56.27 -15.56
N ALA A 1084 73.19 -56.08 -15.44
CA ALA A 1084 72.58 -54.85 -15.90
C ALA A 1084 73.02 -53.69 -15.02
N HIS A 1085 73.31 -52.55 -15.64
CA HIS A 1085 73.73 -51.35 -14.95
C HIS A 1085 72.69 -50.26 -15.17
N PHE A 1086 72.33 -49.57 -14.10
CA PHE A 1086 71.37 -48.47 -14.20
C PHE A 1086 71.99 -47.19 -13.66
N PRO A 1087 71.65 -46.04 -14.22
CA PRO A 1087 72.27 -44.79 -13.78
C PRO A 1087 71.78 -44.38 -12.40
N ARG A 1088 72.61 -43.64 -11.68
CA ARG A 1088 72.19 -43.11 -10.39
C ARG A 1088 71.31 -41.88 -10.57
N GLU A 1089 71.86 -40.81 -11.13
CA GLU A 1089 71.13 -39.56 -11.39
C GLU A 1089 71.42 -39.17 -12.83
N GLY A 1090 70.62 -39.67 -13.76
CA GLY A 1090 70.83 -39.36 -15.15
C GLY A 1090 70.23 -40.45 -16.04
N VAL A 1091 70.63 -40.41 -17.31
CA VAL A 1091 70.08 -41.28 -18.33
C VAL A 1091 71.18 -41.60 -19.32
N PHE A 1092 71.09 -42.79 -19.91
CA PHE A 1092 72.07 -43.24 -20.89
C PHE A 1092 71.71 -42.72 -22.27
N VAL A 1093 72.63 -42.02 -22.91
CA VAL A 1093 72.44 -41.50 -24.26
C VAL A 1093 73.70 -41.73 -25.06
N SER A 1094 73.54 -41.86 -26.37
CA SER A 1094 74.65 -42.11 -27.27
C SER A 1094 74.52 -41.24 -28.51
N ASN A 1095 75.65 -40.72 -28.97
CA ASN A 1095 75.70 -39.96 -30.21
C ASN A 1095 75.86 -40.84 -31.43
N GLY A 1096 75.58 -42.14 -31.31
CA GLY A 1096 75.63 -43.04 -32.44
C GLY A 1096 76.54 -44.23 -32.22
N THR A 1097 77.69 -44.02 -31.59
CA THR A 1097 78.67 -45.08 -31.40
C THR A 1097 79.10 -45.24 -29.95
N HIS A 1098 79.18 -44.15 -29.20
CA HIS A 1098 79.66 -44.19 -27.82
C HIS A 1098 78.55 -43.80 -26.87
N TRP A 1099 78.48 -44.48 -25.74
CA TRP A 1099 77.45 -44.28 -24.73
C TRP A 1099 77.98 -43.48 -23.56
N PHE A 1100 77.13 -42.61 -23.02
CA PHE A 1100 77.46 -41.82 -21.85
C PHE A 1100 76.22 -41.76 -20.96
N VAL A 1101 76.43 -41.35 -19.72
CA VAL A 1101 75.35 -41.13 -18.77
C VAL A 1101 75.34 -39.65 -18.44
N THR A 1102 74.22 -38.99 -18.71
CA THR A 1102 74.14 -37.54 -18.56
C THR A 1102 72.90 -37.18 -17.73
N GLN A 1103 73.02 -36.07 -17.01
CA GLN A 1103 71.92 -35.60 -16.20
C GLN A 1103 70.72 -35.25 -17.08
N ARG A 1104 69.52 -35.33 -16.51
CA ARG A 1104 68.30 -35.33 -17.30
C ARG A 1104 67.96 -33.97 -17.92
N ASN A 1105 68.55 -32.87 -17.43
CA ASN A 1105 68.14 -31.54 -17.86
C ASN A 1105 69.25 -30.75 -18.53
N PHE A 1106 70.40 -31.37 -18.81
CA PHE A 1106 71.50 -30.65 -19.43
C PHE A 1106 72.48 -31.66 -19.97
N TYR A 1107 72.77 -31.58 -21.26
CA TYR A 1107 73.64 -32.57 -21.90
C TYR A 1107 75.07 -32.34 -21.44
N GLU A 1108 75.50 -33.13 -20.46
CA GLU A 1108 76.88 -33.10 -19.95
C GLU A 1108 77.38 -34.53 -19.92
N PRO A 1109 77.75 -35.09 -21.08
CA PRO A 1109 78.11 -36.50 -21.13
C PRO A 1109 79.33 -36.82 -20.30
N GLN A 1110 79.33 -38.03 -19.74
CA GLN A 1110 80.46 -38.52 -18.96
C GLN A 1110 80.65 -40.00 -19.27
N ILE A 1111 81.90 -40.45 -19.16
CA ILE A 1111 82.21 -41.85 -19.39
C ILE A 1111 81.45 -42.71 -18.37
N ILE A 1112 80.97 -43.86 -18.81
CA ILE A 1112 80.21 -44.75 -17.95
C ILE A 1112 81.18 -45.50 -17.05
N THR A 1113 81.05 -45.31 -15.74
CA THR A 1113 81.90 -45.98 -14.77
C THR A 1113 81.01 -46.82 -13.85
N THR A 1114 81.63 -47.38 -12.81
CA THR A 1114 80.88 -48.09 -11.79
C THR A 1114 80.32 -47.17 -10.71
N ASP A 1115 80.72 -45.90 -10.70
CA ASP A 1115 80.18 -44.96 -9.73
C ASP A 1115 78.79 -44.49 -10.16
N ASN A 1116 78.68 -43.92 -11.36
CA ASN A 1116 77.42 -43.38 -11.82
C ASN A 1116 76.36 -44.45 -12.02
N THR A 1117 76.74 -45.72 -12.07
CA THR A 1117 75.81 -46.80 -12.34
C THR A 1117 75.87 -47.83 -11.22
N PHE A 1118 74.71 -48.37 -10.87
CA PHE A 1118 74.60 -49.45 -9.89
C PHE A 1118 74.00 -50.68 -10.57
N VAL A 1119 74.40 -51.84 -10.09
CA VAL A 1119 74.07 -53.10 -10.73
C VAL A 1119 72.81 -53.68 -10.09
N SER A 1120 72.10 -54.50 -10.86
CA SER A 1120 70.90 -55.17 -10.34
C SER A 1120 70.66 -56.43 -11.16
N GLY A 1121 71.00 -57.58 -10.61
CA GLY A 1121 70.70 -58.83 -11.27
C GLY A 1121 71.45 -58.99 -12.59
N ASN A 1122 70.89 -59.84 -13.45
CA ASN A 1122 71.48 -60.16 -14.73
C ASN A 1122 70.77 -59.37 -15.83
N CYS A 1123 71.11 -59.67 -17.08
CA CYS A 1123 70.63 -58.94 -18.25
C CYS A 1123 69.64 -59.76 -19.08
N ASP A 1124 68.77 -60.50 -18.40
CA ASP A 1124 67.77 -61.31 -19.07
C ASP A 1124 66.35 -60.76 -18.94
N VAL A 1125 66.12 -59.78 -18.07
CA VAL A 1125 64.78 -59.30 -17.77
C VAL A 1125 64.57 -57.87 -18.25
N VAL A 1126 65.60 -57.02 -18.19
CA VAL A 1126 65.44 -55.61 -18.52
C VAL A 1126 65.14 -55.50 -20.00
N ILE A 1127 63.92 -55.06 -20.34
CA ILE A 1127 63.54 -54.89 -21.73
C ILE A 1127 64.29 -53.71 -22.33
N GLY A 1128 64.76 -53.88 -23.57
CA GLY A 1128 65.42 -52.81 -24.28
C GLY A 1128 66.86 -52.58 -23.91
N ILE A 1129 67.46 -53.48 -23.13
CA ILE A 1129 68.84 -53.28 -22.69
C ILE A 1129 69.77 -53.35 -23.89
N VAL A 1130 70.93 -52.71 -23.74
CA VAL A 1130 71.92 -52.64 -24.82
C VAL A 1130 73.28 -52.99 -24.24
N ASN A 1131 74.18 -53.41 -25.13
CA ASN A 1131 75.52 -53.82 -24.74
C ASN A 1131 76.48 -52.65 -24.79
N ASN A 1132 77.47 -52.69 -23.91
CA ASN A 1132 78.55 -51.71 -23.89
C ASN A 1132 79.55 -52.12 -22.82
N THR A 1133 80.70 -51.48 -22.83
CA THR A 1133 81.76 -51.72 -21.86
C THR A 1133 81.70 -50.64 -20.79
N VAL A 1134 81.56 -51.06 -19.54
CA VAL A 1134 81.48 -50.13 -18.41
C VAL A 1134 82.88 -49.97 -17.83
N TYR A 1135 83.40 -48.74 -17.89
CA TYR A 1135 84.74 -48.47 -17.42
C TYR A 1135 84.84 -48.66 -15.91
N ASP A 1136 86.01 -49.06 -15.46
CA ASP A 1136 86.28 -49.26 -14.04
C ASP A 1136 87.42 -48.33 -13.60
N PRO A 1137 87.13 -47.23 -12.90
CA PRO A 1137 88.23 -46.32 -12.52
C PRO A 1137 89.29 -46.98 -11.67
N LEU A 1138 88.93 -47.97 -10.85
CA LEU A 1138 89.87 -48.59 -9.94
C LEU A 1138 90.84 -49.54 -10.64
N GLN A 1139 90.47 -50.06 -11.81
CA GLN A 1139 91.33 -51.03 -12.50
C GLN A 1139 92.69 -50.44 -12.89
N PRO A 1140 92.77 -49.28 -13.54
CA PRO A 1140 94.11 -48.77 -13.91
C PRO A 1140 95.01 -48.56 -12.72
N GLU A 1141 94.46 -48.10 -11.59
CA GLU A 1141 95.27 -47.94 -10.40
C GLU A 1141 95.67 -49.30 -9.82
N LEU A 1142 94.79 -50.30 -9.94
CA LEU A 1142 95.16 -51.65 -9.51
C LEU A 1142 96.35 -52.16 -10.33
N ASP A 1143 96.35 -51.90 -11.63
CA ASP A 1143 97.46 -52.34 -12.46
C ASP A 1143 98.77 -51.70 -12.01
N SER A 1144 98.75 -50.41 -11.69
CA SER A 1144 99.94 -49.72 -11.23
C SER A 1144 100.15 -49.95 -9.74
N PRO B 25 -28.12 -54.72 5.22
CA PRO B 25 -26.79 -55.32 5.41
C PRO B 25 -25.67 -54.51 4.76
N PRO B 26 -25.26 -53.42 5.41
CA PRO B 26 -24.18 -52.60 4.85
C PRO B 26 -22.81 -53.23 5.05
N ALA B 27 -22.19 -53.68 3.97
CA ALA B 27 -20.87 -54.30 4.05
C ALA B 27 -19.79 -53.22 3.89
N TYR B 28 -18.53 -53.62 3.88
CA TYR B 28 -17.42 -52.68 3.79
C TYR B 28 -16.38 -53.20 2.82
N THR B 29 -15.64 -52.27 2.21
CA THR B 29 -14.60 -52.64 1.26
C THR B 29 -13.50 -51.59 1.26
N ASN B 30 -12.34 -51.99 0.73
CA ASN B 30 -11.21 -51.06 0.60
C ASN B 30 -11.31 -50.32 -0.72
N SER B 31 -11.11 -49.00 -0.67
CA SER B 31 -11.27 -48.18 -1.87
C SER B 31 -10.17 -48.41 -2.89
N PHE B 32 -9.02 -48.91 -2.48
CA PHE B 32 -7.87 -49.13 -3.38
C PHE B 32 -7.54 -47.78 -4.01
N THR B 33 -7.36 -47.68 -5.32
CA THR B 33 -6.89 -46.45 -5.96
C THR B 33 -7.90 -45.90 -6.94
N ARG B 34 -9.17 -45.85 -6.55
CA ARG B 34 -10.22 -45.25 -7.36
C ARG B 34 -10.58 -43.87 -6.83
N GLY B 35 -11.39 -43.16 -7.60
CA GLY B 35 -11.83 -41.84 -7.22
C GLY B 35 -10.92 -40.71 -7.64
N VAL B 36 -10.01 -40.95 -8.58
CA VAL B 36 -9.15 -39.90 -9.11
C VAL B 36 -9.83 -39.32 -10.34
N TYR B 37 -10.27 -38.07 -10.24
CA TYR B 37 -10.97 -37.40 -11.31
C TYR B 37 -10.24 -36.11 -11.67
N TYR B 38 -10.25 -35.78 -12.96
CA TYR B 38 -9.61 -34.55 -13.42
C TYR B 38 -10.14 -33.38 -12.62
N PRO B 39 -9.29 -32.70 -11.83
CA PRO B 39 -9.79 -31.56 -11.05
C PRO B 39 -10.33 -30.43 -11.89
N ASP B 40 -9.95 -30.36 -13.16
CA ASP B 40 -10.42 -29.32 -14.06
C ASP B 40 -10.26 -29.83 -15.49
N LYS B 41 -10.50 -28.95 -16.46
CA LYS B 41 -10.43 -29.30 -17.87
C LYS B 41 -9.15 -28.83 -18.53
N VAL B 42 -8.16 -28.40 -17.75
CA VAL B 42 -6.90 -27.92 -18.30
C VAL B 42 -6.07 -29.10 -18.78
N PHE B 43 -5.61 -29.03 -20.02
CA PHE B 43 -4.75 -30.07 -20.55
C PHE B 43 -3.34 -29.94 -19.99
N ARG B 44 -2.72 -31.08 -19.70
CA ARG B 44 -1.34 -31.12 -19.23
C ARG B 44 -0.70 -32.40 -19.74
N SER B 45 0.63 -32.41 -19.74
CA SER B 45 1.36 -33.57 -20.26
C SER B 45 2.74 -33.66 -19.60
N SER B 46 3.09 -34.87 -19.16
CA SER B 46 4.42 -35.16 -18.65
C SER B 46 4.81 -34.18 -17.54
N VAL B 47 3.84 -33.88 -16.66
CA VAL B 47 4.06 -32.98 -15.54
C VAL B 47 3.40 -33.59 -14.31
N LEU B 48 4.11 -33.55 -13.19
CA LEU B 48 3.57 -34.00 -11.91
C LEU B 48 2.94 -32.81 -11.22
N HIS B 49 1.61 -32.78 -11.19
CA HIS B 49 0.85 -31.61 -10.76
C HIS B 49 0.27 -31.84 -9.38
N SER B 50 0.40 -30.85 -8.50
CA SER B 50 -0.13 -30.92 -7.14
C SER B 50 -1.49 -30.24 -7.13
N THR B 51 -2.51 -30.97 -6.70
CA THR B 51 -3.88 -30.48 -6.69
C THR B 51 -4.45 -30.60 -5.28
N GLN B 52 -5.08 -29.53 -4.80
CA GLN B 52 -5.72 -29.52 -3.49
C GLN B 52 -7.22 -29.38 -3.72
N ASP B 53 -7.97 -30.46 -3.52
CA ASP B 53 -9.40 -30.46 -3.77
C ASP B 53 -10.00 -31.67 -3.06
N LEU B 54 -11.28 -31.94 -3.34
CA LEU B 54 -11.98 -33.05 -2.73
C LEU B 54 -11.71 -34.33 -3.51
N PHE B 55 -11.28 -35.37 -2.80
CA PHE B 55 -10.98 -36.66 -3.41
C PHE B 55 -11.29 -37.76 -2.40
N LEU B 56 -11.44 -38.97 -2.92
CA LEU B 56 -11.61 -40.15 -2.07
C LEU B 56 -10.25 -40.58 -1.55
N PRO B 57 -10.01 -40.57 -0.24
CA PRO B 57 -8.69 -40.98 0.25
C PRO B 57 -8.35 -42.39 -0.21
N PHE B 58 -7.10 -42.57 -0.62
CA PHE B 58 -6.64 -43.88 -1.05
C PHE B 58 -6.74 -44.87 0.10
N PHE B 59 -7.21 -46.08 -0.20
CA PHE B 59 -7.34 -47.15 0.78
C PHE B 59 -8.24 -46.71 1.94
N SER B 60 -9.49 -46.42 1.60
CA SER B 60 -10.49 -45.98 2.55
C SER B 60 -11.50 -47.10 2.79
N ASN B 61 -12.50 -46.79 3.61
CA ASN B 61 -13.52 -47.75 4.03
C ASN B 61 -14.83 -47.36 3.35
N VAL B 62 -15.10 -47.96 2.19
CA VAL B 62 -16.29 -47.65 1.42
C VAL B 62 -17.40 -48.61 1.81
N THR B 63 -18.62 -48.11 1.82
CA THR B 63 -19.79 -48.93 2.14
C THR B 63 -20.24 -49.71 0.92
N TRP B 64 -20.76 -50.91 1.16
CA TRP B 64 -21.13 -51.84 0.11
C TRP B 64 -22.59 -52.24 0.27
N PHE B 65 -23.33 -52.22 -0.84
CA PHE B 65 -24.73 -52.59 -0.84
C PHE B 65 -24.99 -53.55 -1.98
N HIS B 66 -26.13 -54.24 -1.91
CA HIS B 66 -26.52 -55.22 -2.91
C HIS B 66 -27.95 -54.98 -3.36
N ALA B 67 -28.23 -55.35 -4.60
CA ALA B 67 -29.57 -55.20 -5.17
C ALA B 67 -30.29 -56.55 -5.22
N ASN B 81 -32.94 -50.37 -0.21
CA ASN B 81 -31.76 -49.52 -0.08
C ASN B 81 -32.08 -48.26 0.72
N PRO B 82 -31.29 -47.97 1.76
CA PRO B 82 -31.56 -46.79 2.58
C PRO B 82 -31.07 -45.50 1.94
N VAL B 83 -31.22 -44.40 2.67
CA VAL B 83 -30.77 -43.08 2.21
C VAL B 83 -29.51 -42.72 2.98
N LEU B 84 -28.41 -42.54 2.25
CA LEU B 84 -27.13 -42.27 2.88
C LEU B 84 -26.81 -40.78 2.86
N PRO B 85 -26.20 -40.25 3.91
CA PRO B 85 -25.87 -38.82 3.93
C PRO B 85 -24.94 -38.45 2.78
N PHE B 86 -25.18 -37.26 2.21
CA PHE B 86 -24.35 -36.78 1.12
C PHE B 86 -22.96 -36.39 1.59
N ASN B 87 -22.85 -35.85 2.81
CA ASN B 87 -21.57 -35.38 3.37
C ASN B 87 -21.06 -34.26 2.47
N ASP B 88 -19.86 -34.35 1.91
CA ASP B 88 -19.31 -33.30 1.05
C ASP B 88 -18.79 -33.89 -0.25
N GLY B 89 -19.43 -34.92 -0.76
CA GLY B 89 -19.01 -35.60 -1.96
C GLY B 89 -19.43 -37.06 -1.91
N VAL B 90 -19.78 -37.59 -3.07
CA VAL B 90 -20.23 -38.97 -3.20
C VAL B 90 -19.45 -39.64 -4.32
N TYR B 91 -19.06 -40.89 -4.10
CA TYR B 91 -18.43 -41.72 -5.12
C TYR B 91 -19.20 -43.02 -5.21
N PHE B 92 -19.97 -43.19 -6.29
CA PHE B 92 -20.84 -44.34 -6.47
C PHE B 92 -20.27 -45.20 -7.61
N ALA B 93 -19.97 -46.46 -7.31
CA ALA B 93 -19.37 -47.33 -8.31
C ALA B 93 -20.04 -48.69 -8.28
N SER B 94 -20.35 -49.24 -9.46
CA SER B 94 -21.00 -50.54 -9.53
C SER B 94 -20.53 -51.29 -10.76
N THR B 95 -20.52 -52.62 -10.65
CA THR B 95 -20.16 -53.51 -11.76
C THR B 95 -21.46 -54.07 -12.34
N GLU B 96 -21.70 -53.77 -13.61
CA GLU B 96 -22.93 -54.18 -14.29
C GLU B 96 -22.61 -54.71 -15.67
N LYS B 97 -23.60 -55.37 -16.27
CA LYS B 97 -23.48 -55.85 -17.64
C LYS B 97 -24.66 -55.49 -18.52
N SER B 98 -25.80 -55.05 -17.95
CA SER B 98 -26.94 -54.63 -18.75
C SER B 98 -27.56 -53.34 -18.22
N ASN B 99 -26.80 -52.53 -17.47
CA ASN B 99 -27.29 -51.26 -16.96
C ASN B 99 -28.50 -51.46 -16.04
N ILE B 100 -28.27 -52.23 -14.96
CA ILE B 100 -29.34 -52.49 -14.01
C ILE B 100 -29.65 -51.24 -13.19
N ILE B 101 -28.62 -50.60 -12.65
CA ILE B 101 -28.77 -49.35 -11.90
C ILE B 101 -28.72 -48.21 -12.90
N ARG B 102 -29.77 -47.38 -12.92
CA ARG B 102 -29.98 -46.47 -14.04
C ARG B 102 -30.26 -45.03 -13.60
N GLY B 103 -29.89 -44.63 -12.39
CA GLY B 103 -30.09 -43.25 -12.00
C GLY B 103 -29.81 -43.01 -10.54
N TRP B 104 -30.06 -41.76 -10.15
CA TRP B 104 -29.85 -41.31 -8.79
C TRP B 104 -30.85 -40.21 -8.45
N ILE B 105 -31.05 -40.02 -7.15
CA ILE B 105 -31.87 -38.93 -6.62
C ILE B 105 -31.04 -38.20 -5.57
N PHE B 106 -31.01 -36.87 -5.67
CA PHE B 106 -30.29 -36.02 -4.73
C PHE B 106 -31.23 -34.97 -4.17
N GLY B 107 -31.09 -34.71 -2.88
CA GLY B 107 -31.95 -33.73 -2.23
C GLY B 107 -31.78 -33.80 -0.72
N THR B 108 -32.69 -33.12 -0.03
CA THR B 108 -32.69 -33.06 1.43
C THR B 108 -33.92 -33.72 2.04
N THR B 109 -35.11 -33.36 1.58
CA THR B 109 -36.35 -33.91 2.09
C THR B 109 -36.99 -34.92 1.16
N LEU B 110 -36.90 -34.71 -0.16
CA LEU B 110 -37.45 -35.64 -1.13
C LEU B 110 -38.95 -35.87 -0.91
N ASP B 111 -39.68 -34.77 -0.69
CA ASP B 111 -41.12 -34.83 -0.47
C ASP B 111 -41.85 -33.73 -1.22
N SER B 112 -41.29 -33.28 -2.35
CA SER B 112 -41.86 -32.25 -3.20
C SER B 112 -41.93 -30.88 -2.53
N LYS B 113 -41.38 -30.74 -1.32
CA LYS B 113 -41.35 -29.44 -0.65
C LYS B 113 -40.26 -28.53 -1.20
N THR B 114 -39.30 -29.06 -1.96
CA THR B 114 -38.24 -28.27 -2.55
C THR B 114 -37.77 -28.96 -3.81
N GLN B 115 -37.05 -28.21 -4.65
CA GLN B 115 -36.52 -28.80 -5.88
C GLN B 115 -35.59 -29.96 -5.55
N SER B 116 -35.83 -31.09 -6.19
CA SER B 116 -35.05 -32.30 -5.98
C SER B 116 -34.48 -32.78 -7.30
N LEU B 117 -33.23 -33.22 -7.27
CA LEU B 117 -32.52 -33.65 -8.47
C LEU B 117 -32.81 -35.12 -8.75
N LEU B 118 -33.25 -35.39 -9.97
CA LEU B 118 -33.52 -36.76 -10.43
C LEU B 118 -32.76 -36.96 -11.74
N ILE B 119 -31.85 -37.92 -11.75
CA ILE B 119 -31.04 -38.21 -12.92
C ILE B 119 -31.30 -39.66 -13.32
N VAL B 120 -31.57 -39.88 -14.60
CA VAL B 120 -31.82 -41.22 -15.13
C VAL B 120 -31.04 -41.36 -16.43
N ASN B 121 -30.55 -42.57 -16.70
CA ASN B 121 -29.85 -42.90 -17.94
C ASN B 121 -30.45 -44.18 -18.50
N ASN B 122 -31.45 -44.03 -19.35
CA ASN B 122 -32.17 -45.16 -19.94
C ASN B 122 -31.66 -45.39 -21.35
N ALA B 123 -31.08 -46.56 -21.60
CA ALA B 123 -30.51 -46.87 -22.90
C ALA B 123 -29.48 -45.81 -23.30
N THR B 124 -29.90 -44.84 -24.12
CA THR B 124 -29.01 -43.77 -24.56
C THR B 124 -29.46 -42.39 -24.13
N ASN B 125 -30.65 -42.24 -23.55
CA ASN B 125 -31.19 -40.96 -23.13
C ASN B 125 -30.83 -40.72 -21.67
N VAL B 126 -30.09 -39.64 -21.41
CA VAL B 126 -29.73 -39.24 -20.06
C VAL B 126 -30.59 -38.02 -19.73
N VAL B 127 -31.62 -38.23 -18.91
CA VAL B 127 -32.58 -37.20 -18.56
C VAL B 127 -32.32 -36.75 -17.13
N ILE B 128 -32.13 -35.45 -16.95
CA ILE B 128 -31.86 -34.84 -15.65
C ILE B 128 -32.91 -33.77 -15.40
N LYS B 129 -33.56 -33.83 -14.23
CA LYS B 129 -34.59 -32.88 -13.85
C LYS B 129 -34.35 -32.42 -12.42
N VAL B 130 -34.89 -31.25 -12.10
CA VAL B 130 -34.74 -30.68 -10.76
C VAL B 130 -36.10 -30.27 -10.20
N CYS B 131 -37.16 -30.89 -10.68
CA CYS B 131 -38.49 -30.54 -10.20
C CYS B 131 -38.66 -30.98 -8.75
N GLU B 132 -39.71 -30.46 -8.12
CA GLU B 132 -40.06 -30.83 -6.75
C GLU B 132 -40.89 -32.12 -6.77
N PHE B 133 -40.21 -33.22 -7.10
CA PHE B 133 -40.89 -34.49 -7.24
C PHE B 133 -41.39 -34.98 -5.89
N GLN B 134 -42.60 -35.57 -5.89
CA GLN B 134 -43.14 -36.22 -4.71
C GLN B 134 -42.81 -37.70 -4.83
N PHE B 135 -41.65 -38.08 -4.28
CA PHE B 135 -41.18 -39.44 -4.41
C PHE B 135 -42.02 -40.40 -3.57
N CYS B 136 -42.04 -41.66 -4.00
CA CYS B 136 -42.68 -42.71 -3.24
C CYS B 136 -41.79 -43.13 -2.07
N ASN B 137 -42.32 -44.02 -1.23
CA ASN B 137 -41.51 -44.54 -0.13
C ASN B 137 -40.33 -45.36 -0.66
N ASP B 138 -40.58 -46.25 -1.61
CA ASP B 138 -39.54 -47.09 -2.20
C ASP B 138 -39.73 -47.13 -3.70
N PRO B 139 -39.52 -46.01 -4.38
CA PRO B 139 -39.68 -46.00 -5.84
C PRO B 139 -38.62 -46.83 -6.54
N PHE B 140 -38.98 -47.31 -7.72
CA PHE B 140 -38.07 -48.14 -8.52
C PHE B 140 -38.52 -48.03 -9.97
N LEU B 141 -37.90 -48.84 -10.84
CA LEU B 141 -38.19 -48.85 -12.26
C LEU B 141 -38.59 -50.26 -12.67
N GLY B 142 -39.76 -50.39 -13.26
CA GLY B 142 -40.25 -51.70 -13.70
C GLY B 142 -39.95 -51.93 -15.16
N VAL B 143 -39.48 -53.13 -15.48
CA VAL B 143 -39.15 -53.49 -16.85
C VAL B 143 -39.99 -54.69 -17.28
N GLU B 156 -42.30 -49.57 -17.45
CA GLU B 156 -42.93 -48.99 -16.26
C GLU B 156 -42.03 -47.96 -15.61
N PHE B 157 -42.55 -46.75 -15.42
CA PHE B 157 -41.82 -45.66 -14.78
C PHE B 157 -42.69 -45.11 -13.64
N ARG B 158 -42.44 -45.59 -12.43
CA ARG B 158 -43.18 -45.16 -11.23
C ARG B 158 -42.13 -44.78 -10.19
N VAL B 159 -41.75 -43.49 -10.20
CA VAL B 159 -40.75 -42.96 -9.29
C VAL B 159 -41.33 -41.89 -8.37
N TYR B 160 -42.06 -40.94 -8.94
CA TYR B 160 -42.63 -39.83 -8.20
C TYR B 160 -44.13 -39.76 -8.46
N SER B 161 -44.91 -39.51 -7.42
CA SER B 161 -46.35 -39.37 -7.57
C SER B 161 -46.75 -37.98 -8.05
N SER B 162 -45.83 -37.01 -7.99
CA SER B 162 -46.11 -35.67 -8.45
C SER B 162 -44.79 -34.99 -8.82
N ALA B 163 -44.90 -33.95 -9.64
CA ALA B 163 -43.73 -33.19 -10.09
C ALA B 163 -44.19 -31.79 -10.47
N ASN B 164 -44.10 -30.87 -9.53
CA ASN B 164 -44.38 -29.47 -9.75
C ASN B 164 -43.10 -28.64 -9.65
N ASN B 165 -43.20 -27.40 -10.14
CA ASN B 165 -42.16 -26.36 -9.97
C ASN B 165 -40.78 -26.83 -10.45
N CYS B 166 -40.73 -27.23 -11.73
CA CYS B 166 -39.46 -27.50 -12.38
C CYS B 166 -38.70 -26.22 -12.67
N THR B 167 -37.36 -26.27 -12.51
CA THR B 167 -36.48 -25.15 -12.77
C THR B 167 -35.39 -25.44 -13.79
N PHE B 168 -35.21 -26.68 -14.21
CA PHE B 168 -34.18 -27.01 -15.19
C PHE B 168 -34.35 -28.45 -15.63
N GLU B 169 -33.96 -28.73 -16.87
CA GLU B 169 -33.98 -30.08 -17.41
C GLU B 169 -32.91 -30.20 -18.48
N TYR B 170 -32.25 -31.36 -18.52
CA TYR B 170 -31.20 -31.61 -19.50
C TYR B 170 -31.36 -33.00 -20.10
N VAL B 171 -31.03 -33.11 -21.38
CA VAL B 171 -31.02 -34.39 -22.10
C VAL B 171 -29.71 -34.50 -22.85
N SER B 172 -29.03 -35.63 -22.71
CA SER B 172 -27.76 -35.86 -23.41
C SER B 172 -28.00 -36.25 -24.85
N PHE B 186 -18.13 -61.31 -18.94
CA PHE B 186 -17.37 -60.08 -18.79
C PHE B 186 -18.29 -58.94 -18.38
N LYS B 187 -17.99 -58.31 -17.26
CA LYS B 187 -18.77 -57.20 -16.75
C LYS B 187 -18.04 -55.88 -17.00
N ASN B 188 -18.66 -54.78 -16.58
CA ASN B 188 -18.07 -53.47 -16.74
C ASN B 188 -18.28 -52.69 -15.45
N LEU B 189 -17.20 -52.12 -14.92
CA LEU B 189 -17.27 -51.28 -13.74
C LEU B 189 -17.50 -49.85 -14.19
N ARG B 190 -18.57 -49.25 -13.70
CA ARG B 190 -18.90 -47.86 -13.95
C ARG B 190 -18.82 -47.09 -12.64
N GLU B 191 -18.02 -46.03 -12.62
CA GLU B 191 -17.81 -45.22 -11.45
C GLU B 191 -18.24 -43.79 -11.74
N PHE B 192 -18.81 -43.13 -10.74
CA PHE B 192 -19.36 -41.80 -10.89
C PHE B 192 -19.10 -41.01 -9.62
N VAL B 193 -18.35 -39.91 -9.75
CA VAL B 193 -18.10 -38.99 -8.66
C VAL B 193 -19.07 -37.83 -8.81
N PHE B 194 -19.91 -37.63 -7.79
CA PHE B 194 -20.87 -36.54 -7.74
C PHE B 194 -20.46 -35.60 -6.63
N LYS B 195 -20.42 -34.30 -6.93
CA LYS B 195 -20.14 -33.33 -5.89
C LYS B 195 -20.89 -32.03 -6.18
N ASN B 196 -21.08 -31.24 -5.12
CA ASN B 196 -21.76 -29.95 -5.18
C ASN B 196 -20.83 -28.88 -4.61
N ILE B 197 -20.36 -27.99 -5.48
CA ILE B 197 -19.44 -26.93 -5.09
C ILE B 197 -19.95 -25.61 -5.64
N ASP B 198 -20.17 -24.63 -4.77
CA ASP B 198 -20.54 -23.27 -5.18
C ASP B 198 -21.77 -23.28 -6.08
N GLY B 199 -22.75 -24.10 -5.72
CA GLY B 199 -23.99 -24.19 -6.48
C GLY B 199 -23.88 -24.94 -7.79
N TYR B 200 -22.78 -25.63 -8.02
CA TYR B 200 -22.58 -26.42 -9.23
C TYR B 200 -22.56 -27.89 -8.87
N PHE B 201 -23.39 -28.67 -9.55
CA PHE B 201 -23.41 -30.12 -9.42
C PHE B 201 -22.55 -30.71 -10.53
N LYS B 202 -21.48 -31.40 -10.15
CA LYS B 202 -20.51 -31.95 -11.07
C LYS B 202 -20.57 -33.47 -11.02
N ILE B 203 -20.69 -34.07 -12.20
CA ILE B 203 -20.73 -35.52 -12.39
C ILE B 203 -19.54 -35.90 -13.25
N TYR B 204 -18.65 -36.73 -12.70
CA TYR B 204 -17.55 -37.32 -13.43
C TYR B 204 -17.81 -38.81 -13.57
N SER B 205 -17.63 -39.36 -14.76
CA SER B 205 -17.98 -40.74 -15.04
C SER B 205 -16.79 -41.47 -15.64
N LYS B 206 -16.79 -42.80 -15.45
CA LYS B 206 -15.77 -43.63 -16.08
C LYS B 206 -16.27 -45.06 -16.19
N HIS B 207 -16.11 -45.65 -17.38
CA HIS B 207 -16.50 -47.03 -17.65
C HIS B 207 -15.27 -47.83 -18.01
N THR B 208 -15.11 -49.01 -17.41
CA THR B 208 -14.01 -49.90 -17.72
C THR B 208 -14.51 -51.33 -17.82
N PRO B 209 -13.87 -52.17 -18.63
CA PRO B 209 -14.24 -53.59 -18.66
C PRO B 209 -13.45 -54.39 -17.64
N ILE B 210 -14.17 -55.25 -16.90
CA ILE B 210 -13.57 -56.04 -15.82
C ILE B 210 -14.26 -57.40 -15.77
N ASN B 211 -13.59 -58.36 -15.14
CA ASN B 211 -14.14 -59.69 -14.89
C ASN B 211 -13.92 -59.99 -13.41
N LEU B 212 -14.85 -59.53 -12.56
CA LEU B 212 -14.76 -59.74 -11.13
C LEU B 212 -16.03 -59.23 -10.49
N VAL B 213 -16.48 -59.90 -9.43
CA VAL B 213 -17.69 -59.51 -8.72
C VAL B 213 -17.45 -59.26 -7.24
N ARG B 214 -16.25 -59.55 -6.72
CA ARG B 214 -16.00 -59.37 -5.30
C ARG B 214 -16.07 -57.91 -4.89
N GLY B 215 -15.36 -57.04 -5.61
CA GLY B 215 -15.31 -55.65 -5.22
C GLY B 215 -14.56 -54.82 -6.25
N LEU B 216 -14.12 -53.66 -5.81
CA LEU B 216 -13.43 -52.73 -6.70
C LEU B 216 -12.09 -53.33 -7.12
N PRO B 217 -11.83 -53.54 -8.41
CA PRO B 217 -10.54 -54.07 -8.82
C PRO B 217 -9.41 -53.12 -8.45
N GLN B 218 -8.27 -53.69 -8.06
CA GLN B 218 -7.10 -52.91 -7.66
C GLN B 218 -6.44 -52.40 -8.93
N GLY B 219 -6.88 -51.22 -9.37
CA GLY B 219 -6.31 -50.59 -10.56
C GLY B 219 -6.48 -49.09 -10.47
N PHE B 220 -5.89 -48.41 -11.44
CA PHE B 220 -5.91 -46.95 -11.52
C PHE B 220 -6.64 -46.53 -12.79
N SER B 221 -7.61 -45.62 -12.64
CA SER B 221 -8.40 -45.17 -13.78
C SER B 221 -8.96 -43.80 -13.46
N ALA B 222 -8.63 -42.81 -14.28
CA ALA B 222 -9.11 -41.45 -14.04
C ALA B 222 -10.59 -41.33 -14.40
N LEU B 223 -11.32 -40.54 -13.63
CA LEU B 223 -12.74 -40.31 -13.86
C LEU B 223 -12.90 -39.00 -14.61
N GLU B 224 -13.18 -39.10 -15.90
CA GLU B 224 -13.33 -37.91 -16.73
C GLU B 224 -14.57 -37.14 -16.32
N PRO B 225 -14.55 -35.81 -16.38
CA PRO B 225 -15.78 -35.04 -16.15
C PRO B 225 -16.76 -35.27 -17.27
N LEU B 226 -18.04 -35.35 -16.91
CA LEU B 226 -19.10 -35.55 -17.89
C LEU B 226 -20.12 -34.42 -17.87
N VAL B 227 -20.59 -34.01 -16.70
CA VAL B 227 -21.68 -33.05 -16.60
C VAL B 227 -21.36 -32.01 -15.53
N ASP B 228 -21.74 -30.77 -15.81
CA ASP B 228 -21.70 -29.70 -14.81
C ASP B 228 -22.98 -28.88 -14.95
N LEU B 229 -23.77 -28.81 -13.89
CA LEU B 229 -25.04 -28.11 -13.91
C LEU B 229 -25.08 -27.05 -12.81
N PRO B 230 -25.31 -25.76 -13.15
CA PRO B 230 -25.43 -24.71 -12.13
C PRO B 230 -26.81 -24.68 -11.46
N ILE B 231 -27.26 -25.85 -10.98
CA ILE B 231 -28.58 -25.94 -10.39
C ILE B 231 -28.65 -25.16 -9.09
N GLY B 232 -27.58 -25.19 -8.29
CA GLY B 232 -27.57 -24.50 -7.03
C GLY B 232 -28.57 -25.02 -6.02
N ILE B 233 -28.63 -26.34 -5.86
CA ILE B 233 -29.58 -26.99 -4.96
C ILE B 233 -28.85 -27.46 -3.71
N ASN B 234 -29.35 -27.07 -2.55
CA ASN B 234 -28.80 -27.55 -1.29
C ASN B 234 -29.18 -29.02 -1.09
N ILE B 235 -28.18 -29.88 -0.96
CA ILE B 235 -28.39 -31.32 -0.89
C ILE B 235 -27.59 -31.89 0.27
N THR B 236 -28.23 -32.74 1.07
CA THR B 236 -27.55 -33.45 2.14
C THR B 236 -27.83 -34.96 2.14
N ARG B 237 -28.74 -35.44 1.28
CA ARG B 237 -29.08 -36.85 1.20
C ARG B 237 -29.13 -37.27 -0.26
N PHE B 238 -29.01 -38.57 -0.47
CA PHE B 238 -29.08 -39.12 -1.83
C PHE B 238 -29.46 -40.59 -1.75
N GLN B 239 -29.90 -41.13 -2.87
CA GLN B 239 -30.25 -42.54 -2.95
C GLN B 239 -30.14 -42.99 -4.39
N THR B 240 -30.01 -44.31 -4.56
CA THR B 240 -29.80 -44.90 -5.87
C THR B 240 -31.12 -45.23 -6.55
N LEU B 241 -31.04 -45.58 -7.84
CA LEU B 241 -32.19 -45.97 -8.64
C LEU B 241 -31.85 -47.24 -9.40
N HIS B 242 -32.53 -48.33 -9.08
CA HIS B 242 -32.32 -49.62 -9.71
C HIS B 242 -33.64 -50.17 -10.21
N ILE B 243 -33.56 -51.05 -11.20
CA ILE B 243 -34.74 -51.66 -11.79
C ILE B 243 -35.32 -52.68 -10.81
N TYR B 262 -23.68 -52.18 -5.29
CA TYR B 262 -22.81 -51.04 -5.56
C TYR B 262 -21.97 -50.66 -4.34
N TYR B 263 -21.16 -49.63 -4.50
CA TYR B 263 -20.24 -49.18 -3.47
C TYR B 263 -20.27 -47.66 -3.39
N VAL B 264 -20.25 -47.14 -2.17
CA VAL B 264 -20.38 -45.71 -1.90
C VAL B 264 -19.19 -45.26 -1.07
N GLY B 265 -18.56 -44.18 -1.50
CA GLY B 265 -17.47 -43.59 -0.75
C GLY B 265 -17.69 -42.10 -0.55
N TYR B 266 -17.08 -41.58 0.50
CA TYR B 266 -17.21 -40.17 0.86
C TYR B 266 -15.90 -39.45 0.56
N LEU B 267 -16.01 -38.29 -0.09
CA LEU B 267 -14.84 -37.50 -0.42
C LEU B 267 -14.40 -36.66 0.77
N GLN B 268 -13.15 -36.21 0.72
CA GLN B 268 -12.55 -35.39 1.76
C GLN B 268 -11.59 -34.42 1.10
N PRO B 269 -11.27 -33.31 1.76
CA PRO B 269 -10.34 -32.34 1.18
C PRO B 269 -8.89 -32.82 1.24
N ARG B 270 -8.47 -33.59 0.25
CA ARG B 270 -7.16 -34.23 0.26
C ARG B 270 -6.27 -33.66 -0.84
N THR B 271 -4.99 -33.52 -0.52
CA THR B 271 -3.99 -33.06 -1.49
C THR B 271 -3.45 -34.27 -2.25
N PHE B 272 -3.46 -34.18 -3.58
CA PHE B 272 -3.02 -35.24 -4.44
C PHE B 272 -1.90 -34.75 -5.35
N LEU B 273 -1.08 -35.69 -5.81
CA LEU B 273 -0.07 -35.45 -6.82
C LEU B 273 -0.37 -36.36 -8.00
N LEU B 274 -0.68 -35.75 -9.15
CA LEU B 274 -1.17 -36.47 -10.31
C LEU B 274 -0.10 -36.50 -11.39
N LYS B 275 0.03 -37.65 -12.04
CA LYS B 275 1.04 -37.87 -13.07
C LYS B 275 0.35 -37.94 -14.43
N TYR B 276 0.31 -36.82 -15.14
CA TYR B 276 -0.18 -36.80 -16.50
C TYR B 276 0.85 -37.41 -17.43
N ASN B 277 0.41 -38.29 -18.34
CA ASN B 277 1.32 -38.92 -19.28
C ASN B 277 1.49 -38.00 -20.50
N GLU B 278 2.09 -38.53 -21.57
CA GLU B 278 2.32 -37.72 -22.75
C GLU B 278 1.03 -37.40 -23.48
N ASN B 279 0.03 -38.28 -23.39
CA ASN B 279 -1.23 -38.09 -24.07
C ASN B 279 -2.24 -37.31 -23.23
N GLY B 280 -1.86 -36.85 -22.05
CA GLY B 280 -2.76 -36.10 -21.22
C GLY B 280 -3.71 -36.93 -20.39
N THR B 281 -3.39 -38.19 -20.14
CA THR B 281 -4.22 -39.07 -19.33
C THR B 281 -3.56 -39.27 -17.97
N ILE B 282 -4.35 -39.15 -16.91
CA ILE B 282 -3.83 -39.35 -15.55
C ILE B 282 -3.64 -40.85 -15.36
N THR B 283 -2.38 -41.27 -15.21
CA THR B 283 -2.04 -42.68 -15.06
C THR B 283 -1.70 -43.07 -13.64
N ASP B 284 -1.35 -42.12 -12.78
CA ASP B 284 -0.99 -42.43 -11.41
C ASP B 284 -1.23 -41.22 -10.53
N ALA B 285 -1.45 -41.50 -9.24
CA ALA B 285 -1.68 -40.44 -8.27
C ALA B 285 -1.11 -40.86 -6.93
N VAL B 286 -0.76 -39.87 -6.13
CA VAL B 286 -0.22 -40.08 -4.79
C VAL B 286 -0.99 -39.20 -3.82
N ASP B 287 -1.50 -39.79 -2.75
CA ASP B 287 -2.23 -39.05 -1.73
C ASP B 287 -1.23 -38.55 -0.70
N CYS B 288 -1.19 -37.22 -0.52
CA CYS B 288 -0.19 -36.59 0.32
C CYS B 288 -0.53 -36.64 1.80
N ALA B 289 -1.44 -37.52 2.21
CA ALA B 289 -1.72 -37.73 3.61
C ALA B 289 -1.87 -39.20 3.97
N LEU B 290 -1.58 -40.11 3.05
CA LEU B 290 -1.79 -41.53 3.30
C LEU B 290 -0.79 -42.06 4.33
N ASP B 291 0.49 -41.99 4.01
CA ASP B 291 1.56 -42.48 4.89
C ASP B 291 2.80 -41.64 4.64
N PRO B 292 3.77 -41.70 5.56
CA PRO B 292 4.94 -40.83 5.41
C PRO B 292 5.62 -40.95 4.06
N LEU B 293 5.66 -42.13 3.46
CA LEU B 293 6.30 -42.26 2.16
C LEU B 293 5.60 -41.43 1.10
N SER B 294 4.26 -41.42 1.13
CA SER B 294 3.52 -40.59 0.19
C SER B 294 3.80 -39.11 0.44
N GLU B 295 3.94 -38.72 1.71
CA GLU B 295 4.30 -37.34 2.00
C GLU B 295 5.66 -36.99 1.42
N THR B 296 6.62 -37.91 1.55
CA THR B 296 7.94 -37.67 0.96
C THR B 296 7.84 -37.55 -0.56
N LYS B 297 7.03 -38.41 -1.18
CA LYS B 297 6.86 -38.32 -2.63
C LYS B 297 6.26 -36.98 -3.03
N CYS B 298 5.29 -36.49 -2.27
CA CYS B 298 4.69 -35.20 -2.60
C CYS B 298 5.68 -34.05 -2.40
N THR B 299 6.44 -34.09 -1.31
CA THR B 299 7.40 -33.02 -1.05
C THR B 299 8.45 -32.95 -2.15
N LEU B 300 8.96 -34.10 -2.58
CA LEU B 300 9.94 -34.13 -3.66
C LEU B 300 9.32 -33.86 -5.02
N LYS B 301 8.00 -33.81 -5.14
CA LYS B 301 7.34 -33.67 -6.43
C LYS B 301 7.82 -34.75 -7.38
N SER B 302 7.95 -35.97 -6.86
CA SER B 302 8.40 -37.09 -7.67
C SER B 302 7.79 -38.37 -7.12
N PHE B 303 7.80 -39.41 -7.96
CA PHE B 303 7.25 -40.70 -7.57
C PHE B 303 8.29 -41.69 -7.08
N THR B 304 9.55 -41.51 -7.47
CA THR B 304 10.64 -42.37 -7.02
C THR B 304 11.49 -41.61 -6.02
N VAL B 305 11.68 -42.19 -4.84
CA VAL B 305 12.46 -41.59 -3.76
C VAL B 305 13.68 -42.45 -3.53
N GLU B 306 14.87 -41.87 -3.69
CA GLU B 306 16.10 -42.61 -3.47
C GLU B 306 16.35 -42.76 -1.97
N LYS B 307 17.31 -43.62 -1.65
CA LYS B 307 17.69 -43.82 -0.26
C LYS B 307 18.12 -42.50 0.37
N GLY B 308 17.58 -42.21 1.55
CA GLY B 308 18.05 -41.08 2.31
C GLY B 308 17.02 -40.63 3.33
N ILE B 309 17.30 -39.47 3.91
CA ILE B 309 16.46 -38.85 4.93
C ILE B 309 15.95 -37.53 4.39
N TYR B 310 14.65 -37.42 4.23
CA TYR B 310 14.03 -36.24 3.63
C TYR B 310 13.13 -35.56 4.65
N GLN B 311 13.28 -34.25 4.80
CA GLN B 311 12.37 -33.47 5.63
C GLN B 311 11.08 -33.21 4.85
N THR B 312 9.94 -33.41 5.50
CA THR B 312 8.65 -33.33 4.82
C THR B 312 7.73 -32.26 5.38
N SER B 313 7.60 -32.17 6.69
CA SER B 313 6.64 -31.26 7.29
C SER B 313 7.06 -30.95 8.71
N ASN B 314 6.23 -30.21 9.43
CA ASN B 314 6.46 -29.88 10.84
C ASN B 314 5.35 -30.51 11.67
N PHE B 315 5.74 -31.17 12.76
CA PHE B 315 4.80 -31.82 13.67
C PHE B 315 4.56 -30.89 14.84
N ARG B 316 3.34 -30.36 14.92
CA ARG B 316 2.94 -29.46 15.99
C ARG B 316 1.71 -30.01 16.69
N VAL B 317 1.78 -30.16 18.00
CA VAL B 317 0.64 -30.66 18.76
C VAL B 317 -0.41 -29.56 18.86
N GLN B 318 -1.61 -29.85 18.40
CA GLN B 318 -2.67 -28.85 18.38
C GLN B 318 -3.22 -28.61 19.79
N PRO B 319 -3.78 -27.42 20.05
CA PRO B 319 -4.44 -27.19 21.33
C PRO B 319 -5.71 -28.01 21.44
N THR B 320 -6.10 -28.30 22.69
CA THR B 320 -7.28 -29.11 22.97
C THR B 320 -8.49 -28.29 23.38
N GLU B 321 -8.30 -27.25 24.18
CA GLU B 321 -9.41 -26.45 24.70
C GLU B 321 -8.96 -25.00 24.79
N SER B 322 -9.88 -24.14 25.25
CA SER B 322 -9.63 -22.72 25.39
C SER B 322 -9.82 -22.33 26.85
N ILE B 323 -8.89 -21.54 27.38
CA ILE B 323 -8.91 -21.08 28.76
C ILE B 323 -9.04 -19.57 28.75
N VAL B 324 -10.09 -19.07 29.41
CA VAL B 324 -10.35 -17.63 29.49
C VAL B 324 -10.42 -17.28 30.97
N ARG B 325 -9.55 -16.36 31.40
CA ARG B 325 -9.50 -15.92 32.80
C ARG B 325 -9.52 -14.40 32.83
N PHE B 326 -10.58 -13.84 33.40
CA PHE B 326 -10.69 -12.40 33.61
C PHE B 326 -10.85 -12.11 35.10
N PRO B 327 -10.48 -10.92 35.55
CA PRO B 327 -10.48 -10.64 36.99
C PRO B 327 -11.88 -10.69 37.58
N ASN B 328 -11.92 -10.75 38.91
CA ASN B 328 -13.18 -10.72 39.64
C ASN B 328 -13.87 -9.38 39.42
N ILE B 329 -14.96 -9.38 38.66
CA ILE B 329 -15.76 -8.19 38.42
C ILE B 329 -17.17 -8.49 38.87
N THR B 330 -17.81 -7.52 39.51
CA THR B 330 -19.14 -7.71 40.09
C THR B 330 -20.19 -6.76 39.54
N ASN B 331 -19.82 -5.54 39.17
CA ASN B 331 -20.78 -4.51 38.81
C ASN B 331 -20.85 -4.32 37.30
N LEU B 332 -21.89 -3.63 36.87
CA LEU B 332 -21.99 -3.18 35.48
C LEU B 332 -21.44 -1.75 35.37
N CYS B 333 -20.92 -1.45 34.20
CA CYS B 333 -20.36 -0.12 33.98
C CYS B 333 -21.49 0.87 33.72
N PRO B 334 -21.61 1.93 34.52
CA PRO B 334 -22.72 2.89 34.33
C PRO B 334 -22.48 3.81 33.14
N PHE B 335 -22.50 3.23 31.94
CA PHE B 335 -22.31 4.02 30.74
C PHE B 335 -23.56 4.84 30.40
N GLY B 336 -24.75 4.36 30.80
CA GLY B 336 -25.96 5.09 30.50
C GLY B 336 -25.95 6.51 31.02
N GLU B 337 -25.09 6.82 32.01
CA GLU B 337 -25.05 8.16 32.56
C GLU B 337 -24.46 9.18 31.59
N VAL B 338 -23.81 8.73 30.51
CA VAL B 338 -23.27 9.66 29.53
C VAL B 338 -24.02 9.59 28.20
N PHE B 339 -24.41 8.41 27.74
CA PHE B 339 -25.08 8.30 26.45
C PHE B 339 -26.51 8.82 26.52
N ASN B 340 -27.13 8.78 27.70
CA ASN B 340 -28.53 9.14 27.85
C ASN B 340 -28.74 10.27 28.85
N ALA B 341 -27.69 11.04 29.12
CA ALA B 341 -27.84 12.16 30.04
C ALA B 341 -28.88 13.15 29.50
N THR B 342 -29.64 13.74 30.42
CA THR B 342 -30.71 14.65 30.00
C THR B 342 -30.16 15.82 29.22
N ARG B 343 -29.05 16.40 29.67
CA ARG B 343 -28.39 17.49 28.97
C ARG B 343 -26.89 17.23 28.97
N PHE B 344 -26.22 17.80 27.97
CA PHE B 344 -24.78 17.68 27.81
C PHE B 344 -24.09 18.99 28.21
N ALA B 345 -22.77 18.95 28.25
CA ALA B 345 -21.94 20.10 28.54
C ALA B 345 -21.39 20.70 27.25
N SER B 346 -20.86 21.91 27.36
CA SER B 346 -20.32 22.60 26.21
C SER B 346 -19.09 21.86 25.67
N VAL B 347 -18.83 22.05 24.38
CA VAL B 347 -17.72 21.36 23.73
C VAL B 347 -16.40 21.75 24.38
N TYR B 348 -16.20 23.05 24.63
CA TYR B 348 -14.99 23.49 25.32
C TYR B 348 -14.94 22.97 26.75
N ALA B 349 -16.07 22.51 27.28
CA ALA B 349 -16.13 21.95 28.62
C ALA B 349 -16.59 20.50 28.56
N TRP B 350 -16.03 19.73 27.63
CA TRP B 350 -16.45 18.35 27.44
C TRP B 350 -16.33 17.57 28.75
N ASN B 351 -17.41 16.92 29.13
CA ASN B 351 -17.45 16.20 30.41
C ASN B 351 -16.70 14.88 30.31
N ARG B 352 -15.95 14.55 31.35
CA ARG B 352 -15.09 13.37 31.36
C ARG B 352 -15.51 12.44 32.49
N LYS B 353 -15.68 11.16 32.16
CA LYS B 353 -16.05 10.14 33.14
C LYS B 353 -15.03 9.02 33.10
N ARG B 354 -14.61 8.57 34.28
CA ARG B 354 -13.68 7.46 34.43
C ARG B 354 -14.46 6.21 34.82
N ILE B 355 -14.18 5.11 34.12
CA ILE B 355 -14.89 3.86 34.32
C ILE B 355 -13.88 2.73 34.51
N SER B 356 -14.03 1.99 35.61
CA SER B 356 -13.19 0.84 35.90
C SER B 356 -13.91 -0.03 36.92
N ASN B 357 -13.47 -1.28 37.02
CA ASN B 357 -14.02 -2.25 37.98
C ASN B 357 -15.48 -2.52 37.69
N CYS B 358 -15.77 -2.90 36.46
CA CYS B 358 -17.15 -3.15 36.05
C CYS B 358 -17.15 -3.85 34.70
N VAL B 359 -18.10 -4.75 34.51
CA VAL B 359 -18.26 -5.44 33.24
C VAL B 359 -19.06 -4.55 32.30
N ALA B 360 -18.60 -4.47 31.05
CA ALA B 360 -19.29 -3.69 30.03
C ALA B 360 -19.36 -4.50 28.75
N ASP B 361 -20.56 -4.60 28.19
CA ASP B 361 -20.74 -5.13 26.85
C ASP B 361 -20.43 -4.03 25.84
N TYR B 362 -20.30 -4.43 24.58
CA TYR B 362 -20.21 -3.44 23.51
C TYR B 362 -20.97 -3.84 22.24
N SER B 363 -21.65 -4.99 22.24
CA SER B 363 -22.51 -5.33 21.13
C SER B 363 -23.82 -4.54 21.16
N VAL B 364 -24.28 -4.15 22.35
CA VAL B 364 -25.55 -3.45 22.46
C VAL B 364 -25.50 -2.14 21.70
N LEU B 365 -24.45 -1.34 21.93
CA LEU B 365 -24.34 -0.06 21.25
C LEU B 365 -24.20 -0.24 19.75
N TYR B 366 -23.38 -1.19 19.32
CA TYR B 366 -23.14 -1.36 17.89
C TYR B 366 -24.41 -1.83 17.17
N ASN B 367 -25.18 -2.72 17.79
CA ASN B 367 -26.36 -3.24 17.13
C ASN B 367 -27.37 -2.14 16.86
N SER B 368 -27.58 -1.25 17.82
CA SER B 368 -28.52 -0.15 17.63
C SER B 368 -28.01 0.77 16.52
N ALA B 369 -28.90 1.17 15.63
CA ALA B 369 -28.55 2.01 14.48
C ALA B 369 -28.77 3.49 14.75
N SER B 370 -29.16 3.87 15.98
CA SER B 370 -29.45 5.26 16.27
C SER B 370 -28.21 6.15 16.16
N PHE B 371 -27.02 5.55 16.12
CA PHE B 371 -25.79 6.32 16.07
C PHE B 371 -25.46 6.70 14.63
N SER B 372 -25.45 8.00 14.35
CA SER B 372 -25.12 8.45 13.00
C SER B 372 -23.69 8.07 12.63
N THR B 373 -22.75 8.26 13.55
CA THR B 373 -21.35 7.95 13.32
C THR B 373 -20.86 7.01 14.41
N PHE B 374 -20.21 5.92 14.01
CA PHE B 374 -19.65 4.93 14.94
C PHE B 374 -18.33 4.45 14.35
N LYS B 375 -17.23 5.12 14.71
CA LYS B 375 -15.94 4.86 14.09
C LYS B 375 -14.91 4.54 15.17
N CYS B 376 -14.25 3.39 15.04
CA CYS B 376 -13.26 2.96 16.01
C CYS B 376 -11.86 2.99 15.39
N TYR B 377 -10.88 3.37 16.20
CA TYR B 377 -9.49 3.47 15.78
C TYR B 377 -8.63 2.67 16.74
N GLY B 378 -7.74 1.85 16.20
CA GLY B 378 -6.92 0.98 17.01
C GLY B 378 -7.64 -0.26 17.51
N VAL B 379 -8.93 -0.40 17.22
CA VAL B 379 -9.70 -1.57 17.63
C VAL B 379 -10.97 -1.58 16.79
N SER B 380 -11.57 -2.77 16.66
CA SER B 380 -12.79 -2.91 15.90
C SER B 380 -13.94 -3.32 16.81
N PRO B 381 -15.16 -2.82 16.56
CA PRO B 381 -16.27 -3.15 17.47
C PRO B 381 -16.55 -4.63 17.58
N THR B 382 -16.33 -5.41 16.51
CA THR B 382 -16.65 -6.83 16.56
C THR B 382 -15.79 -7.54 17.60
N LYS B 383 -14.50 -7.23 17.65
CA LYS B 383 -13.60 -7.82 18.63
C LYS B 383 -13.65 -7.11 19.98
N LEU B 384 -14.41 -6.02 20.09
CA LEU B 384 -14.39 -5.24 21.31
C LEU B 384 -15.03 -6.00 22.48
N ASN B 385 -15.96 -6.89 22.20
CA ASN B 385 -16.65 -7.60 23.28
C ASN B 385 -15.68 -8.45 24.08
N ASP B 386 -14.81 -9.19 23.41
CA ASP B 386 -13.89 -10.10 24.10
C ASP B 386 -12.53 -9.42 24.26
N LEU B 387 -12.48 -8.48 25.22
CA LEU B 387 -11.26 -7.73 25.47
C LEU B 387 -11.36 -7.10 26.85
N CYS B 388 -10.20 -6.70 27.38
CA CYS B 388 -10.11 -6.05 28.68
C CYS B 388 -9.21 -4.82 28.57
N PHE B 389 -9.42 -3.88 29.49
CA PHE B 389 -8.67 -2.63 29.49
C PHE B 389 -8.38 -2.22 30.93
N THR B 390 -7.34 -1.42 31.10
CA THR B 390 -7.01 -0.93 32.44
C THR B 390 -8.00 0.14 32.90
N ASN B 391 -8.41 1.03 32.01
CA ASN B 391 -9.44 2.02 32.34
C ASN B 391 -10.15 2.46 31.07
N VAL B 392 -11.33 3.04 31.24
CA VAL B 392 -12.09 3.62 30.13
C VAL B 392 -12.41 5.06 30.47
N TYR B 393 -12.14 5.99 29.55
CA TYR B 393 -12.48 7.39 29.73
C TYR B 393 -13.52 7.76 28.68
N ALA B 394 -14.67 8.21 29.12
CA ALA B 394 -15.75 8.64 28.24
C ALA B 394 -15.84 10.15 28.27
N ASP B 395 -15.66 10.77 27.10
CA ASP B 395 -15.74 12.22 26.96
C ASP B 395 -16.99 12.56 26.17
N SER B 396 -17.87 13.35 26.75
CA SER B 396 -19.16 13.68 26.18
C SER B 396 -19.23 15.17 25.90
N PHE B 397 -19.75 15.53 24.71
CA PHE B 397 -19.91 16.93 24.37
C PHE B 397 -20.91 17.04 23.23
N VAL B 398 -21.14 18.27 22.77
CA VAL B 398 -22.07 18.57 21.70
C VAL B 398 -21.39 19.48 20.69
N ILE B 399 -21.53 19.16 19.40
CA ILE B 399 -21.00 19.97 18.33
C ILE B 399 -21.89 19.82 17.10
N ARG B 400 -21.75 20.73 16.15
CA ARG B 400 -22.55 20.62 14.94
C ARG B 400 -21.95 19.55 14.02
N GLY B 401 -22.80 19.04 13.12
CA GLY B 401 -22.38 17.91 12.30
C GLY B 401 -21.13 18.19 11.49
N ASP B 402 -21.02 19.41 10.96
CA ASP B 402 -19.85 19.76 10.16
C ASP B 402 -18.57 19.65 10.98
N GLU B 403 -18.66 19.83 12.30
CA GLU B 403 -17.50 19.73 13.16
C GLU B 403 -17.15 18.30 13.55
N VAL B 404 -17.98 17.33 13.16
CA VAL B 404 -17.72 15.94 13.53
C VAL B 404 -16.38 15.49 12.97
N ARG B 405 -16.06 15.93 11.75
CA ARG B 405 -14.78 15.55 11.16
C ARG B 405 -13.60 16.02 12.00
N GLN B 406 -13.77 17.08 12.80
CA GLN B 406 -12.69 17.55 13.65
C GLN B 406 -12.34 16.55 14.75
N ILE B 407 -13.24 15.63 15.08
CA ILE B 407 -13.02 14.66 16.15
C ILE B 407 -12.47 13.41 15.49
N ALA B 408 -11.15 13.34 15.38
CA ALA B 408 -10.47 12.16 14.87
C ALA B 408 -8.96 12.36 14.98
N PRO B 409 -8.17 11.30 15.11
CA PRO B 409 -6.73 11.48 15.28
C PRO B 409 -6.10 12.21 14.10
N GLY B 410 -5.14 13.08 14.40
CA GLY B 410 -4.44 13.82 13.37
C GLY B 410 -5.33 14.72 12.54
N GLN B 411 -6.20 15.48 13.21
CA GLN B 411 -7.12 16.39 12.55
C GLN B 411 -6.88 17.81 13.03
N THR B 412 -7.33 18.77 12.23
CA THR B 412 -7.20 20.19 12.52
C THR B 412 -8.54 20.87 12.36
N GLY B 413 -8.68 22.00 13.04
CA GLY B 413 -9.92 22.76 13.00
C GLY B 413 -10.08 23.56 14.28
N ASN B 414 -11.06 24.47 14.25
CA ASN B 414 -11.30 25.32 15.40
C ASN B 414 -11.59 24.48 16.64
N ILE B 415 -12.54 23.56 16.55
CA ILE B 415 -12.83 22.67 17.66
C ILE B 415 -11.62 21.78 17.94
N ALA B 416 -11.02 21.24 16.89
CA ALA B 416 -9.87 20.36 17.07
C ALA B 416 -8.71 21.10 17.72
N ASP B 417 -8.47 22.35 17.31
CA ASP B 417 -7.28 23.05 17.77
C ASP B 417 -7.47 23.72 19.12
N TYR B 418 -8.70 24.13 19.46
CA TYR B 418 -8.93 24.92 20.67
C TYR B 418 -9.86 24.27 21.68
N ASN B 419 -10.57 23.20 21.32
CA ASN B 419 -11.56 22.63 22.23
C ASN B 419 -11.24 21.20 22.66
N TYR B 420 -11.02 20.29 21.72
CA TYR B 420 -10.88 18.87 22.07
C TYR B 420 -9.94 18.22 21.05
N LYS B 421 -8.75 17.86 21.50
CA LYS B 421 -7.72 17.29 20.64
C LYS B 421 -7.53 15.82 20.98
N LEU B 422 -7.41 15.00 19.93
CA LEU B 422 -7.19 13.57 20.12
C LEU B 422 -5.75 13.19 19.83
N PRO B 423 -5.14 12.34 20.63
CA PRO B 423 -3.76 11.92 20.36
C PRO B 423 -3.68 11.07 19.10
N ASP B 424 -2.52 11.13 18.45
CA ASP B 424 -2.33 10.36 17.23
C ASP B 424 -2.43 8.86 17.50
N ASP B 425 -2.06 8.43 18.70
CA ASP B 425 -2.14 7.03 19.11
C ASP B 425 -3.45 6.69 19.80
N PHE B 426 -4.52 7.41 19.49
CA PHE B 426 -5.81 7.14 20.10
C PHE B 426 -6.25 5.72 19.80
N THR B 427 -6.71 5.01 20.83
CA THR B 427 -7.18 3.63 20.72
C THR B 427 -8.58 3.59 21.34
N GLY B 428 -9.60 3.88 20.55
CA GLY B 428 -10.94 3.92 21.09
C GLY B 428 -11.94 4.22 20.00
N CYS B 429 -13.19 4.44 20.42
CA CYS B 429 -14.30 4.58 19.49
C CYS B 429 -14.99 5.92 19.68
N VAL B 430 -15.24 6.61 18.57
CA VAL B 430 -15.98 7.86 18.54
C VAL B 430 -17.40 7.53 18.06
N ILE B 431 -18.39 7.89 18.87
CA ILE B 431 -19.80 7.71 18.54
C ILE B 431 -20.43 9.09 18.51
N ALA B 432 -21.41 9.26 17.64
CA ALA B 432 -22.08 10.55 17.49
C ALA B 432 -23.47 10.34 16.92
N TRP B 433 -24.43 11.10 17.45
CA TRP B 433 -25.81 11.06 16.96
C TRP B 433 -26.38 12.47 16.93
N ASN B 434 -27.44 12.62 16.15
CA ASN B 434 -28.09 13.92 16.00
C ASN B 434 -28.84 14.28 17.27
N SER B 435 -28.66 15.52 17.73
CA SER B 435 -29.37 16.03 18.90
C SER B 435 -30.27 17.20 18.55
N ASN B 436 -30.57 17.40 17.26
CA ASN B 436 -31.45 18.49 16.87
C ASN B 436 -32.82 18.36 17.53
N ASN B 437 -33.25 17.14 17.81
CA ASN B 437 -34.57 16.93 18.39
C ASN B 437 -34.66 17.43 19.82
N LEU B 438 -33.53 17.60 20.51
CA LEU B 438 -33.53 17.99 21.91
C LEU B 438 -32.72 19.24 22.20
N ASP B 439 -31.55 19.40 21.55
CA ASP B 439 -30.65 20.50 21.82
C ASP B 439 -30.83 21.67 20.86
N SER B 440 -32.05 21.86 20.35
CA SER B 440 -32.35 22.95 19.44
C SER B 440 -33.51 23.77 20.00
N LYS B 441 -33.33 25.08 20.04
CA LYS B 441 -34.36 26.01 20.47
C LYS B 441 -34.80 26.86 19.29
N VAL B 442 -36.10 27.15 19.22
CA VAL B 442 -36.61 28.03 18.17
C VAL B 442 -35.95 29.40 18.28
N GLY B 443 -35.74 29.87 19.50
CA GLY B 443 -35.06 31.12 19.75
C GLY B 443 -33.55 31.04 19.77
N GLY B 444 -32.99 29.86 19.56
CA GLY B 444 -31.54 29.69 19.57
C GLY B 444 -31.03 29.11 20.88
N ASN B 445 -30.45 27.92 20.81
CA ASN B 445 -29.91 27.25 21.99
C ASN B 445 -28.50 27.78 22.23
N TYR B 446 -28.36 28.65 23.23
CA TYR B 446 -27.09 29.30 23.52
C TYR B 446 -26.38 28.69 24.72
N ASN B 447 -26.90 27.58 25.27
CA ASN B 447 -26.24 26.96 26.41
C ASN B 447 -24.86 26.43 26.04
N TYR B 448 -24.75 25.82 24.87
CA TYR B 448 -23.48 25.24 24.43
C TYR B 448 -22.60 26.30 23.80
N LEU B 449 -21.35 26.38 24.27
CA LEU B 449 -20.38 27.34 23.79
C LEU B 449 -19.13 26.62 23.33
N TYR B 450 -18.44 27.20 22.36
CA TYR B 450 -17.20 26.64 21.84
C TYR B 450 -16.11 27.72 21.85
N ARG B 451 -14.92 27.33 22.28
CA ARG B 451 -13.80 28.26 22.30
C ARG B 451 -13.39 28.60 20.88
N LEU B 452 -13.16 29.88 20.62
CA LEU B 452 -12.80 30.35 19.29
C LEU B 452 -11.36 30.84 19.19
N PHE B 453 -10.74 31.21 20.32
CA PHE B 453 -9.37 31.72 20.32
C PHE B 453 -8.59 31.08 21.46
N ARG B 454 -7.33 30.75 21.18
CA ARG B 454 -6.42 30.25 22.20
C ARG B 454 -5.00 30.58 21.78
N LYS B 455 -4.13 30.77 22.78
CA LYS B 455 -2.75 31.13 22.49
C LYS B 455 -2.01 30.03 21.74
N SER B 456 -2.50 28.80 21.80
CA SER B 456 -1.87 27.70 21.08
C SER B 456 -2.90 26.60 20.89
N ASN B 457 -2.58 25.67 19.99
CA ASN B 457 -3.45 24.52 19.78
C ASN B 457 -3.49 23.64 21.02
N LEU B 458 -4.68 23.18 21.37
CA LEU B 458 -4.85 22.36 22.57
C LEU B 458 -4.13 21.03 22.42
N LYS B 459 -3.42 20.63 23.48
CA LYS B 459 -2.79 19.32 23.50
C LYS B 459 -3.85 18.25 23.66
N PRO B 460 -3.56 17.01 23.27
CA PRO B 460 -4.54 15.94 23.43
C PRO B 460 -4.94 15.76 24.88
N PHE B 461 -6.24 15.54 25.10
CA PHE B 461 -6.79 15.33 26.43
C PHE B 461 -6.39 16.46 27.38
N GLU B 462 -6.51 17.69 26.89
CA GLU B 462 -6.28 18.88 27.70
C GLU B 462 -7.52 19.75 27.65
N ARG B 463 -8.07 20.08 28.82
CA ARG B 463 -9.35 20.77 28.92
C ARG B 463 -9.13 22.13 29.57
N ASP B 464 -9.70 23.16 28.96
CA ASP B 464 -9.63 24.53 29.48
C ASP B 464 -11.02 25.14 29.47
N ILE B 465 -11.32 25.92 30.51
CA ILE B 465 -12.60 26.62 30.61
C ILE B 465 -12.33 28.09 30.94
N SER B 466 -11.13 28.56 30.61
CA SER B 466 -10.78 29.95 30.91
C SER B 466 -11.73 30.89 30.16
N THR B 467 -12.24 31.89 30.88
CA THR B 467 -13.14 32.88 30.32
C THR B 467 -12.46 34.23 30.13
N GLU B 468 -11.15 34.31 30.33
CA GLU B 468 -10.44 35.58 30.18
C GLU B 468 -10.57 36.09 28.74
N ILE B 469 -10.79 37.40 28.61
CA ILE B 469 -10.94 37.99 27.29
C ILE B 469 -9.65 37.79 26.50
N TYR B 470 -9.78 37.24 25.30
CA TYR B 470 -8.63 36.96 24.46
C TYR B 470 -8.10 38.26 23.87
N GLN B 471 -6.78 38.44 23.95
CA GLN B 471 -6.13 39.64 23.42
C GLN B 471 -5.62 39.34 22.02
N ALA B 472 -6.28 39.91 21.02
CA ALA B 472 -5.90 39.72 19.62
C ALA B 472 -4.94 40.79 19.13
N GLY B 473 -4.62 41.79 19.95
CA GLY B 473 -3.69 42.84 19.54
C GLY B 473 -2.63 43.12 20.57
N SER B 474 -1.83 44.17 20.35
CA SER B 474 -0.79 44.52 21.30
C SER B 474 -1.37 45.19 22.55
N THR B 475 -2.52 45.84 22.43
CA THR B 475 -3.11 46.53 23.57
C THR B 475 -3.50 45.52 24.65
N PRO B 476 -2.99 45.64 25.88
CA PRO B 476 -3.37 44.68 26.93
C PRO B 476 -4.84 44.80 27.27
N CYS B 477 -5.60 43.74 27.01
CA CYS B 477 -7.02 43.69 27.35
C CYS B 477 -7.15 43.42 28.84
N ASN B 478 -7.29 44.49 29.62
CA ASN B 478 -7.35 44.39 31.08
C ASN B 478 -8.76 43.99 31.52
N GLY B 479 -9.17 42.80 31.09
CA GLY B 479 -10.48 42.29 31.45
C GLY B 479 -11.63 43.09 30.87
N VAL B 480 -11.39 43.86 29.82
CA VAL B 480 -12.41 44.69 29.19
C VAL B 480 -12.57 44.23 27.74
N LYS B 481 -13.80 43.90 27.36
CA LYS B 481 -14.07 43.50 25.99
C LYS B 481 -14.02 44.71 25.06
N GLY B 482 -13.48 44.51 23.87
CA GLY B 482 -13.37 45.59 22.91
C GLY B 482 -12.69 45.12 21.65
N PHE B 483 -12.29 46.08 20.83
CA PHE B 483 -11.61 45.76 19.58
C PHE B 483 -10.32 44.99 19.89
N ASN B 484 -10.13 43.88 19.18
CA ASN B 484 -9.03 42.96 19.40
C ASN B 484 -9.01 42.38 20.82
N CYS B 485 -10.11 42.54 21.56
CA CYS B 485 -10.28 41.96 22.89
C CYS B 485 -11.55 41.13 22.84
N TYR B 486 -11.41 39.88 22.42
CA TYR B 486 -12.55 39.03 22.09
C TYR B 486 -12.80 38.00 23.19
N PHE B 487 -14.08 37.75 23.46
CA PHE B 487 -14.43 36.74 24.44
C PHE B 487 -14.00 35.36 23.94
N PRO B 488 -13.36 34.54 24.78
CA PRO B 488 -12.81 33.27 24.29
C PRO B 488 -13.86 32.35 23.68
N LEU B 489 -15.08 32.37 24.19
CA LEU B 489 -16.12 31.45 23.75
C LEU B 489 -17.08 32.15 22.79
N GLN B 490 -17.76 31.33 21.98
CA GLN B 490 -18.82 31.80 21.12
C GLN B 490 -19.98 30.81 21.20
N SER B 491 -21.18 31.32 20.96
CA SER B 491 -22.41 30.56 21.17
C SER B 491 -22.92 30.00 19.85
N TYR B 492 -23.24 28.71 19.85
CA TYR B 492 -23.91 28.10 18.71
C TYR B 492 -25.34 28.61 18.59
N GLY B 493 -25.82 28.72 17.37
CA GLY B 493 -27.21 29.04 17.15
C GLY B 493 -28.11 27.89 17.56
N PHE B 494 -27.96 26.75 16.89
CA PHE B 494 -28.67 25.52 17.24
C PHE B 494 -30.19 25.76 17.30
N GLN B 495 -30.76 26.09 16.14
CA GLN B 495 -32.19 26.20 15.98
C GLN B 495 -32.70 25.08 15.08
N PRO B 496 -33.93 24.62 15.28
CA PRO B 496 -34.48 23.57 14.39
C PRO B 496 -34.49 23.99 12.93
N THR B 497 -34.65 25.28 12.66
CA THR B 497 -34.73 25.75 11.28
C THR B 497 -33.40 25.63 10.54
N TYR B 498 -32.29 25.52 11.26
CA TYR B 498 -30.99 25.47 10.60
C TYR B 498 -30.82 24.16 9.83
N GLY B 499 -29.88 24.17 8.89
CA GLY B 499 -29.59 23.00 8.11
C GLY B 499 -28.89 21.92 8.93
N VAL B 500 -28.78 20.74 8.32
CA VAL B 500 -28.20 19.60 9.01
C VAL B 500 -26.75 19.88 9.38
N GLY B 501 -26.03 20.59 8.51
CA GLY B 501 -24.64 20.88 8.78
C GLY B 501 -24.43 21.70 10.04
N TYR B 502 -25.47 22.37 10.52
CA TYR B 502 -25.40 23.15 11.76
C TYR B 502 -26.28 22.57 12.86
N GLN B 503 -27.02 21.51 12.59
CA GLN B 503 -27.83 20.91 13.63
C GLN B 503 -26.93 20.34 14.73
N PRO B 504 -27.32 20.47 16.00
CA PRO B 504 -26.49 19.96 17.08
C PRO B 504 -26.42 18.43 17.06
N TYR B 505 -25.31 17.92 17.58
CA TYR B 505 -25.05 16.48 17.66
C TYR B 505 -24.36 16.19 18.97
N ARG B 506 -24.77 15.11 19.62
CA ARG B 506 -24.11 14.62 20.81
C ARG B 506 -23.01 13.65 20.39
N VAL B 507 -21.78 13.93 20.82
CA VAL B 507 -20.60 13.15 20.46
C VAL B 507 -19.95 12.63 21.72
N VAL B 508 -19.70 11.33 21.76
CA VAL B 508 -19.00 10.67 22.85
C VAL B 508 -17.73 10.05 22.28
N VAL B 509 -16.66 10.14 23.04
CA VAL B 509 -15.38 9.54 22.69
C VAL B 509 -15.02 8.58 23.82
N LEU B 510 -14.97 7.29 23.52
CA LEU B 510 -14.53 6.28 24.47
C LEU B 510 -13.07 6.00 24.18
N SER B 511 -12.20 6.28 25.13
CA SER B 511 -10.77 5.99 25.03
C SER B 511 -10.44 4.91 26.04
N PHE B 512 -10.02 3.76 25.54
CA PHE B 512 -9.58 2.68 26.41
C PHE B 512 -8.08 2.79 26.62
N GLU B 513 -7.64 2.80 27.87
CA GLU B 513 -6.22 2.81 28.19
C GLU B 513 -5.87 1.45 28.77
N LEU B 514 -4.92 0.77 28.13
CA LEU B 514 -4.47 -0.56 28.51
C LEU B 514 -3.00 -0.44 28.88
N LEU B 515 -2.73 -0.06 30.13
CA LEU B 515 -1.38 -0.01 30.64
C LEU B 515 -0.95 -1.39 31.14
N HIS B 516 0.26 -1.46 31.68
CA HIS B 516 0.77 -2.69 32.27
C HIS B 516 0.30 -2.81 33.73
N ALA B 517 -1.01 -2.70 33.89
CA ALA B 517 -1.69 -2.76 35.19
C ALA B 517 -2.82 -3.76 35.10
N PRO B 518 -3.29 -4.27 36.24
CA PRO B 518 -4.38 -5.24 36.20
C PRO B 518 -5.60 -4.67 35.51
N ALA B 519 -6.26 -5.51 34.72
CA ALA B 519 -7.45 -5.09 33.99
C ALA B 519 -8.60 -4.86 34.95
N THR B 520 -9.36 -3.80 34.69
CA THR B 520 -10.51 -3.46 35.50
C THR B 520 -11.81 -3.27 34.72
N VAL B 521 -11.74 -3.07 33.39
CA VAL B 521 -12.90 -3.08 32.52
C VAL B 521 -12.73 -4.23 31.56
N CYS B 522 -13.61 -5.23 31.65
CA CYS B 522 -13.59 -6.39 30.76
C CYS B 522 -14.94 -6.53 30.08
N GLY B 523 -14.99 -7.40 29.08
CA GLY B 523 -16.18 -7.61 28.31
C GLY B 523 -17.11 -8.62 28.95
N PRO B 524 -18.24 -8.91 28.29
CA PRO B 524 -19.25 -9.81 28.86
C PRO B 524 -18.94 -11.29 28.68
N LYS B 525 -17.71 -11.67 28.97
CA LYS B 525 -17.24 -13.03 28.76
C LYS B 525 -16.92 -13.67 30.10
N LYS B 526 -17.44 -14.86 30.32
CA LYS B 526 -17.25 -15.56 31.58
C LYS B 526 -15.83 -16.12 31.67
N SER B 527 -15.35 -16.27 32.90
CA SER B 527 -14.02 -16.79 33.16
C SER B 527 -14.10 -18.30 33.34
N THR B 528 -13.42 -19.03 32.45
CA THR B 528 -13.43 -20.49 32.51
C THR B 528 -12.53 -20.97 33.64
N ASN B 529 -12.39 -22.28 33.76
CA ASN B 529 -11.55 -22.88 34.78
C ASN B 529 -10.15 -23.09 34.22
N LEU B 530 -9.15 -22.79 35.06
CA LEU B 530 -7.76 -22.87 34.65
C LEU B 530 -7.31 -24.33 34.51
N VAL B 531 -6.52 -24.59 33.47
CA VAL B 531 -5.93 -25.92 33.24
C VAL B 531 -4.43 -25.73 33.02
N LYS B 532 -3.64 -26.57 33.67
CA LYS B 532 -2.19 -26.45 33.63
C LYS B 532 -1.56 -27.72 33.05
N ASN B 533 -0.31 -27.59 32.62
CA ASN B 533 0.46 -28.72 32.12
C ASN B 533 -0.22 -29.40 30.94
N LYS B 534 -0.78 -28.61 30.03
CA LYS B 534 -1.46 -29.17 28.88
C LYS B 534 -1.61 -28.10 27.81
N CYS B 535 -1.39 -28.50 26.56
CA CYS B 535 -1.47 -27.58 25.42
C CYS B 535 -2.89 -27.04 25.32
N VAL B 536 -3.07 -25.76 25.64
CA VAL B 536 -4.38 -25.13 25.63
C VAL B 536 -4.29 -23.78 24.93
N ASN B 537 -5.45 -23.26 24.54
CA ASN B 537 -5.56 -21.96 23.88
C ASN B 537 -5.98 -20.95 24.95
N PHE B 538 -5.00 -20.45 25.70
CA PHE B 538 -5.26 -19.58 26.83
C PHE B 538 -5.79 -18.23 26.36
N ASN B 539 -6.29 -17.45 27.33
CA ASN B 539 -6.73 -16.09 27.07
C ASN B 539 -6.74 -15.34 28.40
N PHE B 540 -5.77 -14.45 28.59
CA PHE B 540 -5.64 -13.66 29.82
C PHE B 540 -5.89 -12.19 29.47
N ASN B 541 -6.98 -11.63 29.99
CA ASN B 541 -7.29 -10.22 29.79
C ASN B 541 -7.27 -9.85 28.31
N GLY B 542 -7.74 -10.77 27.47
CA GLY B 542 -7.76 -10.55 26.05
C GLY B 542 -6.44 -10.80 25.34
N LEU B 543 -5.39 -11.17 26.07
CA LEU B 543 -4.10 -11.50 25.47
C LEU B 543 -4.15 -12.96 25.06
N THR B 544 -4.56 -13.20 23.82
CA THR B 544 -4.73 -14.57 23.34
C THR B 544 -3.37 -15.24 23.16
N GLY B 545 -3.39 -16.45 22.63
CA GLY B 545 -2.17 -17.20 22.37
C GLY B 545 -2.31 -18.65 22.74
N THR B 546 -1.37 -19.48 22.29
CA THR B 546 -1.38 -20.91 22.55
C THR B 546 -0.10 -21.28 23.29
N GLY B 547 -0.24 -22.02 24.37
CA GLY B 547 0.93 -22.42 25.15
C GLY B 547 0.53 -23.42 26.21
N VAL B 548 1.55 -23.90 26.92
CA VAL B 548 1.37 -24.87 27.99
C VAL B 548 1.57 -24.11 29.30
N LEU B 549 0.47 -23.69 29.92
CA LEU B 549 0.54 -22.95 31.16
C LEU B 549 1.09 -23.86 32.27
N THR B 550 2.22 -23.48 32.84
CA THR B 550 2.86 -24.24 33.90
C THR B 550 3.16 -23.33 35.08
N GLU B 551 3.01 -23.86 36.28
CA GLU B 551 3.36 -23.09 37.48
C GLU B 551 4.83 -22.73 37.44
N SER B 552 5.14 -21.47 37.71
CA SER B 552 6.49 -20.94 37.55
C SER B 552 7.05 -20.51 38.89
N ASN B 553 8.38 -20.44 38.95
CA ASN B 553 9.10 -19.99 40.12
C ASN B 553 9.56 -18.54 40.00
N LYS B 554 9.09 -17.83 38.98
CA LYS B 554 9.48 -16.44 38.80
C LYS B 554 8.96 -15.60 39.98
N LYS B 555 9.67 -14.52 40.25
CA LYS B 555 9.35 -13.61 41.36
C LYS B 555 8.82 -12.31 40.76
N PHE B 556 7.52 -12.27 40.51
CA PHE B 556 6.88 -11.05 40.02
C PHE B 556 6.78 -10.01 41.13
N LEU B 557 6.86 -8.74 40.72
CA LEU B 557 6.61 -7.65 41.64
C LEU B 557 5.11 -7.38 41.73
N PRO B 558 4.67 -6.74 42.81
CA PRO B 558 3.21 -6.52 42.98
C PRO B 558 2.59 -5.74 41.85
N PHE B 559 3.33 -4.85 41.20
CA PHE B 559 2.79 -4.01 40.14
C PHE B 559 2.97 -4.60 38.75
N GLN B 560 3.51 -5.81 38.64
CA GLN B 560 3.81 -6.42 37.36
C GLN B 560 2.71 -7.40 36.95
N GLN B 561 2.48 -7.50 35.64
CA GLN B 561 1.43 -8.34 35.11
C GLN B 561 1.90 -9.29 34.02
N PHE B 562 2.80 -8.84 33.14
CA PHE B 562 3.32 -9.67 32.05
C PHE B 562 4.83 -9.81 32.18
N GLY B 563 5.32 -11.02 31.98
CA GLY B 563 6.75 -11.24 31.90
C GLY B 563 7.18 -11.44 30.47
N ARG B 564 7.76 -10.40 29.87
CA ARG B 564 8.08 -10.45 28.45
C ARG B 564 9.36 -11.25 28.21
N ASP B 565 9.62 -11.51 26.93
CA ASP B 565 10.72 -12.33 26.48
C ASP B 565 11.63 -11.48 25.60
N ILE B 566 12.78 -12.07 25.22
CA ILE B 566 13.72 -11.34 24.38
C ILE B 566 13.07 -10.97 23.06
N ALA B 567 12.11 -11.77 22.61
CA ALA B 567 11.41 -11.56 21.35
C ALA B 567 10.08 -10.85 21.51
N ASP B 568 9.84 -10.24 22.68
CA ASP B 568 8.58 -9.55 22.95
C ASP B 568 7.39 -10.49 22.84
N THR B 569 7.55 -11.71 23.33
CA THR B 569 6.48 -12.67 23.45
C THR B 569 6.21 -12.91 24.93
N THR B 570 4.95 -12.78 25.34
CA THR B 570 4.61 -12.83 26.76
C THR B 570 4.91 -14.22 27.30
N ASP B 571 6.01 -14.33 28.05
CA ASP B 571 6.49 -15.61 28.53
C ASP B 571 5.94 -15.98 29.89
N ALA B 572 5.64 -15.00 30.74
CA ALA B 572 5.08 -15.24 32.06
C ALA B 572 3.91 -14.30 32.28
N VAL B 573 2.84 -14.81 32.90
CA VAL B 573 1.63 -14.06 33.09
C VAL B 573 1.14 -14.25 34.53
N ARG B 574 0.31 -13.30 34.98
CA ARG B 574 -0.25 -13.31 36.31
C ARG B 574 -1.74 -13.60 36.19
N ASP B 575 -2.17 -14.73 36.75
CA ASP B 575 -3.58 -15.11 36.65
C ASP B 575 -4.41 -14.13 37.46
N PRO B 576 -5.33 -13.39 36.85
CA PRO B 576 -6.03 -12.33 37.60
C PRO B 576 -6.83 -12.85 38.78
N GLN B 577 -7.47 -14.01 38.66
CA GLN B 577 -8.31 -14.49 39.75
C GLN B 577 -7.48 -15.02 40.91
N THR B 578 -6.41 -15.73 40.62
CA THR B 578 -5.47 -16.21 41.63
C THR B 578 -4.09 -15.68 41.27
N LEU B 579 -3.56 -14.82 42.14
CA LEU B 579 -2.34 -14.08 41.82
C LEU B 579 -1.11 -14.98 41.87
N GLU B 580 -1.03 -15.93 40.95
CA GLU B 580 0.16 -16.76 40.77
C GLU B 580 0.72 -16.53 39.37
N ILE B 581 2.01 -16.78 39.22
CA ILE B 581 2.73 -16.54 37.97
C ILE B 581 2.84 -17.85 37.22
N LEU B 582 2.38 -17.84 35.97
CA LEU B 582 2.41 -19.02 35.11
C LEU B 582 3.24 -18.73 33.87
N ASP B 583 4.08 -19.69 33.50
CA ASP B 583 4.86 -19.57 32.28
C ASP B 583 3.99 -19.90 31.07
N ILE B 584 4.52 -19.60 29.89
CA ILE B 584 3.84 -19.88 28.62
C ILE B 584 4.90 -20.44 27.68
N THR B 585 4.97 -21.76 27.57
CA THR B 585 5.90 -22.42 26.67
C THR B 585 5.15 -22.94 25.45
N PRO B 586 5.60 -22.67 24.24
CA PRO B 586 4.93 -23.25 23.07
C PRO B 586 4.86 -24.75 23.19
N CYS B 587 3.72 -25.33 22.78
CA CYS B 587 3.44 -26.72 23.10
C CYS B 587 4.56 -27.63 22.63
N SER B 588 4.72 -27.78 21.33
CA SER B 588 5.84 -28.57 20.79
C SER B 588 5.87 -28.46 19.28
N PHE B 589 7.06 -28.55 18.70
CA PHE B 589 7.20 -28.46 17.25
C PHE B 589 8.54 -29.07 16.85
N GLY B 590 8.69 -29.29 15.56
CA GLY B 590 9.92 -29.84 15.04
C GLY B 590 9.70 -30.39 13.65
N GLY B 591 10.81 -30.78 13.02
CA GLY B 591 10.73 -31.38 11.72
C GLY B 591 10.26 -32.82 11.79
N VAL B 592 9.73 -33.28 10.66
CA VAL B 592 9.28 -34.67 10.52
C VAL B 592 10.07 -35.26 9.36
N SER B 593 11.22 -35.84 9.64
CA SER B 593 12.01 -36.49 8.61
C SER B 593 11.44 -37.87 8.34
N VAL B 594 11.55 -38.32 7.10
CA VAL B 594 11.04 -39.62 6.68
C VAL B 594 12.22 -40.39 6.10
N ILE B 595 12.93 -41.11 6.95
CA ILE B 595 14.03 -41.95 6.49
C ILE B 595 13.47 -43.07 5.63
N THR B 596 14.04 -43.25 4.44
CA THR B 596 13.48 -44.22 3.53
C THR B 596 14.59 -44.81 2.68
N PRO B 597 14.71 -46.14 2.60
CA PRO B 597 15.52 -46.72 1.53
C PRO B 597 14.84 -46.47 0.19
N GLY B 598 15.65 -46.51 -0.87
CA GLY B 598 15.13 -46.24 -2.20
C GLY B 598 13.84 -46.98 -2.47
N THR B 599 12.79 -46.24 -2.86
CA THR B 599 11.51 -46.88 -3.09
C THR B 599 11.60 -47.94 -4.18
N ASN B 600 12.61 -47.86 -5.04
CA ASN B 600 12.86 -48.95 -5.98
C ASN B 600 13.07 -50.26 -5.26
N THR B 601 13.53 -50.21 -4.00
CA THR B 601 13.80 -51.40 -3.22
C THR B 601 12.62 -51.79 -2.33
N SER B 602 12.14 -50.87 -1.49
CA SER B 602 11.08 -51.18 -0.56
C SER B 602 10.25 -49.95 -0.29
N ASN B 603 9.03 -50.16 0.18
CA ASN B 603 8.10 -49.09 0.50
C ASN B 603 8.03 -48.82 2.00
N GLN B 604 9.00 -49.31 2.76
CA GLN B 604 8.99 -49.19 4.22
C GLN B 604 9.85 -48.00 4.63
N VAL B 605 9.33 -47.19 5.55
CA VAL B 605 9.99 -45.97 5.98
C VAL B 605 10.01 -45.91 7.49
N ALA B 606 10.68 -44.89 8.01
CA ALA B 606 10.73 -44.65 9.46
C ALA B 606 10.77 -43.15 9.71
N VAL B 607 9.93 -42.67 10.61
CA VAL B 607 9.73 -41.25 10.81
C VAL B 607 10.54 -40.78 12.01
N LEU B 608 11.27 -39.69 11.82
CA LEU B 608 12.06 -39.08 12.88
C LEU B 608 11.45 -37.72 13.22
N TYR B 609 10.94 -37.59 14.43
CA TYR B 609 10.48 -36.30 14.94
C TYR B 609 11.67 -35.62 15.60
N GLN B 610 12.06 -34.48 15.04
CA GLN B 610 13.32 -33.84 15.42
C GLN B 610 13.14 -33.03 16.69
N GLY B 611 13.97 -33.31 17.69
CA GLY B 611 13.98 -32.52 18.91
C GLY B 611 12.69 -32.55 19.69
N VAL B 612 12.07 -33.73 19.84
CA VAL B 612 10.89 -33.90 20.67
C VAL B 612 11.06 -35.16 21.49
N ASN B 613 10.66 -35.08 22.76
CA ASN B 613 10.72 -36.24 23.63
C ASN B 613 9.75 -37.30 23.12
N CYS B 614 10.05 -38.56 23.45
CA CYS B 614 9.19 -39.66 22.99
C CYS B 614 7.95 -39.81 23.85
N THR B 615 7.23 -38.72 24.08
CA THR B 615 6.00 -38.76 24.86
C THR B 615 4.94 -37.84 24.26
N GLU B 616 5.36 -36.77 23.60
CA GLU B 616 4.43 -35.83 22.98
C GLU B 616 4.12 -36.17 21.53
N VAL B 617 4.65 -37.27 21.01
CA VAL B 617 4.37 -37.67 19.64
C VAL B 617 2.88 -37.86 19.45
N ASN B 638 8.05 -49.79 17.32
CA ASN B 638 9.37 -49.61 17.90
C ASN B 638 9.74 -48.15 17.98
N VAL B 639 10.05 -47.68 19.18
CA VAL B 639 10.37 -46.29 19.44
C VAL B 639 11.78 -46.20 20.01
N PHE B 640 12.61 -45.39 19.38
CA PHE B 640 13.98 -45.17 19.80
C PHE B 640 14.14 -43.69 20.17
N GLN B 641 14.87 -43.41 21.24
CA GLN B 641 15.08 -42.04 21.69
C GLN B 641 16.51 -41.65 21.33
N THR B 642 16.69 -40.97 20.20
CA THR B 642 17.99 -40.51 19.76
C THR B 642 18.22 -39.08 20.23
N ARG B 643 19.50 -38.70 20.30
CA ARG B 643 19.83 -37.33 20.69
C ARG B 643 19.30 -36.30 19.69
N ALA B 644 18.91 -36.73 18.49
CA ALA B 644 18.31 -35.83 17.52
C ALA B 644 16.80 -35.82 17.57
N GLY B 645 16.19 -36.68 18.36
CA GLY B 645 14.73 -36.66 18.47
C GLY B 645 14.21 -38.05 18.81
N CYS B 646 13.01 -38.34 18.30
CA CYS B 646 12.34 -39.62 18.53
C CYS B 646 12.16 -40.31 17.19
N LEU B 647 12.62 -41.55 17.09
CA LEU B 647 12.59 -42.31 15.86
C LEU B 647 11.55 -43.42 15.99
N ILE B 648 10.63 -43.49 15.04
CA ILE B 648 9.52 -44.44 15.05
C ILE B 648 9.58 -45.25 13.77
N GLY B 649 9.61 -46.57 13.90
CA GLY B 649 9.64 -47.45 12.76
C GLY B 649 11.00 -48.02 12.42
N ALA B 650 12.02 -47.74 13.23
CA ALA B 650 13.36 -48.27 13.02
C ALA B 650 13.74 -49.13 14.20
N GLU B 651 14.15 -50.36 13.93
CA GLU B 651 14.52 -51.30 14.98
C GLU B 651 15.92 -50.96 15.50
N HIS B 652 16.03 -50.73 16.80
CA HIS B 652 17.31 -50.43 17.40
C HIS B 652 18.12 -51.71 17.58
N VAL B 653 19.33 -51.73 17.03
CA VAL B 653 20.20 -52.89 17.13
C VAL B 653 21.45 -52.51 17.92
N ASN B 654 22.11 -53.51 18.47
CA ASN B 654 23.31 -53.33 19.27
C ASN B 654 24.59 -53.45 18.46
N ASN B 655 24.50 -53.71 17.17
CA ASN B 655 25.68 -53.83 16.32
C ASN B 655 26.15 -52.44 15.92
N SER B 656 27.08 -52.37 14.97
CA SER B 656 27.57 -51.10 14.46
C SER B 656 28.22 -51.36 13.11
N TYR B 657 27.73 -50.70 12.07
CA TYR B 657 28.26 -50.83 10.72
C TYR B 657 28.60 -49.45 10.20
N GLU B 658 28.96 -49.39 8.91
CA GLU B 658 29.22 -48.10 8.29
C GLU B 658 27.91 -47.31 8.16
N CYS B 659 28.05 -45.99 8.08
CA CYS B 659 26.88 -45.12 8.02
C CYS B 659 26.25 -45.21 6.63
N ASP B 660 24.94 -45.39 6.60
CA ASP B 660 24.19 -45.51 5.36
C ASP B 660 23.23 -44.34 5.17
N ILE B 661 22.31 -44.14 6.11
CA ILE B 661 21.41 -43.00 6.11
C ILE B 661 21.62 -42.25 7.41
N PRO B 662 22.42 -41.18 7.40
CA PRO B 662 22.76 -40.51 8.66
C PRO B 662 21.53 -39.89 9.29
N ILE B 663 21.52 -39.84 10.63
CA ILE B 663 20.43 -39.23 11.37
C ILE B 663 20.99 -38.07 12.19
N GLY B 664 21.94 -38.38 13.05
CA GLY B 664 22.55 -37.39 13.90
C GLY B 664 23.01 -38.04 15.20
N ALA B 665 24.03 -37.44 15.81
CA ALA B 665 24.59 -37.97 17.04
C ALA B 665 25.07 -39.40 16.85
N GLY B 666 25.67 -39.68 15.70
CA GLY B 666 26.30 -40.96 15.47
C GLY B 666 25.37 -42.09 15.09
N ILE B 667 24.10 -41.81 14.85
CA ILE B 667 23.13 -42.83 14.45
C ILE B 667 22.99 -42.80 12.94
N CYS B 668 22.93 -43.98 12.34
CA CYS B 668 22.76 -44.10 10.88
C CYS B 668 21.83 -45.26 10.60
N ALA B 669 20.63 -44.95 10.11
CA ALA B 669 19.67 -45.98 9.77
C ALA B 669 20.01 -46.61 8.43
N SER B 670 19.55 -47.85 8.23
CA SER B 670 19.78 -48.56 6.99
C SER B 670 18.72 -49.63 6.84
N TYR B 671 18.70 -50.30 5.69
CA TYR B 671 17.71 -51.32 5.36
C TYR B 671 18.43 -52.65 5.23
N GLN B 672 18.15 -53.57 6.15
CA GLN B 672 18.90 -54.82 6.20
C GLN B 672 18.06 -55.93 6.81
N THR B 673 18.53 -57.16 6.62
CA THR B 673 17.87 -58.34 7.15
C THR B 673 17.82 -58.30 8.67
N SER B 686 11.58 -60.27 5.42
CA SER B 686 12.31 -60.39 6.67
C SER B 686 13.15 -59.14 6.94
N GLN B 687 13.47 -58.41 5.88
CA GLN B 687 14.27 -57.21 6.03
C GLN B 687 13.46 -56.09 6.67
N SER B 688 14.16 -55.18 7.34
CA SER B 688 13.53 -54.05 8.00
C SER B 688 14.54 -52.91 8.10
N ILE B 689 14.08 -51.79 8.63
CA ILE B 689 14.92 -50.61 8.80
C ILE B 689 15.48 -50.64 10.22
N ILE B 690 16.80 -50.58 10.32
CA ILE B 690 17.50 -50.66 11.59
C ILE B 690 18.26 -49.35 11.82
N ALA B 691 18.41 -49.00 13.09
CA ALA B 691 19.18 -47.83 13.50
C ALA B 691 20.30 -48.29 14.43
N TYR B 692 21.49 -47.74 14.23
CA TYR B 692 22.67 -48.21 14.95
C TYR B 692 23.68 -47.08 15.05
N THR B 693 24.59 -47.23 16.01
CA THR B 693 25.70 -46.29 16.16
C THR B 693 26.72 -46.55 15.05
N MET B 694 27.00 -45.54 14.25
CA MET B 694 27.92 -45.72 13.13
C MET B 694 29.29 -46.12 13.65
N SER B 695 29.96 -47.01 12.92
CA SER B 695 31.29 -47.49 13.27
C SER B 695 32.30 -46.81 12.37
N LEU B 696 33.38 -46.31 12.98
CA LEU B 696 34.35 -45.51 12.25
C LEU B 696 35.30 -46.35 11.41
N GLY B 697 35.35 -47.65 11.62
CA GLY B 697 36.24 -48.51 10.86
C GLY B 697 36.74 -49.66 11.71
N VAL B 698 37.41 -50.58 11.05
CA VAL B 698 37.89 -51.79 11.72
C VAL B 698 39.08 -51.43 12.59
N GLU B 699 38.95 -51.67 13.89
CA GLU B 699 40.04 -51.35 14.81
C GLU B 699 41.25 -52.21 14.50
N ASN B 700 42.42 -51.58 14.48
CA ASN B 700 43.67 -52.24 14.16
C ASN B 700 44.74 -51.76 15.12
N SER B 701 45.55 -52.69 15.61
CA SER B 701 46.65 -52.36 16.50
C SER B 701 47.96 -52.62 15.77
N VAL B 702 48.78 -51.58 15.63
CA VAL B 702 50.06 -51.73 14.93
C VAL B 702 51.03 -52.44 15.85
N ALA B 703 51.63 -53.51 15.35
CA ALA B 703 52.54 -54.34 16.15
C ALA B 703 53.88 -53.63 16.33
N TYR B 704 53.81 -52.45 16.93
CA TYR B 704 54.96 -51.57 17.01
C TYR B 704 55.89 -51.98 18.14
N SER B 705 57.18 -52.08 17.83
CA SER B 705 58.20 -52.36 18.82
C SER B 705 59.48 -51.65 18.40
N ASN B 706 60.30 -51.30 19.38
CA ASN B 706 61.41 -50.38 19.14
C ASN B 706 62.49 -50.96 18.22
N ASN B 707 62.34 -52.21 17.79
CA ASN B 707 63.32 -52.81 16.89
C ASN B 707 62.66 -53.65 15.80
N SER B 708 61.45 -53.29 15.38
CA SER B 708 60.74 -54.00 14.33
C SER B 708 60.28 -53.02 13.27
N ILE B 709 60.52 -53.36 12.01
CA ILE B 709 60.07 -52.54 10.88
C ILE B 709 59.42 -53.46 9.86
N ALA B 710 58.31 -53.02 9.29
CA ALA B 710 57.61 -53.76 8.26
C ALA B 710 57.92 -53.12 6.92
N ILE B 711 58.53 -53.89 6.02
CA ILE B 711 58.96 -53.40 4.71
C ILE B 711 58.12 -54.08 3.65
N PRO B 712 57.59 -53.35 2.67
CA PRO B 712 56.87 -54.01 1.58
C PRO B 712 57.79 -54.82 0.70
N THR B 713 57.26 -55.89 0.14
CA THR B 713 57.96 -56.70 -0.83
C THR B 713 57.28 -56.69 -2.20
N ASN B 714 56.18 -55.97 -2.33
CA ASN B 714 55.41 -55.98 -3.57
C ASN B 714 54.57 -54.72 -3.61
N PHE B 715 54.16 -54.34 -4.81
CA PHE B 715 53.46 -53.08 -5.02
C PHE B 715 52.25 -53.32 -5.91
N THR B 716 51.24 -52.47 -5.74
CA THR B 716 50.06 -52.48 -6.58
C THR B 716 49.86 -51.09 -7.16
N ILE B 717 49.62 -51.03 -8.47
CA ILE B 717 49.36 -49.77 -9.15
C ILE B 717 47.86 -49.64 -9.33
N SER B 718 47.29 -48.61 -8.73
CA SER B 718 45.86 -48.35 -8.77
C SER B 718 45.58 -47.10 -9.58
N VAL B 719 44.37 -47.03 -10.12
CA VAL B 719 43.94 -45.90 -10.94
C VAL B 719 42.63 -45.39 -10.31
N THR B 720 42.75 -44.42 -9.43
CA THR B 720 41.57 -43.82 -8.82
C THR B 720 41.02 -42.72 -9.71
N THR B 721 39.73 -42.45 -9.56
CA THR B 721 39.04 -41.44 -10.36
C THR B 721 38.61 -40.29 -9.47
N GLU B 722 38.95 -39.07 -9.87
CA GLU B 722 38.58 -37.87 -9.13
C GLU B 722 37.83 -36.94 -10.06
N ILE B 723 36.61 -36.58 -9.68
CA ILE B 723 35.70 -35.81 -10.53
C ILE B 723 35.52 -34.43 -9.92
N LEU B 724 35.71 -33.39 -10.73
CA LEU B 724 35.64 -32.02 -10.26
C LEU B 724 34.74 -31.20 -11.17
N PRO B 725 33.74 -30.51 -10.64
CA PRO B 725 33.02 -29.52 -11.46
C PRO B 725 33.95 -28.38 -11.83
N VAL B 726 33.71 -27.80 -13.01
CA VAL B 726 34.51 -26.70 -13.52
C VAL B 726 33.65 -25.50 -13.86
N SER B 727 32.60 -25.69 -14.66
CA SER B 727 31.76 -24.60 -15.10
C SER B 727 30.30 -24.99 -14.95
N MET B 728 29.51 -24.06 -14.43
CA MET B 728 28.06 -24.22 -14.35
C MET B 728 27.45 -23.77 -15.69
N THR B 729 26.14 -23.61 -15.72
CA THR B 729 25.45 -23.20 -16.94
C THR B 729 25.45 -21.68 -17.06
N LYS B 730 25.78 -21.18 -18.25
CA LYS B 730 25.74 -19.75 -18.53
C LYS B 730 24.31 -19.36 -18.87
N THR B 731 23.62 -18.73 -17.93
CA THR B 731 22.24 -18.30 -18.12
C THR B 731 22.12 -16.80 -17.89
N SER B 732 21.39 -16.13 -18.76
CA SER B 732 21.07 -14.71 -18.62
C SER B 732 19.56 -14.54 -18.51
N VAL B 733 19.14 -13.52 -17.77
CA VAL B 733 17.73 -13.26 -17.51
C VAL B 733 17.39 -11.89 -18.07
N ASP B 734 16.38 -11.83 -18.92
CA ASP B 734 15.88 -10.57 -19.46
C ASP B 734 14.94 -9.98 -18.39
N CYS B 735 15.46 -9.00 -17.65
CA CYS B 735 14.75 -8.53 -16.47
C CYS B 735 13.35 -8.02 -16.81
N THR B 736 13.25 -7.17 -17.83
CA THR B 736 11.95 -6.61 -18.18
C THR B 736 11.02 -7.68 -18.70
N MET B 737 11.48 -8.50 -19.64
CA MET B 737 10.61 -9.51 -20.24
C MET B 737 10.20 -10.57 -19.23
N TYR B 738 10.95 -10.74 -18.15
CA TYR B 738 10.52 -11.66 -17.10
C TYR B 738 9.53 -10.99 -16.16
N ILE B 739 9.91 -9.86 -15.58
CA ILE B 739 9.02 -9.19 -14.63
C ILE B 739 7.78 -8.68 -15.34
N CYS B 740 7.95 -8.11 -16.53
CA CYS B 740 6.89 -7.38 -17.23
C CYS B 740 6.74 -7.86 -18.65
N GLY B 741 6.63 -9.18 -18.83
CA GLY B 741 6.57 -9.75 -20.16
C GLY B 741 5.53 -9.14 -21.07
N ASP B 742 5.97 -8.38 -22.07
CA ASP B 742 5.11 -7.82 -23.09
C ASP B 742 3.94 -7.04 -22.47
N SER B 743 4.27 -6.14 -21.55
CA SER B 743 3.29 -5.29 -20.90
C SER B 743 3.86 -3.87 -20.82
N THR B 744 3.29 -2.95 -21.60
CA THR B 744 3.79 -1.58 -21.60
C THR B 744 3.59 -0.91 -20.25
N GLU B 745 2.41 -1.09 -19.65
CA GLU B 745 2.14 -0.47 -18.35
C GLU B 745 3.08 -1.02 -17.29
N CYS B 746 3.30 -2.34 -17.30
CA CYS B 746 4.21 -2.94 -16.34
C CYS B 746 5.62 -2.42 -16.55
N SER B 747 6.05 -2.27 -17.81
CA SER B 747 7.37 -1.72 -18.08
C SER B 747 7.49 -0.29 -17.55
N ASN B 748 6.45 0.52 -17.76
CA ASN B 748 6.48 1.88 -17.26
C ASN B 748 6.60 1.91 -15.74
N LEU B 749 5.83 1.07 -15.06
CA LEU B 749 5.94 1.02 -13.61
C LEU B 749 7.31 0.52 -13.17
N LEU B 750 7.85 -0.45 -13.90
CA LEU B 750 9.15 -1.01 -13.53
C LEU B 750 10.27 0.00 -13.69
N LEU B 751 10.13 0.92 -14.64
CA LEU B 751 11.19 1.91 -14.85
C LEU B 751 11.45 2.73 -13.60
N GLN B 752 10.49 2.82 -12.68
CA GLN B 752 10.67 3.63 -11.49
C GLN B 752 11.65 3.03 -10.49
N TYR B 753 12.09 1.80 -10.68
CA TYR B 753 13.02 1.17 -9.76
C TYR B 753 14.48 1.43 -10.13
N GLY B 754 14.73 2.18 -11.20
CA GLY B 754 16.08 2.60 -11.53
C GLY B 754 16.89 1.56 -12.25
N SER B 755 17.99 1.13 -11.62
CA SER B 755 18.94 0.22 -12.24
C SER B 755 18.77 -1.22 -11.79
N PHE B 756 17.67 -1.55 -11.12
CA PHE B 756 17.50 -2.91 -10.62
C PHE B 756 17.36 -3.93 -11.73
N CYS B 757 17.16 -3.49 -12.97
CA CYS B 757 17.18 -4.40 -14.12
C CYS B 757 18.45 -4.27 -14.94
N THR B 758 19.24 -3.22 -14.74
CA THR B 758 20.47 -3.04 -15.49
C THR B 758 21.68 -3.65 -14.78
N GLN B 759 21.51 -4.12 -13.54
CA GLN B 759 22.61 -4.71 -12.79
C GLN B 759 22.47 -6.21 -12.60
N LEU B 760 21.26 -6.75 -12.58
CA LEU B 760 21.11 -8.20 -12.55
C LEU B 760 21.71 -8.82 -13.80
N ASN B 761 21.46 -8.20 -14.95
CA ASN B 761 22.12 -8.64 -16.17
C ASN B 761 23.63 -8.49 -16.06
N ARG B 762 24.09 -7.44 -15.37
CA ARG B 762 25.53 -7.29 -15.16
C ARG B 762 26.08 -8.46 -14.36
N ALA B 763 25.39 -8.84 -13.28
CA ALA B 763 25.87 -9.94 -12.45
C ALA B 763 25.87 -11.25 -13.23
N LEU B 764 24.81 -11.51 -13.99
CA LEU B 764 24.76 -12.75 -14.75
C LEU B 764 25.82 -12.79 -15.84
N THR B 765 26.07 -11.67 -16.50
CA THR B 765 27.14 -11.63 -17.49
C THR B 765 28.49 -11.86 -16.84
N GLY B 766 28.72 -11.28 -15.67
CA GLY B 766 29.94 -11.54 -14.95
C GLY B 766 30.12 -13.02 -14.64
N ILE B 767 29.04 -13.67 -14.20
CA ILE B 767 29.11 -15.10 -13.90
C ILE B 767 29.44 -15.89 -15.16
N ALA B 768 28.81 -15.54 -16.29
CA ALA B 768 29.04 -16.30 -17.51
C ALA B 768 30.48 -16.15 -17.99
N VAL B 769 31.00 -14.92 -17.99
CA VAL B 769 32.40 -14.73 -18.37
C VAL B 769 33.31 -15.49 -17.41
N GLU B 770 32.93 -15.53 -16.14
CA GLU B 770 33.72 -16.28 -15.17
C GLU B 770 33.74 -17.76 -15.51
N GLN B 771 32.61 -18.31 -15.97
CA GLN B 771 32.60 -19.71 -16.35
C GLN B 771 33.52 -19.97 -17.54
N ASP B 772 33.48 -19.08 -18.53
CA ASP B 772 34.41 -19.23 -19.66
C ASP B 772 35.85 -19.20 -19.18
N LYS B 773 36.16 -18.28 -18.26
CA LYS B 773 37.51 -18.19 -17.72
C LYS B 773 37.89 -19.47 -16.97
N ASN B 774 36.94 -20.04 -16.22
CA ASN B 774 37.23 -21.26 -15.48
C ASN B 774 37.61 -22.39 -16.42
N THR B 775 36.82 -22.59 -17.47
CA THR B 775 37.18 -23.64 -18.43
C THR B 775 38.53 -23.36 -19.07
N GLN B 776 38.77 -22.10 -19.43
CA GLN B 776 40.04 -21.73 -20.04
C GLN B 776 41.21 -22.10 -19.15
N GLU B 777 41.11 -21.78 -17.86
CA GLU B 777 42.23 -22.04 -16.96
C GLU B 777 42.38 -23.53 -16.68
N VAL B 778 41.28 -24.25 -16.53
CA VAL B 778 41.36 -25.66 -16.21
C VAL B 778 42.02 -26.43 -17.35
N PHE B 779 41.57 -26.20 -18.58
CA PHE B 779 42.01 -27.04 -19.69
C PHE B 779 43.13 -26.42 -20.53
N ALA B 780 42.98 -25.17 -20.94
CA ALA B 780 43.94 -24.56 -21.87
C ALA B 780 45.25 -24.21 -21.16
N GLN B 781 45.87 -25.24 -20.57
CA GLN B 781 47.16 -25.09 -19.92
C GLN B 781 48.30 -25.59 -20.78
N VAL B 782 48.02 -26.08 -21.99
CA VAL B 782 49.05 -26.60 -22.89
C VAL B 782 49.25 -25.59 -24.01
N LYS B 783 50.51 -25.23 -24.25
CA LYS B 783 50.79 -24.23 -25.28
C LYS B 783 50.40 -24.74 -26.66
N GLN B 784 50.83 -25.94 -27.01
CA GLN B 784 50.62 -26.49 -28.34
C GLN B 784 49.63 -27.65 -28.26
N ILE B 785 49.40 -28.29 -29.40
CA ILE B 785 48.45 -29.39 -29.51
C ILE B 785 49.24 -30.61 -29.96
N TYR B 786 49.60 -31.47 -29.00
CA TYR B 786 50.40 -32.65 -29.31
C TYR B 786 49.52 -33.74 -29.90
N LYS B 787 50.15 -34.85 -30.28
CA LYS B 787 49.43 -36.02 -30.76
C LYS B 787 50.39 -37.19 -30.84
N THR B 788 49.96 -38.33 -30.34
CA THR B 788 50.82 -39.49 -30.29
C THR B 788 51.17 -39.97 -31.70
N PRO B 789 52.33 -40.58 -31.89
CA PRO B 789 52.67 -41.15 -33.18
C PRO B 789 51.85 -42.40 -33.45
N PRO B 790 51.75 -42.83 -34.71
CA PRO B 790 50.97 -44.05 -34.98
C PRO B 790 51.47 -45.28 -34.25
N ILE B 791 52.78 -45.39 -34.04
CA ILE B 791 53.35 -46.57 -33.37
C ILE B 791 53.00 -46.49 -31.89
N LYS B 792 52.13 -47.39 -31.45
CA LYS B 792 51.67 -47.43 -30.06
C LYS B 792 52.54 -48.39 -29.24
N ASP B 793 53.83 -48.07 -29.17
CA ASP B 793 54.79 -48.86 -28.40
C ASP B 793 55.11 -48.12 -27.11
N PHE B 794 54.24 -48.31 -26.12
CA PHE B 794 54.37 -47.69 -24.81
C PHE B 794 54.83 -48.69 -23.76
N GLY B 795 55.74 -49.58 -24.13
CA GLY B 795 56.34 -50.48 -23.17
C GLY B 795 55.33 -51.36 -22.46
N GLY B 796 54.31 -51.84 -23.18
CA GLY B 796 53.32 -52.73 -22.62
C GLY B 796 52.08 -52.04 -22.10
N PHE B 797 52.12 -50.73 -21.84
CA PHE B 797 50.94 -50.03 -21.39
C PHE B 797 49.96 -49.86 -22.55
N ASN B 798 48.68 -49.76 -22.22
CA ASN B 798 47.60 -49.74 -23.21
C ASN B 798 46.69 -48.54 -22.93
N PHE B 799 46.98 -47.42 -23.59
CA PHE B 799 46.22 -46.19 -23.40
C PHE B 799 45.07 -46.05 -24.38
N SER B 800 44.76 -47.09 -25.16
CA SER B 800 43.70 -46.98 -26.14
C SER B 800 42.36 -46.68 -25.51
N GLN B 801 42.20 -46.95 -24.21
CA GLN B 801 40.96 -46.65 -23.52
C GLN B 801 40.78 -45.16 -23.24
N ILE B 802 41.85 -44.39 -23.22
CA ILE B 802 41.78 -42.97 -22.89
C ILE B 802 42.22 -42.07 -24.02
N LEU B 803 43.03 -42.53 -24.95
CA LEU B 803 43.40 -41.70 -26.09
C LEU B 803 42.21 -41.57 -27.03
N PRO B 804 42.16 -40.49 -27.82
CA PRO B 804 41.00 -40.28 -28.69
C PRO B 804 40.89 -41.39 -29.74
N ASP B 805 39.66 -41.68 -30.12
CA ASP B 805 39.35 -42.72 -31.09
C ASP B 805 38.96 -42.07 -32.42
N PRO B 806 39.78 -42.16 -33.47
CA PRO B 806 39.39 -41.56 -34.75
C PRO B 806 38.09 -42.14 -35.30
N SER B 807 37.77 -43.39 -34.98
CA SER B 807 36.56 -44.01 -35.51
C SER B 807 35.32 -43.24 -35.06
N LYS B 808 35.28 -42.85 -33.80
CA LYS B 808 34.17 -42.04 -33.31
C LYS B 808 34.14 -40.72 -34.08
N PRO B 809 32.96 -40.22 -34.47
CA PRO B 809 32.93 -38.97 -35.24
C PRO B 809 33.62 -37.82 -34.54
N SER B 810 33.48 -37.72 -33.22
CA SER B 810 34.19 -36.72 -32.44
C SER B 810 35.52 -37.28 -31.98
N LYS B 811 36.50 -36.39 -31.79
CA LYS B 811 37.81 -36.78 -31.31
C LYS B 811 37.76 -36.99 -29.79
N ARG B 812 36.87 -37.88 -29.38
CA ARG B 812 36.59 -38.14 -27.97
C ARG B 812 36.90 -39.59 -27.66
N SER B 813 37.61 -39.82 -26.57
CA SER B 813 38.08 -41.16 -26.22
C SER B 813 36.92 -41.98 -25.66
N PHE B 814 37.24 -43.17 -25.14
CA PHE B 814 36.20 -44.07 -24.65
C PHE B 814 35.63 -43.58 -23.32
N ILE B 815 36.49 -43.38 -22.32
CA ILE B 815 35.99 -43.02 -21.00
C ILE B 815 35.34 -41.65 -21.03
N GLU B 816 35.78 -40.75 -21.92
CA GLU B 816 35.04 -39.51 -22.08
C GLU B 816 33.66 -39.78 -22.66
N ASP B 817 33.54 -40.82 -23.50
CA ASP B 817 32.24 -41.21 -24.02
C ASP B 817 31.32 -41.73 -22.92
N LEU B 818 31.85 -42.57 -22.02
CA LEU B 818 31.05 -43.02 -20.89
C LEU B 818 30.62 -41.85 -20.02
N LEU B 819 31.54 -40.94 -19.73
CA LEU B 819 31.21 -39.80 -18.89
C LEU B 819 30.16 -38.93 -19.56
N PHE B 820 30.27 -38.71 -20.86
CA PHE B 820 29.26 -37.95 -21.58
C PHE B 820 27.90 -38.62 -21.52
N ASN B 821 27.86 -39.94 -21.73
CA ASN B 821 26.58 -40.64 -21.75
C ASN B 821 25.91 -40.58 -20.38
N LYS B 822 26.68 -40.77 -19.30
CA LYS B 822 26.05 -40.87 -17.98
C LYS B 822 25.43 -39.54 -17.56
N VAL B 823 26.20 -38.45 -17.66
CA VAL B 823 25.73 -37.18 -17.15
C VAL B 823 24.62 -36.65 -18.05
N THR B 824 23.54 -36.16 -17.43
CA THR B 824 22.42 -35.62 -18.18
C THR B 824 22.30 -34.12 -17.97
N PHE B 852 10.66 -20.23 -21.03
CA PHE B 852 10.96 -19.17 -21.98
C PHE B 852 10.27 -17.87 -21.57
N ASN B 853 10.83 -17.21 -20.56
CA ASN B 853 10.32 -15.94 -20.05
C ASN B 853 11.49 -15.00 -19.80
N GLY B 854 12.38 -14.90 -20.78
CA GLY B 854 13.60 -14.14 -20.63
C GLY B 854 14.76 -14.92 -20.07
N LEU B 855 14.58 -16.20 -19.79
CA LEU B 855 15.67 -17.05 -19.30
C LEU B 855 16.37 -17.66 -20.50
N THR B 856 17.37 -16.94 -21.01
CA THR B 856 18.15 -17.43 -22.14
C THR B 856 19.38 -18.16 -21.64
N VAL B 857 19.81 -19.16 -22.41
CA VAL B 857 20.99 -19.95 -22.10
C VAL B 857 22.06 -19.61 -23.13
N LEU B 858 23.22 -19.18 -22.66
CA LEU B 858 24.30 -18.87 -23.59
C LEU B 858 25.18 -20.10 -23.79
N PRO B 859 25.62 -20.39 -25.02
CA PRO B 859 26.48 -21.56 -25.20
C PRO B 859 27.87 -21.29 -24.70
N PRO B 860 28.58 -22.31 -24.21
CA PRO B 860 29.95 -22.10 -23.75
C PRO B 860 30.87 -21.72 -24.90
N LEU B 861 31.92 -20.97 -24.58
CA LEU B 861 32.85 -20.54 -25.61
C LEU B 861 33.52 -21.73 -26.27
N LEU B 862 33.94 -22.71 -25.48
CA LEU B 862 34.65 -23.89 -25.98
C LEU B 862 33.66 -25.03 -26.14
N THR B 863 33.45 -25.47 -27.38
CA THR B 863 32.62 -26.64 -27.61
C THR B 863 33.29 -27.88 -27.06
N ASP B 864 32.48 -28.89 -26.75
CA ASP B 864 33.03 -30.12 -26.19
C ASP B 864 34.06 -30.76 -27.10
N GLU B 865 33.98 -30.51 -28.42
CA GLU B 865 35.04 -30.97 -29.31
C GLU B 865 36.37 -30.33 -28.96
N MET B 866 36.36 -29.02 -28.69
CA MET B 866 37.61 -28.34 -28.36
C MET B 866 38.15 -28.80 -27.02
N ILE B 867 37.27 -29.03 -26.03
CA ILE B 867 37.73 -29.56 -24.75
C ILE B 867 38.33 -30.94 -24.93
N ALA B 868 37.71 -31.76 -25.79
CA ALA B 868 38.26 -33.07 -26.06
C ALA B 868 39.62 -32.96 -26.74
N GLN B 869 39.79 -32.00 -27.64
CA GLN B 869 41.10 -31.80 -28.25
C GLN B 869 42.13 -31.40 -27.22
N TYR B 870 41.76 -30.52 -26.28
CA TYR B 870 42.69 -30.11 -25.24
C TYR B 870 43.07 -31.30 -24.36
N THR B 871 42.10 -32.12 -23.98
CA THR B 871 42.43 -33.27 -23.15
C THR B 871 43.31 -34.25 -23.90
N SER B 872 43.06 -34.45 -25.18
CA SER B 872 43.91 -35.32 -25.98
C SER B 872 45.33 -34.76 -26.07
N ALA B 873 45.47 -33.45 -26.21
CA ALA B 873 46.80 -32.85 -26.23
C ALA B 873 47.52 -33.05 -24.91
N LEU B 874 46.81 -32.83 -23.79
CA LEU B 874 47.43 -33.06 -22.49
C LEU B 874 47.85 -34.51 -22.32
N LEU B 875 47.00 -35.44 -22.75
CA LEU B 875 47.33 -36.85 -22.65
C LEU B 875 48.53 -37.22 -23.52
N ALA B 876 48.56 -36.71 -24.75
CA ALA B 876 49.69 -37.01 -25.62
C ALA B 876 50.98 -36.47 -25.05
N GLY B 877 50.92 -35.26 -24.48
CA GLY B 877 52.12 -34.72 -23.85
C GLY B 877 52.56 -35.57 -22.67
N THR B 878 51.62 -35.95 -21.81
CA THR B 878 51.97 -36.75 -20.64
C THR B 878 52.59 -38.08 -21.05
N ILE B 879 52.09 -38.68 -22.13
CA ILE B 879 52.57 -39.99 -22.54
C ILE B 879 53.91 -39.88 -23.22
N THR B 880 54.00 -39.07 -24.27
CA THR B 880 55.18 -39.06 -25.13
C THR B 880 56.31 -38.17 -24.60
N SER B 881 56.06 -37.33 -23.60
CA SER B 881 57.08 -36.38 -23.16
C SER B 881 57.21 -36.29 -21.65
N GLY B 882 56.66 -37.23 -20.90
CA GLY B 882 56.79 -37.17 -19.46
C GLY B 882 56.08 -35.93 -18.93
N TRP B 883 56.82 -35.10 -18.22
CA TRP B 883 56.30 -33.83 -17.72
C TRP B 883 57.06 -32.63 -18.28
N THR B 884 58.06 -32.86 -19.14
CA THR B 884 58.82 -31.75 -19.68
C THR B 884 58.00 -30.85 -20.57
N PHE B 885 56.86 -31.31 -21.06
CA PHE B 885 56.00 -30.47 -21.88
C PHE B 885 55.32 -29.39 -21.06
N GLY B 886 55.33 -29.49 -19.75
CA GLY B 886 54.77 -28.45 -18.90
C GLY B 886 55.80 -27.41 -18.54
N ALA B 887 57.07 -27.79 -18.55
CA ALA B 887 58.14 -26.85 -18.22
C ALA B 887 58.51 -26.00 -19.42
N GLY B 888 58.98 -26.63 -20.48
CA GLY B 888 59.38 -25.91 -21.68
C GLY B 888 59.06 -26.66 -22.94
N ALA B 889 60.03 -26.78 -23.84
CA ALA B 889 59.82 -27.53 -25.07
C ALA B 889 59.62 -29.00 -24.74
N ALA B 890 58.71 -29.65 -25.46
CA ALA B 890 58.45 -31.07 -25.24
C ALA B 890 59.70 -31.88 -25.62
N LEU B 891 60.10 -32.78 -24.72
CA LEU B 891 61.30 -33.60 -24.89
C LEU B 891 60.87 -35.06 -24.81
N GLN B 892 60.80 -35.73 -25.96
CA GLN B 892 60.29 -37.09 -25.98
C GLN B 892 61.20 -38.02 -25.18
N ILE B 893 60.61 -39.10 -24.68
CA ILE B 893 61.36 -40.08 -23.91
C ILE B 893 60.55 -41.38 -23.89
N PRO B 894 61.18 -42.55 -23.99
CA PRO B 894 60.41 -43.79 -24.00
C PRO B 894 59.61 -43.93 -22.71
N PHE B 895 58.39 -44.46 -22.83
CA PHE B 895 57.51 -44.47 -21.67
C PHE B 895 58.08 -45.31 -20.54
N ALA B 896 58.83 -46.37 -20.86
CA ALA B 896 59.44 -47.15 -19.79
C ALA B 896 60.38 -46.30 -18.96
N MET B 897 61.21 -45.48 -19.63
CA MET B 897 62.10 -44.60 -18.88
C MET B 897 61.33 -43.52 -18.14
N GLN B 898 60.21 -43.07 -18.69
CA GLN B 898 59.38 -42.11 -17.97
C GLN B 898 58.87 -42.69 -16.67
N MET B 899 58.36 -43.91 -16.71
CA MET B 899 57.91 -44.56 -15.48
C MET B 899 59.07 -44.82 -14.54
N ALA B 900 60.26 -45.09 -15.08
CA ALA B 900 61.43 -45.21 -14.22
C ALA B 900 61.69 -43.90 -13.48
N TYR B 901 61.57 -42.78 -14.19
CA TYR B 901 61.73 -41.48 -13.54
C TYR B 901 60.69 -41.29 -12.45
N ARG B 902 59.43 -41.64 -12.73
CA ARG B 902 58.39 -41.51 -11.72
C ARG B 902 58.72 -42.32 -10.48
N PHE B 903 59.05 -43.60 -10.68
CA PHE B 903 59.39 -44.47 -9.57
C PHE B 903 60.55 -43.90 -8.77
N ASN B 904 61.60 -43.45 -9.45
CA ASN B 904 62.72 -42.87 -8.73
C ASN B 904 62.29 -41.64 -7.96
N GLY B 905 61.30 -40.91 -8.48
CA GLY B 905 60.80 -39.75 -7.76
C GLY B 905 60.10 -40.11 -6.47
N ILE B 906 59.24 -41.14 -6.50
CA ILE B 906 58.47 -41.45 -5.30
C ILE B 906 59.34 -42.10 -4.23
N GLY B 907 60.50 -42.62 -4.60
CA GLY B 907 61.42 -43.17 -3.63
C GLY B 907 61.76 -44.63 -3.83
N VAL B 908 61.53 -45.14 -5.03
CA VAL B 908 61.84 -46.52 -5.38
C VAL B 908 62.84 -46.50 -6.53
N THR B 909 63.97 -47.18 -6.34
CA THR B 909 65.00 -47.19 -7.37
C THR B 909 64.45 -47.75 -8.67
N GLN B 910 64.89 -47.18 -9.79
CA GLN B 910 64.28 -47.49 -11.08
C GLN B 910 64.51 -48.94 -11.49
N ASN B 911 65.49 -49.62 -10.91
CA ASN B 911 65.69 -51.02 -11.27
C ASN B 911 64.49 -51.87 -10.89
N VAL B 912 63.66 -51.39 -9.97
CA VAL B 912 62.42 -52.10 -9.65
C VAL B 912 61.43 -52.01 -10.81
N LEU B 913 61.39 -50.86 -11.49
CA LEU B 913 60.46 -50.70 -12.60
C LEU B 913 60.79 -51.67 -13.73
N TYR B 914 61.99 -51.55 -14.30
CA TYR B 914 62.32 -52.34 -15.48
C TYR B 914 62.18 -53.82 -15.21
N GLU B 915 62.78 -54.30 -14.12
CA GLU B 915 62.73 -55.72 -13.81
C GLU B 915 61.34 -56.20 -13.41
N ASN B 916 60.33 -55.32 -13.48
CA ASN B 916 58.95 -55.73 -13.32
C ASN B 916 58.04 -55.10 -14.38
N GLN B 917 58.61 -54.52 -15.44
CA GLN B 917 57.79 -53.81 -16.41
C GLN B 917 56.69 -54.70 -16.95
N LYS B 918 57.05 -55.90 -17.40
CA LYS B 918 56.06 -56.80 -17.98
C LYS B 918 54.88 -56.98 -17.04
N LEU B 919 55.16 -57.06 -15.74
CA LEU B 919 54.07 -57.17 -14.77
C LEU B 919 53.31 -55.86 -14.63
N ILE B 920 54.03 -54.76 -14.43
CA ILE B 920 53.37 -53.51 -14.08
C ILE B 920 52.34 -53.13 -15.13
N ALA B 921 52.74 -53.19 -16.40
CA ALA B 921 51.82 -52.83 -17.46
C ALA B 921 50.50 -53.55 -17.29
N ASN B 922 50.56 -54.87 -17.08
CA ASN B 922 49.33 -55.63 -16.92
C ASN B 922 48.46 -55.01 -15.85
N GLN B 923 49.02 -54.81 -14.66
CA GLN B 923 48.25 -54.20 -13.59
C GLN B 923 47.62 -52.91 -14.08
N PHE B 924 48.44 -52.02 -14.65
CA PHE B 924 47.92 -50.76 -15.16
C PHE B 924 46.70 -51.02 -16.02
N ASN B 925 46.87 -51.85 -17.05
CA ASN B 925 45.76 -52.11 -17.97
C ASN B 925 44.53 -52.55 -17.20
N SER B 926 44.69 -53.55 -16.33
CA SER B 926 43.55 -54.05 -15.59
C SER B 926 42.86 -52.91 -14.86
N ALA B 927 43.64 -52.08 -14.15
CA ALA B 927 43.05 -50.96 -13.45
C ALA B 927 42.19 -50.13 -14.40
N ILE B 928 42.76 -49.74 -15.53
CA ILE B 928 42.01 -48.92 -16.48
C ILE B 928 40.71 -49.63 -16.85
N GLY B 929 40.80 -50.92 -17.17
CA GLY B 929 39.60 -51.64 -17.53
C GLY B 929 38.54 -51.54 -16.46
N LYS B 930 38.95 -51.75 -15.20
CA LYS B 930 37.96 -51.72 -14.13
C LYS B 930 37.23 -50.40 -14.10
N ILE B 931 37.93 -49.30 -14.43
CA ILE B 931 37.27 -47.99 -14.41
C ILE B 931 36.03 -48.03 -15.29
N GLN B 932 36.17 -48.53 -16.51
CA GLN B 932 35.02 -48.61 -17.40
C GLN B 932 33.88 -49.34 -16.70
N ASP B 933 34.18 -50.49 -16.09
CA ASP B 933 33.14 -51.26 -15.43
C ASP B 933 32.40 -50.38 -14.43
N SER B 934 33.13 -49.64 -13.60
CA SER B 934 32.46 -48.73 -12.69
C SER B 934 31.56 -47.77 -13.46
N LEU B 935 32.13 -47.05 -14.42
CA LEU B 935 31.34 -46.12 -15.21
C LEU B 935 30.32 -46.85 -16.08
N SER B 936 30.46 -48.16 -16.26
CA SER B 936 29.44 -48.91 -16.98
C SER B 936 28.19 -49.11 -16.13
N SER B 937 28.36 -49.32 -14.83
CA SER B 937 27.25 -49.73 -13.97
C SER B 937 26.91 -48.70 -12.91
N THR B 938 27.87 -48.31 -12.07
CA THR B 938 27.59 -47.47 -10.91
C THR B 938 27.35 -46.04 -11.38
N ALA B 939 26.12 -45.55 -11.19
CA ALA B 939 25.75 -44.20 -11.59
C ALA B 939 25.93 -43.18 -10.47
N SER B 940 26.44 -43.60 -9.31
CA SER B 940 26.68 -42.69 -8.20
C SER B 940 28.06 -42.07 -8.24
N ALA B 941 28.91 -42.45 -9.20
CA ALA B 941 30.24 -41.87 -9.28
C ALA B 941 30.19 -40.43 -9.77
N LEU B 942 29.39 -40.16 -10.79
CA LEU B 942 29.27 -38.82 -11.36
C LEU B 942 28.36 -37.90 -10.54
N GLY B 943 28.20 -38.18 -9.25
CA GLY B 943 27.36 -37.33 -8.44
C GLY B 943 27.81 -35.88 -8.43
N LYS B 944 29.11 -35.65 -8.28
CA LYS B 944 29.61 -34.28 -8.17
C LYS B 944 29.24 -33.44 -9.37
N LEU B 945 29.13 -34.04 -10.55
CA LEU B 945 28.75 -33.28 -11.74
C LEU B 945 27.24 -33.24 -11.94
N GLN B 946 26.55 -34.35 -11.68
CA GLN B 946 25.10 -34.37 -11.85
C GLN B 946 24.44 -33.37 -10.93
N ASP B 947 24.92 -33.27 -9.69
CA ASP B 947 24.28 -32.41 -8.71
C ASP B 947 24.33 -30.94 -9.13
N VAL B 948 25.44 -30.50 -9.69
CA VAL B 948 25.55 -29.12 -10.16
C VAL B 948 24.45 -28.82 -11.18
N VAL B 949 24.32 -29.69 -12.18
CA VAL B 949 23.30 -29.51 -13.20
C VAL B 949 21.92 -29.50 -12.55
N ASN B 950 21.68 -30.43 -11.63
CA ASN B 950 20.40 -30.49 -10.94
C ASN B 950 20.10 -29.19 -10.23
N GLN B 951 21.08 -28.65 -9.51
CA GLN B 951 20.89 -27.39 -8.81
C GLN B 951 20.54 -26.26 -9.78
N ASN B 952 21.26 -26.18 -10.90
CA ASN B 952 20.96 -25.12 -11.86
C ASN B 952 19.53 -25.24 -12.37
N ALA B 953 19.15 -26.44 -12.79
CA ALA B 953 17.78 -26.65 -13.26
C ALA B 953 16.77 -26.34 -12.17
N GLN B 954 17.08 -26.72 -10.93
CA GLN B 954 16.19 -26.42 -9.82
C GLN B 954 15.99 -24.92 -9.67
N ALA B 955 17.08 -24.17 -9.73
CA ALA B 955 16.97 -22.71 -9.65
C ALA B 955 16.07 -22.18 -10.75
N LEU B 956 16.34 -22.59 -12.00
CA LEU B 956 15.52 -22.14 -13.11
C LEU B 956 14.05 -22.47 -12.88
N ASN B 957 13.77 -23.69 -12.45
CA ASN B 957 12.39 -24.12 -12.21
C ASN B 957 11.72 -23.27 -11.14
N THR B 958 12.42 -23.05 -10.02
CA THR B 958 11.85 -22.23 -8.96
C THR B 958 11.55 -20.82 -9.47
N LEU B 959 12.49 -20.24 -10.20
CA LEU B 959 12.29 -18.89 -10.73
C LEU B 959 11.08 -18.85 -11.64
N VAL B 960 10.93 -19.86 -12.49
CA VAL B 960 9.79 -19.90 -13.41
C VAL B 960 8.48 -20.04 -12.63
N LYS B 961 8.45 -20.94 -11.65
CA LYS B 961 7.22 -21.13 -10.87
C LYS B 961 6.85 -19.88 -10.10
N GLN B 962 7.84 -19.05 -9.76
CA GLN B 962 7.51 -17.82 -9.05
C GLN B 962 6.58 -16.92 -9.86
N LEU B 963 6.54 -17.10 -11.19
CA LEU B 963 5.64 -16.31 -12.00
C LEU B 963 4.18 -16.62 -11.72
N SER B 964 3.87 -17.82 -11.24
CA SER B 964 2.49 -18.20 -10.98
C SER B 964 1.98 -17.74 -9.62
N SER B 965 2.84 -17.18 -8.79
CA SER B 965 2.43 -16.74 -7.46
C SER B 965 1.60 -15.47 -7.56
N ASN B 966 0.55 -15.39 -6.73
CA ASN B 966 -0.31 -14.22 -6.72
C ASN B 966 0.43 -13.00 -6.19
N PHE B 967 1.28 -13.18 -5.19
CA PHE B 967 1.95 -12.08 -4.50
C PHE B 967 0.95 -11.08 -3.92
N GLY B 968 -0.30 -11.49 -3.73
CA GLY B 968 -1.32 -10.61 -3.23
C GLY B 968 -2.19 -9.98 -4.29
N ALA B 969 -1.79 -10.05 -5.56
CA ALA B 969 -2.58 -9.53 -6.65
C ALA B 969 -3.78 -10.44 -6.91
N ILE B 970 -4.77 -9.90 -7.63
CA ILE B 970 -5.97 -10.68 -7.90
C ILE B 970 -5.67 -11.86 -8.80
N SER B 971 -4.76 -11.68 -9.76
CA SER B 971 -4.41 -12.73 -10.71
C SER B 971 -2.89 -12.77 -10.88
N SER B 972 -2.39 -13.94 -11.25
CA SER B 972 -0.97 -14.14 -11.47
C SER B 972 -0.56 -13.90 -12.91
N VAL B 973 -1.49 -13.52 -13.78
CA VAL B 973 -1.21 -13.26 -15.19
C VAL B 973 -1.46 -11.78 -15.46
N LEU B 974 -0.45 -11.09 -15.98
CA LEU B 974 -0.59 -9.66 -16.22
C LEU B 974 -1.69 -9.37 -17.23
N ASN B 975 -1.83 -10.22 -18.25
CA ASN B 975 -2.83 -9.96 -19.29
C ASN B 975 -4.22 -9.90 -18.69
N ASP B 976 -4.52 -10.76 -17.71
CA ASP B 976 -5.82 -10.74 -17.08
C ASP B 976 -6.09 -9.40 -16.39
N ILE B 977 -5.14 -8.95 -15.58
CA ILE B 977 -5.33 -7.70 -14.85
C ILE B 977 -5.47 -6.54 -15.83
N LEU B 978 -4.68 -6.54 -16.89
CA LEU B 978 -4.77 -5.47 -17.87
C LEU B 978 -6.12 -5.47 -18.56
N SER B 979 -6.58 -6.63 -19.01
CA SER B 979 -7.82 -6.70 -19.78
C SER B 979 -9.05 -6.55 -18.92
N ARG B 980 -8.95 -6.72 -17.60
CA ARG B 980 -10.12 -6.67 -16.74
C ARG B 980 -10.25 -5.38 -15.95
N LEU B 981 -9.14 -4.74 -15.60
CA LEU B 981 -9.17 -3.56 -14.75
C LEU B 981 -8.65 -2.33 -15.49
N ASP B 982 -9.12 -1.17 -15.06
CA ASP B 982 -8.63 0.08 -15.60
C ASP B 982 -7.22 0.36 -15.06
N PRO B 983 -6.42 1.13 -15.80
CA PRO B 983 -5.03 1.36 -15.38
C PRO B 983 -4.96 1.91 -13.97
N PRO B 984 -5.83 2.85 -13.58
CA PRO B 984 -5.79 3.34 -12.21
C PRO B 984 -5.97 2.24 -11.18
N GLU B 985 -6.79 1.23 -11.50
CA GLU B 985 -6.95 0.08 -10.63
C GLU B 985 -5.94 -1.01 -10.93
N ALA B 986 -5.55 -1.18 -12.19
CA ALA B 986 -4.61 -2.23 -12.55
C ALA B 986 -3.26 -2.00 -11.89
N GLU B 987 -2.81 -0.75 -11.83
CA GLU B 987 -1.48 -0.48 -11.29
C GLU B 987 -1.35 -0.89 -9.83
N VAL B 988 -2.45 -0.88 -9.08
CA VAL B 988 -2.38 -1.28 -7.68
C VAL B 988 -1.90 -2.71 -7.55
N GLN B 989 -2.46 -3.61 -8.37
CA GLN B 989 -2.02 -5.00 -8.36
C GLN B 989 -0.70 -5.18 -9.08
N ILE B 990 -0.47 -4.41 -10.14
CA ILE B 990 0.77 -4.56 -10.90
C ILE B 990 1.97 -4.20 -10.04
N ASP B 991 1.82 -3.23 -9.14
CA ASP B 991 2.93 -2.91 -8.24
C ASP B 991 3.25 -4.09 -7.34
N ARG B 992 2.22 -4.76 -6.81
CA ARG B 992 2.46 -5.96 -6.01
C ARG B 992 3.21 -7.01 -6.81
N LEU B 993 2.73 -7.28 -8.03
CA LEU B 993 3.37 -8.29 -8.85
C LEU B 993 4.81 -7.92 -9.17
N ILE B 994 5.04 -6.65 -9.49
CA ILE B 994 6.39 -6.23 -9.86
C ILE B 994 7.34 -6.36 -8.67
N THR B 995 6.90 -5.93 -7.49
CA THR B 995 7.75 -6.05 -6.31
C THR B 995 8.05 -7.52 -6.03
N GLY B 996 7.03 -8.38 -6.11
CA GLY B 996 7.26 -9.79 -5.83
C GLY B 996 8.22 -10.42 -6.82
N ARG B 997 8.02 -10.17 -8.11
CA ARG B 997 8.88 -10.77 -9.11
C ARG B 997 10.30 -10.21 -9.02
N LEU B 998 10.44 -8.92 -8.73
CA LEU B 998 11.77 -8.36 -8.55
C LEU B 998 12.49 -8.99 -7.38
N GLN B 999 11.78 -9.19 -6.26
CA GLN B 999 12.40 -9.85 -5.12
C GLN B 999 12.82 -11.26 -5.48
N SER B 1000 11.95 -11.99 -6.18
CA SER B 1000 12.29 -13.35 -6.57
C SER B 1000 13.52 -13.38 -7.47
N LEU B 1001 13.60 -12.47 -8.43
CA LEU B 1001 14.74 -12.43 -9.33
C LEU B 1001 16.02 -12.07 -8.59
N GLN B 1002 15.94 -11.13 -7.65
CA GLN B 1002 17.11 -10.80 -6.85
C GLN B 1002 17.59 -12.00 -6.05
N THR B 1003 16.66 -12.74 -5.45
CA THR B 1003 17.06 -13.92 -4.70
C THR B 1003 17.73 -14.94 -5.61
N TYR B 1004 17.17 -15.15 -6.80
CA TYR B 1004 17.79 -16.07 -7.74
C TYR B 1004 19.20 -15.62 -8.10
N VAL B 1005 19.37 -14.33 -8.37
CA VAL B 1005 20.69 -13.84 -8.77
C VAL B 1005 21.69 -14.02 -7.65
N THR B 1006 21.28 -13.76 -6.41
CA THR B 1006 22.20 -13.93 -5.28
C THR B 1006 22.59 -15.38 -5.10
N GLN B 1007 21.63 -16.29 -5.21
CA GLN B 1007 21.97 -17.71 -5.12
C GLN B 1007 22.92 -18.10 -6.24
N GLN B 1008 22.71 -17.55 -7.44
CA GLN B 1008 23.62 -17.83 -8.54
C GLN B 1008 25.01 -17.32 -8.25
N LEU B 1009 25.13 -16.12 -7.66
CA LEU B 1009 26.45 -15.60 -7.35
C LEU B 1009 27.17 -16.49 -6.36
N ILE B 1010 26.46 -16.94 -5.32
CA ILE B 1010 27.10 -17.80 -4.33
C ILE B 1010 27.53 -19.12 -4.96
N ARG B 1011 26.63 -19.74 -5.74
CA ARG B 1011 26.97 -21.00 -6.36
C ARG B 1011 28.11 -20.86 -7.35
N ALA B 1012 28.18 -19.74 -8.06
CA ALA B 1012 29.29 -19.51 -8.97
C ALA B 1012 30.60 -19.30 -8.23
N ALA B 1013 30.54 -18.69 -7.05
CA ALA B 1013 31.75 -18.61 -6.23
C ALA B 1013 32.23 -20.01 -5.83
N GLU B 1014 31.29 -20.86 -5.43
CA GLU B 1014 31.66 -22.25 -5.12
C GLU B 1014 32.29 -22.93 -6.33
N ILE B 1015 31.67 -22.76 -7.51
CA ILE B 1015 32.19 -23.41 -8.70
C ILE B 1015 33.56 -22.86 -9.06
N ARG B 1016 33.79 -21.56 -8.83
CA ARG B 1016 35.10 -21.00 -9.14
C ARG B 1016 36.16 -21.55 -8.21
N ALA B 1017 35.83 -21.75 -6.92
CA ALA B 1017 36.77 -22.41 -6.04
C ALA B 1017 37.10 -23.81 -6.53
N SER B 1018 36.07 -24.55 -6.94
CA SER B 1018 36.30 -25.90 -7.46
C SER B 1018 37.11 -25.88 -8.75
N ALA B 1019 36.90 -24.88 -9.60
CA ALA B 1019 37.62 -24.82 -10.86
C ALA B 1019 39.07 -24.43 -10.65
N ASN B 1020 39.35 -23.55 -9.68
CA ASN B 1020 40.73 -23.26 -9.34
C ASN B 1020 41.41 -24.50 -8.77
N LEU B 1021 40.69 -25.27 -7.95
CA LEU B 1021 41.26 -26.53 -7.47
C LEU B 1021 41.56 -27.48 -8.62
N ALA B 1022 40.65 -27.56 -9.60
CA ALA B 1022 40.88 -28.42 -10.75
C ALA B 1022 42.08 -27.93 -11.56
N ALA B 1023 42.23 -26.62 -11.71
CA ALA B 1023 43.39 -26.10 -12.43
C ALA B 1023 44.68 -26.45 -11.70
N THR B 1024 44.68 -26.33 -10.37
CA THR B 1024 45.87 -26.68 -9.61
C THR B 1024 46.20 -28.15 -9.77
N LYS B 1025 45.20 -29.04 -9.71
CA LYS B 1025 45.47 -30.46 -9.90
C LYS B 1025 45.98 -30.73 -11.30
N MET B 1026 45.41 -30.09 -12.31
CA MET B 1026 45.86 -30.29 -13.68
C MET B 1026 47.29 -29.83 -13.86
N SER B 1027 47.68 -28.74 -13.19
CA SER B 1027 49.03 -28.24 -13.33
C SER B 1027 50.03 -29.09 -12.55
N GLU B 1028 49.63 -29.67 -11.42
CA GLU B 1028 50.54 -30.42 -10.57
C GLU B 1028 50.41 -31.93 -10.76
N CYS B 1029 49.18 -32.46 -10.75
CA CYS B 1029 49.02 -33.90 -10.89
C CYS B 1029 49.39 -34.36 -12.30
N VAL B 1030 48.94 -33.64 -13.32
CA VAL B 1030 49.16 -34.08 -14.70
C VAL B 1030 50.52 -33.63 -15.21
N LEU B 1031 50.74 -32.32 -15.27
CA LEU B 1031 51.97 -31.77 -15.82
C LEU B 1031 53.20 -32.07 -14.97
N GLY B 1032 53.08 -32.87 -13.93
CA GLY B 1032 54.24 -33.24 -13.15
C GLY B 1032 53.87 -34.29 -12.13
N GLN B 1033 54.86 -34.65 -11.31
CA GLN B 1033 54.65 -35.59 -10.23
C GLN B 1033 54.53 -34.81 -8.92
N SER B 1034 53.55 -35.19 -8.11
CA SER B 1034 53.18 -34.43 -6.92
C SER B 1034 53.69 -35.13 -5.66
N LYS B 1035 54.26 -34.34 -4.75
CA LYS B 1035 54.68 -34.82 -3.45
C LYS B 1035 53.66 -34.49 -2.37
N ARG B 1036 52.46 -34.08 -2.74
CA ARG B 1036 51.42 -33.70 -1.79
C ARG B 1036 50.58 -34.94 -1.48
N VAL B 1037 50.66 -35.41 -0.24
CA VAL B 1037 50.00 -36.66 0.13
C VAL B 1037 48.49 -36.52 0.00
N ASP B 1038 47.85 -37.54 -0.56
CA ASP B 1038 46.41 -37.60 -0.75
C ASP B 1038 45.87 -36.45 -1.57
N PHE B 1039 46.74 -35.68 -2.23
CA PHE B 1039 46.27 -34.60 -3.09
C PHE B 1039 45.90 -35.13 -4.46
N CYS B 1040 46.79 -35.91 -5.08
CA CYS B 1040 46.54 -36.52 -6.38
C CYS B 1040 46.20 -38.00 -6.25
N GLY B 1041 45.45 -38.36 -5.21
CA GLY B 1041 45.00 -39.73 -5.04
C GLY B 1041 45.78 -40.49 -3.99
N LYS B 1042 45.09 -41.33 -3.22
CA LYS B 1042 45.75 -42.06 -2.15
C LYS B 1042 46.89 -42.91 -2.69
N GLY B 1043 47.98 -42.93 -1.94
CA GLY B 1043 49.19 -43.62 -2.38
C GLY B 1043 50.22 -42.63 -2.88
N TYR B 1044 51.28 -43.18 -3.46
CA TYR B 1044 52.35 -42.36 -4.01
C TYR B 1044 52.02 -42.05 -5.47
N HIS B 1045 51.82 -40.78 -5.78
CA HIS B 1045 51.33 -40.41 -7.10
C HIS B 1045 52.41 -40.64 -8.15
N LEU B 1046 51.99 -41.14 -9.32
CA LEU B 1046 52.89 -41.40 -10.43
C LEU B 1046 52.59 -40.52 -11.63
N MET B 1047 51.33 -40.40 -12.02
CA MET B 1047 50.93 -39.56 -13.14
C MET B 1047 49.43 -39.43 -13.13
N SER B 1048 48.88 -38.80 -14.17
CA SER B 1048 47.44 -38.65 -14.27
C SER B 1048 47.08 -38.39 -15.72
N PHE B 1049 45.81 -38.59 -16.04
CA PHE B 1049 45.33 -38.41 -17.40
C PHE B 1049 43.98 -37.71 -17.37
N PRO B 1050 43.91 -36.44 -17.72
CA PRO B 1050 42.61 -35.74 -17.66
C PRO B 1050 41.63 -36.30 -18.67
N GLN B 1051 40.35 -36.19 -18.33
CA GLN B 1051 39.26 -36.57 -19.21
C GLN B 1051 38.15 -35.53 -19.07
N SER B 1052 37.56 -35.13 -20.18
CA SER B 1052 36.53 -34.12 -20.17
C SER B 1052 35.17 -34.78 -19.95
N ALA B 1053 34.38 -34.23 -19.04
CA ALA B 1053 33.03 -34.68 -18.80
C ALA B 1053 32.12 -33.46 -18.82
N PRO B 1054 30.84 -33.65 -19.10
CA PRO B 1054 29.95 -32.48 -19.22
C PRO B 1054 30.03 -31.58 -18.01
N HIS B 1055 30.54 -30.37 -18.20
CA HIS B 1055 30.69 -29.40 -17.13
C HIS B 1055 31.57 -29.94 -16.01
N GLY B 1056 32.73 -30.47 -16.38
CA GLY B 1056 33.67 -30.91 -15.37
C GLY B 1056 34.81 -31.71 -15.97
N VAL B 1057 35.74 -32.08 -15.08
CA VAL B 1057 36.92 -32.83 -15.46
C VAL B 1057 37.03 -34.07 -14.57
N VAL B 1058 37.68 -35.10 -15.10
CA VAL B 1058 37.86 -36.36 -14.40
C VAL B 1058 39.33 -36.75 -14.51
N PHE B 1059 40.01 -36.87 -13.39
CA PHE B 1059 41.41 -37.27 -13.37
C PHE B 1059 41.50 -38.75 -13.05
N LEU B 1060 42.32 -39.47 -13.82
CA LEU B 1060 42.62 -40.87 -13.56
C LEU B 1060 43.97 -40.93 -12.83
N HIS B 1061 43.93 -40.58 -11.54
CA HIS B 1061 45.15 -40.55 -10.75
C HIS B 1061 45.75 -41.94 -10.67
N VAL B 1062 47.01 -42.07 -11.08
CA VAL B 1062 47.75 -43.32 -11.00
C VAL B 1062 48.59 -43.30 -9.74
N THR B 1063 48.47 -44.33 -8.91
CA THR B 1063 49.12 -44.35 -7.61
C THR B 1063 49.82 -45.69 -7.38
N TYR B 1064 51.05 -45.61 -6.89
CA TYR B 1064 51.81 -46.76 -6.43
C TYR B 1064 51.53 -46.97 -4.95
N VAL B 1065 51.16 -48.19 -4.58
CA VAL B 1065 50.76 -48.52 -3.22
C VAL B 1065 51.51 -49.77 -2.78
N PRO B 1066 52.36 -49.70 -1.76
CA PRO B 1066 53.02 -50.93 -1.27
C PRO B 1066 51.98 -51.95 -0.84
N ALA B 1067 52.25 -53.21 -1.14
CA ALA B 1067 51.24 -54.26 -1.04
C ALA B 1067 51.53 -55.28 0.07
N GLN B 1068 52.63 -56.01 -0.03
CA GLN B 1068 52.87 -57.14 0.86
C GLN B 1068 54.03 -56.78 1.79
N GLU B 1069 53.69 -56.44 3.03
CA GLU B 1069 54.69 -56.04 4.01
C GLU B 1069 55.11 -57.24 4.86
N LYS B 1070 56.40 -57.35 5.08
CA LYS B 1070 56.96 -58.39 5.94
C LYS B 1070 57.67 -57.74 7.12
N ASN B 1071 57.62 -58.44 8.26
CA ASN B 1071 58.35 -58.02 9.45
C ASN B 1071 59.85 -58.19 9.24
N PHE B 1072 60.62 -57.33 9.89
CA PHE B 1072 62.07 -57.48 9.94
C PHE B 1072 62.57 -56.84 11.21
N THR B 1073 63.67 -57.38 11.74
CA THR B 1073 64.33 -56.79 12.89
C THR B 1073 65.25 -55.69 12.41
N THR B 1074 64.98 -54.45 12.82
CA THR B 1074 65.70 -53.29 12.32
C THR B 1074 66.60 -52.71 13.40
N ALA B 1075 67.64 -52.00 12.95
CA ALA B 1075 68.57 -51.32 13.84
C ALA B 1075 68.90 -49.97 13.25
N PRO B 1076 69.12 -48.95 14.10
CA PRO B 1076 69.41 -47.62 13.56
C PRO B 1076 70.76 -47.52 12.88
N ALA B 1077 71.79 -48.12 13.45
CA ALA B 1077 73.15 -48.00 12.94
C ALA B 1077 73.81 -49.38 12.99
N ILE B 1078 75.11 -49.42 12.76
CA ILE B 1078 75.87 -50.67 12.84
C ILE B 1078 77.30 -50.35 13.25
N CYS B 1079 77.84 -51.19 14.14
CA CYS B 1079 79.21 -51.04 14.64
C CYS B 1079 80.09 -52.09 14.00
N HIS B 1080 81.15 -51.65 13.34
CA HIS B 1080 82.10 -52.55 12.69
C HIS B 1080 83.46 -52.53 13.36
N ASP B 1081 84.08 -51.35 13.49
CA ASP B 1081 85.36 -51.21 14.16
C ASP B 1081 85.33 -49.97 15.06
N GLY B 1082 84.24 -49.81 15.80
CA GLY B 1082 84.05 -48.63 16.61
C GLY B 1082 83.43 -47.46 15.89
N LYS B 1083 83.16 -47.59 14.59
CA LYS B 1083 82.56 -46.53 13.80
C LYS B 1083 81.13 -46.89 13.46
N ALA B 1084 80.21 -45.99 13.76
CA ALA B 1084 78.80 -46.23 13.49
C ALA B 1084 78.52 -45.97 12.02
N HIS B 1085 78.03 -47.00 11.32
CA HIS B 1085 77.75 -46.92 9.90
C HIS B 1085 76.25 -46.72 9.69
N PHE B 1086 75.86 -45.54 9.26
CA PHE B 1086 74.47 -45.30 8.97
C PHE B 1086 74.18 -45.50 7.49
N PRO B 1087 72.96 -45.89 7.12
CA PRO B 1087 72.67 -46.10 5.69
C PRO B 1087 72.68 -44.79 4.93
N ARG B 1088 73.29 -44.81 3.74
CA ARG B 1088 73.27 -43.63 2.89
C ARG B 1088 71.84 -43.29 2.50
N GLU B 1089 71.11 -44.26 1.95
CA GLU B 1089 69.71 -44.08 1.58
C GLU B 1089 69.06 -45.45 1.63
N GLY B 1090 68.31 -45.70 2.69
CA GLY B 1090 67.72 -46.99 2.94
C GLY B 1090 67.60 -47.24 4.43
N VAL B 1091 67.47 -48.51 4.78
CA VAL B 1091 67.26 -48.91 6.16
C VAL B 1091 67.89 -50.28 6.37
N PHE B 1092 68.43 -50.49 7.57
CA PHE B 1092 68.99 -51.78 7.93
C PHE B 1092 67.90 -52.73 8.38
N VAL B 1093 67.97 -53.98 7.92
CA VAL B 1093 67.03 -55.02 8.28
C VAL B 1093 67.81 -56.29 8.55
N SER B 1094 67.10 -57.28 9.09
CA SER B 1094 67.71 -58.59 9.36
C SER B 1094 66.60 -59.62 9.44
N ASN B 1095 66.65 -60.62 8.58
CA ASN B 1095 65.65 -61.69 8.60
C ASN B 1095 65.85 -62.65 9.77
N GLY B 1096 66.75 -62.34 10.69
CA GLY B 1096 66.99 -63.16 11.87
C GLY B 1096 68.40 -63.70 12.00
N THR B 1097 69.12 -63.84 10.88
CA THR B 1097 70.47 -64.38 10.89
C THR B 1097 71.49 -63.37 10.41
N HIS B 1098 71.23 -62.68 9.30
CA HIS B 1098 72.17 -61.74 8.71
C HIS B 1098 71.52 -60.37 8.60
N TRP B 1099 72.37 -59.36 8.35
CA TRP B 1099 71.93 -57.99 8.23
C TRP B 1099 72.09 -57.50 6.80
N PHE B 1100 71.17 -56.65 6.36
CA PHE B 1100 71.15 -56.12 5.02
C PHE B 1100 70.74 -54.65 5.07
N VAL B 1101 71.01 -53.94 3.98
CA VAL B 1101 70.56 -52.57 3.79
C VAL B 1101 69.66 -52.55 2.56
N THR B 1102 68.44 -52.05 2.72
CA THR B 1102 67.46 -52.10 1.65
C THR B 1102 66.75 -50.77 1.53
N GLN B 1103 66.29 -50.46 0.32
CA GLN B 1103 65.52 -49.23 0.13
C GLN B 1103 64.22 -49.31 0.93
N ARG B 1104 63.74 -48.13 1.35
CA ARG B 1104 62.70 -48.10 2.37
C ARG B 1104 61.37 -48.65 1.87
N ASN B 1105 61.04 -48.41 0.60
CA ASN B 1105 59.71 -48.70 0.08
C ASN B 1105 59.65 -50.00 -0.70
N PHE B 1106 60.68 -50.84 -0.65
CA PHE B 1106 60.66 -52.10 -1.38
C PHE B 1106 61.80 -52.98 -0.88
N TYR B 1107 61.47 -54.22 -0.52
CA TYR B 1107 62.45 -55.11 0.09
C TYR B 1107 63.40 -55.62 -0.98
N GLU B 1108 64.56 -54.99 -1.09
CA GLU B 1108 65.62 -55.40 -2.01
C GLU B 1108 66.92 -55.46 -1.21
N PRO B 1109 67.10 -56.50 -0.39
CA PRO B 1109 68.26 -56.54 0.50
C PRO B 1109 69.57 -56.57 -0.28
N GLN B 1110 70.58 -55.89 0.28
CA GLN B 1110 71.91 -55.86 -0.30
C GLN B 1110 72.94 -55.98 0.81
N ILE B 1111 74.12 -56.46 0.45
CA ILE B 1111 75.19 -56.64 1.43
C ILE B 1111 75.65 -55.28 1.93
N ILE B 1112 75.88 -55.18 3.23
CA ILE B 1112 76.20 -53.91 3.87
C ILE B 1112 77.68 -53.61 3.67
N THR B 1113 78.02 -52.94 2.58
CA THR B 1113 79.39 -52.57 2.29
C THR B 1113 79.69 -51.20 2.87
N THR B 1114 80.83 -50.62 2.50
CA THR B 1114 81.17 -49.25 2.87
C THR B 1114 80.66 -48.24 1.85
N ASP B 1115 79.96 -48.68 0.82
CA ASP B 1115 79.34 -47.78 -0.14
C ASP B 1115 77.91 -47.43 0.24
N ASN B 1116 77.15 -48.40 0.73
CA ASN B 1116 75.79 -48.13 1.17
C ASN B 1116 75.75 -47.33 2.46
N THR B 1117 76.86 -47.27 3.19
CA THR B 1117 76.86 -46.70 4.54
C THR B 1117 77.92 -45.62 4.65
N PHE B 1118 77.62 -44.59 5.44
CA PHE B 1118 78.58 -43.55 5.78
C PHE B 1118 78.84 -43.59 7.28
N VAL B 1119 80.09 -43.34 7.65
CA VAL B 1119 80.52 -43.42 9.04
C VAL B 1119 80.43 -42.05 9.67
N SER B 1120 80.12 -42.02 10.96
CA SER B 1120 80.05 -40.75 11.69
C SER B 1120 80.14 -41.05 13.18
N GLY B 1121 81.13 -40.46 13.85
CA GLY B 1121 81.24 -40.62 15.28
C GLY B 1121 81.63 -42.04 15.66
N ASN B 1122 81.37 -42.36 16.92
CA ASN B 1122 81.68 -43.66 17.49
C ASN B 1122 80.38 -44.35 17.91
N CYS B 1123 80.53 -45.51 18.55
CA CYS B 1123 79.41 -46.37 18.87
C CYS B 1123 78.88 -46.18 20.30
N ASP B 1124 79.40 -45.22 21.04
CA ASP B 1124 78.97 -45.00 22.41
C ASP B 1124 77.83 -43.99 22.51
N VAL B 1125 77.39 -43.42 21.40
CA VAL B 1125 76.42 -42.33 21.41
C VAL B 1125 75.07 -42.77 20.85
N VAL B 1126 75.07 -43.62 19.84
CA VAL B 1126 73.83 -44.04 19.19
C VAL B 1126 73.13 -45.06 20.07
N ILE B 1127 71.86 -44.81 20.37
CA ILE B 1127 71.05 -45.76 21.12
C ILE B 1127 70.58 -46.86 20.19
N GLY B 1128 70.54 -48.08 20.70
CA GLY B 1128 70.05 -49.19 19.91
C GLY B 1128 71.00 -49.67 18.83
N ILE B 1129 72.24 -49.20 18.82
CA ILE B 1129 73.17 -49.66 17.82
C ILE B 1129 73.35 -51.17 17.96
N VAL B 1130 73.87 -51.79 16.90
CA VAL B 1130 74.03 -53.24 16.84
C VAL B 1130 75.41 -53.56 16.28
N ASN B 1131 75.78 -54.83 16.38
CA ASN B 1131 77.06 -55.33 15.92
C ASN B 1131 76.89 -56.10 14.63
N ASN B 1132 77.83 -55.92 13.70
CA ASN B 1132 77.86 -56.68 12.47
C ASN B 1132 79.15 -56.36 11.74
N THR B 1133 79.49 -57.20 10.78
CA THR B 1133 80.68 -57.01 9.94
C THR B 1133 80.28 -56.33 8.64
N VAL B 1134 80.96 -55.23 8.33
CA VAL B 1134 80.67 -54.45 7.14
C VAL B 1134 81.68 -54.81 6.06
N TYR B 1135 81.17 -55.21 4.89
CA TYR B 1135 82.03 -55.63 3.79
C TYR B 1135 82.84 -54.44 3.26
N ASP B 1136 83.99 -54.75 2.70
CA ASP B 1136 84.87 -53.74 2.10
C ASP B 1136 85.28 -54.21 0.71
N PRO B 1137 84.80 -53.56 -0.36
CA PRO B 1137 85.18 -54.04 -1.71
C PRO B 1137 86.66 -54.00 -1.97
N LEU B 1138 87.38 -53.05 -1.38
CA LEU B 1138 88.78 -52.85 -1.73
C LEU B 1138 89.68 -53.93 -1.14
N GLN B 1139 89.27 -54.54 -0.03
CA GLN B 1139 90.14 -55.51 0.64
C GLN B 1139 90.45 -56.72 -0.23
N PRO B 1140 89.46 -57.42 -0.81
CA PRO B 1140 89.81 -58.58 -1.65
C PRO B 1140 90.66 -58.20 -2.84
N GLU B 1141 90.44 -57.01 -3.42
CA GLU B 1141 91.29 -56.57 -4.52
C GLU B 1141 92.71 -56.35 -4.04
N LEU B 1142 92.89 -55.78 -2.85
CA LEU B 1142 94.22 -55.63 -2.29
C LEU B 1142 94.88 -56.97 -2.06
N ASP B 1143 94.10 -57.98 -1.68
CA ASP B 1143 94.67 -59.31 -1.50
C ASP B 1143 95.28 -59.84 -2.79
N SER B 1144 94.59 -59.64 -3.91
CA SER B 1144 95.10 -60.07 -5.21
C SER B 1144 96.25 -59.17 -5.65
N ARG C 21 10.09 35.45 57.80
CA ARG C 21 10.23 34.41 56.80
C ARG C 21 11.64 34.40 56.22
N THR C 22 12.39 33.35 56.51
CA THR C 22 13.77 33.21 56.04
C THR C 22 13.98 31.84 55.42
N GLN C 23 14.75 31.80 54.34
CA GLN C 23 15.02 30.57 53.62
C GLN C 23 16.53 30.38 53.46
N LEU C 24 16.98 29.14 53.63
CA LEU C 24 18.40 28.85 53.56
C LEU C 24 18.89 28.91 52.12
N PRO C 25 20.11 29.35 51.87
CA PRO C 25 20.63 29.38 50.50
C PRO C 25 20.79 27.97 49.97
N PRO C 26 20.70 27.79 48.65
CA PRO C 26 20.84 26.44 48.10
C PRO C 26 22.28 26.08 47.80
N ALA C 27 22.62 24.82 48.06
CA ALA C 27 23.93 24.26 47.74
C ALA C 27 23.81 23.37 46.49
N TYR C 28 24.92 22.73 46.12
CA TYR C 28 24.95 21.84 44.98
C TYR C 28 25.66 20.56 45.39
N THR C 29 25.32 19.46 44.70
CA THR C 29 25.92 18.18 45.01
C THR C 29 25.93 17.32 43.76
N ASN C 30 26.75 16.27 43.80
CA ASN C 30 26.81 15.29 42.72
C ASN C 30 25.68 14.29 42.86
N SER C 31 25.07 13.94 41.73
CA SER C 31 23.93 13.02 41.74
C SER C 31 24.36 11.56 41.86
N PHE C 32 25.61 11.24 41.56
CA PHE C 32 26.10 9.85 41.62
C PHE C 32 25.20 9.01 40.71
N THR C 33 24.79 7.81 41.14
CA THR C 33 24.09 6.87 40.27
C THR C 33 22.60 6.81 40.53
N ARG C 34 22.06 7.70 41.35
CA ARG C 34 20.63 7.65 41.67
C ARG C 34 19.80 8.08 40.46
N GLY C 35 18.56 7.62 40.44
CA GLY C 35 17.62 8.00 39.39
C GLY C 35 17.33 6.90 38.41
N VAL C 36 17.34 5.65 38.88
CA VAL C 36 17.09 4.49 38.04
C VAL C 36 15.78 3.86 38.50
N TYR C 37 14.77 3.90 37.64
CA TYR C 37 13.44 3.41 37.98
C TYR C 37 12.92 2.56 36.83
N TYR C 38 12.13 1.55 37.18
CA TYR C 38 11.54 0.66 36.18
C TYR C 38 10.67 1.46 35.23
N PRO C 39 11.08 1.65 33.96
CA PRO C 39 10.22 2.40 33.04
C PRO C 39 8.89 1.72 32.75
N ASP C 40 8.78 0.43 33.01
CA ASP C 40 7.56 -0.33 32.72
C ASP C 40 7.30 -1.31 33.85
N LYS C 41 6.09 -1.85 33.85
CA LYS C 41 5.67 -2.83 34.85
C LYS C 41 5.75 -4.25 34.32
N VAL C 42 6.75 -4.54 33.48
CA VAL C 42 6.91 -5.85 32.85
C VAL C 42 8.13 -6.52 33.44
N PHE C 43 7.98 -7.78 33.82
CA PHE C 43 9.06 -8.53 34.44
C PHE C 43 10.05 -9.00 33.38
N ARG C 44 11.33 -8.73 33.62
CA ARG C 44 12.42 -9.19 32.76
C ARG C 44 13.54 -9.73 33.63
N SER C 45 14.15 -10.84 33.20
CA SER C 45 15.17 -11.51 33.99
C SER C 45 16.42 -11.70 33.16
N SER C 46 17.57 -11.24 33.67
CA SER C 46 18.87 -11.50 33.10
C SER C 46 18.92 -11.11 31.63
N VAL C 47 18.38 -9.93 31.33
CA VAL C 47 18.41 -9.38 29.99
C VAL C 47 18.78 -7.90 30.09
N LEU C 48 19.71 -7.47 29.24
CA LEU C 48 20.19 -6.08 29.26
C LEU C 48 19.27 -5.23 28.37
N HIS C 49 18.10 -4.92 28.91
CA HIS C 49 17.14 -4.13 28.16
C HIS C 49 17.66 -2.72 27.95
N SER C 50 17.21 -2.10 26.87
CA SER C 50 17.55 -0.71 26.54
C SER C 50 16.26 0.09 26.48
N THR C 51 16.28 1.29 27.08
CA THR C 51 15.09 2.12 27.15
C THR C 51 15.46 3.57 26.85
N GLN C 52 14.48 4.33 26.40
CA GLN C 52 14.62 5.76 26.16
C GLN C 52 13.50 6.47 26.89
N ASP C 53 13.83 7.32 27.85
CA ASP C 53 12.81 7.96 28.67
C ASP C 53 13.45 9.12 29.44
N LEU C 54 12.65 9.75 30.29
CA LEU C 54 13.08 10.89 31.09
C LEU C 54 13.78 10.36 32.33
N PHE C 55 15.10 10.36 32.31
CA PHE C 55 15.91 9.85 33.42
C PHE C 55 16.68 10.98 34.07
N LEU C 56 17.12 10.73 35.29
CA LEU C 56 18.03 11.66 35.95
C LEU C 56 19.43 11.46 35.41
N PRO C 57 20.03 12.45 34.76
CA PRO C 57 21.37 12.23 34.18
C PRO C 57 22.35 11.81 35.26
N PHE C 58 23.18 10.83 34.92
CA PHE C 58 24.21 10.40 35.85
C PHE C 58 25.20 11.53 36.09
N PHE C 59 25.66 11.63 37.34
CA PHE C 59 26.63 12.65 37.72
C PHE C 59 26.14 14.04 37.34
N SER C 60 24.91 14.34 37.73
CA SER C 60 24.29 15.62 37.48
C SER C 60 24.40 16.52 38.71
N ASN C 61 24.21 17.82 38.48
CA ASN C 61 24.32 18.82 39.55
C ASN C 61 22.97 18.96 40.22
N VAL C 62 22.81 18.30 41.36
CA VAL C 62 21.54 18.28 42.08
C VAL C 62 21.55 19.37 43.14
N THR C 63 20.50 20.17 43.17
CA THR C 63 20.38 21.23 44.16
C THR C 63 20.14 20.62 45.54
N TRP C 64 20.69 21.27 46.56
CA TRP C 64 20.69 20.77 47.92
C TRP C 64 20.09 21.83 48.84
N PHE C 65 19.17 21.42 49.71
CA PHE C 65 18.49 22.33 50.60
C PHE C 65 18.51 21.76 52.02
N HIS C 66 18.26 22.62 53.00
CA HIS C 66 18.23 22.22 54.40
C HIS C 66 16.99 22.81 55.08
N ALA C 67 16.39 22.02 55.97
CA ALA C 67 15.19 22.44 56.68
C ALA C 67 15.56 23.17 57.97
N ASN C 81 12.29 26.65 51.86
CA ASN C 81 11.63 25.83 50.86
C ASN C 81 10.95 26.71 49.79
N PRO C 82 11.69 27.05 48.76
CA PRO C 82 11.15 27.89 47.68
C PRO C 82 10.25 27.08 46.76
N VAL C 83 9.82 27.73 45.67
CA VAL C 83 8.94 27.12 44.69
C VAL C 83 9.82 26.68 43.52
N LEU C 84 10.12 25.39 43.47
CA LEU C 84 11.00 24.84 42.46
C LEU C 84 10.24 24.63 41.16
N PRO C 85 10.78 25.05 40.01
CA PRO C 85 10.14 24.70 38.73
C PRO C 85 10.13 23.20 38.53
N PHE C 86 9.08 22.71 37.86
CA PHE C 86 8.91 21.29 37.62
C PHE C 86 9.55 20.83 36.32
N ASN C 87 9.54 21.67 35.29
CA ASN C 87 10.15 21.37 33.99
C ASN C 87 9.51 20.10 33.45
N ASP C 88 10.25 19.01 33.25
CA ASP C 88 9.74 17.81 32.60
C ASP C 88 10.03 16.58 33.45
N GLY C 89 9.69 16.64 34.73
CA GLY C 89 9.92 15.52 35.61
C GLY C 89 11.04 15.86 36.59
N VAL C 90 10.81 15.56 37.86
CA VAL C 90 11.72 15.94 38.93
C VAL C 90 12.00 14.73 39.80
N TYR C 91 13.27 14.58 40.17
CA TYR C 91 13.70 13.55 41.11
C TYR C 91 13.91 14.21 42.46
N PHE C 92 13.20 13.73 43.48
CA PHE C 92 13.27 14.26 44.83
C PHE C 92 13.92 13.23 45.74
N ALA C 93 14.69 13.69 46.72
CA ALA C 93 15.31 12.81 47.69
C ALA C 93 15.36 13.48 49.04
N SER C 94 15.20 12.70 50.09
CA SER C 94 15.20 13.27 51.44
C SER C 94 15.64 12.21 52.44
N THR C 95 16.55 12.60 53.33
CA THR C 95 17.04 11.74 54.39
C THR C 95 16.25 12.05 55.66
N GLU C 96 15.44 11.09 56.10
CA GLU C 96 14.55 11.29 57.24
C GLU C 96 14.62 10.08 58.15
N LYS C 97 14.25 10.31 59.42
CA LYS C 97 14.14 9.25 60.41
C LYS C 97 12.81 9.26 61.15
N SER C 98 12.04 10.35 61.08
CA SER C 98 10.73 10.42 61.73
C SER C 98 9.70 11.07 60.83
N ASN C 99 9.91 11.02 59.51
CA ASN C 99 8.98 11.59 58.55
C ASN C 99 8.81 13.10 58.76
N ILE C 100 9.94 13.81 58.79
CA ILE C 100 9.90 15.26 58.96
C ILE C 100 9.22 15.90 57.76
N ILE C 101 9.61 15.52 56.55
CA ILE C 101 8.93 15.96 55.34
C ILE C 101 7.72 15.06 55.14
N ARG C 102 6.53 15.68 55.10
CA ARG C 102 5.28 14.94 55.13
C ARG C 102 4.51 14.96 53.82
N GLY C 103 4.93 15.75 52.84
CA GLY C 103 4.18 15.79 51.60
C GLY C 103 4.77 16.78 50.62
N TRP C 104 4.05 16.93 49.51
CA TRP C 104 4.44 17.81 48.43
C TRP C 104 3.21 18.51 47.87
N ILE C 105 3.46 19.59 47.13
CA ILE C 105 2.44 20.35 46.44
C ILE C 105 2.92 20.60 45.02
N PHE C 106 2.04 20.41 44.05
CA PHE C 106 2.34 20.63 42.65
C PHE C 106 1.29 21.54 42.04
N GLY C 107 1.71 22.32 41.05
CA GLY C 107 0.79 23.23 40.40
C GLY C 107 1.54 24.26 39.60
N THR C 108 0.78 25.00 38.79
CA THR C 108 1.37 26.02 37.92
C THR C 108 1.57 27.33 38.67
N THR C 109 0.49 27.88 39.23
CA THR C 109 0.55 29.14 39.97
C THR C 109 0.25 28.98 41.46
N LEU C 110 -0.21 27.80 41.90
CA LEU C 110 -0.50 27.54 43.32
C LEU C 110 -1.48 28.57 43.88
N ASP C 111 -2.53 28.86 43.12
CA ASP C 111 -3.58 29.76 43.56
C ASP C 111 -4.92 29.17 43.15
N SER C 112 -6.00 29.90 43.43
CA SER C 112 -7.33 29.44 43.04
C SER C 112 -7.59 29.56 41.55
N LYS C 113 -6.72 30.27 40.81
CA LYS C 113 -6.93 30.45 39.38
C LYS C 113 -6.78 29.14 38.62
N THR C 114 -5.92 28.23 39.10
CA THR C 114 -5.64 26.98 38.42
C THR C 114 -5.76 25.83 39.40
N GLN C 115 -5.78 24.61 38.87
CA GLN C 115 -5.81 23.42 39.69
C GLN C 115 -4.44 23.17 40.32
N SER C 116 -4.43 22.32 41.33
CA SER C 116 -3.21 21.97 42.04
C SER C 116 -3.41 20.61 42.71
N LEU C 117 -2.29 20.03 43.13
CA LEU C 117 -2.25 18.70 43.71
C LEU C 117 -1.52 18.76 45.03
N LEU C 118 -2.10 18.16 46.07
CA LEU C 118 -1.53 18.13 47.41
C LEU C 118 -1.42 16.68 47.85
N ILE C 119 -0.22 16.27 48.24
CA ILE C 119 0.04 14.93 48.75
C ILE C 119 0.61 15.07 50.15
N VAL C 120 0.04 14.32 51.10
CA VAL C 120 0.52 14.32 52.48
C VAL C 120 0.60 12.88 52.96
N ASN C 121 1.80 12.46 53.37
CA ASN C 121 2.01 11.11 53.92
C ASN C 121 2.13 11.26 55.43
N ASN C 122 1.03 11.05 56.12
CA ASN C 122 0.95 11.20 57.57
C ASN C 122 0.70 9.84 58.22
N ALA C 123 1.56 9.47 59.16
CA ALA C 123 1.44 8.18 59.84
C ALA C 123 1.47 7.04 58.83
N THR C 124 0.31 6.43 58.56
CA THR C 124 0.21 5.33 57.61
C THR C 124 -0.73 5.65 56.45
N ASN C 125 -1.14 6.91 56.30
CA ASN C 125 -2.09 7.31 55.27
C ASN C 125 -1.42 8.29 54.32
N VAL C 126 -1.46 7.97 53.03
CA VAL C 126 -0.97 8.87 52.00
C VAL C 126 -2.17 9.52 51.32
N VAL C 127 -2.59 10.67 51.85
CA VAL C 127 -3.76 11.37 51.33
C VAL C 127 -3.33 12.23 50.16
N ILE C 128 -3.96 12.00 49.01
CA ILE C 128 -3.67 12.73 47.78
C ILE C 128 -4.96 13.40 47.32
N LYS C 129 -4.89 14.70 47.02
CA LYS C 129 -6.06 15.44 46.60
C LYS C 129 -5.68 16.36 45.45
N VAL C 130 -6.66 16.67 44.60
CA VAL C 130 -6.44 17.56 43.47
C VAL C 130 -7.59 18.56 43.43
N CYS C 131 -7.32 19.80 43.81
CA CYS C 131 -8.35 20.84 43.75
C CYS C 131 -7.68 22.18 43.49
N GLU C 132 -8.51 23.23 43.44
CA GLU C 132 -8.05 24.60 43.33
C GLU C 132 -7.88 25.16 44.73
N PHE C 133 -6.64 25.35 45.16
CA PHE C 133 -6.33 25.79 46.51
C PHE C 133 -5.69 27.17 46.46
N GLN C 134 -6.13 28.05 47.37
CA GLN C 134 -5.42 29.31 47.62
C GLN C 134 -4.43 29.04 48.74
N PHE C 135 -3.26 28.54 48.35
CA PHE C 135 -2.31 28.03 49.33
C PHE C 135 -1.86 29.14 50.27
N CYS C 136 -1.65 28.76 51.53
CA CYS C 136 -1.07 29.68 52.49
C CYS C 136 0.38 29.94 52.14
N ASN C 137 0.82 31.18 52.39
CA ASN C 137 2.20 31.55 52.06
C ASN C 137 3.20 30.72 52.85
N ASP C 138 2.84 30.30 54.07
CA ASP C 138 3.71 29.51 54.94
C ASP C 138 2.93 28.29 55.40
N PRO C 139 2.82 27.26 54.55
CA PRO C 139 2.15 26.03 54.98
C PRO C 139 2.80 25.44 56.22
N PHE C 140 1.96 25.04 57.17
CA PHE C 140 2.43 24.57 58.46
C PHE C 140 1.71 23.29 58.87
N LEU C 141 2.49 22.36 59.43
CA LEU C 141 1.95 21.13 60.00
C LEU C 141 2.62 20.92 61.35
N GLY C 142 1.80 20.86 62.40
CA GLY C 142 2.28 20.87 63.77
C GLY C 142 2.15 19.51 64.44
N VAL C 143 2.95 19.29 65.47
CA VAL C 143 2.91 18.06 66.24
C VAL C 143 3.07 18.39 67.72
N TRP C 152 4.15 11.94 70.18
CA TRP C 152 3.80 13.12 69.39
C TRP C 152 2.49 12.91 68.64
N MET C 153 1.59 13.88 68.75
CA MET C 153 0.29 13.85 68.08
C MET C 153 0.13 15.11 67.25
N GLU C 154 -0.28 14.94 66.00
CA GLU C 154 -0.44 16.06 65.09
C GLU C 154 -1.84 16.65 65.20
N SER C 155 -1.92 17.97 65.34
CA SER C 155 -3.21 18.64 65.47
C SER C 155 -3.29 19.96 64.73
N GLU C 156 -2.24 20.38 64.03
CA GLU C 156 -2.22 21.65 63.30
C GLU C 156 -1.97 21.34 61.82
N PHE C 157 -2.86 21.82 60.96
CA PHE C 157 -2.76 21.60 59.52
C PHE C 157 -3.28 22.86 58.83
N ARG C 158 -2.36 23.78 58.51
CA ARG C 158 -2.71 25.06 57.90
C ARG C 158 -1.84 25.21 56.64
N VAL C 159 -2.32 24.66 55.53
CA VAL C 159 -1.60 24.62 54.28
C VAL C 159 -2.25 25.49 53.21
N TYR C 160 -3.57 25.42 53.09
CA TYR C 160 -4.30 26.18 52.09
C TYR C 160 -5.45 26.93 52.76
N SER C 161 -5.78 28.09 52.20
CA SER C 161 -6.90 28.89 52.69
C SER C 161 -8.20 28.59 51.95
N SER C 162 -8.13 27.96 50.77
CA SER C 162 -9.31 27.66 49.98
C SER C 162 -9.15 26.29 49.34
N ALA C 163 -10.28 25.70 48.96
CA ALA C 163 -10.29 24.42 48.27
C ALA C 163 -11.61 24.34 47.49
N ASN C 164 -11.54 24.55 46.18
CA ASN C 164 -12.72 24.58 45.33
C ASN C 164 -12.50 23.72 44.09
N ASN C 165 -13.59 23.17 43.58
CA ASN C 165 -13.59 22.39 42.35
C ASN C 165 -12.61 21.22 42.45
N CYS C 166 -12.81 20.41 43.48
CA CYS C 166 -12.01 19.20 43.65
C CYS C 166 -12.33 18.21 42.53
N THR C 167 -11.30 17.47 42.09
CA THR C 167 -11.45 16.52 41.00
C THR C 167 -11.00 15.11 41.33
N PHE C 168 -10.16 14.91 42.34
CA PHE C 168 -9.72 13.57 42.69
C PHE C 168 -9.21 13.54 44.13
N GLU C 169 -9.39 12.38 44.76
CA GLU C 169 -8.93 12.14 46.13
C GLU C 169 -8.65 10.66 46.29
N TYR C 170 -7.58 10.34 47.01
CA TYR C 170 -7.17 8.96 47.24
C TYR C 170 -6.48 8.87 48.58
N VAL C 171 -6.61 7.69 49.22
CA VAL C 171 -6.00 7.42 50.52
C VAL C 171 -5.34 6.04 50.45
N SER C 172 -4.10 5.95 50.91
CA SER C 172 -3.38 4.69 50.93
C SER C 172 -3.61 3.95 52.25
N PHE C 186 20.59 10.86 59.23
CA PHE C 186 19.31 10.18 59.33
C PHE C 186 19.47 8.69 59.06
N LYS C 187 18.35 7.96 59.05
CA LYS C 187 18.36 6.51 58.87
C LYS C 187 17.78 6.08 57.54
N ASN C 188 16.65 6.63 57.12
CA ASN C 188 15.94 6.20 55.92
C ASN C 188 16.04 7.28 54.86
N LEU C 189 16.58 6.92 53.70
CA LEU C 189 16.61 7.79 52.55
C LEU C 189 15.43 7.44 51.66
N ARG C 190 14.55 8.41 51.42
CA ARG C 190 13.37 8.23 50.60
C ARG C 190 13.57 9.02 49.32
N GLU C 191 13.49 8.34 48.18
CA GLU C 191 13.64 8.94 46.88
C GLU C 191 12.34 8.76 46.10
N PHE C 192 11.97 9.79 45.35
CA PHE C 192 10.76 9.76 44.55
C PHE C 192 11.07 10.37 43.19
N VAL C 193 10.28 9.98 42.20
CA VAL C 193 10.36 10.53 40.85
C VAL C 193 8.95 10.90 40.41
N PHE C 194 8.75 12.16 40.07
CA PHE C 194 7.46 12.67 39.65
C PHE C 194 7.57 13.13 38.20
N LYS C 195 6.66 12.66 37.36
CA LYS C 195 6.65 13.15 35.98
C LYS C 195 5.22 13.26 35.47
N ASN C 196 5.05 14.12 34.46
CA ASN C 196 3.76 14.35 33.83
C ASN C 196 3.91 14.12 32.33
N ILE C 197 3.32 13.03 31.84
CA ILE C 197 3.39 12.67 30.43
C ILE C 197 1.98 12.37 29.95
N ASP C 198 1.56 13.06 28.88
CA ASP C 198 0.25 12.85 28.27
C ASP C 198 -0.87 13.01 29.30
N GLY C 199 -0.74 14.02 30.15
CA GLY C 199 -1.76 14.26 31.16
C GLY C 199 -1.82 13.22 32.25
N TYR C 200 -0.79 12.39 32.37
CA TYR C 200 -0.71 11.36 33.40
C TYR C 200 0.44 11.70 34.34
N PHE C 201 0.14 11.71 35.64
CA PHE C 201 1.11 11.98 36.68
C PHE C 201 1.59 10.65 37.24
N LYS C 202 2.89 10.37 37.08
CA LYS C 202 3.49 9.12 37.53
C LYS C 202 4.44 9.42 38.68
N ILE C 203 4.30 8.66 39.77
CA ILE C 203 5.08 8.81 40.98
C ILE C 203 5.71 7.47 41.30
N TYR C 204 7.04 7.42 41.24
CA TYR C 204 7.82 6.26 41.63
C TYR C 204 8.52 6.56 42.95
N SER C 205 8.82 5.52 43.73
CA SER C 205 9.38 5.69 45.05
C SER C 205 10.39 4.59 45.37
N LYS C 206 11.22 4.86 46.37
CA LYS C 206 12.14 3.86 46.90
C LYS C 206 12.67 4.33 48.24
N HIS C 207 12.61 3.45 49.24
CA HIS C 207 13.13 3.72 50.57
C HIS C 207 14.33 2.82 50.82
N THR C 208 15.40 3.39 51.34
CA THR C 208 16.62 2.64 51.62
C THR C 208 17.11 2.94 53.02
N PRO C 209 17.73 1.96 53.69
CA PRO C 209 18.40 2.24 54.97
C PRO C 209 19.80 2.75 54.76
N ILE C 210 20.09 3.97 55.23
CA ILE C 210 21.41 4.57 55.07
C ILE C 210 21.90 5.08 56.41
N ASN C 211 23.22 5.22 56.52
CA ASN C 211 23.87 5.82 57.68
C ASN C 211 24.84 6.87 57.16
N LEU C 212 24.30 8.06 56.84
CA LEU C 212 25.11 9.16 56.35
C LEU C 212 24.25 10.40 56.17
N VAL C 213 24.85 11.58 56.28
CA VAL C 213 24.11 12.84 56.12
C VAL C 213 24.87 13.77 55.17
N ARG C 214 26.08 13.37 54.77
CA ARG C 214 26.89 14.25 53.94
C ARG C 214 26.24 14.52 52.59
N GLY C 215 25.73 13.48 51.93
CA GLY C 215 25.13 13.67 50.62
C GLY C 215 24.54 12.38 50.10
N LEU C 216 24.26 12.37 48.80
CA LEU C 216 23.67 11.19 48.19
C LEU C 216 24.65 10.03 48.27
N PRO C 217 24.26 8.87 48.80
CA PRO C 217 25.21 7.77 48.93
C PRO C 217 25.67 7.28 47.56
N GLN C 218 26.92 6.82 47.50
CA GLN C 218 27.52 6.31 46.27
C GLN C 218 27.13 4.85 46.12
N GLY C 219 25.88 4.63 45.70
CA GLY C 219 25.36 3.29 45.54
C GLY C 219 24.33 3.25 44.44
N PHE C 220 23.88 2.03 44.12
CA PHE C 220 22.95 1.79 43.03
C PHE C 220 21.72 1.06 43.57
N SER C 221 20.54 1.50 43.12
CA SER C 221 19.30 0.86 43.53
C SER C 221 18.21 1.21 42.51
N ALA C 222 17.16 0.41 42.53
CA ALA C 222 16.01 0.63 41.66
C ALA C 222 14.95 1.49 42.37
N LEU C 223 14.02 2.00 41.57
CA LEU C 223 12.92 2.83 42.08
C LEU C 223 11.60 2.25 41.57
N GLU C 224 10.90 1.53 42.45
CA GLU C 224 9.64 0.92 42.06
C GLU C 224 8.57 1.99 41.85
N PRO C 225 7.63 1.78 40.94
CA PRO C 225 6.50 2.68 40.83
C PRO C 225 5.57 2.55 42.03
N LEU C 226 4.90 3.67 42.35
CA LEU C 226 3.83 3.66 43.34
C LEU C 226 2.49 4.04 42.75
N VAL C 227 2.40 5.17 42.04
CA VAL C 227 1.11 5.70 41.65
C VAL C 227 1.16 6.22 40.22
N ASP C 228 0.02 6.10 39.54
CA ASP C 228 -0.20 6.73 38.23
C ASP C 228 -1.63 7.25 38.20
N LEU C 229 -1.80 8.55 37.94
CA LEU C 229 -3.12 9.16 37.99
C LEU C 229 -3.37 10.00 36.74
N PRO C 230 -4.63 10.11 36.30
CA PRO C 230 -4.99 10.97 35.17
C PRO C 230 -5.40 12.38 35.58
N ILE C 231 -4.54 13.06 36.34
CA ILE C 231 -4.89 14.39 36.81
C ILE C 231 -4.96 15.37 35.64
N GLY C 232 -4.08 15.21 34.65
CA GLY C 232 -4.10 16.06 33.48
C GLY C 232 -3.91 17.53 33.79
N ILE C 233 -2.90 17.83 34.60
CA ILE C 233 -2.65 19.19 35.08
C ILE C 233 -1.34 19.68 34.46
N ASN C 234 -1.36 20.88 33.91
CA ASN C 234 -0.14 21.50 33.41
C ASN C 234 0.69 22.00 34.58
N ILE C 235 1.53 21.13 35.13
CA ILE C 235 2.30 21.44 36.33
C ILE C 235 3.66 21.98 35.90
N THR C 236 3.99 23.18 36.38
CA THR C 236 5.29 23.79 36.14
C THR C 236 6.03 24.16 37.40
N ARG C 237 5.40 24.04 38.58
CA ARG C 237 6.04 24.38 39.84
C ARG C 237 5.62 23.38 40.91
N PHE C 238 6.44 23.28 41.95
CA PHE C 238 6.18 22.37 43.04
C PHE C 238 6.97 22.83 44.26
N GLN C 239 6.58 22.30 45.42
CA GLN C 239 7.25 22.65 46.67
C GLN C 239 6.99 21.56 47.71
N THR C 240 8.01 21.23 48.48
CA THR C 240 7.89 20.24 49.53
C THR C 240 7.16 20.82 50.74
N LEU C 241 6.91 19.95 51.72
CA LEU C 241 6.25 20.35 52.96
C LEU C 241 7.10 19.92 54.14
N HIS C 242 7.39 20.85 55.03
CA HIS C 242 8.17 20.58 56.23
C HIS C 242 7.25 20.31 57.41
N ILE C 243 7.84 19.79 58.48
CA ILE C 243 7.09 19.47 59.69
C ILE C 243 6.65 20.75 60.38
N TYR C 262 17.32 18.10 52.04
CA TYR C 262 16.90 17.26 50.92
C TYR C 262 17.62 17.64 49.63
N TYR C 263 17.38 16.87 48.57
CA TYR C 263 18.05 17.07 47.30
C TYR C 263 17.04 16.97 46.16
N VAL C 264 17.27 17.77 45.12
CA VAL C 264 16.37 17.88 43.98
C VAL C 264 17.17 17.85 42.69
N GLY C 265 16.76 17.00 41.75
CA GLY C 265 17.35 16.96 40.44
C GLY C 265 16.28 17.01 39.37
N TYR C 266 16.69 17.37 38.16
CA TYR C 266 15.78 17.55 37.04
C TYR C 266 16.05 16.50 35.98
N LEU C 267 14.99 15.83 35.53
CA LEU C 267 15.11 14.77 34.55
C LEU C 267 15.36 15.34 33.15
N GLN C 268 15.89 14.48 32.28
CA GLN C 268 16.15 14.83 30.90
C GLN C 268 15.85 13.61 30.03
N PRO C 269 15.53 13.82 28.75
CA PRO C 269 15.19 12.69 27.88
C PRO C 269 16.43 11.91 27.43
N ARG C 270 16.86 10.97 28.26
CA ARG C 270 18.07 10.20 28.01
C ARG C 270 17.72 8.79 27.56
N THR C 271 18.77 8.00 27.32
CA THR C 271 18.66 6.61 26.94
C THR C 271 19.53 5.78 27.88
N PHE C 272 18.95 4.76 28.48
CA PHE C 272 19.60 3.94 29.48
C PHE C 272 19.66 2.50 29.02
N LEU C 273 20.64 1.77 29.57
CA LEU C 273 20.79 0.34 29.34
C LEU C 273 20.65 -0.35 30.69
N LEU C 274 19.41 -0.63 31.08
CA LEU C 274 19.15 -1.24 32.38
C LEU C 274 19.56 -2.70 32.38
N LYS C 275 20.06 -3.16 33.51
CA LYS C 275 20.44 -4.57 33.70
C LYS C 275 19.48 -5.19 34.70
N TYR C 276 18.66 -6.13 34.24
CA TYR C 276 17.78 -6.88 35.11
C TYR C 276 18.50 -8.13 35.61
N ASN C 277 18.52 -8.31 36.92
CA ASN C 277 19.19 -9.47 37.51
C ASN C 277 18.30 -10.69 37.38
N GLU C 278 18.62 -11.76 38.11
CA GLU C 278 17.83 -12.98 38.03
C GLU C 278 16.39 -12.74 38.44
N ASN C 279 16.17 -12.02 39.53
CA ASN C 279 14.84 -11.82 40.10
C ASN C 279 14.17 -10.56 39.58
N GLY C 280 14.59 -10.05 38.43
CA GLY C 280 13.91 -8.92 37.82
C GLY C 280 14.07 -7.61 38.56
N THR C 281 15.17 -7.42 39.27
CA THR C 281 15.48 -6.17 39.95
C THR C 281 16.69 -5.52 39.29
N ILE C 282 16.57 -4.23 38.96
CA ILE C 282 17.67 -3.53 38.32
C ILE C 282 18.85 -3.44 39.28
N THR C 283 20.03 -3.77 38.80
CA THR C 283 21.25 -3.69 39.60
C THR C 283 22.25 -2.67 39.08
N ASP C 284 22.34 -2.48 37.76
CA ASP C 284 23.25 -1.50 37.21
C ASP C 284 22.66 -0.95 35.91
N ALA C 285 23.09 0.26 35.56
CA ALA C 285 22.62 0.92 34.35
C ALA C 285 23.75 1.77 33.79
N VAL C 286 23.64 2.07 32.50
CA VAL C 286 24.65 2.84 31.79
C VAL C 286 23.96 3.98 31.05
N ASP C 287 24.35 5.22 31.37
CA ASP C 287 23.79 6.40 30.72
C ASP C 287 24.49 6.58 29.39
N CYS C 288 23.82 6.21 28.30
CA CYS C 288 24.48 6.14 27.00
C CYS C 288 25.04 7.49 26.57
N ALA C 289 24.44 8.59 27.00
CA ALA C 289 24.84 9.91 26.56
C ALA C 289 25.85 10.56 27.49
N LEU C 290 26.33 9.84 28.50
CA LEU C 290 27.23 10.44 29.48
C LEU C 290 28.61 10.69 28.90
N ASP C 291 29.31 9.63 28.52
CA ASP C 291 30.69 9.73 28.08
C ASP C 291 30.97 8.61 27.09
N PRO C 292 32.05 8.71 26.33
CA PRO C 292 32.29 7.72 25.26
C PRO C 292 32.30 6.29 25.75
N LEU C 293 32.83 6.02 26.95
CA LEU C 293 32.85 4.65 27.43
C LEU C 293 31.43 4.13 27.65
N SER C 294 30.57 4.93 28.25
CA SER C 294 29.18 4.52 28.44
C SER C 294 28.50 4.31 27.09
N GLU C 295 28.79 5.19 26.12
CA GLU C 295 28.19 5.04 24.81
C GLU C 295 28.64 3.75 24.14
N THR C 296 29.91 3.40 24.29
CA THR C 296 30.38 2.12 23.75
C THR C 296 29.71 0.96 24.44
N LYS C 297 29.53 1.05 25.77
CA LYS C 297 28.81 0.01 26.48
C LYS C 297 27.41 -0.17 25.93
N CYS C 298 26.72 0.94 25.65
CA CYS C 298 25.37 0.84 25.11
C CYS C 298 25.38 0.27 23.70
N THR C 299 26.35 0.66 22.88
CA THR C 299 26.40 0.15 21.51
C THR C 299 26.65 -1.35 21.49
N LEU C 300 27.51 -1.85 22.39
CA LEU C 300 27.80 -3.27 22.42
C LEU C 300 26.79 -4.07 23.25
N LYS C 301 25.86 -3.40 23.92
CA LYS C 301 24.89 -4.08 24.77
C LYS C 301 25.60 -4.94 25.83
N SER C 302 26.59 -4.33 26.47
CA SER C 302 27.37 -5.04 27.48
C SER C 302 28.00 -4.06 28.43
N PHE C 303 28.45 -4.56 29.58
CA PHE C 303 29.15 -3.76 30.57
C PHE C 303 30.65 -3.91 30.49
N THR C 304 31.16 -5.07 30.09
CA THR C 304 32.58 -5.30 29.94
C THR C 304 32.96 -5.09 28.49
N VAL C 305 33.90 -4.18 28.25
CA VAL C 305 34.37 -3.86 26.91
C VAL C 305 35.83 -4.26 26.81
N GLU C 306 36.14 -5.17 25.90
CA GLU C 306 37.51 -5.63 25.74
C GLU C 306 38.33 -4.60 24.98
N LYS C 307 39.65 -4.74 25.07
CA LYS C 307 40.54 -3.83 24.35
C LYS C 307 40.22 -3.85 22.87
N GLY C 308 40.15 -2.66 22.27
CA GLY C 308 39.88 -2.56 20.85
C GLY C 308 39.36 -1.18 20.50
N ILE C 309 38.93 -1.06 19.25
CA ILE C 309 38.38 0.17 18.71
C ILE C 309 36.98 -0.14 18.21
N TYR C 310 35.98 0.55 18.76
CA TYR C 310 34.58 0.33 18.41
C TYR C 310 33.99 1.60 17.81
N GLN C 311 33.20 1.44 16.76
CA GLN C 311 32.43 2.55 16.21
C GLN C 311 31.14 2.68 17.02
N THR C 312 30.94 3.83 17.66
CA THR C 312 29.80 4.03 18.54
C THR C 312 28.67 4.78 17.85
N SER C 313 28.94 5.97 17.34
CA SER C 313 27.88 6.84 16.83
C SER C 313 28.44 7.64 15.65
N ASN C 314 27.63 8.57 15.17
CA ASN C 314 28.00 9.50 14.11
C ASN C 314 27.98 10.92 14.65
N PHE C 315 28.87 11.75 14.14
CA PHE C 315 29.00 13.14 14.53
C PHE C 315 28.69 14.01 13.33
N ARG C 316 27.71 14.91 13.48
CA ARG C 316 27.30 15.82 12.44
C ARG C 316 27.16 17.22 13.04
N VAL C 317 27.79 18.20 12.39
CA VAL C 317 27.70 19.58 12.87
C VAL C 317 26.28 20.08 12.66
N GLN C 318 25.64 20.51 13.74
CA GLN C 318 24.28 20.99 13.64
C GLN C 318 24.23 22.37 13.00
N PRO C 319 23.13 22.72 12.33
CA PRO C 319 23.04 24.03 11.70
C PRO C 319 23.14 25.16 12.73
N THR C 320 23.87 26.21 12.37
CA THR C 320 24.03 27.35 13.26
C THR C 320 22.79 28.23 13.29
N GLU C 321 22.14 28.42 12.14
CA GLU C 321 21.02 29.34 12.03
C GLU C 321 20.19 28.95 10.81
N SER C 322 19.25 29.82 10.44
CA SER C 322 18.36 29.60 9.31
C SER C 322 18.46 30.76 8.33
N ILE C 323 18.53 30.43 7.04
CA ILE C 323 18.65 31.41 5.97
C ILE C 323 17.47 31.24 5.02
N VAL C 324 16.75 32.33 4.79
CA VAL C 324 15.64 32.36 3.85
C VAL C 324 15.91 33.49 2.85
N ARG C 325 15.90 33.17 1.57
CA ARG C 325 16.24 34.11 0.52
C ARG C 325 15.23 34.02 -0.61
N PHE C 326 14.54 35.12 -0.89
CA PHE C 326 13.59 35.21 -1.98
C PHE C 326 13.92 36.41 -2.87
N PRO C 327 13.46 36.40 -4.12
CA PRO C 327 13.82 37.50 -5.04
C PRO C 327 13.25 38.85 -4.61
N ASN C 328 13.55 39.90 -5.38
CA ASN C 328 13.09 41.25 -5.08
C ASN C 328 11.62 41.43 -5.47
N ILE C 329 10.78 40.59 -4.90
CA ILE C 329 9.36 40.62 -5.20
C ILE C 329 8.70 41.72 -4.38
N THR C 330 7.78 42.45 -5.01
CA THR C 330 7.23 43.68 -4.44
C THR C 330 5.72 43.79 -4.47
N ASN C 331 5.03 43.10 -5.38
CA ASN C 331 3.60 43.29 -5.57
C ASN C 331 2.82 42.17 -4.87
N LEU C 332 1.49 42.31 -4.88
CA LEU C 332 0.59 41.31 -4.34
C LEU C 332 -0.26 40.73 -5.46
N CYS C 333 -0.43 39.42 -5.44
CA CYS C 333 -1.10 38.74 -6.54
C CYS C 333 -2.55 39.15 -6.62
N PRO C 334 -3.04 39.63 -7.76
CA PRO C 334 -4.46 40.00 -7.85
C PRO C 334 -5.37 38.78 -7.88
N PHE C 335 -5.55 38.13 -6.73
CA PHE C 335 -6.46 36.99 -6.65
C PHE C 335 -7.91 37.43 -6.49
N GLY C 336 -8.15 38.70 -6.19
CA GLY C 336 -9.52 39.17 -6.07
C GLY C 336 -10.30 39.04 -7.37
N GLU C 337 -9.63 39.27 -8.50
CA GLU C 337 -10.31 39.30 -9.78
C GLU C 337 -10.81 37.94 -10.24
N VAL C 338 -10.38 36.85 -9.59
CA VAL C 338 -10.81 35.50 -9.95
C VAL C 338 -11.65 34.85 -8.87
N PHE C 339 -11.73 35.44 -7.68
CA PHE C 339 -12.54 34.91 -6.59
C PHE C 339 -13.79 35.73 -6.35
N ASN C 340 -13.64 37.05 -6.21
CA ASN C 340 -14.72 37.95 -5.89
C ASN C 340 -15.43 38.50 -7.13
N ALA C 341 -15.07 38.00 -8.31
CA ALA C 341 -15.66 38.52 -9.54
C ALA C 341 -17.17 38.36 -9.53
N THR C 342 -17.86 39.34 -10.11
CA THR C 342 -19.31 39.36 -10.04
C THR C 342 -19.91 38.16 -10.75
N ARG C 343 -19.38 37.82 -11.93
CA ARG C 343 -19.88 36.72 -12.73
C ARG C 343 -18.73 35.82 -13.14
N PHE C 344 -19.06 34.54 -13.36
CA PHE C 344 -18.09 33.55 -13.80
C PHE C 344 -18.46 33.03 -15.18
N ALA C 345 -17.42 32.72 -15.96
CA ALA C 345 -17.64 32.23 -17.31
C ALA C 345 -18.17 30.80 -17.29
N SER C 346 -18.69 30.37 -18.43
CA SER C 346 -19.22 29.02 -18.55
C SER C 346 -18.10 28.00 -18.41
N VAL C 347 -18.47 26.80 -17.95
CA VAL C 347 -17.48 25.78 -17.69
C VAL C 347 -16.79 25.37 -18.99
N TYR C 348 -17.53 25.28 -20.08
CA TYR C 348 -16.92 25.00 -21.37
C TYR C 348 -15.99 26.13 -21.80
N ALA C 349 -16.14 27.31 -21.21
CA ALA C 349 -15.26 28.44 -21.49
C ALA C 349 -14.56 28.88 -20.22
N TRP C 350 -14.06 27.92 -19.46
CA TRP C 350 -13.45 28.21 -18.16
C TRP C 350 -12.40 29.30 -18.29
N ASN C 351 -12.60 30.38 -17.54
CA ASN C 351 -11.69 31.52 -17.62
C ASN C 351 -10.37 31.17 -16.96
N ARG C 352 -9.27 31.62 -17.57
CA ARG C 352 -7.93 31.35 -17.08
C ARG C 352 -7.18 32.66 -16.87
N LYS C 353 -6.51 32.78 -15.73
CA LYS C 353 -5.68 33.93 -15.42
C LYS C 353 -4.31 33.46 -14.95
N ARG C 354 -3.27 34.07 -15.51
CA ARG C 354 -1.90 33.76 -15.12
C ARG C 354 -1.45 34.76 -14.07
N ILE C 355 -0.85 34.26 -13.00
CA ILE C 355 -0.39 35.07 -11.87
C ILE C 355 1.11 34.90 -11.76
N SER C 356 1.83 36.02 -11.83
CA SER C 356 3.28 36.01 -11.76
C SER C 356 3.77 37.34 -11.20
N ASN C 357 4.98 37.31 -10.66
CA ASN C 357 5.62 38.50 -10.10
C ASN C 357 4.72 39.16 -9.06
N CYS C 358 4.51 38.45 -7.96
CA CYS C 358 3.67 38.95 -6.88
C CYS C 358 3.82 38.04 -5.67
N VAL C 359 3.30 38.50 -4.54
CA VAL C 359 3.34 37.76 -3.28
C VAL C 359 1.91 37.50 -2.84
N ALA C 360 1.61 36.26 -2.52
CA ALA C 360 0.26 35.85 -2.13
C ALA C 360 0.34 34.95 -0.90
N ASP C 361 -0.38 35.33 0.14
CA ASP C 361 -0.56 34.44 1.28
C ASP C 361 -1.46 33.28 0.88
N TYR C 362 -1.48 32.24 1.71
CA TYR C 362 -2.39 31.14 1.48
C TYR C 362 -3.08 30.64 2.74
N SER C 363 -2.60 31.00 3.93
CA SER C 363 -3.35 30.68 5.14
C SER C 363 -4.64 31.48 5.22
N VAL C 364 -4.68 32.65 4.59
CA VAL C 364 -5.88 33.48 4.65
C VAL C 364 -7.06 32.77 3.99
N LEU C 365 -6.84 32.20 2.81
CA LEU C 365 -7.93 31.50 2.12
C LEU C 365 -8.44 30.34 2.95
N TYR C 366 -7.53 29.52 3.49
CA TYR C 366 -7.95 28.33 4.19
C TYR C 366 -8.52 28.64 5.57
N ASN C 367 -8.21 29.80 6.14
CA ASN C 367 -8.81 30.18 7.41
C ASN C 367 -10.30 30.48 7.26
N SER C 368 -10.69 31.08 6.14
CA SER C 368 -12.09 31.35 5.88
C SER C 368 -12.79 30.04 5.50
N ALA C 369 -13.87 29.72 6.22
CA ALA C 369 -14.60 28.48 6.01
C ALA C 369 -15.67 28.60 4.94
N SER C 370 -15.74 29.73 4.24
CA SER C 370 -16.79 29.91 3.24
C SER C 370 -16.65 28.92 2.08
N PHE C 371 -15.50 28.30 1.93
CA PHE C 371 -15.28 27.38 0.82
C PHE C 371 -15.95 26.04 1.13
N SER C 372 -16.86 25.63 0.24
CA SER C 372 -17.54 24.35 0.43
C SER C 372 -16.55 23.19 0.35
N THR C 373 -15.64 23.23 -0.62
CA THR C 373 -14.62 22.20 -0.80
C THR C 373 -13.28 22.86 -1.06
N PHE C 374 -12.23 22.33 -0.45
CA PHE C 374 -10.86 22.84 -0.61
C PHE C 374 -9.94 21.63 -0.55
N LYS C 375 -9.59 21.08 -1.72
CA LYS C 375 -8.79 19.86 -1.81
C LYS C 375 -7.52 20.14 -2.60
N CYS C 376 -6.37 19.92 -1.97
CA CYS C 376 -5.08 20.13 -2.61
C CYS C 376 -4.44 18.79 -2.92
N TYR C 377 -3.95 18.65 -4.16
CA TYR C 377 -3.27 17.44 -4.61
C TYR C 377 -1.84 17.78 -4.96
N GLY C 378 -0.90 17.01 -4.40
CA GLY C 378 0.51 17.29 -4.59
C GLY C 378 1.07 18.38 -3.70
N VAL C 379 0.26 18.96 -2.83
CA VAL C 379 0.72 19.99 -1.91
C VAL C 379 -0.30 20.11 -0.80
N SER C 380 0.15 20.56 0.37
CA SER C 380 -0.73 20.77 1.51
C SER C 380 -0.85 22.25 1.82
N PRO C 381 -2.05 22.74 2.10
CA PRO C 381 -2.21 24.20 2.27
C PRO C 381 -1.35 24.77 3.38
N THR C 382 -1.13 24.03 4.46
CA THR C 382 -0.32 24.56 5.56
C THR C 382 1.10 24.84 5.10
N LYS C 383 1.69 23.94 4.32
CA LYS C 383 3.02 24.12 3.78
C LYS C 383 3.03 25.01 2.54
N LEU C 384 1.90 25.61 2.19
CA LEU C 384 1.79 26.41 0.99
C LEU C 384 2.24 27.84 1.18
N ASN C 385 2.14 28.37 2.41
CA ASN C 385 2.51 29.76 2.65
C ASN C 385 4.00 29.99 2.39
N ASP C 386 4.85 29.05 2.82
CA ASP C 386 6.30 29.19 2.66
C ASP C 386 6.74 28.33 1.47
N LEU C 387 6.62 28.90 0.28
CA LEU C 387 6.94 28.19 -0.95
C LEU C 387 6.91 29.18 -2.10
N CYS C 388 7.75 28.94 -3.11
CA CYS C 388 7.84 29.79 -4.27
C CYS C 388 7.46 29.01 -5.53
N PHE C 389 6.90 29.74 -6.50
CA PHE C 389 6.48 29.14 -7.75
C PHE C 389 6.78 30.09 -8.91
N THR C 390 6.90 29.51 -10.10
CA THR C 390 7.16 30.31 -11.29
C THR C 390 5.92 31.10 -11.70
N ASN C 391 4.82 30.40 -11.97
CA ASN C 391 3.55 31.05 -12.29
C ASN C 391 2.41 30.20 -11.77
N VAL C 392 1.34 30.85 -11.34
CA VAL C 392 0.17 30.18 -10.80
C VAL C 392 -1.00 30.45 -11.73
N TYR C 393 -1.62 29.40 -12.24
CA TYR C 393 -2.76 29.55 -13.14
C TYR C 393 -4.04 29.35 -12.36
N ALA C 394 -4.91 30.35 -12.35
CA ALA C 394 -6.21 30.28 -11.71
C ALA C 394 -7.27 30.11 -12.78
N ASP C 395 -7.98 28.98 -12.73
CA ASP C 395 -9.05 28.67 -13.66
C ASP C 395 -10.37 28.72 -12.93
N SER C 396 -11.28 29.56 -13.41
CA SER C 396 -12.57 29.78 -12.76
C SER C 396 -13.69 29.33 -13.69
N PHE C 397 -14.68 28.66 -13.11
CA PHE C 397 -15.87 28.28 -13.87
C PHE C 397 -16.99 27.98 -12.89
N VAL C 398 -18.13 27.55 -13.44
CA VAL C 398 -19.34 27.27 -12.66
C VAL C 398 -19.88 25.90 -13.08
N ILE C 399 -20.21 25.07 -12.10
CA ILE C 399 -20.85 23.78 -12.34
C ILE C 399 -21.70 23.43 -11.12
N ARG C 400 -22.63 22.51 -11.31
CA ARG C 400 -23.47 22.15 -10.18
C ARG C 400 -22.72 21.25 -9.21
N GLY C 401 -23.18 21.25 -7.95
CA GLY C 401 -22.42 20.62 -6.89
C GLY C 401 -22.15 19.15 -7.15
N ASP C 402 -23.14 18.44 -7.69
CA ASP C 402 -22.97 17.02 -7.98
C ASP C 402 -21.84 16.78 -8.97
N GLU C 403 -21.48 17.79 -9.77
CA GLU C 403 -20.40 17.67 -10.74
C GLU C 403 -19.04 18.03 -10.15
N VAL C 404 -18.99 18.46 -8.88
CA VAL C 404 -17.73 18.88 -8.29
C VAL C 404 -16.71 17.75 -8.33
N ARG C 405 -17.16 16.52 -8.07
CA ARG C 405 -16.26 15.39 -8.08
C ARG C 405 -15.59 15.20 -9.43
N GLN C 406 -16.20 15.68 -10.51
CA GLN C 406 -15.61 15.54 -11.84
C GLN C 406 -14.30 16.32 -11.97
N ILE C 407 -14.10 17.35 -11.15
CA ILE C 407 -12.89 18.17 -11.21
C ILE C 407 -11.88 17.52 -10.25
N ALA C 408 -11.09 16.58 -10.79
CA ALA C 408 -10.05 15.93 -10.01
C ALA C 408 -9.13 15.20 -10.98
N PRO C 409 -7.87 14.99 -10.62
CA PRO C 409 -6.97 14.26 -11.51
C PRO C 409 -7.47 12.85 -11.78
N GLY C 410 -7.37 12.43 -13.03
CA GLY C 410 -7.77 11.08 -13.40
C GLY C 410 -9.21 10.76 -13.08
N GLN C 411 -10.12 11.69 -13.33
CA GLN C 411 -11.54 11.50 -13.08
C GLN C 411 -12.30 11.39 -14.40
N THR C 412 -13.60 11.11 -14.28
CA THR C 412 -14.48 10.97 -15.44
C THR C 412 -15.78 11.71 -15.17
N GLY C 413 -16.46 12.05 -16.25
CA GLY C 413 -17.71 12.79 -16.18
C GLY C 413 -17.84 13.72 -17.38
N ASN C 414 -19.06 14.19 -17.60
CA ASN C 414 -19.31 15.09 -18.74
C ASN C 414 -18.43 16.33 -18.65
N ILE C 415 -18.36 16.94 -17.46
CA ILE C 415 -17.49 18.09 -17.27
C ILE C 415 -16.04 17.69 -17.53
N ALA C 416 -15.62 16.55 -16.99
CA ALA C 416 -14.26 16.07 -17.25
C ALA C 416 -14.08 15.71 -18.71
N ASP C 417 -15.09 15.07 -19.32
CA ASP C 417 -14.93 14.58 -20.69
C ASP C 417 -14.79 15.73 -21.68
N TYR C 418 -15.68 16.72 -21.62
CA TYR C 418 -15.80 17.71 -22.68
C TYR C 418 -15.68 19.15 -22.23
N ASN C 419 -15.46 19.41 -20.94
CA ASN C 419 -15.39 20.79 -20.46
C ASN C 419 -14.04 21.13 -19.86
N TYR C 420 -13.56 20.36 -18.88
CA TYR C 420 -12.34 20.71 -18.16
C TYR C 420 -11.66 19.43 -17.71
N LYS C 421 -10.44 19.21 -18.20
CA LYS C 421 -9.67 18.01 -17.90
C LYS C 421 -8.41 18.38 -17.15
N LEU C 422 -8.07 17.57 -16.13
CA LEU C 422 -6.88 17.79 -15.34
C LEU C 422 -5.79 16.77 -15.71
N PRO C 423 -4.52 17.15 -15.63
CA PRO C 423 -3.45 16.17 -15.83
C PRO C 423 -3.36 15.22 -14.66
N ASP C 424 -2.79 14.04 -14.93
CA ASP C 424 -2.71 13.01 -13.91
C ASP C 424 -1.86 13.47 -12.73
N ASP C 425 -0.74 14.13 -13.01
CA ASP C 425 0.20 14.58 -11.97
C ASP C 425 -0.04 16.04 -11.60
N PHE C 426 -1.29 16.48 -11.60
CA PHE C 426 -1.60 17.85 -11.23
C PHE C 426 -1.09 18.15 -9.83
N THR C 427 -0.44 19.31 -9.67
CA THR C 427 0.12 19.75 -8.40
C THR C 427 -0.48 21.11 -8.09
N GLY C 428 -1.59 21.12 -7.36
CA GLY C 428 -2.22 22.37 -6.98
C GLY C 428 -3.39 22.17 -6.04
N CYS C 429 -4.42 23.01 -6.18
CA CYS C 429 -5.58 22.94 -5.30
C CYS C 429 -6.84 23.23 -6.10
N VAL C 430 -7.96 22.71 -5.59
CA VAL C 430 -9.28 22.92 -6.17
C VAL C 430 -10.18 23.43 -5.06
N ILE C 431 -10.81 24.58 -5.28
CA ILE C 431 -11.69 25.21 -4.32
C ILE C 431 -13.05 25.36 -4.99
N ALA C 432 -14.12 25.15 -4.22
CA ALA C 432 -15.47 25.26 -4.76
C ALA C 432 -16.38 25.76 -3.67
N TRP C 433 -17.30 26.65 -4.04
CA TRP C 433 -18.26 27.16 -3.07
C TRP C 433 -19.59 27.44 -3.77
N ASN C 434 -20.67 27.24 -3.02
CA ASN C 434 -22.01 27.40 -3.59
C ASN C 434 -22.21 28.81 -4.12
N SER C 435 -22.80 28.91 -5.31
CA SER C 435 -23.16 30.18 -5.92
C SER C 435 -24.67 30.30 -6.14
N ASN C 436 -25.46 29.48 -5.45
CA ASN C 436 -26.91 29.56 -5.63
C ASN C 436 -27.43 30.93 -5.22
N ASN C 437 -26.91 31.48 -4.12
CA ASN C 437 -27.35 32.79 -3.66
C ASN C 437 -26.88 33.90 -4.56
N LEU C 438 -25.97 33.64 -5.50
CA LEU C 438 -25.39 34.66 -6.36
C LEU C 438 -25.55 34.38 -7.84
N ASP C 439 -25.68 33.12 -8.25
CA ASP C 439 -25.74 32.75 -9.66
C ASP C 439 -26.96 31.88 -9.93
N SER C 440 -28.11 32.28 -9.39
CA SER C 440 -29.38 31.60 -9.64
C SER C 440 -30.47 32.63 -9.88
N LYS C 441 -31.31 32.37 -10.88
CA LYS C 441 -32.44 33.22 -11.20
C LYS C 441 -33.72 32.45 -10.93
N VAL C 442 -34.74 33.14 -10.41
CA VAL C 442 -36.03 32.50 -10.20
C VAL C 442 -36.58 31.99 -11.52
N GLY C 443 -36.38 32.75 -12.60
CA GLY C 443 -36.77 32.32 -13.93
C GLY C 443 -35.79 31.38 -14.60
N GLY C 444 -34.67 31.08 -13.96
CA GLY C 444 -33.68 30.19 -14.52
C GLY C 444 -32.49 30.91 -15.13
N ASN C 445 -31.30 30.62 -14.62
CA ASN C 445 -30.07 31.23 -15.12
C ASN C 445 -29.50 30.32 -16.20
N TYR C 446 -29.62 30.75 -17.46
CA TYR C 446 -29.22 29.95 -18.60
C TYR C 446 -27.96 30.49 -19.28
N ASN C 447 -27.23 31.36 -18.61
CA ASN C 447 -25.99 31.88 -19.17
C ASN C 447 -24.87 30.86 -19.17
N TYR C 448 -24.90 29.93 -18.21
CA TYR C 448 -23.84 28.94 -18.05
C TYR C 448 -24.11 27.75 -18.96
N LEU C 449 -23.15 27.42 -19.81
CA LEU C 449 -23.27 26.35 -20.78
C LEU C 449 -22.15 25.34 -20.57
N TYR C 450 -22.48 24.06 -20.71
CA TYR C 450 -21.51 22.98 -20.61
C TYR C 450 -21.59 22.13 -21.86
N ARG C 451 -20.43 21.68 -22.34
CA ARG C 451 -20.38 20.87 -23.55
C ARG C 451 -20.87 19.46 -23.23
N LEU C 452 -21.76 18.94 -24.07
CA LEU C 452 -22.34 17.62 -23.87
C LEU C 452 -21.88 16.59 -24.89
N PHE C 453 -21.48 17.02 -26.09
CA PHE C 453 -21.03 16.10 -27.13
C PHE C 453 -19.74 16.61 -27.73
N ARG C 454 -18.84 15.68 -28.05
CA ARG C 454 -17.61 16.00 -28.76
C ARG C 454 -17.01 14.71 -29.30
N LYS C 455 -16.27 14.84 -30.39
CA LYS C 455 -15.70 13.66 -31.04
C LYS C 455 -14.70 12.94 -30.15
N SER C 456 -14.12 13.63 -29.16
CA SER C 456 -13.20 13.00 -28.24
C SER C 456 -13.21 13.78 -26.93
N ASN C 457 -12.76 13.11 -25.87
CA ASN C 457 -12.64 13.76 -24.57
C ASN C 457 -11.52 14.80 -24.60
N LEU C 458 -11.71 15.88 -23.85
CA LEU C 458 -10.72 16.95 -23.81
C LEU C 458 -9.45 16.48 -23.11
N LYS C 459 -8.31 16.88 -23.67
CA LYS C 459 -7.04 16.66 -23.03
C LYS C 459 -6.87 17.63 -21.86
N PRO C 460 -5.95 17.33 -20.94
CA PRO C 460 -5.76 18.23 -19.79
C PRO C 460 -5.42 19.64 -20.24
N PHE C 461 -6.00 20.62 -19.55
CA PHE C 461 -5.80 22.03 -19.87
C PHE C 461 -6.07 22.31 -21.35
N GLU C 462 -7.18 21.77 -21.84
CA GLU C 462 -7.65 22.02 -23.19
C GLU C 462 -8.98 22.75 -23.13
N ARG C 463 -9.11 23.81 -23.92
CA ARG C 463 -10.31 24.64 -23.93
C ARG C 463 -10.86 24.71 -25.34
N ASP C 464 -12.16 24.45 -25.47
CA ASP C 464 -12.85 24.51 -26.76
C ASP C 464 -14.14 25.30 -26.59
N ILE C 465 -14.41 26.19 -27.55
CA ILE C 465 -15.63 26.99 -27.54
C ILE C 465 -16.29 26.88 -28.91
N SER C 466 -16.00 25.81 -29.63
CA SER C 466 -16.58 25.62 -30.95
C SER C 466 -18.10 25.52 -30.86
N THR C 467 -18.79 26.23 -31.75
CA THR C 467 -20.24 26.24 -31.79
C THR C 467 -20.81 25.33 -32.87
N GLU C 468 -19.96 24.53 -33.51
CA GLU C 468 -20.43 23.63 -34.56
C GLU C 468 -21.45 22.65 -34.00
N ILE C 469 -22.52 22.43 -34.77
CA ILE C 469 -23.52 21.44 -34.38
C ILE C 469 -22.88 20.06 -34.41
N TYR C 470 -23.03 19.31 -33.32
CA TYR C 470 -22.41 18.00 -33.21
C TYR C 470 -23.09 17.01 -34.14
N GLN C 471 -22.32 16.43 -35.06
CA GLN C 471 -22.84 15.43 -35.99
C GLN C 471 -22.82 14.08 -35.29
N ALA C 472 -23.99 13.60 -34.89
CA ALA C 472 -24.13 12.33 -34.20
C ALA C 472 -24.35 11.15 -35.14
N GLY C 473 -24.35 11.38 -36.44
CA GLY C 473 -24.56 10.30 -37.39
C GLY C 473 -23.74 10.47 -38.65
N SER C 474 -24.03 9.64 -39.67
CA SER C 474 -23.29 9.71 -40.92
C SER C 474 -23.71 10.90 -41.78
N THR C 475 -24.89 11.46 -41.54
CA THR C 475 -25.36 12.60 -42.33
C THR C 475 -24.55 13.84 -41.99
N PRO C 476 -23.89 14.48 -42.96
CA PRO C 476 -23.14 15.70 -42.64
C PRO C 476 -24.05 16.85 -42.23
N CYS C 477 -23.97 17.24 -40.96
CA CYS C 477 -24.77 18.36 -40.46
C CYS C 477 -24.17 19.65 -40.99
N ASN C 478 -24.79 20.21 -42.02
CA ASN C 478 -24.30 21.44 -42.66
C ASN C 478 -24.76 22.66 -41.87
N GLY C 479 -24.32 22.73 -40.62
CA GLY C 479 -24.68 23.84 -39.77
C GLY C 479 -26.16 23.92 -39.44
N VAL C 480 -26.88 22.82 -39.55
CA VAL C 480 -28.31 22.79 -39.30
C VAL C 480 -28.58 21.76 -38.21
N LYS C 481 -29.27 22.18 -37.15
CA LYS C 481 -29.64 21.26 -36.09
C LYS C 481 -30.81 20.39 -36.54
N GLY C 482 -30.79 19.13 -36.11
CA GLY C 482 -31.83 18.19 -36.51
C GLY C 482 -31.45 16.78 -36.13
N PHE C 483 -31.97 15.82 -36.90
CA PHE C 483 -31.66 14.43 -36.64
C PHE C 483 -30.16 14.20 -36.75
N ASN C 484 -29.60 13.54 -35.73
CA ASN C 484 -28.17 13.28 -35.64
C ASN C 484 -27.34 14.56 -35.70
N CYS C 485 -27.93 15.69 -35.32
CA CYS C 485 -27.24 16.98 -35.30
C CYS C 485 -27.62 17.68 -34.01
N TYR C 486 -26.71 17.66 -33.03
CA TYR C 486 -26.98 18.20 -31.70
C TYR C 486 -26.13 19.43 -31.44
N PHE C 487 -26.72 20.39 -30.74
CA PHE C 487 -25.98 21.60 -30.38
C PHE C 487 -24.84 21.22 -29.44
N PRO C 488 -23.65 21.79 -29.63
CA PRO C 488 -22.48 21.36 -28.83
C PRO C 488 -22.63 21.61 -27.34
N LEU C 489 -23.53 22.50 -26.92
CA LEU C 489 -23.63 22.92 -25.53
C LEU C 489 -25.04 22.75 -25.02
N GLN C 490 -25.16 22.60 -23.70
CA GLN C 490 -26.44 22.57 -23.01
C GLN C 490 -26.36 23.45 -21.78
N SER C 491 -27.47 24.07 -21.44
CA SER C 491 -27.53 25.07 -20.38
C SER C 491 -28.25 24.53 -19.16
N TYR C 492 -27.73 24.86 -17.98
CA TYR C 492 -28.38 24.49 -16.73
C TYR C 492 -29.44 25.51 -16.37
N GLY C 493 -30.52 25.02 -15.76
CA GLY C 493 -31.57 25.92 -15.31
C GLY C 493 -31.10 26.87 -14.22
N PHE C 494 -30.40 26.33 -13.22
CA PHE C 494 -29.87 27.11 -12.11
C PHE C 494 -30.95 28.00 -11.49
N GLN C 495 -31.96 27.33 -10.93
CA GLN C 495 -33.03 28.00 -10.24
C GLN C 495 -32.91 27.79 -8.73
N PRO C 496 -33.39 28.73 -7.91
CA PRO C 496 -33.29 28.55 -6.46
C PRO C 496 -33.98 27.30 -5.96
N THR C 497 -35.00 26.82 -6.67
CA THR C 497 -35.77 25.66 -6.22
C THR C 497 -35.09 24.32 -6.53
N TYR C 498 -34.01 24.33 -7.31
CA TYR C 498 -33.36 23.08 -7.65
C TYR C 498 -32.65 22.50 -6.42
N GLY C 499 -32.33 21.21 -6.52
CA GLY C 499 -31.67 20.54 -5.42
C GLY C 499 -30.26 21.04 -5.17
N VAL C 500 -29.76 20.76 -3.97
CA VAL C 500 -28.45 21.28 -3.58
C VAL C 500 -27.37 20.75 -4.52
N GLY C 501 -27.43 19.47 -4.87
CA GLY C 501 -26.47 18.92 -5.80
C GLY C 501 -26.50 19.61 -7.14
N TYR C 502 -27.69 20.01 -7.58
CA TYR C 502 -27.85 20.74 -8.84
C TYR C 502 -27.68 22.25 -8.69
N GLN C 503 -27.59 22.75 -7.47
CA GLN C 503 -27.39 24.18 -7.28
C GLN C 503 -26.04 24.59 -7.87
N PRO C 504 -25.95 25.80 -8.45
CA PRO C 504 -24.68 26.22 -9.02
C PRO C 504 -23.59 26.37 -7.97
N TYR C 505 -22.36 26.17 -8.41
CA TYR C 505 -21.17 26.28 -7.57
C TYR C 505 -20.06 26.88 -8.40
N ARG C 506 -19.38 27.88 -7.82
CA ARG C 506 -18.21 28.46 -8.45
C ARG C 506 -16.97 27.69 -8.02
N VAL C 507 -16.19 27.25 -9.01
CA VAL C 507 -15.00 26.42 -8.79
C VAL C 507 -13.80 27.17 -9.32
N VAL C 508 -12.79 27.32 -8.47
CA VAL C 508 -11.51 27.93 -8.83
C VAL C 508 -10.43 26.88 -8.61
N VAL C 509 -9.69 26.58 -9.66
CA VAL C 509 -8.59 25.62 -9.61
C VAL C 509 -7.29 26.38 -9.74
N LEU C 510 -6.43 26.28 -8.73
CA LEU C 510 -5.10 26.87 -8.76
C LEU C 510 -4.11 25.77 -9.14
N SER C 511 -3.40 25.97 -10.23
CA SER C 511 -2.37 25.04 -10.67
C SER C 511 -1.02 25.72 -10.55
N PHE C 512 -0.11 25.08 -9.83
CA PHE C 512 1.26 25.54 -9.67
C PHE C 512 2.17 24.74 -10.59
N GLU C 513 3.18 25.41 -11.12
CA GLU C 513 4.21 24.77 -11.93
C GLU C 513 5.56 25.07 -11.31
N LEU C 514 6.30 24.03 -10.95
CA LEU C 514 7.62 24.17 -10.33
C LEU C 514 8.66 23.88 -11.40
N LEU C 515 8.99 24.91 -12.17
CA LEU C 515 10.00 24.81 -13.20
C LEU C 515 11.35 25.28 -12.65
N HIS C 516 12.39 25.06 -13.45
CA HIS C 516 13.75 25.48 -13.09
C HIS C 516 14.04 26.88 -13.62
N ALA C 517 13.17 27.82 -13.27
CA ALA C 517 13.28 29.21 -13.67
C ALA C 517 13.14 30.09 -12.45
N PRO C 518 13.63 31.34 -12.52
CA PRO C 518 13.49 32.24 -11.37
C PRO C 518 12.04 32.36 -10.93
N ALA C 519 11.76 31.87 -9.73
CA ALA C 519 10.40 31.90 -9.22
C ALA C 519 9.92 33.33 -9.08
N THR C 520 8.64 33.55 -9.38
CA THR C 520 8.05 34.88 -9.34
C THR C 520 6.80 34.97 -8.47
N VAL C 521 6.22 33.86 -8.05
CA VAL C 521 5.11 33.85 -7.11
C VAL C 521 5.61 33.16 -5.85
N CYS C 522 5.97 33.96 -4.84
CA CYS C 522 6.44 33.45 -3.56
C CYS C 522 5.43 33.81 -2.48
N GLY C 523 5.64 33.24 -1.29
CA GLY C 523 4.77 33.48 -0.17
C GLY C 523 5.25 34.63 0.69
N PRO C 524 4.47 34.94 1.73
CA PRO C 524 4.80 36.08 2.60
C PRO C 524 5.81 35.73 3.69
N LYS C 525 7.07 35.54 3.27
CA LYS C 525 8.16 35.23 4.19
C LYS C 525 9.34 36.13 3.89
N LYS C 526 9.88 36.74 4.93
CA LYS C 526 10.96 37.72 4.75
C LYS C 526 12.25 37.02 4.31
N SER C 527 13.13 37.80 3.71
CA SER C 527 14.43 37.33 3.24
C SER C 527 15.52 37.93 4.13
N THR C 528 16.44 37.08 4.57
CA THR C 528 17.48 37.47 5.51
C THR C 528 18.82 37.62 4.82
N ASN C 529 19.79 38.15 5.55
CA ASN C 529 21.12 38.36 5.02
C ASN C 529 21.82 37.02 4.78
N LEU C 530 22.54 36.94 3.67
CA LEU C 530 23.26 35.72 3.34
C LEU C 530 24.43 35.52 4.30
N VAL C 531 24.64 34.26 4.69
CA VAL C 531 25.74 33.88 5.58
C VAL C 531 26.53 32.77 4.91
N LYS C 532 27.85 32.95 4.84
CA LYS C 532 28.73 32.01 4.16
C LYS C 532 29.70 31.39 5.16
N ASN C 533 30.30 30.27 4.76
CA ASN C 533 31.30 29.57 5.57
C ASN C 533 30.72 29.17 6.93
N LYS C 534 29.46 28.75 6.95
CA LYS C 534 28.84 28.28 8.17
C LYS C 534 27.79 27.24 7.82
N CYS C 535 27.46 26.41 8.80
CA CYS C 535 26.43 25.39 8.65
C CYS C 535 25.07 26.03 8.93
N VAL C 536 24.29 26.25 7.88
CA VAL C 536 23.02 26.97 7.99
C VAL C 536 21.92 26.15 7.34
N ASN C 537 20.69 26.48 7.69
CA ASN C 537 19.50 25.86 7.10
C ASN C 537 18.98 26.80 6.02
N PHE C 538 19.58 26.71 4.84
CA PHE C 538 19.20 27.58 3.74
C PHE C 538 17.79 27.26 3.26
N ASN C 539 17.16 28.25 2.63
CA ASN C 539 15.86 28.06 2.00
C ASN C 539 15.83 28.97 0.78
N PHE C 540 16.18 28.41 -0.37
CA PHE C 540 16.24 29.16 -1.64
C PHE C 540 14.98 28.82 -2.43
N ASN C 541 14.03 29.75 -2.45
CA ASN C 541 12.82 29.59 -3.26
C ASN C 541 12.12 28.28 -2.95
N GLY C 542 12.07 27.93 -1.66
CA GLY C 542 11.43 26.71 -1.24
C GLY C 542 12.28 25.46 -1.37
N LEU C 543 13.57 25.61 -1.68
CA LEU C 543 14.48 24.49 -1.82
C LEU C 543 15.24 24.32 -0.50
N THR C 544 14.51 23.84 0.50
CA THR C 544 15.08 23.73 1.84
C THR C 544 16.23 22.73 1.85
N GLY C 545 16.91 22.66 2.98
CA GLY C 545 18.04 21.77 3.15
C GLY C 545 18.97 22.29 4.23
N THR C 546 20.21 21.81 4.18
CA THR C 546 21.22 22.24 5.13
C THR C 546 22.59 22.03 4.50
N GLY C 547 23.47 23.01 4.66
CA GLY C 547 24.79 22.92 4.08
C GLY C 547 25.58 24.17 4.40
N VAL C 548 26.79 24.22 3.86
CA VAL C 548 27.70 25.33 4.06
C VAL C 548 27.76 26.10 2.74
N LEU C 549 27.08 27.24 2.69
CA LEU C 549 27.04 28.05 1.48
C LEU C 549 28.38 28.75 1.29
N THR C 550 29.02 28.52 0.14
CA THR C 550 30.30 29.14 -0.15
C THR C 550 30.27 29.79 -1.51
N GLU C 551 31.11 30.80 -1.69
CA GLU C 551 31.29 31.39 -3.01
C GLU C 551 31.98 30.38 -3.92
N SER C 552 31.49 30.28 -5.15
CA SER C 552 31.98 29.27 -6.10
C SER C 552 32.30 29.93 -7.43
N ASN C 553 33.20 29.29 -8.17
CA ASN C 553 33.63 29.78 -9.47
C ASN C 553 32.92 29.09 -10.63
N LYS C 554 31.92 28.27 -10.35
CA LYS C 554 31.17 27.61 -11.41
C LYS C 554 30.53 28.67 -12.31
N LYS C 555 30.71 28.51 -13.62
CA LYS C 555 30.23 29.49 -14.59
C LYS C 555 28.81 29.13 -15.01
N PHE C 556 27.84 29.57 -14.22
CA PHE C 556 26.44 29.39 -14.58
C PHE C 556 26.11 30.21 -15.82
N LEU C 557 25.31 29.64 -16.70
CA LEU C 557 24.77 30.41 -17.80
C LEU C 557 23.63 31.30 -17.29
N PRO C 558 23.34 32.40 -17.99
CA PRO C 558 22.33 33.35 -17.46
C PRO C 558 20.99 32.71 -17.17
N PHE C 559 20.55 31.78 -18.02
CA PHE C 559 19.25 31.14 -17.81
C PHE C 559 19.30 30.09 -16.72
N GLN C 560 20.45 29.45 -16.50
CA GLN C 560 20.54 28.38 -15.52
C GLN C 560 20.34 28.92 -14.11
N GLN C 561 19.58 28.17 -13.31
CA GLN C 561 19.27 28.56 -11.94
C GLN C 561 20.16 27.83 -10.93
N PHE C 562 20.12 26.51 -10.92
CA PHE C 562 20.85 25.72 -9.93
C PHE C 562 21.42 24.48 -10.58
N GLY C 563 22.54 24.00 -10.03
CA GLY C 563 23.20 22.82 -10.53
C GLY C 563 22.78 21.57 -9.76
N ARG C 564 23.33 20.44 -10.20
CA ARG C 564 23.06 19.16 -9.56
C ARG C 564 24.34 18.33 -9.57
N ASP C 565 24.21 17.06 -9.21
CA ASP C 565 25.33 16.11 -9.25
C ASP C 565 24.74 14.74 -9.57
N ILE C 566 25.54 13.68 -9.38
CA ILE C 566 25.12 12.36 -9.81
C ILE C 566 23.84 11.94 -9.09
N ALA C 567 23.78 12.19 -7.78
CA ALA C 567 22.63 11.79 -6.98
C ALA C 567 21.42 12.68 -7.20
N ASP C 568 21.49 13.63 -8.13
CA ASP C 568 20.40 14.54 -8.46
C ASP C 568 20.07 15.48 -7.30
N THR C 569 20.86 15.47 -6.23
CA THR C 569 20.66 16.41 -5.14
C THR C 569 21.30 17.74 -5.48
N THR C 570 20.59 18.82 -5.17
CA THR C 570 21.09 20.16 -5.48
C THR C 570 22.46 20.37 -4.83
N ASP C 571 23.43 20.75 -5.65
CA ASP C 571 24.79 21.00 -5.19
C ASP C 571 25.18 22.47 -5.22
N ALA C 572 24.78 23.19 -6.27
CA ALA C 572 25.09 24.61 -6.40
C ALA C 572 23.83 25.33 -6.82
N VAL C 573 23.62 26.53 -6.28
CA VAL C 573 22.43 27.33 -6.55
C VAL C 573 22.86 28.74 -6.94
N ARG C 574 21.88 29.51 -7.41
CA ARG C 574 22.06 30.92 -7.69
C ARG C 574 21.20 31.71 -6.74
N ASP C 575 21.80 32.64 -6.01
CA ASP C 575 21.04 33.43 -5.05
C ASP C 575 19.96 34.21 -5.79
N PRO C 576 18.70 34.15 -5.34
CA PRO C 576 17.63 34.82 -6.10
C PRO C 576 17.83 36.32 -6.25
N GLN C 577 18.44 36.99 -5.28
CA GLN C 577 18.57 38.44 -5.32
C GLN C 577 19.85 38.87 -6.03
N THR C 578 21.00 38.53 -5.45
CA THR C 578 22.30 38.81 -6.06
C THR C 578 22.67 37.61 -6.91
N LEU C 579 22.61 37.78 -8.22
CA LEU C 579 22.73 36.65 -9.13
C LEU C 579 24.15 36.13 -9.16
N GLU C 580 24.61 35.57 -8.06
CA GLU C 580 25.91 34.95 -7.94
C GLU C 580 25.75 33.44 -7.80
N ILE C 581 26.86 32.74 -7.60
CA ILE C 581 26.89 31.28 -7.53
C ILE C 581 27.25 30.88 -6.10
N LEU C 582 26.42 30.05 -5.49
CA LEU C 582 26.66 29.54 -4.15
C LEU C 582 26.78 28.02 -4.22
N ASP C 583 27.97 27.51 -3.92
CA ASP C 583 28.17 26.08 -3.77
C ASP C 583 27.63 25.64 -2.42
N ILE C 584 26.89 24.52 -2.43
CA ILE C 584 26.34 23.92 -1.23
C ILE C 584 27.08 22.60 -1.00
N THR C 585 27.65 22.44 0.18
CA THR C 585 28.31 21.21 0.58
C THR C 585 27.77 20.77 1.92
N PRO C 586 27.71 19.46 2.18
CA PRO C 586 27.27 19.00 3.49
C PRO C 586 28.16 19.57 4.58
N CYS C 587 27.55 19.94 5.70
CA CYS C 587 28.30 20.61 6.76
C CYS C 587 29.48 19.77 7.21
N SER C 588 29.20 18.66 7.87
CA SER C 588 30.23 17.70 8.25
C SER C 588 29.58 16.47 8.82
N PHE C 589 30.12 15.29 8.52
CA PHE C 589 29.62 14.06 9.10
C PHE C 589 30.75 13.05 9.16
N GLY C 590 30.84 12.34 10.27
CA GLY C 590 31.87 11.34 10.41
C GLY C 590 31.63 10.35 11.52
N GLY C 591 32.12 9.13 11.38
CA GLY C 591 31.99 8.17 12.45
C GLY C 591 32.80 8.56 13.66
N VAL C 592 32.38 8.07 14.83
CA VAL C 592 33.08 8.33 16.08
C VAL C 592 33.41 6.99 16.69
N SER C 593 34.69 6.64 16.68
CA SER C 593 35.18 5.42 17.28
C SER C 593 35.71 5.72 18.67
N VAL C 594 35.61 4.75 19.56
CA VAL C 594 36.02 4.91 20.95
C VAL C 594 37.13 3.91 21.21
N ILE C 595 38.36 4.32 20.96
CA ILE C 595 39.52 3.48 21.22
C ILE C 595 39.66 3.32 22.73
N THR C 596 39.39 2.11 23.23
CA THR C 596 39.42 1.85 24.65
C THR C 596 40.19 0.57 24.94
N PRO C 597 41.08 0.58 25.92
CA PRO C 597 41.59 -0.68 26.46
C PRO C 597 40.51 -1.39 27.25
N GLY C 598 40.76 -2.65 27.56
CA GLY C 598 39.77 -3.44 28.27
C GLY C 598 39.32 -2.76 29.55
N THR C 599 38.01 -2.61 29.74
CA THR C 599 37.51 -1.97 30.95
C THR C 599 37.93 -2.73 32.19
N ASN C 600 38.27 -4.01 32.06
CA ASN C 600 38.87 -4.73 33.16
C ASN C 600 40.16 -4.06 33.61
N THR C 601 40.81 -3.32 32.71
CA THR C 601 42.06 -2.64 33.02
C THR C 601 41.83 -1.21 33.47
N SER C 602 41.22 -0.39 32.60
CA SER C 602 41.04 1.02 32.91
C SER C 602 39.79 1.52 32.20
N ASN C 603 39.26 2.64 32.70
CA ASN C 603 38.06 3.26 32.16
C ASN C 603 38.36 4.52 31.36
N GLN C 604 39.57 4.65 30.84
CA GLN C 604 39.96 5.81 30.05
C GLN C 604 39.92 5.44 28.57
N VAL C 605 39.39 6.35 27.76
CA VAL C 605 39.19 6.10 26.33
C VAL C 605 39.64 7.32 25.54
N ALA C 606 39.95 7.08 24.27
CA ALA C 606 40.32 8.14 23.34
C ALA C 606 39.40 8.06 22.13
N VAL C 607 38.84 9.21 21.73
CA VAL C 607 37.79 9.24 20.72
C VAL C 607 38.39 9.65 19.39
N LEU C 608 38.14 8.86 18.35
CA LEU C 608 38.58 9.14 17.01
C LEU C 608 37.38 9.60 16.17
N TYR C 609 37.44 10.82 15.67
CA TYR C 609 36.47 11.32 14.71
C TYR C 609 37.02 11.04 13.31
N GLN C 610 36.36 10.15 12.58
CA GLN C 610 36.90 9.65 11.33
C GLN C 610 36.82 10.71 10.25
N GLY C 611 37.95 11.04 9.65
CA GLY C 611 37.96 11.89 8.47
C GLY C 611 37.42 13.29 8.70
N VAL C 612 37.70 13.88 9.86
CA VAL C 612 37.33 15.25 10.14
C VAL C 612 38.58 15.99 10.59
N ASN C 613 38.74 17.21 10.10
CA ASN C 613 39.86 18.04 10.50
C ASN C 613 39.75 18.37 11.98
N CYS C 614 40.89 18.59 12.62
CA CYS C 614 40.88 18.92 14.04
C CYS C 614 40.56 20.39 14.22
N THR C 615 39.48 20.86 13.59
CA THR C 615 39.02 22.23 13.74
C THR C 615 37.52 22.28 13.92
N GLU C 616 36.81 21.28 13.40
CA GLU C 616 35.35 21.25 13.39
C GLU C 616 34.78 20.49 14.58
N VAL C 617 35.60 20.10 15.54
CA VAL C 617 35.13 19.33 16.67
C VAL C 617 34.82 20.24 17.85
N SER C 637 43.40 19.72 26.12
CA SER C 637 43.87 18.37 26.43
C SER C 637 44.88 17.90 25.38
N ASN C 638 44.59 16.80 24.71
CA ASN C 638 45.46 16.25 23.68
C ASN C 638 44.66 16.07 22.39
N VAL C 639 45.21 16.56 21.28
CA VAL C 639 44.60 16.45 19.97
C VAL C 639 45.66 16.01 18.98
N PHE C 640 45.31 15.05 18.12
CA PHE C 640 46.20 14.53 17.11
C PHE C 640 45.45 14.49 15.79
N GLN C 641 46.14 14.77 14.69
CA GLN C 641 45.52 14.79 13.36
C GLN C 641 46.09 13.64 12.55
N THR C 642 45.52 12.46 12.72
CA THR C 642 45.88 11.31 11.91
C THR C 642 45.22 11.42 10.54
N ARG C 643 45.82 10.75 9.56
CA ARG C 643 45.22 10.75 8.23
C ARG C 643 43.84 10.14 8.23
N ALA C 644 43.50 9.34 9.24
CA ALA C 644 42.17 8.76 9.34
C ALA C 644 41.19 9.64 10.10
N GLY C 645 41.64 10.72 10.70
CA GLY C 645 40.75 11.63 11.38
C GLY C 645 41.42 12.27 12.58
N CYS C 646 40.60 12.88 13.42
CA CYS C 646 41.09 13.60 14.60
C CYS C 646 40.98 12.69 15.82
N LEU C 647 42.11 12.41 16.45
CA LEU C 647 42.17 11.56 17.63
C LEU C 647 42.31 12.45 18.86
N ILE C 648 41.32 12.40 19.74
CA ILE C 648 41.22 13.29 20.89
C ILE C 648 41.30 12.46 22.17
N GLY C 649 42.17 12.88 23.07
CA GLY C 649 42.35 12.20 24.34
C GLY C 649 43.49 11.19 24.38
N ALA C 650 44.22 11.03 23.28
CA ALA C 650 45.32 10.09 23.20
C ALA C 650 46.62 10.85 23.04
N GLU C 651 47.60 10.55 23.89
CA GLU C 651 48.90 11.20 23.82
C GLU C 651 49.67 10.70 22.61
N HIS C 652 50.53 11.57 22.08
CA HIS C 652 51.37 11.25 20.92
C HIS C 652 52.79 11.02 21.39
N VAL C 653 53.37 9.88 20.98
CA VAL C 653 54.70 9.47 21.40
C VAL C 653 55.55 9.25 20.16
N ASN C 654 56.72 9.90 20.12
CA ASN C 654 57.60 9.76 18.97
C ASN C 654 58.10 8.33 18.80
N ASN C 655 58.10 7.53 19.85
CA ASN C 655 58.54 6.16 19.74
C ASN C 655 57.57 5.37 18.86
N SER C 656 58.02 4.21 18.41
CA SER C 656 57.23 3.31 17.57
C SER C 656 57.24 1.92 18.19
N TYR C 657 56.07 1.32 18.31
CA TYR C 657 55.95 -0.03 18.84
C TYR C 657 55.11 -0.89 17.92
N GLU C 658 54.81 -2.12 18.33
CA GLU C 658 53.90 -2.95 17.58
C GLU C 658 52.47 -2.44 17.74
N CYS C 659 51.63 -2.74 16.76
CA CYS C 659 50.25 -2.26 16.78
C CYS C 659 49.47 -3.01 17.84
N ASP C 660 48.71 -2.26 18.64
CA ASP C 660 47.83 -2.84 19.65
C ASP C 660 46.36 -2.60 19.34
N ILE C 661 45.97 -1.34 19.16
CA ILE C 661 44.62 -0.99 18.74
C ILE C 661 44.72 -0.20 17.43
N PRO C 662 44.52 -0.87 16.29
CA PRO C 662 44.76 -0.18 15.01
C PRO C 662 43.84 1.02 14.86
N ILE C 663 44.38 2.07 14.25
CA ILE C 663 43.63 3.30 13.98
C ILE C 663 43.60 3.51 12.47
N GLY C 664 44.77 3.63 11.86
CA GLY C 664 44.82 3.74 10.42
C GLY C 664 45.98 4.58 9.95
N ALA C 665 46.33 4.40 8.69
CA ALA C 665 47.44 5.13 8.07
C ALA C 665 48.72 4.92 8.87
N GLY C 666 48.91 3.70 9.36
CA GLY C 666 50.08 3.36 10.12
C GLY C 666 50.06 3.79 11.57
N ILE C 667 48.99 4.45 12.01
CA ILE C 667 48.87 4.91 13.39
C ILE C 667 48.12 3.86 14.19
N CYS C 668 48.69 3.49 15.33
CA CYS C 668 48.10 2.55 16.26
C CYS C 668 48.20 3.12 17.67
N ALA C 669 47.20 2.81 18.50
CA ALA C 669 47.16 3.27 19.87
C ALA C 669 47.31 2.09 20.82
N SER C 670 47.64 2.41 22.06
CA SER C 670 47.79 1.40 23.11
C SER C 670 47.68 2.08 24.46
N TYR C 671 47.63 1.27 25.51
CA TYR C 671 47.52 1.76 26.88
C TYR C 671 48.81 1.41 27.62
N GLN C 672 49.62 2.42 27.90
CA GLN C 672 50.91 2.21 28.57
C GLN C 672 51.21 3.40 29.46
N THR C 673 52.37 3.35 30.10
CA THR C 673 52.82 4.42 30.99
C THR C 673 53.15 5.68 30.20
N SER C 686 49.80 6.83 36.27
CA SER C 686 50.82 7.35 35.36
C SER C 686 50.72 6.69 33.99
N GLN C 687 49.58 6.08 33.71
CA GLN C 687 49.34 5.39 32.45
C GLN C 687 48.27 6.12 31.66
N SER C 688 48.58 6.46 30.41
CA SER C 688 47.63 7.14 29.53
C SER C 688 47.72 6.50 28.16
N ILE C 689 46.63 6.64 27.40
CA ILE C 689 46.56 6.04 26.06
C ILE C 689 47.51 6.79 25.15
N ILE C 690 48.47 6.08 24.58
CA ILE C 690 49.42 6.66 23.64
C ILE C 690 49.03 6.26 22.22
N ALA C 691 49.38 7.13 21.28
CA ALA C 691 49.16 6.88 19.86
C ALA C 691 50.47 7.13 19.12
N TYR C 692 50.81 6.21 18.22
CA TYR C 692 52.14 6.24 17.62
C TYR C 692 52.10 5.55 16.26
N THR C 693 53.06 5.91 15.42
CA THR C 693 53.24 5.21 14.15
C THR C 693 53.87 3.86 14.41
N MET C 694 53.16 2.79 14.04
CA MET C 694 53.62 1.46 14.40
C MET C 694 54.93 1.13 13.68
N SER C 695 55.63 0.14 14.21
CA SER C 695 56.91 -0.31 13.67
C SER C 695 56.77 -1.71 13.11
N LEU C 696 57.33 -1.91 11.92
CA LEU C 696 57.22 -3.21 11.26
C LEU C 696 58.05 -4.27 11.97
N GLY C 697 59.22 -3.89 12.46
CA GLY C 697 60.09 -4.85 13.11
C GLY C 697 61.42 -4.21 13.45
N VAL C 698 62.35 -5.05 13.87
CA VAL C 698 63.67 -4.61 14.30
C VAL C 698 64.61 -4.61 13.11
N GLU C 699 65.32 -3.50 12.91
CA GLU C 699 66.29 -3.44 11.82
C GLU C 699 67.32 -4.55 11.99
N ASN C 700 67.69 -5.18 10.89
CA ASN C 700 68.64 -6.29 10.92
C ASN C 700 69.41 -6.29 9.61
N SER C 701 70.62 -5.73 9.61
CA SER C 701 71.46 -5.66 8.43
C SER C 701 72.29 -6.94 8.35
N VAL C 702 71.96 -7.82 7.40
CA VAL C 702 72.68 -9.08 7.26
C VAL C 702 74.10 -8.79 6.78
N ALA C 703 75.08 -9.36 7.46
CA ALA C 703 76.49 -9.15 7.11
C ALA C 703 76.84 -10.00 5.87
N TYR C 704 76.23 -9.63 4.76
CA TYR C 704 76.41 -10.36 3.52
C TYR C 704 77.71 -9.96 2.84
N SER C 705 78.40 -10.95 2.28
CA SER C 705 79.58 -10.71 1.47
C SER C 705 79.80 -11.92 0.57
N ASN C 706 80.56 -11.73 -0.50
CA ASN C 706 80.68 -12.74 -1.53
C ASN C 706 81.44 -13.98 -1.07
N ASN C 707 82.00 -13.99 0.14
CA ASN C 707 82.74 -15.16 0.60
C ASN C 707 82.45 -15.46 2.07
N SER C 708 81.23 -15.20 2.53
CA SER C 708 80.85 -15.46 3.91
C SER C 708 79.54 -16.24 3.94
N ILE C 709 79.55 -17.37 4.65
CA ILE C 709 78.36 -18.21 4.81
C ILE C 709 78.19 -18.49 6.29
N ALA C 710 76.96 -18.32 6.79
CA ALA C 710 76.65 -18.61 8.18
C ALA C 710 75.96 -19.96 8.25
N ILE C 711 76.56 -20.90 8.97
CA ILE C 711 76.05 -22.27 9.07
C ILE C 711 75.60 -22.51 10.50
N PRO C 712 74.41 -23.06 10.73
CA PRO C 712 74.02 -23.41 12.10
C PRO C 712 74.83 -24.59 12.60
N THR C 713 75.15 -24.56 13.89
CA THR C 713 75.77 -25.70 14.56
C THR C 713 74.83 -26.32 15.60
N ASN C 714 73.62 -25.81 15.73
CA ASN C 714 72.70 -26.28 16.75
C ASN C 714 71.29 -25.98 16.28
N PHE C 715 70.33 -26.70 16.84
CA PHE C 715 68.97 -26.68 16.34
C PHE C 715 67.98 -26.81 17.48
N THR C 716 66.82 -26.19 17.31
CA THR C 716 65.75 -26.25 18.29
C THR C 716 64.51 -26.83 17.61
N ILE C 717 63.89 -27.79 18.28
CA ILE C 717 62.62 -28.36 17.81
C ILE C 717 61.51 -27.68 18.59
N SER C 718 60.56 -27.10 17.88
CA SER C 718 59.48 -26.35 18.48
C SER C 718 58.14 -26.93 18.04
N VAL C 719 57.09 -26.57 18.77
CA VAL C 719 55.74 -27.04 18.48
C VAL C 719 54.84 -25.83 18.40
N THR C 720 54.23 -25.62 17.23
CA THR C 720 53.40 -24.46 16.96
C THR C 720 51.95 -24.88 16.83
N THR C 721 51.06 -24.16 17.51
CA THR C 721 49.63 -24.46 17.47
C THR C 721 48.97 -23.68 16.33
N GLU C 722 48.20 -24.39 15.51
CA GLU C 722 47.50 -23.77 14.39
C GLU C 722 46.04 -24.21 14.44
N ILE C 723 45.13 -23.25 14.60
CA ILE C 723 43.73 -23.51 14.89
C ILE C 723 42.91 -23.15 13.68
N LEU C 724 42.06 -24.08 13.22
CA LEU C 724 41.25 -23.87 12.04
C LEU C 724 39.81 -24.26 12.31
N PRO C 725 38.84 -23.39 12.05
CA PRO C 725 37.44 -23.83 12.07
C PRO C 725 37.20 -24.89 11.02
N VAL C 726 36.24 -25.78 11.30
CA VAL C 726 35.87 -26.84 10.37
C VAL C 726 34.38 -26.79 10.05
N SER C 727 33.54 -26.80 11.07
CA SER C 727 32.09 -26.81 10.88
C SER C 727 31.45 -25.76 11.77
N MET C 728 30.41 -25.12 11.25
CA MET C 728 29.62 -24.16 12.01
C MET C 728 28.39 -24.86 12.57
N THR C 729 27.53 -24.08 13.23
CA THR C 729 26.37 -24.65 13.89
C THR C 729 25.33 -25.06 12.86
N LYS C 730 24.97 -26.34 12.85
CA LYS C 730 23.91 -26.84 11.98
C LYS C 730 22.58 -26.31 12.47
N THR C 731 22.08 -25.26 11.84
CA THR C 731 20.83 -24.62 12.24
C THR C 731 19.75 -24.87 11.20
N SER C 732 18.52 -24.56 11.58
CA SER C 732 17.39 -24.59 10.66
C SER C 732 16.29 -23.73 11.25
N VAL C 733 15.42 -23.23 10.38
CA VAL C 733 14.36 -22.31 10.78
C VAL C 733 13.06 -22.73 10.11
N ASP C 734 12.00 -22.81 10.89
CA ASP C 734 10.67 -23.09 10.36
C ASP C 734 10.08 -21.79 9.83
N CYS C 735 10.04 -21.65 8.51
CA CYS C 735 9.66 -20.39 7.90
C CYS C 735 8.25 -19.97 8.34
N THR C 736 7.30 -20.90 8.27
CA THR C 736 5.92 -20.56 8.61
C THR C 736 5.79 -20.22 10.08
N MET C 737 6.31 -21.07 10.97
CA MET C 737 6.17 -20.83 12.39
C MET C 737 6.92 -19.60 12.85
N TYR C 738 7.97 -19.19 12.13
CA TYR C 738 8.66 -17.97 12.47
C TYR C 738 7.86 -16.75 12.00
N ILE C 739 7.58 -16.69 10.71
CA ILE C 739 6.89 -15.51 10.17
C ILE C 739 5.47 -15.42 10.72
N CYS C 740 4.78 -16.55 10.80
CA CYS C 740 3.35 -16.61 11.09
C CYS C 740 3.07 -17.56 12.24
N GLY C 741 3.81 -17.38 13.33
CA GLY C 741 3.76 -18.34 14.43
C GLY C 741 2.37 -18.66 14.92
N ASP C 742 1.90 -19.85 14.61
CA ASP C 742 0.65 -20.39 15.12
C ASP C 742 -0.52 -19.43 14.85
N SER C 743 -0.79 -19.22 13.57
CA SER C 743 -1.91 -18.37 13.16
C SER C 743 -2.38 -18.81 11.79
N THR C 744 -3.68 -19.11 11.67
CA THR C 744 -4.23 -19.57 10.40
C THR C 744 -4.29 -18.44 9.38
N GLU C 745 -4.77 -17.27 9.79
CA GLU C 745 -4.90 -16.17 8.86
C GLU C 745 -3.54 -15.74 8.32
N CYS C 746 -2.54 -15.70 9.19
CA CYS C 746 -1.20 -15.33 8.76
C CYS C 746 -0.65 -16.34 7.77
N SER C 747 -0.88 -17.64 8.03
CA SER C 747 -0.42 -18.65 7.09
C SER C 747 -1.12 -18.53 5.74
N ASN C 748 -2.42 -18.24 5.76
CA ASN C 748 -3.14 -18.06 4.50
C ASN C 748 -2.58 -16.88 3.72
N LEU C 749 -2.29 -15.77 4.41
CA LEU C 749 -1.68 -14.65 3.73
C LEU C 749 -0.30 -15.01 3.20
N LEU C 750 0.47 -15.77 3.98
CA LEU C 750 1.83 -16.13 3.57
C LEU C 750 1.82 -17.02 2.35
N LEU C 751 0.78 -17.85 2.19
CA LEU C 751 0.75 -18.74 1.03
C LEU C 751 0.73 -17.98 -0.28
N GLN C 752 0.41 -16.68 -0.26
CA GLN C 752 0.44 -15.89 -1.49
C GLN C 752 1.85 -15.81 -2.06
N TYR C 753 2.85 -15.65 -1.18
CA TYR C 753 4.22 -15.44 -1.63
C TYR C 753 4.82 -16.66 -2.31
N GLY C 754 4.07 -17.74 -2.47
CA GLY C 754 4.58 -18.88 -3.22
C GLY C 754 5.67 -19.61 -2.46
N SER C 755 6.70 -20.02 -3.19
CA SER C 755 7.77 -20.85 -2.63
C SER C 755 8.89 -19.99 -2.05
N PHE C 756 8.49 -19.08 -1.16
CA PHE C 756 9.46 -18.30 -0.40
C PHE C 756 9.76 -18.92 0.95
N CYS C 757 9.09 -20.01 1.30
CA CYS C 757 9.34 -20.73 2.53
C CYS C 757 9.79 -22.16 2.31
N THR C 758 9.67 -22.69 1.09
CA THR C 758 10.09 -24.05 0.78
C THR C 758 11.48 -24.12 0.18
N GLN C 759 12.12 -22.97 -0.04
CA GLN C 759 13.51 -22.94 -0.50
C GLN C 759 14.49 -22.43 0.54
N LEU C 760 14.05 -21.58 1.47
CA LEU C 760 14.92 -21.22 2.58
C LEU C 760 15.28 -22.46 3.39
N ASN C 761 14.30 -23.33 3.64
CA ASN C 761 14.59 -24.59 4.30
C ASN C 761 15.55 -25.43 3.48
N ARG C 762 15.42 -25.41 2.16
CA ARG C 762 16.39 -26.13 1.32
C ARG C 762 17.79 -25.56 1.52
N ALA C 763 17.91 -24.23 1.56
CA ALA C 763 19.24 -23.63 1.73
C ALA C 763 19.85 -24.02 3.07
N LEU C 764 19.07 -23.94 4.14
CA LEU C 764 19.62 -24.27 5.46
C LEU C 764 19.94 -25.77 5.56
N THR C 765 19.12 -26.62 4.96
CA THR C 765 19.44 -28.05 4.95
C THR C 765 20.72 -28.31 4.18
N GLY C 766 20.91 -27.63 3.06
CA GLY C 766 22.16 -27.75 2.33
C GLY C 766 23.34 -27.33 3.17
N ILE C 767 23.19 -26.24 3.92
CA ILE C 767 24.28 -25.79 4.78
C ILE C 767 24.60 -26.85 5.84
N ALA C 768 23.57 -27.42 6.46
CA ALA C 768 23.81 -28.42 7.50
C ALA C 768 24.51 -29.65 6.94
N VAL C 769 24.04 -30.15 5.80
CA VAL C 769 24.68 -31.32 5.21
C VAL C 769 26.11 -30.99 4.82
N GLU C 770 26.35 -29.77 4.35
CA GLU C 770 27.69 -29.35 4.02
C GLU C 770 28.58 -29.36 5.26
N GLN C 771 28.05 -28.95 6.41
CA GLN C 771 28.85 -29.00 7.64
C GLN C 771 29.20 -30.44 8.00
N ASP C 772 28.24 -31.35 7.88
CA ASP C 772 28.56 -32.75 8.16
C ASP C 772 29.66 -33.24 7.23
N LYS C 773 29.55 -32.90 5.94
CA LYS C 773 30.56 -33.32 4.97
C LYS C 773 31.92 -32.71 5.31
N ASN C 774 31.94 -31.47 5.76
CA ASN C 774 33.20 -30.82 6.12
C ASN C 774 33.87 -31.55 7.27
N THR C 775 33.11 -31.87 8.31
CA THR C 775 33.71 -32.59 9.43
C THR C 775 34.24 -33.95 8.97
N GLN C 776 33.47 -34.65 8.15
CA GLN C 776 33.91 -35.95 7.68
C GLN C 776 35.21 -35.83 6.89
N GLU C 777 35.28 -34.87 5.97
CA GLU C 777 36.48 -34.71 5.17
C GLU C 777 37.68 -34.36 6.03
N VAL C 778 37.50 -33.42 6.96
CA VAL C 778 38.64 -32.95 7.74
C VAL C 778 39.19 -34.08 8.61
N PHE C 779 38.32 -34.83 9.27
CA PHE C 779 38.78 -35.82 10.24
C PHE C 779 38.87 -37.23 9.67
N ALA C 780 37.84 -37.70 8.97
CA ALA C 780 37.80 -39.10 8.53
C ALA C 780 38.76 -39.32 7.36
N GLN C 781 40.03 -39.08 7.63
CA GLN C 781 41.08 -39.30 6.64
C GLN C 781 41.69 -40.70 6.70
N VAL C 782 41.36 -41.48 7.72
CA VAL C 782 42.05 -42.74 8.00
C VAL C 782 41.08 -43.89 7.78
N LYS C 783 41.57 -44.96 7.16
CA LYS C 783 40.75 -46.14 6.91
C LYS C 783 40.45 -46.88 8.21
N GLN C 784 41.50 -47.36 8.87
CA GLN C 784 41.37 -48.21 10.04
C GLN C 784 41.67 -47.40 11.30
N ILE C 785 40.92 -47.67 12.36
CA ILE C 785 41.08 -46.97 13.63
C ILE C 785 42.28 -47.59 14.33
N TYR C 786 43.44 -46.96 14.21
CA TYR C 786 44.64 -47.44 14.87
C TYR C 786 44.61 -47.07 16.35
N LYS C 787 45.53 -47.66 17.10
CA LYS C 787 45.71 -47.27 18.49
C LYS C 787 47.11 -47.67 18.95
N THR C 788 47.68 -46.83 19.80
CA THR C 788 49.05 -47.03 20.24
C THR C 788 49.16 -48.29 21.09
N PRO C 789 50.30 -48.98 21.04
CA PRO C 789 50.50 -50.14 21.90
C PRO C 789 50.69 -49.71 23.34
N PRO C 790 50.47 -50.60 24.31
CA PRO C 790 50.68 -50.23 25.72
C PRO C 790 52.12 -49.89 26.05
N ILE C 791 53.08 -50.31 25.24
CA ILE C 791 54.50 -50.04 25.49
C ILE C 791 54.80 -48.66 24.92
N LYS C 792 54.94 -47.67 25.80
CA LYS C 792 55.21 -46.29 25.38
C LYS C 792 56.71 -46.00 25.34
N ASP C 793 57.45 -46.82 24.61
CA ASP C 793 58.89 -46.63 24.43
C ASP C 793 59.12 -46.03 23.04
N PHE C 794 58.93 -44.71 22.94
CA PHE C 794 59.13 -43.98 21.70
C PHE C 794 60.47 -43.27 21.67
N GLY C 795 61.52 -43.90 22.19
CA GLY C 795 62.83 -43.29 22.16
C GLY C 795 62.99 -42.09 23.06
N GLY C 796 62.13 -41.95 24.07
CA GLY C 796 62.19 -40.84 24.99
C GLY C 796 61.15 -39.76 24.72
N PHE C 797 60.58 -39.72 23.53
CA PHE C 797 59.53 -38.75 23.24
C PHE C 797 58.31 -39.09 24.08
N ASN C 798 57.72 -38.07 24.70
CA ASN C 798 56.64 -38.25 25.66
C ASN C 798 55.34 -37.73 25.06
N PHE C 799 54.51 -38.65 24.56
CA PHE C 799 53.25 -38.31 23.94
C PHE C 799 52.06 -38.41 24.87
N SER C 800 52.28 -38.71 26.15
CA SER C 800 51.16 -38.92 27.06
C SER C 800 50.26 -37.70 27.11
N GLN C 801 50.80 -36.53 26.79
CA GLN C 801 49.98 -35.31 26.81
C GLN C 801 48.90 -35.38 25.73
N ILE C 802 49.26 -35.72 24.50
CA ILE C 802 48.32 -35.64 23.39
C ILE C 802 47.54 -36.93 23.16
N LEU C 803 48.09 -38.08 23.52
CA LEU C 803 47.38 -39.32 23.31
C LEU C 803 46.16 -39.41 24.23
N PRO C 804 45.17 -40.23 23.88
CA PRO C 804 43.96 -40.29 24.70
C PRO C 804 44.27 -40.75 26.12
N ASP C 805 43.53 -40.21 27.07
CA ASP C 805 43.65 -40.59 28.47
C ASP C 805 42.40 -41.35 28.90
N PRO C 806 42.48 -42.66 29.13
CA PRO C 806 41.27 -43.40 29.52
C PRO C 806 40.66 -42.95 30.83
N SER C 807 41.39 -42.21 31.66
CA SER C 807 40.87 -41.81 32.96
C SER C 807 39.56 -41.04 32.83
N LYS C 808 39.54 -40.05 31.95
CA LYS C 808 38.31 -39.32 31.71
C LYS C 808 37.27 -40.24 31.05
N PRO C 809 35.99 -40.13 31.42
CA PRO C 809 34.99 -40.97 30.75
C PRO C 809 34.98 -40.81 29.25
N SER C 810 35.15 -39.59 28.76
CA SER C 810 35.35 -39.37 27.33
C SER C 810 36.79 -39.69 26.97
N LYS C 811 36.96 -40.35 25.82
CA LYS C 811 38.29 -40.77 25.36
C LYS C 811 39.03 -39.58 24.74
N ARG C 812 39.23 -38.56 25.57
CA ARG C 812 39.83 -37.31 25.15
C ARG C 812 41.16 -37.10 25.85
N SER C 813 42.10 -36.50 25.14
CA SER C 813 43.43 -36.25 25.68
C SER C 813 43.41 -35.02 26.57
N PHE C 814 44.55 -34.74 27.20
CA PHE C 814 44.65 -33.59 28.08
C PHE C 814 44.45 -32.29 27.32
N ILE C 815 45.19 -32.10 26.23
CA ILE C 815 45.13 -30.86 25.48
C ILE C 815 43.75 -30.70 24.85
N GLU C 816 43.15 -31.79 24.40
CA GLU C 816 41.78 -31.72 23.88
C GLU C 816 40.84 -31.25 24.97
N ASP C 817 41.01 -31.74 26.20
CA ASP C 817 40.17 -31.28 27.30
C ASP C 817 40.33 -29.79 27.55
N LEU C 818 41.58 -29.31 27.53
CA LEU C 818 41.79 -27.89 27.74
C LEU C 818 41.13 -27.07 26.64
N LEU C 819 41.24 -27.53 25.40
CA LEU C 819 40.59 -26.82 24.30
C LEU C 819 39.08 -26.80 24.47
N PHE C 820 38.49 -27.95 24.81
CA PHE C 820 37.04 -28.00 24.96
C PHE C 820 36.56 -27.09 26.08
N ASN C 821 37.28 -27.06 27.20
CA ASN C 821 36.87 -26.19 28.29
C ASN C 821 37.04 -24.72 27.93
N LYS C 822 38.13 -24.37 27.25
CA LYS C 822 38.38 -22.97 26.92
C LYS C 822 37.29 -22.42 26.02
N VAL C 823 36.91 -23.16 25.00
CA VAL C 823 35.93 -22.68 24.03
C VAL C 823 34.53 -22.84 24.61
N THR C 824 33.75 -21.76 24.58
CA THR C 824 32.39 -21.78 25.11
C THR C 824 31.43 -22.43 24.13
N PHE C 852 13.95 -19.53 21.03
CA PHE C 852 13.25 -20.76 20.70
C PHE C 852 11.87 -20.44 20.13
N ASN C 853 11.87 -19.92 18.90
CA ASN C 853 10.67 -19.49 18.20
C ASN C 853 10.68 -20.03 16.78
N GLY C 854 10.92 -21.33 16.65
CA GLY C 854 11.07 -21.96 15.36
C GLY C 854 12.50 -22.10 14.89
N LEU C 855 13.46 -21.56 15.62
CA LEU C 855 14.88 -21.65 15.27
C LEU C 855 15.44 -22.88 15.97
N THR C 856 15.53 -23.99 15.25
CA THR C 856 16.03 -25.24 15.80
C THR C 856 17.48 -25.45 15.39
N VAL C 857 18.19 -26.25 16.18
CA VAL C 857 19.59 -26.57 15.93
C VAL C 857 19.72 -28.08 15.89
N LEU C 858 20.11 -28.61 14.74
CA LEU C 858 20.32 -30.04 14.63
C LEU C 858 21.68 -30.42 15.22
N PRO C 859 21.82 -31.63 15.75
CA PRO C 859 23.11 -32.05 16.30
C PRO C 859 24.02 -32.55 15.20
N PRO C 860 25.34 -32.38 15.35
CA PRO C 860 26.25 -32.85 14.31
C PRO C 860 26.21 -34.37 14.20
N LEU C 861 26.50 -34.86 12.99
CA LEU C 861 26.42 -36.30 12.76
C LEU C 861 27.45 -37.04 13.61
N LEU C 862 28.68 -36.54 13.67
CA LEU C 862 29.75 -37.18 14.43
C LEU C 862 29.86 -36.50 15.80
N THR C 863 29.52 -37.24 16.84
CA THR C 863 29.67 -36.71 18.19
C THR C 863 31.15 -36.55 18.54
N ASP C 864 31.42 -35.66 19.50
CA ASP C 864 32.80 -35.39 19.87
C ASP C 864 33.53 -36.66 20.29
N GLU C 865 32.78 -37.64 20.81
CA GLU C 865 33.39 -38.91 21.20
C GLU C 865 33.85 -39.73 20.01
N MET C 866 33.45 -39.36 18.80
CA MET C 866 33.98 -39.98 17.59
C MET C 866 35.07 -39.16 16.93
N ILE C 867 34.96 -37.83 17.00
CA ILE C 867 36.07 -36.98 16.55
C ILE C 867 37.31 -37.29 17.37
N ALA C 868 37.14 -37.52 18.67
CA ALA C 868 38.27 -37.91 19.50
C ALA C 868 38.87 -39.22 19.02
N GLN C 869 38.04 -40.19 18.67
CA GLN C 869 38.55 -41.46 18.17
C GLN C 869 39.33 -41.27 16.87
N TYR C 870 38.81 -40.44 15.98
CA TYR C 870 39.51 -40.19 14.72
C TYR C 870 40.87 -39.53 14.98
N THR C 871 40.91 -38.53 15.85
CA THR C 871 42.18 -37.88 16.14
C THR C 871 43.15 -38.85 16.80
N SER C 872 42.65 -39.71 17.69
CA SER C 872 43.52 -40.70 18.30
C SER C 872 44.06 -41.67 17.27
N ALA C 873 43.24 -42.07 16.30
CA ALA C 873 43.70 -42.95 15.24
C ALA C 873 44.79 -42.28 14.42
N LEU C 874 44.60 -41.01 14.07
CA LEU C 874 45.61 -40.30 13.31
C LEU C 874 46.91 -40.18 14.10
N LEU C 875 46.81 -39.88 15.39
CA LEU C 875 48.01 -39.80 16.22
C LEU C 875 48.72 -41.14 16.28
N ALA C 876 47.98 -42.23 16.46
CA ALA C 876 48.62 -43.55 16.55
C ALA C 876 49.29 -43.91 15.24
N GLY C 877 48.61 -43.64 14.11
CA GLY C 877 49.22 -43.91 12.83
C GLY C 877 50.49 -43.11 12.62
N THR C 878 50.44 -41.81 12.91
CA THR C 878 51.62 -40.97 12.75
C THR C 878 52.76 -41.44 13.65
N ILE C 879 52.44 -41.81 14.89
CA ILE C 879 53.48 -42.18 15.84
C ILE C 879 54.15 -43.49 15.44
N THR C 880 53.36 -44.51 15.13
CA THR C 880 53.90 -45.84 14.94
C THR C 880 54.24 -46.17 13.49
N SER C 881 53.82 -45.35 12.53
CA SER C 881 54.00 -45.70 11.13
C SER C 881 54.43 -44.54 10.25
N GLY C 882 54.72 -43.37 10.82
CA GLY C 882 55.18 -42.25 10.02
C GLY C 882 54.12 -41.73 9.08
N TRP C 883 54.32 -41.96 7.79
CA TRP C 883 53.35 -41.57 6.78
C TRP C 883 52.77 -42.74 6.00
N THR C 884 53.33 -43.93 6.15
CA THR C 884 52.89 -45.07 5.35
C THR C 884 51.44 -45.41 5.60
N PHE C 885 50.89 -45.06 6.76
CA PHE C 885 49.51 -45.44 7.05
C PHE C 885 48.52 -44.63 6.24
N GLY C 886 48.94 -43.49 5.68
CA GLY C 886 48.09 -42.68 4.83
C GLY C 886 48.27 -42.91 3.35
N ALA C 887 49.12 -43.85 2.95
CA ALA C 887 49.41 -44.14 1.56
C ALA C 887 49.39 -45.63 1.31
N GLY C 888 48.39 -46.32 1.86
CA GLY C 888 48.30 -47.76 1.71
C GLY C 888 47.99 -48.46 3.03
N ALA C 889 48.86 -49.38 3.43
CA ALA C 889 48.71 -50.12 4.66
C ALA C 889 49.77 -49.66 5.66
N ALA C 890 49.38 -49.53 6.93
CA ALA C 890 50.29 -49.03 7.94
C ALA C 890 51.44 -50.00 8.15
N LEU C 891 52.66 -49.46 8.24
CA LEU C 891 53.86 -50.25 8.46
C LEU C 891 54.56 -49.71 9.70
N GLN C 892 54.78 -50.58 10.68
CA GLN C 892 55.41 -50.15 11.92
C GLN C 892 56.86 -49.77 11.67
N ILE C 893 57.39 -48.90 12.53
CA ILE C 893 58.77 -48.46 12.43
C ILE C 893 59.16 -47.79 13.75
N PRO C 894 60.33 -48.07 14.31
CA PRO C 894 60.70 -47.41 15.57
C PRO C 894 60.71 -45.90 15.40
N PHE C 895 60.28 -45.19 16.44
CA PHE C 895 60.17 -43.74 16.32
C PHE C 895 61.53 -43.12 16.09
N ALA C 896 62.57 -43.63 16.76
CA ALA C 896 63.92 -43.13 16.52
C ALA C 896 64.35 -43.38 15.08
N MET C 897 63.78 -44.36 14.40
CA MET C 897 64.05 -44.59 12.99
C MET C 897 63.08 -43.85 12.08
N GLN C 898 62.07 -43.18 12.64
CA GLN C 898 61.19 -42.33 11.85
C GLN C 898 61.65 -40.89 11.87
N MET C 899 62.08 -40.38 13.03
CA MET C 899 62.65 -39.03 13.05
C MET C 899 63.89 -38.96 12.19
N ALA C 900 64.62 -40.06 12.05
CA ALA C 900 65.73 -40.08 11.12
C ALA C 900 65.26 -39.82 9.70
N TYR C 901 64.16 -40.46 9.30
CA TYR C 901 63.61 -40.21 7.97
C TYR C 901 63.16 -38.77 7.82
N ARG C 902 62.51 -38.21 8.85
CA ARG C 902 62.09 -36.83 8.78
C ARG C 902 63.29 -35.90 8.59
N PHE C 903 64.34 -36.10 9.39
CA PHE C 903 65.54 -35.28 9.26
C PHE C 903 66.14 -35.41 7.88
N ASN C 904 66.28 -36.65 7.39
CA ASN C 904 66.77 -36.82 6.03
C ASN C 904 65.89 -36.09 5.04
N GLY C 905 64.60 -35.98 5.32
CA GLY C 905 63.73 -35.22 4.45
C GLY C 905 64.02 -33.74 4.44
N ILE C 906 64.27 -33.17 5.62
CA ILE C 906 64.52 -31.73 5.69
C ILE C 906 65.99 -31.43 5.40
N GLY C 907 66.74 -32.45 4.98
CA GLY C 907 68.10 -32.27 4.52
C GLY C 907 69.16 -32.56 5.56
N VAL C 908 68.82 -32.52 6.85
CA VAL C 908 69.80 -32.84 7.88
C VAL C 908 70.04 -34.34 7.86
N THR C 909 71.30 -34.74 7.73
CA THR C 909 71.62 -36.15 7.65
C THR C 909 71.16 -36.85 8.92
N GLN C 910 70.68 -38.08 8.77
CA GLN C 910 70.09 -38.80 9.88
C GLN C 910 71.06 -38.99 11.04
N ASN C 911 72.36 -38.97 10.77
CA ASN C 911 73.32 -39.18 11.85
C ASN C 911 73.26 -38.08 12.89
N VAL C 912 72.72 -36.91 12.55
CA VAL C 912 72.53 -35.87 13.55
C VAL C 912 71.45 -36.27 14.53
N LEU C 913 70.40 -36.94 14.05
CA LEU C 913 69.31 -37.34 14.93
C LEU C 913 69.80 -38.25 16.04
N TYR C 914 70.30 -39.43 15.67
CA TYR C 914 70.62 -40.44 16.67
C TYR C 914 71.61 -39.91 17.69
N GLU C 915 72.70 -39.30 17.22
CA GLU C 915 73.73 -38.83 18.13
C GLU C 915 73.25 -37.68 19.00
N ASN C 916 72.11 -37.08 18.70
CA ASN C 916 71.50 -36.08 19.57
C ASN C 916 70.16 -36.55 20.13
N GLN C 917 69.82 -37.83 19.95
CA GLN C 917 68.45 -38.28 20.17
C GLN C 917 67.95 -37.85 21.54
N LYS C 918 68.69 -38.19 22.60
CA LYS C 918 68.24 -37.83 23.94
C LYS C 918 67.91 -36.36 24.02
N LEU C 919 68.87 -35.52 23.62
CA LEU C 919 68.63 -34.07 23.66
C LEU C 919 67.33 -33.74 22.95
N ILE C 920 67.17 -34.21 21.72
CA ILE C 920 65.99 -33.87 20.95
C ILE C 920 64.74 -34.23 21.74
N ALA C 921 64.70 -35.44 22.29
CA ALA C 921 63.52 -35.85 23.04
C ALA C 921 63.18 -34.81 24.09
N ASN C 922 64.18 -34.43 24.90
CA ASN C 922 63.93 -33.45 25.94
C ASN C 922 63.30 -32.20 25.33
N GLN C 923 63.94 -31.63 24.32
CA GLN C 923 63.41 -30.42 23.71
C GLN C 923 61.95 -30.64 23.33
N PHE C 924 61.67 -31.72 22.62
CA PHE C 924 60.30 -31.95 22.18
C PHE C 924 59.36 -31.93 23.37
N ASN C 925 59.68 -32.70 24.41
CA ASN C 925 58.80 -32.74 25.57
C ASN C 925 58.58 -31.33 26.10
N SER C 926 59.67 -30.58 26.27
CA SER C 926 59.51 -29.22 26.80
C SER C 926 58.55 -28.44 25.94
N ALA C 927 58.71 -28.52 24.61
CA ALA C 927 57.80 -27.80 23.74
C ALA C 927 56.36 -28.18 24.03
N ILE C 928 56.07 -29.48 24.08
CA ILE C 928 54.70 -29.90 24.36
C ILE C 928 54.23 -29.27 25.67
N GLY C 929 55.09 -29.32 26.69
CA GLY C 929 54.68 -28.75 27.97
C GLY C 929 54.27 -27.29 27.82
N LYS C 930 55.08 -26.52 27.11
CA LYS C 930 54.75 -25.11 26.94
C LYS C 930 53.37 -24.95 26.31
N ILE C 931 53.05 -25.80 25.34
CA ILE C 931 51.74 -25.71 24.71
C ILE C 931 50.66 -25.79 25.78
N GLN C 932 50.77 -26.77 26.67
CA GLN C 932 49.80 -26.90 27.73
C GLN C 932 49.67 -25.57 28.47
N ASP C 933 50.80 -25.03 28.91
CA ASP C 933 50.76 -23.77 29.65
C ASP C 933 50.02 -22.70 28.86
N SER C 934 50.30 -22.59 27.57
CA SER C 934 49.61 -21.60 26.76
C SER C 934 48.10 -21.81 26.84
N LEU C 935 47.65 -23.03 26.57
CA LEU C 935 46.22 -23.29 26.60
C LEU C 935 45.67 -23.29 28.01
N SER C 936 46.55 -23.27 29.02
CA SER C 936 46.11 -23.08 30.40
C SER C 936 46.11 -21.62 30.79
N SER C 937 46.91 -20.78 30.13
CA SER C 937 47.09 -19.39 30.53
C SER C 937 46.19 -18.45 29.74
N THR C 938 46.34 -18.43 28.41
CA THR C 938 45.67 -17.44 27.56
C THR C 938 44.63 -18.13 26.70
N ALA C 939 43.39 -17.65 26.77
CA ALA C 939 42.31 -18.18 25.95
C ALA C 939 42.16 -17.46 24.61
N SER C 940 42.91 -16.37 24.39
CA SER C 940 42.78 -15.63 23.15
C SER C 940 43.23 -16.43 21.94
N ALA C 941 44.06 -17.46 22.14
CA ALA C 941 44.54 -18.25 21.00
C ALA C 941 43.38 -18.88 20.25
N LEU C 942 42.36 -19.35 20.98
CA LEU C 942 41.19 -19.95 20.38
C LEU C 942 40.27 -18.93 19.74
N GLY C 943 40.69 -17.67 19.58
CA GLY C 943 39.79 -16.68 19.04
C GLY C 943 39.21 -17.11 17.70
N LYS C 944 40.05 -17.65 16.82
CA LYS C 944 39.57 -18.04 15.50
C LYS C 944 38.37 -18.97 15.59
N LEU C 945 38.32 -19.82 16.61
CA LEU C 945 37.14 -20.66 16.79
C LEU C 945 36.05 -19.89 17.53
N GLN C 946 36.41 -19.19 18.61
CA GLN C 946 35.40 -18.49 19.38
C GLN C 946 34.57 -17.60 18.48
N ASP C 947 35.23 -16.79 17.65
CA ASP C 947 34.51 -15.89 16.76
C ASP C 947 33.45 -16.65 15.98
N VAL C 948 33.81 -17.79 15.41
CA VAL C 948 32.84 -18.58 14.65
C VAL C 948 31.56 -18.73 15.47
N VAL C 949 31.69 -19.33 16.66
CA VAL C 949 30.51 -19.53 17.48
C VAL C 949 29.83 -18.20 17.73
N ASN C 950 30.59 -17.20 18.16
CA ASN C 950 30.01 -15.89 18.43
C ASN C 950 29.21 -15.43 17.22
N GLN C 951 29.81 -15.48 16.04
CA GLN C 951 29.11 -14.97 14.87
C GLN C 951 27.75 -15.63 14.75
N ASN C 952 27.72 -16.96 14.79
CA ASN C 952 26.45 -17.65 14.64
C ASN C 952 25.45 -17.12 15.67
N ALA C 953 25.88 -17.09 16.94
CA ALA C 953 24.99 -16.62 17.99
C ALA C 953 24.42 -15.26 17.63
N GLN C 954 25.29 -14.31 17.24
CA GLN C 954 24.81 -12.98 16.93
C GLN C 954 23.66 -13.07 15.94
N ALA C 955 23.85 -13.80 14.84
CA ALA C 955 22.82 -13.87 13.83
C ALA C 955 21.50 -14.31 14.45
N LEU C 956 21.51 -15.44 15.16
CA LEU C 956 20.26 -15.91 15.75
C LEU C 956 19.66 -14.84 16.64
N ASN C 957 20.48 -14.24 17.50
CA ASN C 957 19.96 -13.19 18.36
C ASN C 957 19.31 -12.11 17.52
N THR C 958 20.04 -11.60 16.53
CA THR C 958 19.45 -10.57 15.68
C THR C 958 18.15 -11.06 15.07
N LEU C 959 18.17 -12.28 14.55
CA LEU C 959 16.96 -12.82 13.94
C LEU C 959 15.82 -12.82 14.94
N VAL C 960 16.07 -13.31 16.15
CA VAL C 960 15.01 -13.32 17.15
C VAL C 960 14.57 -11.90 17.44
N LYS C 961 15.52 -10.97 17.57
CA LYS C 961 15.15 -9.61 17.87
C LYS C 961 14.31 -8.99 16.76
N GLN C 962 14.39 -9.53 15.55
CA GLN C 962 13.56 -8.99 14.48
C GLN C 962 12.08 -9.19 14.75
N LEU C 963 11.72 -10.13 15.63
CA LEU C 963 10.31 -10.28 15.99
C LEU C 963 9.81 -9.12 16.83
N SER C 964 10.69 -8.25 17.32
CA SER C 964 10.30 -7.09 18.11
C SER C 964 10.27 -5.82 17.27
N SER C 965 9.89 -5.93 16.00
CA SER C 965 9.85 -4.80 15.10
C SER C 965 8.44 -4.65 14.53
N ASN C 966 7.93 -3.42 14.54
CA ASN C 966 6.58 -3.18 14.06
C ASN C 966 6.49 -3.25 12.54
N PHE C 967 7.56 -2.90 11.84
CA PHE C 967 7.59 -2.92 10.38
C PHE C 967 6.44 -2.11 9.79
N GLY C 968 6.04 -1.05 10.49
CA GLY C 968 4.95 -0.21 10.04
C GLY C 968 3.58 -0.65 10.48
N ALA C 969 3.47 -1.73 11.25
CA ALA C 969 2.20 -2.18 11.76
C ALA C 969 1.92 -1.50 13.10
N ILE C 970 0.87 -1.93 13.80
CA ILE C 970 0.52 -1.33 15.08
C ILE C 970 1.18 -2.01 16.26
N SER C 971 1.61 -3.26 16.11
CA SER C 971 2.23 -3.98 17.22
C SER C 971 3.04 -5.13 16.67
N SER C 972 4.21 -5.37 17.27
CA SER C 972 5.03 -6.50 16.87
C SER C 972 4.42 -7.83 17.27
N VAL C 973 3.39 -7.83 18.10
CA VAL C 973 2.72 -9.05 18.52
C VAL C 973 1.61 -9.34 17.52
N LEU C 974 1.65 -10.53 16.91
CA LEU C 974 0.65 -10.87 15.91
C LEU C 974 -0.71 -11.15 16.54
N ASN C 975 -0.72 -11.77 17.72
CA ASN C 975 -1.98 -12.11 18.36
C ASN C 975 -2.78 -10.88 18.76
N ASP C 976 -2.10 -9.81 19.18
CA ASP C 976 -2.81 -8.57 19.51
C ASP C 976 -3.56 -8.05 18.29
N ILE C 977 -2.88 -8.02 17.15
CA ILE C 977 -3.53 -7.55 15.93
C ILE C 977 -4.68 -8.48 15.56
N LEU C 978 -4.48 -9.79 15.73
CA LEU C 978 -5.53 -10.74 15.40
C LEU C 978 -6.76 -10.50 16.25
N SER C 979 -6.58 -10.22 17.54
CA SER C 979 -7.70 -10.09 18.47
C SER C 979 -8.24 -8.68 18.57
N ARG C 980 -7.60 -7.70 17.94
CA ARG C 980 -8.04 -6.32 18.06
C ARG C 980 -8.67 -5.74 16.81
N LEU C 981 -8.46 -6.34 15.64
CA LEU C 981 -8.97 -5.80 14.40
C LEU C 981 -9.66 -6.90 13.59
N ASP C 982 -10.65 -6.49 12.80
CA ASP C 982 -11.31 -7.42 11.92
C ASP C 982 -10.39 -7.77 10.74
N PRO C 983 -10.59 -8.92 10.11
CA PRO C 983 -9.66 -9.36 9.06
C PRO C 983 -9.49 -8.32 7.98
N PRO C 984 -10.58 -7.65 7.55
CA PRO C 984 -10.42 -6.63 6.50
C PRO C 984 -9.47 -5.52 6.90
N GLU C 985 -9.35 -5.23 8.20
CA GLU C 985 -8.41 -4.23 8.68
C GLU C 985 -7.10 -4.83 9.16
N ALA C 986 -7.10 -6.10 9.57
CA ALA C 986 -5.87 -6.75 10.00
C ALA C 986 -5.02 -7.25 8.85
N GLU C 987 -5.58 -7.30 7.64
CA GLU C 987 -4.80 -7.79 6.50
C GLU C 987 -3.60 -6.90 6.25
N VAL C 988 -3.77 -5.58 6.31
CA VAL C 988 -2.66 -4.68 6.03
C VAL C 988 -1.56 -4.84 7.07
N GLN C 989 -1.95 -4.91 8.34
CA GLN C 989 -0.97 -5.04 9.41
C GLN C 989 -0.20 -6.35 9.28
N ILE C 990 -0.93 -7.45 9.05
CA ILE C 990 -0.26 -8.74 8.96
C ILE C 990 0.61 -8.79 7.71
N ASP C 991 0.19 -8.15 6.62
CA ASP C 991 1.04 -8.10 5.43
C ASP C 991 2.32 -7.35 5.71
N ARG C 992 2.23 -6.22 6.44
CA ARG C 992 3.44 -5.49 6.79
C ARG C 992 4.39 -6.35 7.62
N LEU C 993 3.84 -7.01 8.64
CA LEU C 993 4.67 -7.85 9.49
C LEU C 993 5.30 -8.99 8.70
N ILE C 994 4.51 -9.62 7.83
CA ILE C 994 5.03 -10.73 7.04
C ILE C 994 6.14 -10.26 6.13
N THR C 995 5.95 -9.11 5.46
CA THR C 995 6.99 -8.60 4.58
C THR C 995 8.28 -8.35 5.35
N GLY C 996 8.17 -7.68 6.50
CA GLY C 996 9.37 -7.39 7.27
C GLY C 996 10.08 -8.64 7.74
N ARG C 997 9.33 -9.58 8.32
CA ARG C 997 9.94 -10.79 8.85
C ARG C 997 10.54 -11.64 7.74
N LEU C 998 9.85 -11.74 6.61
CA LEU C 998 10.38 -12.51 5.49
C LEU C 998 11.66 -11.89 4.94
N GLN C 999 11.70 -10.56 4.85
CA GLN C 999 12.93 -9.92 4.39
C GLN C 999 14.07 -10.18 5.37
N SER C 1000 13.77 -10.13 6.68
CA SER C 1000 14.79 -10.44 7.67
C SER C 1000 15.28 -11.88 7.51
N LEU C 1001 14.37 -12.81 7.27
CA LEU C 1001 14.76 -14.20 7.10
C LEU C 1001 15.63 -14.39 5.86
N GLN C 1002 15.29 -13.72 4.77
CA GLN C 1002 16.12 -13.82 3.58
C GLN C 1002 17.52 -13.27 3.84
N THR C 1003 17.60 -12.14 4.55
CA THR C 1003 18.91 -11.59 4.87
C THR C 1003 19.72 -12.57 5.72
N TYR C 1004 19.07 -13.18 6.72
CA TYR C 1004 19.77 -14.15 7.55
C TYR C 1004 20.24 -15.34 6.74
N VAL C 1005 19.41 -15.83 5.82
CA VAL C 1005 19.80 -16.99 5.01
C VAL C 1005 20.99 -16.64 4.13
N THR C 1006 20.98 -15.44 3.55
CA THR C 1006 22.12 -15.04 2.71
C THR C 1006 23.39 -14.92 3.54
N GLN C 1007 23.30 -14.32 4.73
CA GLN C 1007 24.47 -14.23 5.59
C GLN C 1007 24.97 -15.62 5.96
N GLN C 1008 24.05 -16.55 6.23
CA GLN C 1008 24.47 -17.91 6.55
C GLN C 1008 25.14 -18.56 5.36
N LEU C 1009 24.62 -18.35 4.15
CA LEU C 1009 25.25 -18.94 2.98
C LEU C 1009 26.68 -18.43 2.83
N ILE C 1010 26.87 -17.12 2.98
CA ILE C 1010 28.22 -16.56 2.80
C ILE C 1010 29.15 -17.07 3.90
N ARG C 1011 28.67 -17.06 5.16
CA ARG C 1011 29.52 -17.51 6.25
C ARG C 1011 29.83 -18.99 6.15
N ALA C 1012 28.89 -19.80 5.65
CA ALA C 1012 29.15 -21.21 5.45
C ALA C 1012 30.13 -21.43 4.30
N ALA C 1013 30.10 -20.57 3.27
CA ALA C 1013 31.12 -20.63 2.25
C ALA C 1013 32.50 -20.36 2.84
N GLU C 1014 32.58 -19.36 3.72
CA GLU C 1014 33.85 -19.07 4.39
C GLU C 1014 34.32 -20.25 5.22
N ILE C 1015 33.41 -20.84 6.01
CA ILE C 1015 33.77 -21.97 6.85
C ILE C 1015 34.16 -23.17 5.99
N ARG C 1016 33.52 -23.33 4.84
CA ARG C 1016 33.86 -24.44 3.96
C ARG C 1016 35.23 -24.24 3.34
N ALA C 1017 35.59 -23.00 3.03
CA ALA C 1017 36.96 -22.73 2.60
C ALA C 1017 37.95 -23.09 3.69
N SER C 1018 37.64 -22.72 4.93
CA SER C 1018 38.52 -23.07 6.04
C SER C 1018 38.58 -24.58 6.25
N ALA C 1019 37.47 -25.28 6.03
CA ALA C 1019 37.46 -26.73 6.21
C ALA C 1019 38.26 -27.43 5.13
N ASN C 1020 38.17 -26.94 3.89
CA ASN C 1020 39.02 -27.49 2.84
C ASN C 1020 40.49 -27.24 3.15
N LEU C 1021 40.82 -26.04 3.65
CA LEU C 1021 42.20 -25.78 4.04
C LEU C 1021 42.65 -26.73 5.14
N ALA C 1022 41.78 -26.98 6.12
CA ALA C 1022 42.14 -27.88 7.21
C ALA C 1022 42.30 -29.31 6.71
N ALA C 1023 41.45 -29.74 5.79
CA ALA C 1023 41.60 -31.07 5.21
C ALA C 1023 42.92 -31.19 4.48
N THR C 1024 43.30 -30.16 3.71
CA THR C 1024 44.58 -30.20 3.02
C THR C 1024 45.73 -30.27 4.02
N LYS C 1025 45.69 -29.46 5.07
CA LYS C 1025 46.76 -29.50 6.07
C LYS C 1025 46.83 -30.86 6.73
N MET C 1026 45.69 -31.46 7.03
CA MET C 1026 45.69 -32.79 7.63
C MET C 1026 46.31 -33.80 6.68
N SER C 1027 45.89 -33.79 5.42
CA SER C 1027 46.39 -34.77 4.46
C SER C 1027 47.89 -34.61 4.21
N GLU C 1028 48.39 -33.38 4.24
CA GLU C 1028 49.78 -33.14 3.86
C GLU C 1028 50.71 -33.13 5.08
N CYS C 1029 50.46 -32.24 6.03
CA CYS C 1029 51.33 -32.14 7.20
C CYS C 1029 51.31 -33.42 8.03
N VAL C 1030 50.12 -33.90 8.38
CA VAL C 1030 50.02 -35.01 9.32
C VAL C 1030 50.35 -36.33 8.64
N LEU C 1031 49.58 -36.71 7.63
CA LEU C 1031 49.79 -37.97 6.94
C LEU C 1031 51.10 -38.02 6.17
N GLY C 1032 51.92 -36.97 6.22
CA GLY C 1032 53.19 -36.97 5.53
C GLY C 1032 54.16 -35.93 6.05
N GLN C 1033 54.90 -35.30 5.15
CA GLN C 1033 55.84 -34.24 5.52
C GLN C 1033 55.91 -33.29 4.33
N SER C 1034 55.52 -32.03 4.55
CA SER C 1034 55.37 -31.07 3.48
C SER C 1034 56.61 -30.21 3.34
N LYS C 1035 56.97 -29.90 2.10
CA LYS C 1035 58.03 -28.95 1.80
C LYS C 1035 57.52 -27.54 1.64
N ARG C 1036 56.21 -27.33 1.76
CA ARG C 1036 55.63 -26.01 1.54
C ARG C 1036 55.93 -25.12 2.73
N VAL C 1037 56.70 -24.06 2.49
CA VAL C 1037 57.19 -23.22 3.59
C VAL C 1037 56.03 -22.53 4.28
N ASP C 1038 56.08 -22.52 5.61
CA ASP C 1038 55.06 -21.87 6.44
C ASP C 1038 53.69 -22.50 6.27
N PHE C 1039 53.58 -23.55 5.46
CA PHE C 1039 52.29 -24.21 5.31
C PHE C 1039 51.97 -25.05 6.54
N CYS C 1040 52.96 -25.78 7.05
CA CYS C 1040 52.79 -26.64 8.21
C CYS C 1040 53.63 -26.14 9.38
N GLY C 1041 53.59 -24.84 9.64
CA GLY C 1041 54.30 -24.27 10.78
C GLY C 1041 55.63 -23.66 10.39
N LYS C 1042 55.96 -22.52 10.96
CA LYS C 1042 57.17 -21.81 10.58
C LYS C 1042 58.40 -22.64 10.90
N GLY C 1043 59.39 -22.58 10.02
CA GLY C 1043 60.55 -23.44 10.12
C GLY C 1043 60.41 -24.64 9.21
N TYR C 1044 61.33 -25.59 9.40
CA TYR C 1044 61.26 -26.83 8.65
C TYR C 1044 60.28 -27.77 9.33
N HIS C 1045 59.41 -28.40 8.55
CA HIS C 1045 58.36 -29.24 9.12
C HIS C 1045 58.86 -30.66 9.29
N LEU C 1046 58.48 -31.28 10.42
CA LEU C 1046 58.84 -32.65 10.71
C LEU C 1046 57.62 -33.56 10.81
N MET C 1047 56.61 -33.17 11.56
CA MET C 1047 55.40 -33.96 11.72
C MET C 1047 54.38 -33.11 12.45
N SER C 1048 53.14 -33.57 12.46
CA SER C 1048 52.05 -32.85 13.11
C SER C 1048 51.18 -33.84 13.86
N PHE C 1049 50.42 -33.31 14.81
CA PHE C 1049 49.55 -34.12 15.66
C PHE C 1049 48.19 -33.45 15.76
N PRO C 1050 47.19 -33.92 15.02
CA PRO C 1050 45.88 -33.28 15.08
C PRO C 1050 45.25 -33.43 16.46
N GLN C 1051 44.42 -32.45 16.81
CA GLN C 1051 43.66 -32.46 18.05
C GLN C 1051 42.28 -31.88 17.75
N SER C 1052 41.26 -32.48 18.35
CA SER C 1052 39.92 -31.96 18.17
C SER C 1052 39.77 -30.63 18.89
N ALA C 1053 38.70 -29.92 18.55
CA ALA C 1053 38.28 -28.76 19.33
C ALA C 1053 36.86 -28.42 18.92
N PRO C 1054 36.09 -27.77 19.78
CA PRO C 1054 34.69 -27.49 19.45
C PRO C 1054 34.57 -26.77 18.12
N HIS C 1055 33.97 -27.43 17.13
CA HIS C 1055 33.78 -26.85 15.81
C HIS C 1055 35.10 -26.44 15.18
N GLY C 1056 36.13 -27.26 15.34
CA GLY C 1056 37.42 -26.93 14.76
C GLY C 1056 38.47 -27.96 15.07
N VAL C 1057 39.64 -27.77 14.45
CA VAL C 1057 40.77 -28.68 14.57
C VAL C 1057 42.03 -27.88 14.85
N VAL C 1058 42.85 -28.39 15.76
CA VAL C 1058 44.08 -27.72 16.17
C VAL C 1058 45.25 -28.64 15.83
N PHE C 1059 46.16 -28.15 15.02
CA PHE C 1059 47.38 -28.89 14.70
C PHE C 1059 48.51 -28.42 15.59
N LEU C 1060 49.37 -29.35 15.97
CA LEU C 1060 50.60 -29.06 16.69
C LEU C 1060 51.75 -29.36 15.75
N HIS C 1061 52.08 -28.40 14.90
CA HIS C 1061 53.15 -28.60 13.92
C HIS C 1061 54.49 -28.67 14.63
N VAL C 1062 55.22 -29.77 14.43
CA VAL C 1062 56.56 -29.91 14.96
C VAL C 1062 57.53 -29.40 13.92
N THR C 1063 58.40 -28.48 14.31
CA THR C 1063 59.29 -27.83 13.37
C THR C 1063 60.72 -27.83 13.88
N TYR C 1064 61.63 -28.30 13.03
CA TYR C 1064 63.06 -28.12 13.22
C TYR C 1064 63.45 -26.72 12.80
N VAL C 1065 64.24 -26.05 13.62
CA VAL C 1065 64.63 -24.66 13.36
C VAL C 1065 66.10 -24.46 13.69
N PRO C 1066 66.93 -24.00 12.75
CA PRO C 1066 68.33 -23.71 13.09
C PRO C 1066 68.43 -22.67 14.19
N ALA C 1067 69.42 -22.84 15.07
CA ALA C 1067 69.48 -22.08 16.32
C ALA C 1067 70.68 -21.14 16.42
N GLN C 1068 71.90 -21.68 16.45
CA GLN C 1068 73.09 -20.89 16.70
C GLN C 1068 74.00 -21.03 15.49
N GLU C 1069 74.21 -19.92 14.78
CA GLU C 1069 74.94 -19.93 13.52
C GLU C 1069 76.33 -19.34 13.69
N LYS C 1070 77.28 -19.86 12.92
CA LYS C 1070 78.66 -19.39 12.94
C LYS C 1070 79.07 -18.96 11.54
N ASN C 1071 79.86 -17.90 11.47
CA ASN C 1071 80.45 -17.45 10.22
C ASN C 1071 81.46 -18.46 9.71
N PHE C 1072 81.60 -18.50 8.39
CA PHE C 1072 82.64 -19.30 7.76
C PHE C 1072 82.98 -18.67 6.42
N THR C 1073 84.23 -18.85 6.01
CA THR C 1073 84.69 -18.37 4.71
C THR C 1073 84.55 -19.52 3.71
N THR C 1074 83.67 -19.33 2.73
CA THR C 1074 83.31 -20.39 1.81
C THR C 1074 84.01 -20.22 0.48
N ALA C 1075 83.68 -21.09 -0.46
CA ALA C 1075 84.22 -21.05 -1.81
C ALA C 1075 83.36 -21.94 -2.70
N PRO C 1076 82.92 -21.46 -3.87
CA PRO C 1076 82.02 -22.28 -4.69
C PRO C 1076 82.64 -23.58 -5.14
N ALA C 1077 83.97 -23.67 -5.21
CA ALA C 1077 84.62 -24.88 -5.68
C ALA C 1077 86.03 -24.90 -5.11
N ILE C 1078 86.78 -25.92 -5.47
CA ILE C 1078 88.16 -26.07 -5.00
C ILE C 1078 88.97 -26.79 -6.06
N CYS C 1079 90.10 -26.21 -6.45
CA CYS C 1079 91.00 -26.83 -7.41
C CYS C 1079 92.02 -27.69 -6.69
N HIS C 1080 92.24 -28.90 -7.23
CA HIS C 1080 93.20 -29.83 -6.67
C HIS C 1080 94.40 -30.02 -7.58
N ASP C 1081 94.16 -30.40 -8.83
CA ASP C 1081 95.22 -30.62 -9.82
C ASP C 1081 94.82 -30.00 -11.15
N GLY C 1082 94.31 -28.77 -11.11
CA GLY C 1082 93.76 -28.13 -12.29
C GLY C 1082 92.31 -28.46 -12.56
N LYS C 1083 91.69 -29.31 -11.76
CA LYS C 1083 90.31 -29.72 -11.95
C LYS C 1083 89.47 -29.16 -10.80
N ALA C 1084 88.40 -28.45 -11.14
CA ALA C 1084 87.52 -27.91 -10.11
C ALA C 1084 86.76 -29.03 -9.44
N HIS C 1085 86.56 -28.90 -8.13
CA HIS C 1085 85.83 -29.87 -7.33
C HIS C 1085 84.62 -29.20 -6.70
N PHE C 1086 83.44 -29.80 -6.89
CA PHE C 1086 82.23 -29.27 -6.30
C PHE C 1086 81.63 -30.31 -5.36
N PRO C 1087 80.99 -29.89 -4.26
CA PRO C 1087 80.50 -30.87 -3.30
C PRO C 1087 79.28 -31.60 -3.81
N ARG C 1088 79.24 -32.92 -3.58
CA ARG C 1088 78.07 -33.68 -4.01
C ARG C 1088 76.82 -33.24 -3.25
N GLU C 1089 76.90 -33.24 -1.92
CA GLU C 1089 75.81 -32.75 -1.07
C GLU C 1089 76.44 -32.05 0.13
N GLY C 1090 76.47 -30.73 0.09
CA GLY C 1090 77.07 -29.95 1.15
C GLY C 1090 77.63 -28.66 0.57
N VAL C 1091 78.42 -27.98 1.39
CA VAL C 1091 79.01 -26.70 1.04
C VAL C 1091 80.39 -26.64 1.64
N PHE C 1092 81.32 -26.00 0.93
CA PHE C 1092 82.68 -25.85 1.42
C PHE C 1092 82.75 -24.70 2.40
N VAL C 1093 83.42 -24.92 3.53
CA VAL C 1093 83.62 -23.90 4.55
C VAL C 1093 85.06 -24.00 5.03
N SER C 1094 85.43 -23.06 5.88
CA SER C 1094 86.80 -23.03 6.42
C SER C 1094 86.83 -22.11 7.62
N ASN C 1095 87.42 -22.59 8.71
CA ASN C 1095 87.60 -21.78 9.91
C ASN C 1095 88.77 -20.83 9.81
N GLY C 1096 89.31 -20.62 8.61
CA GLY C 1096 90.39 -19.68 8.41
C GLY C 1096 91.66 -20.34 7.90
N THR C 1097 91.98 -21.51 8.42
CA THR C 1097 93.23 -22.20 8.11
C THR C 1097 93.02 -23.39 7.18
N HIS C 1098 92.06 -24.26 7.50
CA HIS C 1098 91.82 -25.47 6.73
C HIS C 1098 90.41 -25.46 6.17
N TRP C 1099 90.22 -26.20 5.08
CA TRP C 1099 88.95 -26.26 4.37
C TRP C 1099 88.27 -27.59 4.61
N PHE C 1100 86.96 -27.54 4.84
CA PHE C 1100 86.13 -28.72 5.03
C PHE C 1100 84.90 -28.61 4.15
N VAL C 1101 84.17 -29.71 4.03
CA VAL C 1101 82.88 -29.76 3.36
C VAL C 1101 81.86 -30.23 4.38
N THR C 1102 80.82 -29.42 4.61
CA THR C 1102 79.83 -29.71 5.63
C THR C 1102 78.44 -29.53 5.07
N GLN C 1103 77.50 -30.31 5.59
CA GLN C 1103 76.13 -30.21 5.12
C GLN C 1103 75.55 -28.84 5.45
N ARG C 1104 74.61 -28.40 4.62
CA ARG C 1104 74.20 -27.00 4.65
C ARG C 1104 73.58 -26.62 5.99
N ASN C 1105 72.70 -27.45 6.52
CA ASN C 1105 71.84 -27.07 7.64
C ASN C 1105 72.41 -27.46 9.00
N PHE C 1106 73.64 -27.97 9.06
CA PHE C 1106 74.22 -28.33 10.35
C PHE C 1106 75.73 -28.46 10.19
N TYR C 1107 76.48 -27.74 11.01
CA TYR C 1107 77.94 -27.69 10.88
C TYR C 1107 78.52 -29.00 11.38
N GLU C 1108 78.86 -29.88 10.44
CA GLU C 1108 79.56 -31.13 10.73
C GLU C 1108 80.73 -31.23 9.77
N PRO C 1109 81.83 -30.53 10.04
CA PRO C 1109 82.93 -30.48 9.07
C PRO C 1109 83.53 -31.86 8.84
N GLN C 1110 83.90 -32.12 7.60
CA GLN C 1110 84.56 -33.35 7.21
C GLN C 1110 85.68 -33.01 6.24
N ILE C 1111 86.69 -33.88 6.20
CA ILE C 1111 87.80 -33.64 5.30
C ILE C 1111 87.30 -33.69 3.86
N ILE C 1112 87.95 -32.93 2.98
CA ILE C 1112 87.55 -32.83 1.59
C ILE C 1112 88.23 -33.96 0.84
N THR C 1113 87.49 -35.05 0.64
CA THR C 1113 88.00 -36.19 -0.11
C THR C 1113 87.34 -36.23 -1.48
N THR C 1114 87.79 -37.18 -2.30
CA THR C 1114 87.21 -37.40 -3.61
C THR C 1114 85.88 -38.15 -3.55
N ASP C 1115 85.37 -38.40 -2.35
CA ASP C 1115 84.06 -38.99 -2.16
C ASP C 1115 82.97 -37.96 -1.92
N ASN C 1116 83.29 -36.86 -1.23
CA ASN C 1116 82.33 -35.78 -1.03
C ASN C 1116 82.15 -34.93 -2.29
N THR C 1117 83.13 -34.93 -3.18
CA THR C 1117 83.18 -33.98 -4.29
C THR C 1117 83.19 -34.70 -5.62
N PHE C 1118 82.71 -34.01 -6.65
CA PHE C 1118 82.79 -34.44 -8.03
C PHE C 1118 83.49 -33.37 -8.84
N VAL C 1119 84.27 -33.81 -9.82
CA VAL C 1119 85.10 -32.91 -10.62
C VAL C 1119 84.34 -32.49 -11.86
N SER C 1120 84.64 -31.29 -12.35
CA SER C 1120 84.06 -30.83 -13.61
C SER C 1120 84.91 -29.69 -14.15
N GLY C 1121 85.56 -29.93 -15.29
CA GLY C 1121 86.25 -28.86 -16.00
C GLY C 1121 87.57 -28.46 -15.37
N ASN C 1122 88.15 -27.40 -15.94
CA ASN C 1122 89.44 -26.89 -15.51
C ASN C 1122 89.25 -25.93 -14.34
N CYS C 1123 90.31 -25.20 -14.00
CA CYS C 1123 90.35 -24.34 -12.83
C CYS C 1123 90.33 -22.86 -13.22
N ASP C 1124 89.56 -22.51 -14.24
CA ASP C 1124 89.52 -21.12 -14.70
C ASP C 1124 88.11 -20.56 -14.81
N VAL C 1125 87.14 -21.37 -15.23
CA VAL C 1125 85.81 -20.82 -15.47
C VAL C 1125 85.13 -20.43 -14.16
N VAL C 1126 85.25 -21.27 -13.14
CA VAL C 1126 84.55 -21.00 -11.88
C VAL C 1126 85.09 -19.70 -11.29
N ILE C 1127 84.17 -18.88 -10.78
CA ILE C 1127 84.50 -17.59 -10.20
C ILE C 1127 84.50 -17.73 -8.69
N GLY C 1128 85.60 -17.30 -8.05
CA GLY C 1128 85.74 -17.43 -6.62
C GLY C 1128 86.39 -18.72 -6.16
N ILE C 1129 86.99 -19.48 -7.06
CA ILE C 1129 87.59 -20.74 -6.68
C ILE C 1129 88.81 -20.51 -5.81
N VAL C 1130 89.18 -21.53 -5.04
CA VAL C 1130 90.33 -21.47 -4.15
C VAL C 1130 91.13 -22.75 -4.29
N ASN C 1131 92.38 -22.69 -3.84
CA ASN C 1131 93.28 -23.83 -3.89
C ASN C 1131 93.22 -24.62 -2.59
N ASN C 1132 93.28 -25.94 -2.70
CA ASN C 1132 93.36 -26.80 -1.53
C ASN C 1132 93.74 -28.20 -1.97
N THR C 1133 94.17 -29.01 -1.02
CA THR C 1133 94.57 -30.39 -1.27
C THR C 1133 93.41 -31.29 -0.95
N VAL C 1134 92.84 -31.92 -1.98
CA VAL C 1134 91.72 -32.84 -1.82
C VAL C 1134 92.30 -34.22 -1.54
N TYR C 1135 92.30 -34.61 -0.27
CA TYR C 1135 92.88 -35.89 0.13
C TYR C 1135 92.12 -37.05 -0.51
N ASP C 1136 92.85 -38.10 -0.83
CA ASP C 1136 92.27 -39.28 -1.48
C ASP C 1136 92.56 -40.52 -0.63
N PRO C 1137 91.54 -41.16 -0.05
CA PRO C 1137 91.81 -42.36 0.77
C PRO C 1137 92.44 -43.50 -0.02
N LEU C 1138 92.29 -43.52 -1.34
CA LEU C 1138 92.81 -44.63 -2.12
C LEU C 1138 94.34 -44.71 -2.05
N GLN C 1139 95.00 -43.55 -2.07
CA GLN C 1139 96.46 -43.54 -2.16
C GLN C 1139 97.12 -44.20 -0.96
N PRO C 1140 96.80 -43.84 0.29
CA PRO C 1140 97.48 -44.52 1.42
C PRO C 1140 97.27 -46.01 1.43
N GLU C 1141 96.09 -46.48 1.04
CA GLU C 1141 95.86 -47.92 0.94
C GLU C 1141 96.71 -48.53 -0.17
N LEU C 1142 96.86 -47.82 -1.29
CA LEU C 1142 97.72 -48.33 -2.36
C LEU C 1142 99.16 -48.45 -1.89
N ASP C 1143 99.63 -47.48 -1.09
CA ASP C 1143 100.98 -47.57 -0.55
C ASP C 1143 101.13 -48.80 0.33
N SER C 1144 100.13 -49.08 1.17
CA SER C 1144 100.15 -50.25 2.03
C SER C 1144 100.14 -51.52 1.19
N ASP D 1 -43.74 -20.87 -37.21
CA ASP D 1 -44.10 -19.60 -36.51
C ASP D 1 -45.21 -19.85 -35.50
N ILE D 2 -45.54 -18.82 -34.72
CA ILE D 2 -46.58 -18.89 -33.71
C ILE D 2 -47.80 -18.14 -34.23
N VAL D 3 -48.94 -18.82 -34.26
CA VAL D 3 -50.18 -18.22 -34.74
C VAL D 3 -50.79 -17.38 -33.63
N MET D 4 -51.08 -16.12 -33.94
CA MET D 4 -51.68 -15.19 -32.98
C MET D 4 -53.11 -14.90 -33.39
N THR D 5 -54.04 -15.13 -32.46
CA THR D 5 -55.46 -14.91 -32.70
C THR D 5 -55.99 -13.88 -31.71
N GLN D 6 -56.67 -12.86 -32.21
CA GLN D 6 -57.28 -11.83 -31.39
C GLN D 6 -58.79 -12.03 -31.38
N SER D 7 -59.38 -11.98 -30.19
CA SER D 7 -60.82 -12.09 -30.05
C SER D 7 -61.34 -11.00 -29.12
N PRO D 8 -62.54 -10.46 -29.40
CA PRO D 8 -63.37 -10.76 -30.58
C PRO D 8 -62.85 -10.05 -31.82
N GLY D 9 -63.35 -10.44 -33.00
CA GLY D 9 -62.96 -9.75 -34.22
C GLY D 9 -63.32 -8.28 -34.17
N THR D 10 -64.51 -7.96 -33.66
CA THR D 10 -64.92 -6.58 -33.41
C THR D 10 -65.61 -6.52 -32.06
N LEU D 11 -65.15 -5.62 -31.20
CA LEU D 11 -65.67 -5.48 -29.85
C LEU D 11 -66.63 -4.30 -29.81
N SER D 12 -67.91 -4.58 -29.55
CA SER D 12 -68.95 -3.56 -29.53
C SER D 12 -69.32 -3.29 -28.07
N LEU D 13 -68.65 -2.31 -27.47
CA LEU D 13 -68.92 -1.90 -26.10
C LEU D 13 -69.04 -0.39 -26.04
N SER D 14 -69.93 0.10 -25.17
CA SER D 14 -70.18 1.52 -25.04
C SER D 14 -69.05 2.20 -24.27
N PRO D 15 -68.85 3.50 -24.48
CA PRO D 15 -67.86 4.22 -23.67
C PRO D 15 -68.21 4.19 -22.20
N GLY D 16 -67.17 4.14 -21.36
CA GLY D 16 -67.33 4.03 -19.93
C GLY D 16 -67.42 2.61 -19.42
N GLU D 17 -67.45 1.62 -20.31
CA GLU D 17 -67.52 0.23 -19.92
C GLU D 17 -66.11 -0.36 -19.80
N ARG D 18 -66.04 -1.65 -19.49
CA ARG D 18 -64.76 -2.34 -19.35
C ARG D 18 -64.53 -3.20 -20.58
N ALA D 19 -63.56 -2.81 -21.40
CA ALA D 19 -63.26 -3.53 -22.63
C ALA D 19 -62.24 -4.63 -22.38
N THR D 20 -62.47 -5.81 -22.98
CA THR D 20 -61.60 -6.96 -22.82
C THR D 20 -61.23 -7.50 -24.19
N LEU D 21 -59.94 -7.70 -24.43
CA LEU D 21 -59.44 -8.28 -25.68
C LEU D 21 -58.52 -9.43 -25.34
N SER D 22 -58.72 -10.58 -26.00
CA SER D 22 -57.95 -11.79 -25.72
C SER D 22 -57.03 -12.08 -26.89
N CYS D 23 -55.75 -12.34 -26.59
CA CYS D 23 -54.75 -12.71 -27.57
C CYS D 23 -54.24 -14.10 -27.23
N ARG D 24 -54.34 -15.01 -28.18
CA ARG D 24 -53.98 -16.41 -27.98
C ARG D 24 -52.88 -16.81 -28.95
N ALA D 25 -51.90 -17.54 -28.44
CA ALA D 25 -50.74 -17.97 -29.21
C ALA D 25 -50.78 -19.49 -29.38
N SER D 26 -50.39 -19.95 -30.57
CA SER D 26 -50.31 -21.39 -30.81
C SER D 26 -49.25 -22.03 -29.92
N GLN D 27 -48.16 -21.33 -29.64
CA GLN D 27 -47.07 -21.83 -28.81
C GLN D 27 -46.70 -20.77 -27.79
N SER D 28 -46.30 -21.23 -26.61
CA SER D 28 -45.95 -20.32 -25.53
C SER D 28 -44.69 -19.54 -25.88
N PHE D 29 -44.62 -18.32 -25.36
CA PHE D 29 -43.48 -17.43 -25.59
C PHE D 29 -42.33 -17.88 -24.69
N THR D 30 -41.56 -18.85 -25.19
CA THR D 30 -40.43 -19.37 -24.41
C THR D 30 -39.41 -18.28 -24.14
N SER D 31 -39.06 -17.50 -25.17
CA SER D 31 -38.09 -16.42 -25.04
C SER D 31 -38.54 -15.21 -25.85
N SER D 32 -39.84 -14.95 -25.85
CA SER D 32 -40.43 -13.85 -26.61
C SER D 32 -41.20 -12.92 -25.68
N TYR D 33 -41.80 -11.90 -26.27
CA TYR D 33 -42.56 -10.90 -25.53
C TYR D 33 -43.79 -10.53 -26.35
N LEU D 34 -44.79 -9.96 -25.67
CA LEU D 34 -46.04 -9.57 -26.31
C LEU D 34 -46.30 -8.09 -26.04
N ALA D 35 -46.89 -7.43 -27.03
CA ALA D 35 -47.23 -6.02 -26.94
C ALA D 35 -48.61 -5.79 -27.52
N TRP D 36 -49.27 -4.75 -27.01
CA TRP D 36 -50.59 -4.35 -27.48
C TRP D 36 -50.49 -2.96 -28.11
N TYR D 37 -50.94 -2.85 -29.36
CA TYR D 37 -50.95 -1.61 -30.12
C TYR D 37 -52.38 -1.19 -30.42
N GLN D 38 -52.59 0.12 -30.51
CA GLN D 38 -53.84 0.68 -30.99
C GLN D 38 -53.54 1.56 -32.20
N GLN D 39 -54.28 1.34 -33.28
CA GLN D 39 -54.12 2.11 -34.52
C GLN D 39 -55.48 2.63 -34.94
N LYS D 40 -55.56 3.93 -35.21
CA LYS D 40 -56.77 4.46 -35.82
C LYS D 40 -56.66 4.39 -37.34
N PRO D 41 -57.79 4.28 -38.05
CA PRO D 41 -57.71 4.23 -39.51
C PRO D 41 -57.03 5.47 -40.07
N GLY D 42 -56.21 5.25 -41.11
CA GLY D 42 -55.47 6.34 -41.70
C GLY D 42 -54.36 6.90 -40.83
N GLN D 43 -53.94 6.16 -39.82
CA GLN D 43 -52.89 6.60 -38.91
C GLN D 43 -51.91 5.48 -38.66
N ALA D 44 -50.68 5.84 -38.31
CA ALA D 44 -49.67 4.85 -38.01
C ALA D 44 -50.01 4.15 -36.68
N PRO D 45 -49.64 2.88 -36.54
CA PRO D 45 -49.94 2.17 -35.29
C PRO D 45 -49.31 2.86 -34.08
N ARG D 46 -50.03 2.83 -32.96
CA ARG D 46 -49.55 3.37 -31.70
C ARG D 46 -49.45 2.24 -30.69
N LEU D 47 -48.29 2.13 -30.04
CA LEU D 47 -48.09 1.13 -29.00
C LEU D 47 -48.78 1.56 -27.72
N LEU D 48 -49.54 0.65 -27.11
CA LEU D 48 -50.19 0.89 -25.83
C LEU D 48 -49.46 0.22 -24.68
N ILE D 49 -49.22 -1.08 -24.78
CA ILE D 49 -48.59 -1.86 -23.73
C ILE D 49 -47.38 -2.57 -24.30
N TYR D 50 -46.23 -2.40 -23.65
CA TYR D 50 -44.99 -3.06 -24.05
C TYR D 50 -44.62 -4.09 -22.99
N GLY D 51 -44.15 -5.26 -23.45
CA GLY D 51 -43.89 -6.35 -22.53
C GLY D 51 -45.14 -7.06 -22.05
N ALA D 52 -46.31 -6.70 -22.58
CA ALA D 52 -47.60 -7.29 -22.25
C ALA D 52 -48.09 -6.89 -20.87
N SER D 53 -47.28 -6.22 -20.06
CA SER D 53 -47.69 -5.88 -18.71
C SER D 53 -47.25 -4.48 -18.27
N SER D 54 -46.65 -3.69 -19.15
CA SER D 54 -46.11 -2.39 -18.78
C SER D 54 -46.76 -1.30 -19.62
N ARG D 55 -47.13 -0.21 -18.97
CA ARG D 55 -47.73 0.93 -19.63
C ARG D 55 -46.64 1.84 -20.18
N ALA D 56 -46.80 2.24 -21.45
CA ALA D 56 -45.82 3.12 -22.07
C ALA D 56 -46.08 4.57 -21.65
N THR D 57 -45.14 5.44 -22.00
CA THR D 57 -45.25 6.85 -21.65
C THR D 57 -46.49 7.46 -22.30
N GLY D 58 -47.27 8.20 -21.51
CA GLY D 58 -48.47 8.84 -22.01
C GLY D 58 -49.68 7.93 -22.12
N ILE D 59 -49.54 6.65 -21.78
CA ILE D 59 -50.65 5.71 -21.88
C ILE D 59 -51.58 5.92 -20.69
N PRO D 60 -52.88 6.15 -20.91
CA PRO D 60 -53.80 6.28 -19.77
C PRO D 60 -53.81 5.03 -18.91
N ASP D 61 -54.00 5.22 -17.60
CA ASP D 61 -53.99 4.12 -16.66
C ASP D 61 -55.10 3.11 -16.88
N ARG D 62 -56.15 3.48 -17.62
CA ARG D 62 -57.24 2.54 -17.86
C ARG D 62 -56.76 1.31 -18.61
N PHE D 63 -55.69 1.43 -19.40
CA PHE D 63 -55.16 0.30 -20.15
C PHE D 63 -54.27 -0.55 -19.26
N SER D 64 -54.52 -1.86 -19.28
CA SER D 64 -53.72 -2.82 -18.52
C SER D 64 -53.54 -4.09 -19.33
N GLY D 65 -52.43 -4.78 -19.10
CA GLY D 65 -52.13 -6.02 -19.80
C GLY D 65 -51.76 -7.13 -18.85
N THR D 66 -52.48 -8.25 -18.92
CA THR D 66 -52.25 -9.39 -18.03
C THR D 66 -52.21 -10.66 -18.87
N GLY D 67 -51.99 -11.78 -18.19
CA GLY D 67 -52.00 -13.09 -18.81
C GLY D 67 -50.64 -13.76 -18.73
N SER D 68 -50.59 -14.96 -19.30
CA SER D 68 -49.38 -15.78 -19.24
C SER D 68 -49.46 -16.84 -20.33
N GLY D 69 -48.36 -17.59 -20.46
CA GLY D 69 -48.29 -18.68 -21.40
C GLY D 69 -48.66 -18.28 -22.80
N THR D 70 -49.79 -18.78 -23.29
CA THR D 70 -50.28 -18.47 -24.62
C THR D 70 -51.45 -17.50 -24.61
N ASP D 71 -52.08 -17.27 -23.46
CA ASP D 71 -53.29 -16.46 -23.37
C ASP D 71 -52.98 -15.18 -22.62
N PHE D 72 -53.31 -14.05 -23.24
CA PHE D 72 -53.09 -12.74 -22.65
C PHE D 72 -54.33 -11.87 -22.87
N THR D 73 -54.48 -10.85 -22.03
CA THR D 73 -55.67 -10.02 -22.03
C THR D 73 -55.29 -8.56 -21.92
N LEU D 74 -55.90 -7.74 -22.77
CA LEU D 74 -55.86 -6.29 -22.67
C LEU D 74 -57.18 -5.81 -22.09
N THR D 75 -57.10 -5.03 -21.01
CA THR D 75 -58.26 -4.58 -20.27
C THR D 75 -58.29 -3.06 -20.24
N ILE D 76 -59.43 -2.48 -20.57
CA ILE D 76 -59.68 -1.05 -20.43
C ILE D 76 -60.74 -0.89 -19.35
N SER D 77 -60.34 -0.30 -18.21
CA SER D 77 -61.27 -0.15 -17.09
C SER D 77 -62.46 0.71 -17.48
N ARG D 78 -62.21 1.84 -18.14
CA ARG D 78 -63.27 2.75 -18.57
C ARG D 78 -63.06 3.06 -20.04
N LEU D 79 -63.93 2.51 -20.89
CA LEU D 79 -63.83 2.77 -22.32
C LEU D 79 -64.10 4.23 -22.61
N GLU D 80 -63.39 4.78 -23.58
CA GLU D 80 -63.43 6.21 -23.89
C GLU D 80 -63.66 6.40 -25.38
N PRO D 81 -64.19 7.56 -25.77
CA PRO D 81 -64.38 7.82 -27.20
C PRO D 81 -63.09 7.74 -28.00
N GLU D 82 -61.97 8.17 -27.41
CA GLU D 82 -60.68 8.08 -28.09
C GLU D 82 -60.18 6.64 -28.20
N ASP D 83 -60.77 5.71 -27.45
CA ASP D 83 -60.31 4.32 -27.42
C ASP D 83 -60.94 3.48 -28.53
N PHE D 84 -61.90 3.99 -29.28
CA PHE D 84 -62.58 3.23 -30.31
C PHE D 84 -61.74 3.26 -31.58
N ALA D 85 -60.92 2.23 -31.76
CA ALA D 85 -60.03 2.13 -32.91
C ALA D 85 -59.70 0.65 -33.12
N VAL D 86 -58.75 0.39 -34.01
CA VAL D 86 -58.30 -0.98 -34.25
C VAL D 86 -57.23 -1.33 -33.22
N TYR D 87 -57.20 -2.60 -32.81
CA TYR D 87 -56.27 -3.06 -31.80
C TYR D 87 -55.54 -4.30 -32.30
N TYR D 88 -54.28 -4.43 -31.89
CA TYR D 88 -53.44 -5.54 -32.32
C TYR D 88 -52.63 -6.04 -31.14
N CYS D 89 -52.32 -7.34 -31.16
CA CYS D 89 -51.35 -7.93 -30.24
C CYS D 89 -50.23 -8.54 -31.08
N GLN D 90 -49.00 -8.16 -30.77
CA GLN D 90 -47.82 -8.52 -31.55
C GLN D 90 -46.84 -9.26 -30.67
N GLN D 91 -46.38 -10.42 -31.14
CA GLN D 91 -45.27 -11.11 -30.49
C GLN D 91 -43.97 -10.67 -31.13
N TYR D 92 -42.97 -10.45 -30.29
CA TYR D 92 -41.70 -9.88 -30.74
C TYR D 92 -40.63 -10.23 -29.71
N GLY D 93 -39.40 -10.38 -30.20
CA GLY D 93 -38.32 -10.73 -29.30
C GLY D 93 -36.97 -10.54 -29.96
N THR D 94 -35.92 -10.95 -29.23
CA THR D 94 -34.57 -10.79 -29.75
C THR D 94 -34.39 -11.58 -31.04
N SER D 95 -34.88 -12.80 -31.09
CA SER D 95 -34.78 -13.59 -32.30
C SER D 95 -35.69 -13.00 -33.37
N PRO D 96 -35.18 -12.71 -34.57
CA PRO D 96 -36.03 -12.07 -35.58
C PRO D 96 -37.23 -12.90 -35.97
N ARG D 97 -37.16 -14.22 -35.84
CA ARG D 97 -38.28 -15.09 -36.21
C ARG D 97 -39.49 -14.91 -35.31
N MET D 98 -39.34 -14.25 -34.16
CA MET D 98 -40.42 -14.11 -33.20
C MET D 98 -41.33 -12.92 -33.50
N TYR D 99 -41.29 -12.40 -34.72
CA TYR D 99 -42.07 -11.21 -35.09
C TYR D 99 -43.25 -11.65 -35.96
N THR D 100 -44.45 -11.61 -35.38
CA THR D 100 -45.68 -11.88 -36.10
C THR D 100 -46.80 -11.05 -35.49
N PHE D 101 -47.90 -10.95 -36.22
CA PHE D 101 -49.05 -10.15 -35.80
C PHE D 101 -50.32 -10.98 -35.89
N GLY D 102 -51.32 -10.56 -35.14
CA GLY D 102 -52.64 -11.16 -35.22
C GLY D 102 -53.45 -10.58 -36.36
N GLN D 103 -54.71 -10.98 -36.41
CA GLN D 103 -55.62 -10.49 -37.44
C GLN D 103 -56.22 -9.12 -37.10
N GLY D 104 -55.99 -8.62 -35.91
CA GLY D 104 -56.50 -7.31 -35.50
C GLY D 104 -57.84 -7.41 -34.79
N THR D 105 -58.23 -6.30 -34.18
CA THR D 105 -59.48 -6.21 -33.43
C THR D 105 -59.97 -4.78 -33.49
N LYS D 106 -61.26 -4.62 -33.81
CA LYS D 106 -61.89 -3.31 -33.92
C LYS D 106 -62.80 -3.07 -32.72
N VAL D 107 -62.71 -1.86 -32.16
CA VAL D 107 -63.54 -1.45 -31.03
C VAL D 107 -64.41 -0.29 -31.49
N ASP D 108 -65.73 -0.44 -31.36
CA ASP D 108 -66.68 0.55 -31.81
C ASP D 108 -67.73 0.79 -30.74
N ILE D 109 -68.36 1.96 -30.79
CA ILE D 109 -69.36 2.32 -29.80
C ILE D 109 -70.54 1.36 -29.92
N LYS D 110 -70.86 0.68 -28.83
CA LYS D 110 -72.00 -0.23 -28.83
C LYS D 110 -73.29 0.55 -29.03
N ARG D 111 -74.18 -0.01 -29.86
CA ARG D 111 -75.43 0.67 -30.20
C ARG D 111 -76.48 -0.40 -30.50
N THR D 112 -77.75 0.00 -30.37
CA THR D 112 -78.83 -0.88 -30.77
C THR D 112 -78.67 -1.27 -32.23
N VAL D 113 -78.93 -2.54 -32.53
CA VAL D 113 -78.69 -3.05 -33.88
C VAL D 113 -79.54 -2.24 -34.85
N ALA D 114 -78.89 -1.52 -35.75
CA ALA D 114 -79.56 -0.64 -36.70
C ALA D 114 -79.64 -1.33 -38.05
N ALA D 115 -80.85 -1.45 -38.59
CA ALA D 115 -81.03 -2.03 -39.90
C ALA D 115 -80.52 -1.07 -40.97
N PRO D 116 -79.69 -1.52 -41.91
CA PRO D 116 -79.23 -0.61 -42.97
C PRO D 116 -80.38 -0.09 -43.81
N SER D 117 -80.32 1.19 -44.16
CA SER D 117 -81.19 1.74 -45.19
C SER D 117 -80.57 1.41 -46.53
N VAL D 118 -81.21 0.51 -47.28
CA VAL D 118 -80.65 -0.03 -48.51
C VAL D 118 -81.22 0.75 -49.68
N PHE D 119 -80.33 1.34 -50.48
CA PHE D 119 -80.70 2.07 -51.68
C PHE D 119 -79.89 1.55 -52.85
N ILE D 120 -80.48 1.63 -54.04
CA ILE D 120 -79.83 1.19 -55.28
C ILE D 120 -79.86 2.34 -56.28
N PHE D 121 -78.71 2.61 -56.90
CA PHE D 121 -78.56 3.68 -57.86
C PHE D 121 -78.08 3.10 -59.18
N PRO D 122 -78.83 3.24 -60.27
CA PRO D 122 -78.34 2.82 -61.59
C PRO D 122 -77.22 3.73 -62.06
N PRO D 123 -76.41 3.29 -63.01
CA PRO D 123 -75.38 4.17 -63.57
C PRO D 123 -76.00 5.39 -64.23
N SER D 124 -75.32 6.52 -64.09
CA SER D 124 -75.78 7.75 -64.72
C SER D 124 -75.61 7.65 -66.24
N ASP D 125 -76.45 8.39 -66.96
CA ASP D 125 -76.34 8.40 -68.42
C ASP D 125 -74.98 8.93 -68.84
N GLU D 126 -74.48 9.94 -68.14
CA GLU D 126 -73.15 10.48 -68.46
C GLU D 126 -72.09 9.40 -68.33
N GLN D 127 -72.17 8.58 -67.27
CA GLN D 127 -71.23 7.48 -67.13
C GLN D 127 -71.39 6.46 -68.26
N LEU D 128 -72.64 6.19 -68.67
CA LEU D 128 -72.85 5.28 -69.78
C LEU D 128 -72.21 5.81 -71.06
N LYS D 129 -72.20 7.13 -71.24
CA LYS D 129 -71.53 7.68 -72.42
C LYS D 129 -70.04 7.37 -72.43
N SER D 130 -69.46 7.06 -71.28
CA SER D 130 -68.04 6.72 -71.17
C SER D 130 -67.78 5.25 -71.47
N GLY D 131 -68.80 4.46 -71.73
CA GLY D 131 -68.63 3.05 -72.02
C GLY D 131 -68.55 2.15 -70.80
N THR D 132 -68.81 2.68 -69.61
CA THR D 132 -68.78 1.89 -68.38
C THR D 132 -70.05 2.16 -67.59
N ALA D 133 -70.51 1.14 -66.87
CA ALA D 133 -71.70 1.21 -66.04
C ALA D 133 -71.36 0.81 -64.62
N SER D 134 -71.70 1.66 -63.66
CA SER D 134 -71.49 1.39 -62.25
C SER D 134 -72.82 1.46 -61.52
N VAL D 135 -73.19 0.35 -60.88
CA VAL D 135 -74.40 0.27 -60.05
C VAL D 135 -73.97 0.40 -58.59
N VAL D 136 -74.63 1.29 -57.86
CA VAL D 136 -74.23 1.60 -56.49
C VAL D 136 -75.28 1.07 -55.52
N CYS D 137 -74.81 0.37 -54.49
CA CYS D 137 -75.66 -0.11 -53.40
C CYS D 137 -75.22 0.59 -52.13
N LEU D 138 -76.16 1.28 -51.47
CA LEU D 138 -75.87 2.08 -50.29
C LEU D 138 -76.57 1.47 -49.08
N LEU D 139 -75.79 1.19 -48.04
CA LEU D 139 -76.30 0.76 -46.74
C LEU D 139 -76.03 1.91 -45.79
N ASN D 140 -77.04 2.75 -45.57
CA ASN D 140 -76.89 3.95 -44.76
C ASN D 140 -77.32 3.68 -43.33
N ASN D 141 -76.47 4.08 -42.38
CA ASN D 141 -76.80 4.09 -40.96
C ASN D 141 -77.16 2.70 -40.46
N PHE D 142 -76.18 1.80 -40.47
CA PHE D 142 -76.32 0.46 -39.95
C PHE D 142 -75.27 0.18 -38.89
N TYR D 143 -75.65 -0.61 -37.89
CA TYR D 143 -74.74 -1.04 -36.83
C TYR D 143 -75.18 -2.43 -36.41
N PRO D 144 -74.25 -3.39 -36.23
CA PRO D 144 -72.78 -3.25 -36.33
C PRO D 144 -72.29 -3.14 -37.77
N ARG D 145 -70.99 -2.86 -37.92
CA ARG D 145 -70.43 -2.70 -39.26
C ARG D 145 -70.54 -3.98 -40.08
N GLU D 146 -70.56 -5.12 -39.42
CA GLU D 146 -70.57 -6.41 -40.12
C GLU D 146 -71.81 -6.56 -40.99
N ALA D 147 -71.62 -6.58 -42.31
CA ALA D 147 -72.71 -6.73 -43.25
C ALA D 147 -72.19 -7.47 -44.47
N LYS D 148 -73.12 -8.07 -45.22
CA LYS D 148 -72.79 -8.81 -46.43
C LYS D 148 -73.61 -8.26 -47.59
N VAL D 149 -72.95 -7.99 -48.71
CA VAL D 149 -73.59 -7.46 -49.90
C VAL D 149 -73.33 -8.41 -51.06
N GLN D 150 -74.38 -8.81 -51.76
CA GLN D 150 -74.29 -9.69 -52.91
C GLN D 150 -74.93 -9.03 -54.12
N TRP D 151 -74.22 -9.03 -55.25
CA TRP D 151 -74.72 -8.43 -56.47
C TRP D 151 -75.37 -9.49 -57.35
N LYS D 152 -76.60 -9.22 -57.80
CA LYS D 152 -77.36 -10.12 -58.65
C LYS D 152 -77.75 -9.38 -59.92
N VAL D 153 -77.18 -9.79 -61.05
CA VAL D 153 -77.55 -9.26 -62.36
C VAL D 153 -78.32 -10.35 -63.09
N ASP D 154 -79.59 -10.08 -63.39
CA ASP D 154 -80.47 -11.06 -64.01
C ASP D 154 -80.46 -12.38 -63.23
N ASN D 155 -80.53 -12.24 -61.90
CA ASN D 155 -80.54 -13.39 -60.99
C ASN D 155 -79.26 -14.22 -61.10
N ALA D 156 -78.15 -13.58 -61.50
CA ALA D 156 -76.85 -14.22 -61.57
C ALA D 156 -75.91 -13.52 -60.60
N LEU D 157 -75.27 -14.28 -59.73
CA LEU D 157 -74.34 -13.70 -58.77
C LEU D 157 -73.12 -13.15 -59.48
N GLN D 158 -72.67 -11.97 -59.05
CA GLN D 158 -71.53 -11.29 -59.64
C GLN D 158 -70.42 -11.18 -58.60
N SER D 159 -69.22 -11.60 -58.98
CA SER D 159 -68.05 -11.52 -58.10
C SER D 159 -66.84 -11.10 -58.92
N GLY D 160 -65.89 -10.45 -58.26
CA GLY D 160 -64.69 -9.98 -58.90
C GLY D 160 -64.84 -8.71 -59.71
N ASN D 161 -66.03 -8.10 -59.70
CA ASN D 161 -66.27 -6.87 -60.45
C ASN D 161 -66.94 -5.81 -59.59
N SER D 162 -66.86 -5.94 -58.26
CA SER D 162 -67.45 -4.98 -57.34
C SER D 162 -66.45 -4.62 -56.25
N GLN D 163 -66.53 -3.38 -55.80
CA GLN D 163 -65.65 -2.85 -54.76
C GLN D 163 -66.49 -2.15 -53.70
N GLU D 164 -66.16 -2.40 -52.43
CA GLU D 164 -66.92 -1.87 -51.32
C GLU D 164 -66.08 -0.88 -50.51
N SER D 165 -66.70 0.24 -50.13
CA SER D 165 -66.08 1.25 -49.30
C SER D 165 -66.98 1.50 -48.09
N VAL D 166 -66.42 1.39 -46.90
CA VAL D 166 -67.17 1.51 -45.65
CA VAL D 166 -67.17 1.51 -45.65
C VAL D 166 -66.61 2.70 -44.86
N THR D 167 -67.49 3.59 -44.44
CA THR D 167 -67.09 4.73 -43.63
C THR D 167 -66.91 4.30 -42.17
N GLU D 168 -66.30 5.19 -41.39
CA GLU D 168 -66.12 4.93 -39.97
C GLU D 168 -67.46 5.08 -39.23
N GLN D 169 -67.47 4.66 -37.97
CA GLN D 169 -68.67 4.75 -37.17
C GLN D 169 -69.13 6.20 -37.07
N ASP D 170 -70.42 6.42 -37.28
CA ASP D 170 -70.96 7.78 -37.25
C ASP D 170 -70.83 8.36 -35.85
N SER D 171 -70.55 9.65 -35.78
CA SER D 171 -70.34 10.32 -34.50
C SER D 171 -71.64 10.73 -33.82
N LYS D 172 -72.79 10.55 -34.47
CA LYS D 172 -74.08 10.95 -33.92
C LYS D 172 -74.93 9.74 -33.53
N ASP D 173 -75.18 8.83 -34.48
CA ASP D 173 -76.00 7.65 -34.23
C ASP D 173 -75.18 6.40 -34.01
N SER D 174 -73.85 6.50 -34.01
CA SER D 174 -72.97 5.35 -33.80
C SER D 174 -73.28 4.22 -34.77
N THR D 175 -73.50 4.56 -36.03
CA THR D 175 -73.80 3.62 -37.09
C THR D 175 -72.70 3.67 -38.16
N TYR D 176 -72.83 2.78 -39.15
CA TYR D 176 -71.89 2.68 -40.24
C TYR D 176 -72.61 2.86 -41.57
N SER D 177 -71.84 3.16 -42.60
CA SER D 177 -72.36 3.29 -43.96
C SER D 177 -71.46 2.51 -44.91
N LEU D 178 -72.08 1.85 -45.89
CA LEU D 178 -71.35 1.05 -46.88
C LEU D 178 -71.81 1.44 -48.26
N SER D 179 -70.87 1.44 -49.21
CA SER D 179 -71.18 1.73 -50.61
C SER D 179 -70.47 0.68 -51.46
N SER D 180 -71.25 -0.15 -52.15
CA SER D 180 -70.73 -1.18 -53.03
C SER D 180 -70.96 -0.75 -54.47
N THR D 181 -69.89 -0.63 -55.24
CA THR D 181 -69.95 -0.24 -56.64
C THR D 181 -69.65 -1.46 -57.49
N LEU D 182 -70.61 -1.86 -58.32
CA LEU D 182 -70.46 -2.96 -59.27
C LEU D 182 -70.20 -2.35 -60.65
N THR D 183 -69.06 -2.66 -61.23
CA THR D 183 -68.60 -2.06 -62.47
C THR D 183 -68.66 -3.07 -63.60
N LEU D 184 -69.15 -2.64 -64.77
CA LEU D 184 -69.25 -3.49 -65.94
C LEU D 184 -69.09 -2.64 -67.19
N SER D 185 -68.87 -3.31 -68.31
CA SER D 185 -68.81 -2.62 -69.58
C SER D 185 -70.20 -2.22 -70.05
N LYS D 186 -70.25 -1.21 -70.93
CA LYS D 186 -71.53 -0.74 -71.43
C LYS D 186 -72.25 -1.83 -72.22
N ALA D 187 -71.50 -2.59 -73.03
CA ALA D 187 -72.12 -3.67 -73.78
C ALA D 187 -72.73 -4.71 -72.85
N ASP D 188 -72.01 -5.10 -71.80
CA ASP D 188 -72.55 -6.04 -70.83
C ASP D 188 -73.71 -5.43 -70.06
N TYR D 189 -73.65 -4.13 -69.74
CA TYR D 189 -74.75 -3.49 -69.06
C TYR D 189 -76.03 -3.54 -69.90
N GLU D 190 -75.89 -3.31 -71.21
CA GLU D 190 -77.04 -3.39 -72.10
C GLU D 190 -77.52 -4.83 -72.29
N LYS D 191 -76.68 -5.81 -72.03
CA LYS D 191 -77.08 -7.21 -72.14
C LYS D 191 -77.99 -7.67 -71.02
N HIS D 192 -78.14 -6.86 -69.96
CA HIS D 192 -78.94 -7.24 -68.81
C HIS D 192 -79.86 -6.09 -68.44
N LYS D 193 -80.99 -6.43 -67.82
CA LYS D 193 -82.01 -5.46 -67.45
C LYS D 193 -82.20 -5.32 -65.95
N VAL D 194 -82.28 -6.44 -65.22
CA VAL D 194 -82.52 -6.41 -63.78
C VAL D 194 -81.18 -6.43 -63.06
N TYR D 195 -80.94 -5.43 -62.22
CA TYR D 195 -79.75 -5.36 -61.39
C TYR D 195 -80.16 -5.10 -59.96
N ALA D 196 -79.63 -5.88 -59.03
CA ALA D 196 -80.05 -5.76 -57.63
C ALA D 196 -78.90 -6.10 -56.72
N CYS D 197 -79.01 -5.65 -55.47
CA CYS D 197 -78.06 -5.98 -54.42
CA CYS D 197 -78.06 -5.98 -54.42
C CYS D 197 -78.82 -6.46 -53.19
N GLU D 198 -78.36 -7.57 -52.63
CA GLU D 198 -78.95 -8.17 -51.43
C GLU D 198 -78.03 -7.89 -50.25
N VAL D 199 -78.62 -7.37 -49.17
CA VAL D 199 -77.88 -7.00 -47.97
C VAL D 199 -78.34 -7.91 -46.83
N THR D 200 -77.38 -8.57 -46.19
CA THR D 200 -77.60 -9.36 -44.99
C THR D 200 -76.91 -8.66 -43.83
N HIS D 201 -77.68 -8.34 -42.80
CA HIS D 201 -77.16 -7.58 -41.67
C HIS D 201 -77.87 -8.04 -40.40
N GLN D 202 -77.23 -7.83 -39.26
CA GLN D 202 -77.81 -8.24 -38.00
C GLN D 202 -79.12 -7.52 -37.73
N GLY D 203 -79.24 -6.27 -38.17
CA GLY D 203 -80.47 -5.52 -38.02
C GLY D 203 -81.59 -5.92 -38.96
N LEU D 204 -81.28 -6.76 -39.96
CA LEU D 204 -82.27 -7.26 -40.91
C LEU D 204 -82.62 -8.68 -40.52
N SER D 205 -83.91 -8.94 -40.27
CA SER D 205 -84.35 -10.30 -39.99
C SER D 205 -84.09 -11.21 -41.17
N SER D 206 -84.33 -10.71 -42.38
CA SER D 206 -84.04 -11.43 -43.61
C SER D 206 -83.24 -10.54 -44.54
N PRO D 207 -82.41 -11.11 -45.41
CA PRO D 207 -81.66 -10.28 -46.36
C PRO D 207 -82.59 -9.48 -47.26
N VAL D 208 -82.37 -8.17 -47.31
CA VAL D 208 -83.21 -7.26 -48.08
C VAL D 208 -82.54 -7.01 -49.42
N THR D 209 -83.28 -7.24 -50.50
CA THR D 209 -82.76 -7.10 -51.86
C THR D 209 -83.40 -5.89 -52.52
N LYS D 210 -82.58 -4.95 -52.97
CA LYS D 210 -83.04 -3.79 -53.71
C LYS D 210 -82.69 -3.97 -55.19
N SER D 211 -83.69 -3.87 -56.05
CA SER D 211 -83.55 -4.18 -57.46
C SER D 211 -84.08 -3.03 -58.31
N PHE D 212 -83.59 -2.97 -59.55
CA PHE D 212 -84.09 -2.00 -60.51
C PHE D 212 -83.93 -2.57 -61.92
N ASN D 213 -84.66 -1.97 -62.85
CA ASN D 213 -84.67 -2.36 -64.25
C ASN D 213 -83.95 -1.29 -65.09
N ARG D 214 -83.14 -1.74 -66.04
CA ARG D 214 -82.43 -0.83 -66.92
C ARG D 214 -83.42 -0.14 -67.85
N GLY D 215 -83.34 1.19 -67.89
CA GLY D 215 -84.19 2.01 -68.72
C GLY D 215 -85.35 2.65 -67.97
N GLU D 216 -85.74 2.07 -66.83
CA GLU D 216 -86.85 2.59 -66.05
C GLU D 216 -86.33 3.35 -64.82
N GLN E 3 -35.60 5.76 -32.31
CA GLN E 3 -35.64 6.87 -33.25
C GLN E 3 -35.11 6.44 -34.61
N LEU E 4 -36.03 6.06 -35.51
CA LEU E 4 -35.69 5.56 -36.83
C LEU E 4 -36.24 6.50 -37.89
N VAL E 5 -35.44 6.71 -38.94
CA VAL E 5 -35.83 7.56 -40.06
C VAL E 5 -35.92 6.68 -41.30
N GLN E 6 -37.10 6.65 -41.92
CA GLN E 6 -37.35 5.83 -43.09
C GLN E 6 -37.27 6.70 -44.35
N SER E 7 -37.24 6.02 -45.50
CA SER E 7 -37.29 6.73 -46.77
C SER E 7 -38.70 7.26 -47.01
N GLY E 8 -38.80 8.22 -47.94
CA GLY E 8 -40.07 8.83 -48.25
C GLY E 8 -40.97 7.89 -49.04
N ALA E 9 -42.22 8.32 -49.19
CA ALA E 9 -43.19 7.54 -49.95
C ALA E 9 -42.74 7.43 -51.40
N GLU E 10 -42.95 6.25 -51.98
CA GLU E 10 -42.49 5.95 -53.32
C GLU E 10 -43.64 5.42 -54.17
N VAL E 11 -43.55 5.69 -55.48
CA VAL E 11 -44.49 5.16 -56.46
C VAL E 11 -43.68 4.50 -57.56
N LYS E 12 -44.01 3.24 -57.86
CA LYS E 12 -43.24 2.45 -58.81
C LYS E 12 -44.18 1.69 -59.74
N LYS E 13 -43.66 1.36 -60.92
CA LYS E 13 -44.42 0.58 -61.88
C LYS E 13 -44.53 -0.87 -61.41
N PRO E 14 -45.58 -1.59 -61.83
CA PRO E 14 -45.65 -3.02 -61.48
C PRO E 14 -44.48 -3.79 -62.06
N GLY E 15 -44.01 -4.78 -61.29
CA GLY E 15 -42.92 -5.63 -61.70
C GLY E 15 -41.54 -5.05 -61.48
N SER E 16 -41.43 -3.83 -60.97
CA SER E 16 -40.15 -3.20 -60.69
C SER E 16 -39.70 -3.60 -59.29
N SER E 17 -38.66 -2.94 -58.79
CA SER E 17 -38.15 -3.17 -57.45
C SER E 17 -37.94 -1.84 -56.75
N VAL E 18 -38.21 -1.81 -55.44
CA VAL E 18 -38.10 -0.60 -54.64
C VAL E 18 -37.34 -0.92 -53.36
N LYS E 19 -36.48 0.01 -52.94
CA LYS E 19 -35.68 -0.14 -51.74
C LYS E 19 -36.09 0.92 -50.73
N VAL E 20 -36.40 0.47 -49.51
CA VAL E 20 -36.84 1.35 -48.42
C VAL E 20 -35.75 1.33 -47.35
N SER E 21 -35.32 2.51 -46.94
CA SER E 21 -34.26 2.66 -45.95
C SER E 21 -34.85 2.89 -44.56
N CYS E 22 -34.00 2.71 -43.55
CA CYS E 22 -34.39 2.91 -42.15
C CYS E 22 -33.10 3.20 -41.38
N LYS E 23 -32.88 4.47 -41.07
CA LYS E 23 -31.62 4.90 -40.45
C LYS E 23 -31.73 4.89 -38.93
N ALA E 24 -30.70 4.36 -38.29
CA ALA E 24 -30.61 4.32 -36.83
C ALA E 24 -29.80 5.49 -36.31
N SER E 25 -30.00 5.79 -35.02
CA SER E 25 -29.37 6.92 -34.37
C SER E 25 -28.18 6.45 -33.53
N ARG E 26 -27.05 7.15 -33.67
CA ARG E 26 -25.88 6.90 -32.85
C ARG E 26 -25.39 5.47 -32.99
N GLY E 27 -24.55 5.02 -32.05
CA GLY E 27 -24.01 3.68 -32.08
C GLY E 27 -24.91 2.66 -31.40
N THR E 28 -26.22 2.73 -31.68
CA THR E 28 -27.21 1.81 -31.14
C THR E 28 -27.83 1.00 -32.27
N PHE E 29 -27.01 0.56 -33.22
CA PHE E 29 -27.47 -0.12 -34.42
C PHE E 29 -26.92 -1.53 -34.58
N ASN E 30 -25.69 -1.79 -34.12
CA ASN E 30 -25.08 -3.10 -34.35
C ASN E 30 -25.82 -4.20 -33.60
N THR E 31 -26.12 -3.97 -32.32
CA THR E 31 -26.64 -5.01 -31.44
C THR E 31 -28.15 -4.88 -31.22
N TYR E 32 -28.89 -4.42 -32.22
CA TYR E 32 -30.34 -4.33 -32.16
C TYR E 32 -30.95 -5.25 -33.20
N VAL E 33 -32.28 -5.31 -33.21
CA VAL E 33 -33.04 -6.14 -34.14
C VAL E 33 -34.01 -5.24 -34.88
N PHE E 34 -33.88 -5.17 -36.19
CA PHE E 34 -34.71 -4.32 -37.04
C PHE E 34 -35.62 -5.20 -37.88
N THR E 35 -36.92 -4.89 -37.84
CA THR E 35 -37.92 -5.70 -38.53
C THR E 35 -38.79 -4.81 -39.41
N TRP E 36 -39.06 -5.29 -40.62
CA TRP E 36 -39.92 -4.62 -41.58
C TRP E 36 -41.30 -5.27 -41.58
N VAL E 37 -42.32 -4.46 -41.40
CA VAL E 37 -43.71 -4.89 -41.30
C VAL E 37 -44.55 -4.03 -42.22
N ARG E 38 -45.37 -4.66 -43.05
CA ARG E 38 -46.22 -3.94 -43.99
C ARG E 38 -47.68 -4.06 -43.60
N GLN E 39 -48.46 -3.07 -44.02
CA GLN E 39 -49.91 -3.05 -43.80
C GLN E 39 -50.56 -2.46 -45.04
N ALA E 40 -51.41 -3.26 -45.69
CA ALA E 40 -52.17 -2.73 -46.81
C ALA E 40 -53.26 -1.79 -46.29
N PRO E 41 -53.68 -0.82 -47.10
CA PRO E 41 -54.74 0.09 -46.66
C PRO E 41 -55.99 -0.67 -46.28
N GLY E 42 -56.59 -0.30 -45.15
CA GLY E 42 -57.77 -0.97 -44.68
C GLY E 42 -57.56 -2.40 -44.24
N GLN E 43 -56.32 -2.81 -44.02
CA GLN E 43 -55.98 -4.18 -43.63
C GLN E 43 -55.15 -4.15 -42.36
N GLY E 44 -54.87 -5.34 -41.83
CA GLY E 44 -54.12 -5.47 -40.60
C GLY E 44 -52.61 -5.42 -40.84
N LEU E 45 -51.87 -5.51 -39.73
CA LEU E 45 -50.42 -5.47 -39.78
C LEU E 45 -49.87 -6.83 -40.16
N GLU E 46 -49.02 -6.85 -41.19
CA GLU E 46 -48.43 -8.09 -41.69
C GLU E 46 -46.91 -7.96 -41.64
N TRP E 47 -46.28 -8.74 -40.77
CA TRP E 47 -44.83 -8.72 -40.67
C TRP E 47 -44.21 -9.30 -41.94
N MET E 48 -43.13 -8.66 -42.42
CA MET E 48 -42.42 -9.12 -43.59
C MET E 48 -41.10 -9.78 -43.25
N GLY E 49 -40.22 -9.10 -42.53
CA GLY E 49 -38.90 -9.66 -42.30
C GLY E 49 -38.23 -9.06 -41.09
N GLY E 50 -37.05 -9.61 -40.77
CA GLY E 50 -36.25 -9.11 -39.66
C GLY E 50 -34.79 -9.41 -39.88
N ILE E 51 -33.95 -8.67 -39.16
CA ILE E 51 -32.50 -8.83 -39.30
C ILE E 51 -31.82 -8.19 -38.10
N ILE E 52 -30.72 -8.79 -37.68
CA ILE E 52 -29.83 -8.25 -36.67
C ILE E 52 -28.55 -7.80 -37.38
N PRO E 53 -28.25 -6.50 -37.43
CA PRO E 53 -27.10 -6.06 -38.25
C PRO E 53 -25.79 -6.72 -37.88
N PHE E 54 -25.56 -7.01 -36.60
CA PHE E 54 -24.28 -7.59 -36.21
C PHE E 54 -24.08 -8.98 -36.79
N PHE E 55 -25.15 -9.68 -37.16
CA PHE E 55 -25.05 -11.01 -37.74
C PHE E 55 -25.05 -10.99 -39.27
N GLY E 56 -25.72 -10.04 -39.89
CA GLY E 56 -25.74 -9.95 -41.33
C GLY E 56 -26.66 -10.93 -42.03
N THR E 57 -27.44 -11.70 -41.28
CA THR E 57 -28.37 -12.67 -41.85
C THR E 57 -29.80 -12.21 -41.55
N ALA E 58 -30.63 -12.19 -42.59
CA ALA E 58 -31.99 -11.71 -42.49
C ALA E 58 -32.98 -12.84 -42.70
N ASP E 59 -34.01 -12.88 -41.86
CA ASP E 59 -35.11 -13.82 -42.01
C ASP E 59 -36.29 -13.12 -42.67
N TYR E 60 -37.02 -13.85 -43.49
CA TYR E 60 -38.13 -13.30 -44.26
C TYR E 60 -39.37 -14.14 -44.06
N ALA E 61 -40.53 -13.51 -44.19
CA ALA E 61 -41.79 -14.23 -44.14
C ALA E 61 -41.92 -15.15 -45.34
N GLN E 62 -42.49 -16.34 -45.12
CA GLN E 62 -42.57 -17.32 -46.20
C GLN E 62 -43.33 -16.79 -47.39
N LYS E 63 -44.29 -15.88 -47.17
CA LYS E 63 -45.04 -15.31 -48.27
C LYS E 63 -44.14 -14.52 -49.21
N PHE E 64 -43.22 -13.73 -48.65
CA PHE E 64 -42.38 -12.83 -49.43
C PHE E 64 -41.02 -13.42 -49.75
N GLN E 65 -40.79 -14.69 -49.42
CA GLN E 65 -39.48 -15.29 -49.66
C GLN E 65 -39.12 -15.21 -51.14
N GLY E 66 -37.85 -14.88 -51.40
CA GLY E 66 -37.33 -14.74 -52.75
C GLY E 66 -37.51 -13.36 -53.34
N ARG E 67 -38.66 -12.73 -53.09
CA ARG E 67 -38.92 -11.40 -53.64
C ARG E 67 -38.17 -10.30 -52.91
N VAL E 68 -38.02 -10.41 -51.59
CA VAL E 68 -37.52 -9.32 -50.77
C VAL E 68 -36.18 -9.72 -50.16
N THR E 69 -35.24 -8.78 -50.16
CA THR E 69 -33.93 -8.95 -49.56
C THR E 69 -33.69 -7.79 -48.60
N ILE E 70 -33.25 -8.10 -47.39
CA ILE E 70 -32.98 -7.10 -46.36
C ILE E 70 -31.49 -7.09 -46.08
N THR E 71 -30.88 -5.91 -46.17
CA THR E 71 -29.46 -5.71 -45.91
C THR E 71 -29.30 -4.56 -44.94
N ALA E 72 -28.04 -4.24 -44.61
CA ALA E 72 -27.76 -3.17 -43.66
C ALA E 72 -26.37 -2.61 -43.92
N ASP E 73 -26.15 -1.41 -43.41
CA ASP E 73 -24.85 -0.75 -43.49
C ASP E 73 -24.59 -0.07 -42.16
N ASP E 74 -23.52 -0.50 -41.48
CA ASP E 74 -23.18 0.07 -40.19
C ASP E 74 -22.56 1.46 -40.33
N SER E 75 -21.88 1.71 -41.46
CA SER E 75 -21.26 3.02 -41.64
C SER E 75 -22.30 4.14 -41.59
N THR E 76 -23.44 3.94 -42.27
CA THR E 76 -24.55 4.87 -42.20
C THR E 76 -25.59 4.46 -41.17
N SER E 77 -25.38 3.33 -40.47
CA SER E 77 -26.31 2.86 -39.46
C SER E 77 -27.72 2.77 -40.02
N THR E 78 -27.85 2.23 -41.22
CA THR E 78 -29.11 2.20 -41.94
C THR E 78 -29.38 0.80 -42.47
N ALA E 79 -30.56 0.27 -42.16
CA ALA E 79 -31.04 -0.96 -42.77
C ALA E 79 -31.82 -0.64 -44.04
N TYR E 80 -31.95 -1.64 -44.91
CA TYR E 80 -32.63 -1.47 -46.18
C TYR E 80 -33.40 -2.74 -46.50
N MET E 81 -34.59 -2.55 -47.08
CA MET E 81 -35.45 -3.65 -47.53
C MET E 81 -35.78 -3.40 -48.99
N GLU E 82 -35.34 -4.30 -49.87
CA GLU E 82 -35.57 -4.18 -51.30
C GLU E 82 -36.55 -5.27 -51.73
N LEU E 83 -37.68 -4.86 -52.30
CA LEU E 83 -38.71 -5.76 -52.78
C LEU E 83 -38.80 -5.66 -54.29
N SER E 84 -38.71 -6.81 -54.96
CA SER E 84 -38.77 -6.89 -56.42
C SER E 84 -40.11 -7.44 -56.86
N SER E 85 -40.33 -7.43 -58.17
CA SER E 85 -41.57 -7.90 -58.77
C SER E 85 -42.78 -7.25 -58.11
N LEU E 86 -42.73 -5.92 -58.00
CA LEU E 86 -43.78 -5.18 -57.32
C LEU E 86 -45.11 -5.37 -58.03
N ARG E 87 -46.19 -5.44 -57.24
CA ARG E 87 -47.53 -5.60 -57.77
C ARG E 87 -48.48 -4.70 -56.98
N SER E 88 -49.71 -4.57 -57.49
CA SER E 88 -50.68 -3.70 -56.84
C SER E 88 -50.95 -4.13 -55.41
N GLU E 89 -50.89 -5.44 -55.14
CA GLU E 89 -51.07 -5.92 -53.77
C GLU E 89 -49.97 -5.43 -52.84
N ASP E 90 -48.81 -5.07 -53.39
CA ASP E 90 -47.70 -4.58 -52.59
C ASP E 90 -47.86 -3.13 -52.16
N THR E 91 -48.86 -2.42 -52.71
CA THR E 91 -49.12 -1.04 -52.31
C THR E 91 -49.55 -1.02 -50.85
N ALA E 92 -48.68 -0.54 -49.97
CA ALA E 92 -48.94 -0.62 -48.54
C ALA E 92 -48.05 0.36 -47.79
N VAL E 93 -48.31 0.50 -46.50
CA VAL E 93 -47.50 1.30 -45.59
C VAL E 93 -46.54 0.37 -44.88
N TYR E 94 -45.24 0.68 -44.93
CA TYR E 94 -44.20 -0.14 -44.37
C TYR E 94 -43.55 0.57 -43.19
N TYR E 95 -43.24 -0.19 -42.15
CA TYR E 95 -42.63 0.33 -40.95
C TYR E 95 -41.42 -0.52 -40.59
N CYS E 96 -40.38 0.13 -40.08
CA CYS E 96 -39.22 -0.56 -39.52
C CYS E 96 -39.21 -0.33 -38.03
N SER E 97 -39.20 -1.42 -37.27
CA SER E 97 -39.22 -1.38 -35.81
C SER E 97 -37.93 -1.97 -35.28
N ARG E 98 -37.27 -1.24 -34.39
CA ARG E 98 -36.03 -1.69 -33.76
C ARG E 98 -36.31 -2.04 -32.32
N LEU E 99 -35.76 -3.17 -31.88
CA LEU E 99 -35.94 -3.66 -30.52
C LEU E 99 -34.66 -3.48 -29.73
N SER E 100 -34.78 -2.96 -28.52
CA SER E 100 -33.62 -2.75 -27.65
C SER E 100 -33.28 -4.04 -26.93
N GLN E 101 -32.01 -4.41 -26.96
CA GLN E 101 -31.57 -5.62 -26.29
C GLN E 101 -31.70 -5.52 -24.78
N TRP E 102 -31.75 -4.31 -24.24
CA TRP E 102 -31.77 -4.10 -22.79
C TRP E 102 -33.15 -3.79 -22.25
N ASP E 103 -34.10 -3.38 -23.09
CA ASP E 103 -35.45 -3.08 -22.64
C ASP E 103 -36.45 -3.61 -23.65
N LEU E 104 -37.53 -4.20 -23.15
CA LEU E 104 -38.57 -4.78 -24.01
C LEU E 104 -39.63 -3.74 -24.34
N LEU E 105 -39.19 -2.60 -24.85
CA LEU E 105 -40.07 -1.53 -25.32
C LEU E 105 -39.76 -1.26 -26.79
N PRO E 106 -40.50 -1.86 -27.73
CA PRO E 106 -40.17 -1.68 -29.14
C PRO E 106 -40.33 -0.23 -29.58
N MET E 107 -39.50 0.16 -30.55
CA MET E 107 -39.53 1.49 -31.13
C MET E 107 -39.82 1.37 -32.62
N TRP E 108 -40.68 2.27 -33.12
CA TRP E 108 -41.17 2.21 -34.49
C TRP E 108 -40.78 3.48 -35.24
N GLY E 109 -40.68 3.35 -36.56
CA GLY E 109 -40.45 4.49 -37.42
C GLY E 109 -41.72 5.23 -37.75
N GLN E 110 -41.58 6.25 -38.59
CA GLN E 110 -42.73 7.06 -38.99
C GLN E 110 -43.55 6.43 -40.11
N GLY E 111 -43.05 5.39 -40.76
CA GLY E 111 -43.76 4.73 -41.83
C GLY E 111 -43.37 5.28 -43.20
N THR E 112 -43.69 4.49 -44.23
CA THR E 112 -43.41 4.88 -45.61
C THR E 112 -44.43 4.23 -46.51
N LEU E 113 -45.15 5.03 -47.30
CA LEU E 113 -46.16 4.52 -48.20
C LEU E 113 -45.53 4.18 -49.54
N VAL E 114 -45.80 2.96 -50.02
CA VAL E 114 -45.33 2.49 -51.31
C VAL E 114 -46.53 2.18 -52.17
N THR E 115 -46.58 2.75 -53.36
CA THR E 115 -47.64 2.52 -54.33
C THR E 115 -47.08 1.83 -55.56
N VAL E 116 -47.82 0.85 -56.06
CA VAL E 116 -47.43 0.08 -57.25
C VAL E 116 -48.60 0.19 -58.24
N SER E 117 -48.52 1.17 -59.13
CA SER E 117 -49.56 1.38 -60.14
C SER E 117 -49.06 2.44 -61.11
N SER E 118 -49.92 2.79 -62.07
CA SER E 118 -49.59 3.83 -63.04
C SER E 118 -49.63 5.20 -62.37
N ALA E 119 -48.83 6.12 -62.91
CA ALA E 119 -48.73 7.48 -62.40
C ALA E 119 -49.33 8.44 -63.43
N SER E 120 -50.24 9.29 -62.97
CA SER E 120 -50.92 10.22 -63.86
C SER E 120 -51.47 11.38 -63.05
N THR E 121 -51.83 12.45 -63.75
CA THR E 121 -52.47 13.63 -63.17
C THR E 121 -53.71 13.91 -64.01
N LYS E 122 -54.82 13.25 -63.67
CA LYS E 122 -56.04 13.32 -64.44
C LYS E 122 -57.16 13.91 -63.58
N GLY E 123 -58.11 14.58 -64.25
CA GLY E 123 -59.23 15.16 -63.57
C GLY E 123 -60.30 14.13 -63.26
N PRO E 124 -60.91 14.21 -62.07
CA PRO E 124 -61.97 13.26 -61.73
C PRO E 124 -63.20 13.45 -62.60
N SER E 125 -63.91 12.35 -62.83
CA SER E 125 -65.19 12.35 -63.51
C SER E 125 -66.28 12.19 -62.47
N VAL E 126 -67.18 13.16 -62.39
CA VAL E 126 -68.26 13.17 -61.41
C VAL E 126 -69.53 12.74 -62.10
N PHE E 127 -70.13 11.65 -61.63
CA PHE E 127 -71.34 11.09 -62.20
C PHE E 127 -72.45 11.13 -61.17
N PRO E 128 -73.60 11.74 -61.46
CA PRO E 128 -74.66 11.85 -60.46
C PRO E 128 -75.47 10.57 -60.35
N LEU E 129 -75.54 10.02 -59.14
CA LEU E 129 -76.36 8.86 -58.83
C LEU E 129 -77.72 9.39 -58.38
N ALA E 130 -78.70 9.32 -59.26
CA ALA E 130 -80.00 9.92 -59.00
C ALA E 130 -80.78 9.10 -57.97
N PRO E 131 -81.66 9.74 -57.21
CA PRO E 131 -82.47 8.99 -56.25
C PRO E 131 -83.50 8.11 -56.94
N SER E 132 -83.86 7.02 -56.28
CA SER E 132 -84.87 6.12 -56.81
C SER E 132 -86.23 6.81 -56.83
N SER E 133 -86.95 6.62 -57.93
CA SER E 133 -88.27 7.23 -58.08
C SER E 133 -89.36 6.30 -57.52
N GLY E 139 -90.31 7.52 -47.42
CA GLY E 139 -90.44 8.97 -47.35
C GLY E 139 -89.13 9.69 -47.58
N THR E 140 -88.02 8.97 -47.42
CA THR E 140 -86.69 9.51 -47.62
C THR E 140 -85.95 8.69 -48.67
N ALA E 141 -85.24 9.38 -49.56
CA ALA E 141 -84.47 8.73 -50.61
C ALA E 141 -83.05 9.30 -50.60
N ALA E 142 -82.12 8.51 -51.11
CA ALA E 142 -80.71 8.89 -51.16
C ALA E 142 -80.33 9.28 -52.58
N LEU E 143 -79.39 10.20 -52.68
CA LEU E 143 -78.85 10.64 -53.96
C LEU E 143 -77.38 10.98 -53.76
N GLY E 144 -76.56 10.71 -54.77
CA GLY E 144 -75.13 10.85 -54.58
C GLY E 144 -74.33 11.24 -55.80
N CYS E 145 -73.01 11.17 -55.68
CA CYS E 145 -72.10 11.44 -56.78
C CYS E 145 -70.92 10.48 -56.69
N LEU E 146 -70.53 9.97 -57.85
CA LEU E 146 -69.40 9.06 -57.99
C LEU E 146 -68.23 9.81 -58.62
N VAL E 147 -67.12 9.89 -57.89
CA VAL E 147 -65.90 10.52 -58.38
C VAL E 147 -64.99 9.40 -58.85
N LYS E 148 -64.87 9.23 -60.16
CA LYS E 148 -64.20 8.09 -60.75
C LYS E 148 -63.04 8.55 -61.63
N ASP E 149 -62.00 7.71 -61.69
CA ASP E 149 -60.89 7.90 -62.61
C ASP E 149 -60.16 9.22 -62.36
N TYR E 150 -59.58 9.33 -61.17
CA TYR E 150 -58.70 10.43 -60.82
C TYR E 150 -57.46 9.88 -60.13
N PHE E 151 -56.35 10.62 -60.24
CA PHE E 151 -55.10 10.19 -59.64
C PHE E 151 -54.18 11.40 -59.54
N PRO E 152 -53.46 11.59 -58.42
CA PRO E 152 -53.49 10.80 -57.19
C PRO E 152 -54.48 11.34 -56.16
N GLU E 153 -54.45 10.77 -54.95
CA GLU E 153 -55.26 11.29 -53.87
C GLU E 153 -54.68 12.62 -53.36
N PRO E 154 -55.48 13.42 -52.65
CA PRO E 154 -56.89 13.25 -52.30
C PRO E 154 -57.84 14.14 -53.11
N VAL E 155 -59.14 14.05 -52.80
CA VAL E 155 -60.15 14.92 -53.37
C VAL E 155 -61.04 15.42 -52.24
N THR E 156 -61.68 16.55 -52.49
CA THR E 156 -62.60 17.17 -51.54
C THR E 156 -63.98 17.22 -52.17
N VAL E 157 -64.95 16.54 -51.54
CA VAL E 157 -66.31 16.45 -52.04
C VAL E 157 -67.25 17.07 -51.03
N SER E 158 -68.07 18.03 -51.49
CA SER E 158 -69.05 18.69 -50.64
C SER E 158 -70.38 18.73 -51.37
N TRP E 159 -71.44 18.99 -50.62
CA TRP E 159 -72.79 19.12 -51.17
C TRP E 159 -73.25 20.57 -51.01
N ASN E 160 -73.69 21.17 -52.12
CA ASN E 160 -74.10 22.57 -52.15
C ASN E 160 -72.99 23.46 -51.61
N SER E 161 -71.76 23.19 -52.04
CA SER E 161 -70.58 23.93 -51.58
C SER E 161 -70.45 23.85 -50.06
N GLY E 162 -70.76 22.69 -49.50
CA GLY E 162 -70.65 22.45 -48.08
C GLY E 162 -71.86 22.86 -47.27
N ALA E 163 -72.86 23.48 -47.89
CA ALA E 163 -74.05 23.88 -47.15
C ALA E 163 -74.80 22.65 -46.64
N LEU E 164 -74.92 21.62 -47.46
CA LEU E 164 -75.63 20.40 -47.09
C LEU E 164 -74.64 19.46 -46.40
N THR E 165 -74.86 19.23 -45.11
CA THR E 165 -74.00 18.36 -44.32
C THR E 165 -74.74 17.22 -43.63
N SER E 166 -75.99 17.43 -43.23
CA SER E 166 -76.75 16.38 -42.56
C SER E 166 -77.03 15.24 -43.53
N GLY E 167 -76.74 14.01 -43.10
CA GLY E 167 -76.95 12.84 -43.92
C GLY E 167 -75.89 12.62 -44.98
N VAL E 168 -74.85 13.44 -45.02
CA VAL E 168 -73.81 13.32 -46.04
C VAL E 168 -72.80 12.28 -45.59
N HIS E 169 -72.58 11.27 -46.43
CA HIS E 169 -71.58 10.23 -46.19
C HIS E 169 -70.66 10.17 -47.39
N THR E 170 -69.38 10.52 -47.17
CA THR E 170 -68.36 10.48 -48.22
C THR E 170 -67.49 9.26 -47.96
N PHE E 171 -67.75 8.19 -48.69
CA PHE E 171 -67.05 6.93 -48.45
C PHE E 171 -65.59 7.06 -48.89
N PRO E 172 -64.67 6.39 -48.18
CA PRO E 172 -63.27 6.44 -48.59
C PRO E 172 -63.07 5.87 -49.98
N ALA E 173 -62.13 6.47 -50.72
CA ALA E 173 -61.89 6.05 -52.09
C ALA E 173 -61.24 4.68 -52.13
N VAL E 174 -61.42 4.00 -53.26
CA VAL E 174 -60.84 2.67 -53.50
C VAL E 174 -60.03 2.74 -54.79
N LEU E 175 -58.82 2.20 -54.76
CA LEU E 175 -57.93 2.22 -55.91
C LEU E 175 -58.40 1.19 -56.93
N GLN E 176 -58.62 1.63 -58.16
CA GLN E 176 -59.03 0.73 -59.23
C GLN E 176 -57.85 -0.13 -59.69
N SER E 177 -58.17 -1.24 -60.34
CA SER E 177 -57.14 -2.09 -60.91
C SER E 177 -56.37 -1.37 -62.01
N SER E 178 -57.01 -0.41 -62.68
CA SER E 178 -56.36 0.35 -63.73
C SER E 178 -55.37 1.37 -63.18
N GLY E 179 -55.34 1.57 -61.88
CA GLY E 179 -54.44 2.55 -61.28
C GLY E 179 -55.09 3.87 -60.90
N LEU E 180 -56.40 3.99 -61.05
CA LEU E 180 -57.13 5.20 -60.70
C LEU E 180 -57.99 4.94 -59.48
N TYR E 181 -58.68 5.98 -59.02
CA TYR E 181 -59.45 5.93 -57.78
C TYR E 181 -60.94 6.09 -58.06
N SER E 182 -61.74 5.41 -57.24
CA SER E 182 -63.19 5.51 -57.26
C SER E 182 -63.68 5.85 -55.87
N LEU E 183 -64.52 6.88 -55.77
CA LEU E 183 -65.07 7.32 -54.49
C LEU E 183 -66.56 7.63 -54.67
N SER E 184 -67.31 7.51 -53.59
CA SER E 184 -68.74 7.75 -53.60
C SER E 184 -69.11 8.68 -52.45
N SER E 185 -69.89 9.71 -52.74
CA SER E 185 -70.37 10.64 -51.73
C SER E 185 -71.88 10.79 -51.89
N VAL E 186 -72.64 10.30 -50.91
CA VAL E 186 -74.08 10.25 -50.99
C VAL E 186 -74.68 11.12 -49.88
N VAL E 187 -75.97 11.38 -50.00
CA VAL E 187 -76.73 12.12 -48.98
C VAL E 187 -78.18 11.70 -49.06
N THR E 188 -78.81 11.55 -47.90
CA THR E 188 -80.20 11.13 -47.80
C THR E 188 -81.08 12.33 -47.47
N VAL E 189 -82.11 12.54 -48.28
CA VAL E 189 -83.02 13.67 -48.10
C VAL E 189 -84.45 13.18 -48.25
N PRO E 190 -85.41 13.89 -47.67
CA PRO E 190 -86.81 13.46 -47.80
C PRO E 190 -87.23 13.39 -49.26
N SER E 191 -88.07 12.39 -49.58
CA SER E 191 -88.49 12.19 -50.96
C SER E 191 -89.19 13.43 -51.51
N SER E 192 -89.86 14.19 -50.65
CA SER E 192 -90.55 15.40 -51.10
C SER E 192 -89.56 16.48 -51.55
N SER E 193 -88.31 16.41 -51.12
CA SER E 193 -87.30 17.41 -51.46
C SER E 193 -86.51 17.05 -52.71
N LEU E 194 -86.78 15.89 -53.32
CA LEU E 194 -86.03 15.50 -54.51
C LEU E 194 -86.27 16.47 -55.67
N GLY E 195 -87.53 16.85 -55.90
CA GLY E 195 -87.86 17.71 -57.01
C GLY E 195 -88.02 19.17 -56.62
N THR E 196 -88.09 19.44 -55.32
CA THR E 196 -88.23 20.81 -54.83
C THR E 196 -86.93 21.39 -54.31
N GLN E 197 -85.82 20.68 -54.50
CA GLN E 197 -84.50 21.15 -54.06
C GLN E 197 -83.46 20.66 -55.05
N THR E 198 -82.64 21.59 -55.54
CA THR E 198 -81.56 21.25 -56.46
C THR E 198 -80.31 20.91 -55.65
N TYR E 199 -79.79 19.71 -55.85
CA TYR E 199 -78.60 19.23 -55.15
C TYR E 199 -77.42 19.24 -56.10
N ILE E 200 -76.34 19.90 -55.69
CA ILE E 200 -75.12 20.00 -56.48
C ILE E 200 -73.97 19.50 -55.61
N CYS E 201 -73.22 18.54 -56.14
CA CYS E 201 -72.03 18.03 -55.48
C CYS E 201 -70.80 18.69 -56.13
N ASN E 202 -69.98 19.32 -55.30
CA ASN E 202 -68.76 19.99 -55.73
C ASN E 202 -67.57 19.11 -55.38
N VAL E 203 -66.83 18.69 -56.40
CA VAL E 203 -65.67 17.82 -56.24
C VAL E 203 -64.44 18.57 -56.73
N ASN E 204 -63.42 18.63 -55.88
CA ASN E 204 -62.17 19.32 -56.18
C ASN E 204 -60.99 18.36 -56.06
N HIS E 205 -60.10 18.41 -57.04
CA HIS E 205 -58.89 17.59 -57.07
C HIS E 205 -57.71 18.53 -57.28
N LYS E 206 -56.96 18.77 -56.20
CA LYS E 206 -55.84 19.72 -56.27
C LYS E 206 -54.74 19.29 -57.23
N PRO E 207 -54.27 18.04 -57.21
CA PRO E 207 -53.17 17.68 -58.13
C PRO E 207 -53.48 17.99 -59.58
N SER E 208 -54.72 17.75 -60.01
CA SER E 208 -55.16 18.17 -61.32
C SER E 208 -55.87 19.52 -61.29
N ASN E 209 -56.12 20.06 -60.10
CA ASN E 209 -56.78 21.36 -59.94
C ASN E 209 -58.09 21.41 -60.71
N THR E 210 -58.86 20.33 -60.60
CA THR E 210 -60.12 20.19 -61.33
C THR E 210 -61.29 20.37 -60.37
N LYS E 211 -62.25 21.20 -60.76
CA LYS E 211 -63.43 21.50 -59.94
C LYS E 211 -64.67 21.20 -60.76
N VAL E 212 -65.44 20.22 -60.33
CA VAL E 212 -66.66 19.79 -61.03
C VAL E 212 -67.84 19.97 -60.08
N ASP E 213 -68.82 20.75 -60.51
CA ASP E 213 -70.06 20.96 -59.76
C ASP E 213 -71.18 20.27 -60.53
N LYS E 214 -71.47 19.03 -60.13
CA LYS E 214 -72.43 18.20 -60.84
C LYS E 214 -73.76 18.19 -60.11
N LYS E 215 -74.84 18.44 -60.85
CA LYS E 215 -76.17 18.52 -60.28
C LYS E 215 -76.87 17.16 -60.40
N VAL E 216 -77.41 16.68 -59.29
CA VAL E 216 -78.14 15.42 -59.26
C VAL E 216 -79.62 15.72 -59.51
N GLU E 217 -80.19 15.08 -60.52
CA GLU E 217 -81.57 15.31 -60.91
C GLU E 217 -82.39 14.04 -60.69
N PRO E 218 -83.56 14.12 -60.07
CA PRO E 218 -84.38 12.91 -59.89
C PRO E 218 -84.81 12.33 -61.22
N LYS E 219 -84.89 11.00 -61.27
CA LYS E 219 -85.29 10.29 -62.47
C LYS E 219 -86.78 10.00 -62.47
N ASP F 1 -30.24 1.10 53.85
CA ASP F 1 -30.98 1.28 52.58
C ASP F 1 -31.27 2.75 52.32
N ILE F 2 -31.43 3.12 51.06
CA ILE F 2 -31.74 4.49 50.69
C ILE F 2 -33.21 4.76 50.97
N VAL F 3 -33.48 5.81 51.73
CA VAL F 3 -34.84 6.18 52.13
C VAL F 3 -35.32 7.31 51.25
N MET F 4 -36.50 7.14 50.64
CA MET F 4 -37.10 8.13 49.77
C MET F 4 -38.38 8.64 50.42
N THR F 5 -38.49 9.95 50.57
CA THR F 5 -39.65 10.59 51.17
C THR F 5 -40.23 11.61 50.21
N GLN F 6 -41.54 11.54 49.97
CA GLN F 6 -42.24 12.45 49.07
C GLN F 6 -43.10 13.39 49.88
N SER F 7 -43.01 14.69 49.59
CA SER F 7 -43.80 15.69 50.26
C SER F 7 -44.44 16.62 49.24
N PRO F 8 -45.69 17.06 49.46
CA PRO F 8 -46.55 16.65 50.58
C PRO F 8 -47.13 15.26 50.37
N GLY F 9 -47.71 14.67 51.42
CA GLY F 9 -48.34 13.37 51.26
C GLY F 9 -49.46 13.40 50.25
N THR F 10 -50.29 14.44 50.30
CA THR F 10 -51.33 14.67 49.31
C THR F 10 -51.34 16.15 48.95
N LEU F 11 -51.38 16.44 47.66
CA LEU F 11 -51.35 17.82 47.16
C LEU F 11 -52.71 18.14 46.56
N SER F 12 -53.33 19.20 47.07
CA SER F 12 -54.66 19.63 46.64
C SER F 12 -54.52 20.97 45.93
N LEU F 13 -54.47 20.94 44.60
CA LEU F 13 -54.37 22.14 43.78
C LEU F 13 -55.40 22.08 42.66
N SER F 14 -55.97 23.23 42.34
CA SER F 14 -56.98 23.33 41.30
C SER F 14 -56.35 23.21 39.91
N PRO F 15 -57.11 22.74 38.92
CA PRO F 15 -56.56 22.65 37.57
C PRO F 15 -56.12 24.02 37.05
N GLY F 16 -55.05 24.02 36.28
CA GLY F 16 -54.46 25.24 35.76
C GLY F 16 -53.42 25.87 36.66
N GLU F 17 -53.19 25.31 37.84
CA GLU F 17 -52.21 25.85 38.79
C GLU F 17 -50.88 25.15 38.58
N ARG F 18 -49.91 25.44 39.45
CA ARG F 18 -48.57 24.87 39.38
C ARG F 18 -48.35 23.96 40.57
N ALA F 19 -47.95 22.72 40.31
CA ALA F 19 -47.75 21.71 41.34
C ALA F 19 -46.26 21.46 41.56
N THR F 20 -45.89 21.24 42.83
CA THR F 20 -44.51 20.98 43.21
C THR F 20 -44.46 19.80 44.17
N LEU F 21 -43.62 18.82 43.86
CA LEU F 21 -43.41 17.66 44.71
C LEU F 21 -41.92 17.56 45.05
N SER F 22 -41.62 17.32 46.33
CA SER F 22 -40.24 17.24 46.80
C SER F 22 -39.94 15.80 47.19
N CYS F 23 -38.88 15.24 46.61
CA CYS F 23 -38.43 13.89 46.89
C CYS F 23 -37.06 13.99 47.56
N ARG F 24 -36.99 13.59 48.83
CA ARG F 24 -35.77 13.67 49.62
C ARG F 24 -35.21 12.28 49.84
N ALA F 25 -33.91 12.13 49.60
CA ALA F 25 -33.21 10.86 49.77
C ALA F 25 -32.38 10.88 51.04
N SER F 26 -32.15 9.70 51.60
CA SER F 26 -31.30 9.60 52.79
C SER F 26 -29.86 10.01 52.48
N GLN F 27 -29.41 9.78 51.25
CA GLN F 27 -28.04 10.11 50.86
C GLN F 27 -28.02 10.42 49.37
N SER F 28 -26.98 11.16 48.97
CA SER F 28 -26.86 11.55 47.57
C SER F 28 -26.63 10.33 46.68
N PHE F 29 -27.18 10.37 45.48
CA PHE F 29 -27.05 9.25 44.55
C PHE F 29 -25.65 9.23 43.94
N THR F 30 -24.72 8.52 44.58
CA THR F 30 -23.37 8.42 44.05
C THR F 30 -23.36 7.71 42.70
N SER F 31 -24.10 6.60 42.59
CA SER F 31 -24.14 5.80 41.37
C SER F 31 -25.57 5.36 41.09
N SER F 32 -26.52 6.29 41.21
CA SER F 32 -27.92 5.98 40.98
C SER F 32 -28.56 7.15 40.24
N TYR F 33 -29.74 6.89 39.68
CA TYR F 33 -30.51 7.88 38.94
C TYR F 33 -31.94 7.85 39.45
N LEU F 34 -32.67 8.92 39.18
CA LEU F 34 -34.00 9.11 39.73
C LEU F 34 -35.01 9.33 38.61
N ALA F 35 -36.24 8.89 38.84
CA ALA F 35 -37.32 9.02 37.88
C ALA F 35 -38.61 9.31 38.61
N TRP F 36 -39.55 9.92 37.89
CA TRP F 36 -40.87 10.25 38.40
C TRP F 36 -41.93 9.49 37.62
N TYR F 37 -42.78 8.77 38.36
CA TYR F 37 -43.86 7.97 37.80
C TYR F 37 -45.21 8.50 38.26
N GLN F 38 -46.21 8.34 37.40
CA GLN F 38 -47.59 8.67 37.73
C GLN F 38 -48.44 7.42 37.56
N GLN F 39 -49.23 7.11 38.58
CA GLN F 39 -50.12 5.95 38.59
C GLN F 39 -51.53 6.39 38.90
N LYS F 40 -52.48 6.00 38.05
CA LYS F 40 -53.89 6.27 38.30
C LYS F 40 -54.54 5.07 38.98
N PRO F 41 -55.63 5.29 39.69
CA PRO F 41 -56.32 4.15 40.34
C PRO F 41 -56.72 3.09 39.34
N GLY F 42 -56.51 1.84 39.71
CA GLY F 42 -56.84 0.74 38.82
C GLY F 42 -56.02 0.67 37.56
N GLN F 43 -54.89 1.38 37.50
CA GLN F 43 -54.04 1.40 36.32
C GLN F 43 -52.59 1.21 36.75
N ALA F 44 -51.81 0.60 35.86
CA ALA F 44 -50.39 0.43 36.12
C ALA F 44 -49.69 1.79 36.08
N PRO F 45 -48.63 1.96 36.87
CA PRO F 45 -47.91 3.24 36.84
C PRO F 45 -47.37 3.55 35.46
N ARG F 46 -47.39 4.83 35.09
CA ARG F 46 -46.81 5.31 33.84
C ARG F 46 -45.64 6.21 34.15
N LEU F 47 -44.50 5.94 33.51
CA LEU F 47 -43.32 6.78 33.70
C LEU F 47 -43.55 8.16 33.12
N LEU F 48 -43.14 9.18 33.87
CA LEU F 48 -43.20 10.56 33.42
C LEU F 48 -41.83 11.14 33.13
N ILE F 49 -40.92 11.09 34.10
CA ILE F 49 -39.59 11.66 33.97
C ILE F 49 -38.57 10.55 34.19
N TYR F 50 -37.57 10.46 33.32
CA TYR F 50 -36.50 9.50 33.45
C TYR F 50 -35.17 10.24 33.54
N GLY F 51 -34.30 9.76 34.43
CA GLY F 51 -33.05 10.44 34.69
C GLY F 51 -33.18 11.66 35.58
N ALA F 52 -34.37 11.93 36.11
CA ALA F 52 -34.66 13.03 37.01
C ALA F 52 -34.71 14.38 36.30
N SER F 53 -34.28 14.46 35.04
CA SER F 53 -34.35 15.73 34.32
C SER F 53 -34.75 15.57 32.86
N SER F 54 -35.25 14.41 32.44
CA SER F 54 -35.62 14.19 31.05
C SER F 54 -37.03 13.61 31.01
N ARG F 55 -37.90 14.22 30.21
CA ARG F 55 -39.28 13.78 30.10
C ARG F 55 -39.38 12.60 29.15
N ALA F 56 -40.20 11.62 29.52
CA ALA F 56 -40.38 10.45 28.69
C ALA F 56 -41.19 10.80 27.45
N THR F 57 -41.13 9.91 26.45
CA THR F 57 -41.84 10.15 25.20
C THR F 57 -43.33 10.21 25.44
N GLY F 58 -43.99 11.19 24.81
CA GLY F 58 -45.42 11.35 24.93
C GLY F 58 -45.87 12.08 26.17
N ILE F 59 -44.99 12.31 27.13
CA ILE F 59 -45.38 13.02 28.36
C ILE F 59 -45.58 14.50 28.03
N PRO F 60 -46.63 15.14 28.55
CA PRO F 60 -46.80 16.58 28.29
C PRO F 60 -45.60 17.37 28.79
N ASP F 61 -45.24 18.41 28.03
CA ASP F 61 -44.10 19.24 28.37
C ASP F 61 -44.30 20.01 29.67
N ARG F 62 -45.55 20.11 30.16
CA ARG F 62 -45.79 20.85 31.39
C ARG F 62 -45.06 20.24 32.58
N PHE F 63 -44.64 18.99 32.50
CA PHE F 63 -43.92 18.33 33.57
C PHE F 63 -42.42 18.56 33.41
N SER F 64 -41.73 18.70 34.55
CA SER F 64 -40.29 18.88 34.54
C SER F 64 -39.72 18.35 35.85
N GLY F 65 -38.43 18.03 35.82
CA GLY F 65 -37.76 17.52 37.00
C GLY F 65 -36.38 18.11 37.17
N THR F 66 -36.05 18.50 38.40
CA THR F 66 -34.77 19.11 38.69
C THR F 66 -34.29 18.63 40.06
N GLY F 67 -33.14 19.12 40.49
CA GLY F 67 -32.59 18.79 41.79
C GLY F 67 -31.31 17.99 41.69
N SER F 68 -30.74 17.72 42.86
CA SER F 68 -29.45 17.05 42.95
C SER F 68 -29.26 16.60 44.40
N GLY F 69 -28.09 16.04 44.67
CA GLY F 69 -27.76 15.64 46.03
C GLY F 69 -28.80 14.70 46.58
N THR F 70 -29.40 15.07 47.72
CA THR F 70 -30.42 14.27 48.35
C THR F 70 -31.82 14.81 48.12
N ASP F 71 -31.98 15.89 47.35
CA ASP F 71 -33.27 16.54 47.17
C ASP F 71 -33.55 16.76 45.70
N PHE F 72 -34.75 16.39 45.27
CA PHE F 72 -35.18 16.57 43.90
C PHE F 72 -36.61 17.12 43.89
N THR F 73 -36.96 17.77 42.79
CA THR F 73 -38.24 18.46 42.67
C THR F 73 -38.90 18.10 41.34
N LEU F 74 -40.18 17.76 41.41
CA LEU F 74 -41.03 17.58 40.25
C LEU F 74 -41.96 18.79 40.15
N THR F 75 -41.95 19.45 39.00
CA THR F 75 -42.71 20.67 38.77
C THR F 75 -43.71 20.43 37.65
N ILE F 76 -44.91 20.98 37.82
CA ILE F 76 -45.96 20.93 36.81
C ILE F 76 -46.45 22.37 36.64
N SER F 77 -46.09 22.99 35.52
CA SER F 77 -46.44 24.40 35.30
C SER F 77 -47.95 24.59 35.29
N ARG F 78 -48.67 23.73 34.58
CA ARG F 78 -50.12 23.80 34.48
C ARG F 78 -50.73 22.48 34.92
N LEU F 79 -51.82 22.57 35.68
CA LEU F 79 -52.50 21.40 36.21
C LEU F 79 -53.74 21.11 35.37
N GLU F 80 -53.95 19.85 35.03
CA GLU F 80 -55.02 19.41 34.15
C GLU F 80 -55.83 18.32 34.84
N PRO F 81 -57.09 18.13 34.43
CA PRO F 81 -57.89 17.08 35.06
C PRO F 81 -57.27 15.69 34.95
N GLU F 82 -56.62 15.40 33.83
CA GLU F 82 -55.93 14.12 33.67
C GLU F 82 -54.68 14.00 34.53
N ASP F 83 -54.21 15.11 35.10
CA ASP F 83 -52.99 15.12 35.90
C ASP F 83 -53.23 14.71 37.35
N PHE F 84 -54.47 14.53 37.78
CA PHE F 84 -54.77 14.21 39.17
C PHE F 84 -54.69 12.70 39.35
N ALA F 85 -53.59 12.24 39.94
CA ALA F 85 -53.37 10.83 40.21
C ALA F 85 -52.33 10.71 41.31
N VAL F 86 -51.80 9.51 41.51
CA VAL F 86 -50.74 9.27 42.48
C VAL F 86 -49.40 9.46 41.79
N TYR F 87 -48.42 9.97 42.52
CA TYR F 87 -47.10 10.25 41.97
C TYR F 87 -46.03 9.67 42.87
N TYR F 88 -44.98 9.13 42.26
CA TYR F 88 -43.89 8.49 42.97
C TYR F 88 -42.56 8.92 42.39
N CYS F 89 -41.54 8.96 43.23
CA CYS F 89 -40.16 9.11 42.81
C CYS F 89 -39.42 7.82 43.09
N GLN F 90 -38.89 7.20 42.04
CA GLN F 90 -38.22 5.91 42.12
C GLN F 90 -36.77 6.08 41.70
N GLN F 91 -35.85 5.64 42.55
CA GLN F 91 -34.43 5.73 42.28
C GLN F 91 -33.89 4.34 42.00
N TYR F 92 -33.08 4.24 40.95
CA TYR F 92 -32.61 2.96 40.43
C TYR F 92 -31.22 3.14 39.86
N GLY F 93 -30.47 2.04 39.81
CA GLY F 93 -29.13 2.09 39.27
C GLY F 93 -28.75 0.75 38.69
N THR F 94 -27.54 0.69 38.14
CA THR F 94 -27.06 -0.56 37.55
C THR F 94 -27.08 -1.68 38.58
N SER F 95 -26.48 -1.44 39.74
CA SER F 95 -26.52 -2.43 40.80
C SER F 95 -27.96 -2.58 41.29
N PRO F 96 -28.47 -3.80 41.47
CA PRO F 96 -29.87 -3.95 41.87
C PRO F 96 -30.17 -3.34 43.23
N ARG F 97 -29.17 -3.14 44.09
CA ARG F 97 -29.40 -2.56 45.40
C ARG F 97 -29.93 -1.15 45.32
N MET F 98 -29.74 -0.46 44.19
CA MET F 98 -30.14 0.93 44.07
C MET F 98 -31.64 1.11 43.95
N TYR F 99 -32.41 0.03 43.81
CA TYR F 99 -33.85 0.13 43.59
C TYR F 99 -34.57 0.29 44.93
N THR F 100 -35.22 1.43 45.10
CA THR F 100 -36.06 1.69 46.26
C THR F 100 -37.28 2.48 45.79
N PHE F 101 -38.08 2.94 46.74
CA PHE F 101 -39.29 3.69 46.41
C PHE F 101 -39.63 4.66 47.53
N GLY F 102 -40.43 5.66 47.20
CA GLY F 102 -41.02 6.54 48.19
C GLY F 102 -42.45 6.14 48.50
N GLN F 103 -42.96 6.72 49.59
CA GLN F 103 -44.32 6.40 50.02
C GLN F 103 -45.37 6.83 49.00
N GLY F 104 -45.04 7.78 48.13
CA GLY F 104 -45.98 8.21 47.12
C GLY F 104 -46.68 9.51 47.49
N THR F 105 -47.16 10.22 46.47
CA THR F 105 -47.87 11.46 46.65
C THR F 105 -49.14 11.44 45.81
N LYS F 106 -50.25 11.87 46.40
CA LYS F 106 -51.54 11.91 45.72
C LYS F 106 -51.87 13.35 45.34
N VAL F 107 -52.36 13.54 44.13
CA VAL F 107 -52.76 14.85 43.62
C VAL F 107 -54.25 14.81 43.36
N ASP F 108 -54.97 15.77 43.96
CA ASP F 108 -56.42 15.85 43.84
C ASP F 108 -56.84 17.29 43.61
N ILE F 109 -58.04 17.44 43.05
CA ILE F 109 -58.57 18.77 42.75
C ILE F 109 -58.80 19.53 44.05
N LYS F 110 -58.27 20.75 44.13
CA LYS F 110 -58.51 21.59 45.29
C LYS F 110 -59.97 22.00 45.35
N ARG F 111 -60.54 21.93 46.55
CA ARG F 111 -61.96 22.20 46.74
C ARG F 111 -62.17 22.73 48.16
N THR F 112 -63.27 23.46 48.33
CA THR F 112 -63.63 23.95 49.66
C THR F 112 -63.84 22.76 50.61
N VAL F 113 -63.45 22.97 51.86
CA VAL F 113 -63.55 21.91 52.86
C VAL F 113 -65.02 21.55 53.01
N ALA F 114 -65.38 20.32 52.62
CA ALA F 114 -66.76 19.85 52.64
C ALA F 114 -66.97 18.98 53.87
N ALA F 115 -67.95 19.34 54.69
CA ALA F 115 -68.28 18.54 55.85
C ALA F 115 -68.95 17.24 55.41
N PRO F 116 -68.48 16.07 55.83
CA PRO F 116 -69.15 14.82 55.45
C PRO F 116 -70.59 14.79 55.95
N SER F 117 -71.47 14.26 55.11
CA SER F 117 -72.79 13.84 55.56
C SER F 117 -72.63 12.46 56.18
N VAL F 118 -72.77 12.38 57.51
CA VAL F 118 -72.51 11.17 58.26
C VAL F 118 -73.84 10.47 58.51
N PHE F 119 -73.93 9.21 58.10
CA PHE F 119 -75.11 8.39 58.33
C PHE F 119 -74.71 7.02 58.83
N ILE F 120 -75.61 6.39 59.57
CA ILE F 120 -75.39 5.05 60.12
C ILE F 120 -76.56 4.17 59.72
N PHE F 121 -76.25 2.99 59.20
CA PHE F 121 -77.24 2.01 58.75
C PHE F 121 -77.12 0.75 59.60
N PRO F 122 -78.16 0.37 60.35
CA PRO F 122 -78.10 -0.89 61.08
C PRO F 122 -78.06 -2.08 60.13
N PRO F 123 -77.55 -3.21 60.59
CA PRO F 123 -77.53 -4.40 59.72
C PRO F 123 -78.94 -4.82 59.33
N SER F 124 -79.07 -5.29 58.09
CA SER F 124 -80.35 -5.81 57.63
C SER F 124 -80.70 -7.09 58.37
N ASP F 125 -82.00 -7.26 58.65
CA ASP F 125 -82.43 -8.51 59.27
C ASP F 125 -82.14 -9.70 58.37
N GLU F 126 -82.18 -9.50 57.05
CA GLU F 126 -81.82 -10.58 56.13
C GLU F 126 -80.39 -11.05 56.37
N GLN F 127 -79.46 -10.10 56.54
CA GLN F 127 -78.09 -10.48 56.86
C GLN F 127 -78.01 -11.13 58.24
N LEU F 128 -78.85 -10.69 59.18
CA LEU F 128 -78.85 -11.33 60.50
C LEU F 128 -79.25 -12.80 60.39
N LYS F 129 -80.21 -13.11 59.52
CA LYS F 129 -80.60 -14.50 59.35
C LYS F 129 -79.43 -15.37 58.91
N SER F 130 -78.40 -14.77 58.31
CA SER F 130 -77.18 -15.48 57.95
C SER F 130 -76.21 -15.61 59.11
N GLY F 131 -76.55 -15.08 60.29
CA GLY F 131 -75.68 -15.15 61.43
C GLY F 131 -74.62 -14.08 61.49
N THR F 132 -74.70 -13.07 60.63
CA THR F 132 -73.71 -11.99 60.59
C THR F 132 -74.42 -10.65 60.58
N ALA F 133 -73.77 -9.65 61.16
CA ALA F 133 -74.28 -8.29 61.20
C ALA F 133 -73.22 -7.34 60.65
N SER F 134 -73.65 -6.43 59.77
CA SER F 134 -72.78 -5.42 59.19
C SER F 134 -73.40 -4.05 59.44
N VAL F 135 -72.79 -3.27 60.33
CA VAL F 135 -73.22 -1.90 60.59
C VAL F 135 -72.44 -0.99 59.65
N VAL F 136 -73.15 -0.13 58.93
CA VAL F 136 -72.53 0.68 57.88
C VAL F 136 -72.48 2.13 58.34
N CYS F 137 -71.33 2.77 58.11
CA CYS F 137 -71.15 4.19 58.36
C CYS F 137 -70.79 4.86 57.03
N LEU F 138 -71.56 5.87 56.64
CA LEU F 138 -71.38 6.56 55.38
C LEU F 138 -70.96 8.00 55.62
N LEU F 139 -69.85 8.40 55.01
CA LEU F 139 -69.42 9.79 54.94
C LEU F 139 -69.57 10.21 53.49
N ASN F 140 -70.62 10.98 53.18
CA ASN F 140 -70.95 11.35 51.80
C ASN F 140 -70.49 12.77 51.52
N ASN F 141 -69.83 12.96 50.37
CA ASN F 141 -69.55 14.29 49.82
C ASN F 141 -68.75 15.14 50.82
N PHE F 142 -67.55 14.63 51.12
CA PHE F 142 -66.62 15.29 52.02
C PHE F 142 -65.31 15.56 51.30
N TYR F 143 -64.63 16.63 51.72
CA TYR F 143 -63.35 17.02 51.15
C TYR F 143 -62.60 17.75 52.25
N PRO F 144 -61.31 17.45 52.47
CA PRO F 144 -60.47 16.50 51.74
C PRO F 144 -60.79 15.04 52.06
N ARG F 145 -60.19 14.11 51.33
CA ARG F 145 -60.47 12.70 51.54
C ARG F 145 -60.07 12.25 52.94
N GLU F 146 -59.09 12.91 53.55
CA GLU F 146 -58.59 12.49 54.85
C GLU F 146 -59.67 12.57 55.91
N ALA F 147 -60.05 11.42 56.46
CA ALA F 147 -61.06 11.36 57.52
C ALA F 147 -60.73 10.18 58.42
N LYS F 148 -61.26 10.23 59.64
CA LYS F 148 -61.07 9.18 60.63
C LYS F 148 -62.43 8.68 61.09
N VAL F 149 -62.60 7.36 61.10
CA VAL F 149 -63.84 6.73 61.53
C VAL F 149 -63.52 5.74 62.65
N GLN F 150 -64.24 5.86 63.76
CA GLN F 150 -64.07 4.97 64.90
C GLN F 150 -65.42 4.35 65.27
N TRP F 151 -65.44 3.03 65.44
CA TRP F 151 -66.66 2.31 65.76
C TRP F 151 -66.78 2.14 67.27
N LYS F 152 -67.94 2.52 67.82
CA LYS F 152 -68.23 2.38 69.24
C LYS F 152 -69.48 1.53 69.41
N VAL F 153 -69.31 0.34 69.95
CA VAL F 153 -70.43 -0.54 70.28
C VAL F 153 -70.63 -0.47 71.79
N ASP F 154 -71.77 0.08 72.20
CA ASP F 154 -72.02 0.35 73.62
C ASP F 154 -70.88 1.17 74.21
N ASN F 155 -70.44 2.18 73.46
CA ASN F 155 -69.38 3.08 73.88
C ASN F 155 -68.05 2.33 74.09
N ALA F 156 -67.82 1.28 73.29
CA ALA F 156 -66.58 0.52 73.33
C ALA F 156 -65.96 0.53 71.93
N LEU F 157 -64.70 0.94 71.85
CA LEU F 157 -64.02 1.03 70.57
C LEU F 157 -63.87 -0.36 69.94
N GLN F 158 -64.03 -0.42 68.62
CA GLN F 158 -63.91 -1.65 67.86
C GLN F 158 -62.70 -1.56 66.95
N SER F 159 -61.84 -2.58 67.01
CA SER F 159 -60.61 -2.61 66.22
C SER F 159 -60.53 -3.94 65.48
N GLY F 160 -60.19 -3.88 64.20
CA GLY F 160 -60.01 -5.08 63.40
C GLY F 160 -61.27 -5.76 62.95
N ASN F 161 -62.44 -5.17 63.22
CA ASN F 161 -63.72 -5.74 62.84
C ASN F 161 -64.43 -4.94 61.75
N SER F 162 -63.75 -3.96 61.17
CA SER F 162 -64.37 -3.08 60.18
C SER F 162 -63.45 -2.93 58.97
N GLN F 163 -64.07 -2.78 57.80
CA GLN F 163 -63.37 -2.54 56.55
C GLN F 163 -63.94 -1.28 55.89
N GLU F 164 -63.05 -0.44 55.37
CA GLU F 164 -63.43 0.84 54.80
C GLU F 164 -63.14 0.85 53.30
N SER F 165 -64.09 1.36 52.53
CA SER F 165 -63.95 1.54 51.09
C SER F 165 -64.27 2.99 50.75
N VAL F 166 -63.39 3.64 50.00
CA VAL F 166 -63.53 5.05 49.66
CA VAL F 166 -63.53 5.05 49.66
C VAL F 166 -63.58 5.17 48.14
N THR F 167 -64.57 5.91 47.64
CA THR F 167 -64.69 6.15 46.21
C THR F 167 -63.66 7.20 45.76
N GLU F 168 -63.53 7.32 44.45
CA GLU F 168 -62.66 8.33 43.87
C GLU F 168 -63.26 9.72 44.07
N GLN F 169 -62.45 10.74 43.83
CA GLN F 169 -62.92 12.11 43.94
C GLN F 169 -64.07 12.33 42.97
N ASP F 170 -65.14 12.95 43.46
CA ASP F 170 -66.33 13.14 42.63
C ASP F 170 -66.01 14.04 41.46
N SER F 171 -66.52 13.67 40.29
CA SER F 171 -66.24 14.41 39.05
C SER F 171 -66.98 15.73 38.97
N LYS F 172 -67.94 15.99 39.85
CA LYS F 172 -68.75 17.20 39.80
C LYS F 172 -68.47 18.13 40.98
N ASP F 173 -68.60 17.64 42.20
CA ASP F 173 -68.35 18.45 43.40
C ASP F 173 -66.96 18.26 43.96
N SER F 174 -66.13 17.43 43.35
CA SER F 174 -64.76 17.20 43.81
C SER F 174 -64.73 16.77 45.27
N THR F 175 -65.65 15.90 45.65
CA THR F 175 -65.78 15.40 47.01
C THR F 175 -65.51 13.89 47.02
N TYR F 176 -65.55 13.32 48.21
CA TYR F 176 -65.26 11.91 48.42
C TYR F 176 -66.39 11.24 49.21
N SER F 177 -66.47 9.92 49.06
CA SER F 177 -67.41 9.12 49.82
C SER F 177 -66.68 7.95 50.46
N LEU F 178 -66.97 7.72 51.74
CA LEU F 178 -66.39 6.64 52.51
C LEU F 178 -67.49 5.77 53.09
N SER F 179 -67.26 4.46 53.08
CA SER F 179 -68.20 3.49 53.65
C SER F 179 -67.40 2.55 54.54
N SER F 180 -67.67 2.57 55.84
CA SER F 180 -67.05 1.69 56.81
C SER F 180 -68.06 0.64 57.24
N THR F 181 -67.75 -0.62 56.97
CA THR F 181 -68.62 -1.74 57.33
C THR F 181 -67.98 -2.46 58.51
N LEU F 182 -68.63 -2.37 59.67
CA LEU F 182 -68.22 -3.10 60.86
C LEU F 182 -68.96 -4.43 60.90
N THR F 183 -68.22 -5.54 60.83
CA THR F 183 -68.79 -6.87 60.71
C THR F 183 -68.61 -7.62 62.03
N LEU F 184 -69.70 -8.19 62.54
CA LEU F 184 -69.70 -8.95 63.77
C LEU F 184 -70.63 -10.15 63.62
N SER F 185 -70.57 -11.05 64.59
CA SER F 185 -71.50 -12.18 64.61
C SER F 185 -72.86 -11.72 65.12
N LYS F 186 -73.90 -12.45 64.71
CA LYS F 186 -75.26 -12.11 65.13
C LYS F 186 -75.39 -12.22 66.64
N ALA F 187 -74.79 -13.25 67.24
CA ALA F 187 -74.86 -13.41 68.69
C ALA F 187 -74.21 -12.23 69.39
N ASP F 188 -73.05 -11.79 68.91
CA ASP F 188 -72.39 -10.62 69.49
C ASP F 188 -73.16 -9.35 69.16
N TYR F 189 -73.78 -9.28 67.98
CA TYR F 189 -74.58 -8.11 67.64
C TYR F 189 -75.74 -7.95 68.61
N GLU F 190 -76.38 -9.06 68.97
CA GLU F 190 -77.50 -9.00 69.93
C GLU F 190 -77.03 -8.80 71.36
N LYS F 191 -75.75 -8.96 71.65
CA LYS F 191 -75.23 -8.70 72.99
C LYS F 191 -75.14 -7.22 73.31
N HIS F 192 -75.32 -6.34 72.32
CA HIS F 192 -75.16 -4.91 72.51
C HIS F 192 -76.33 -4.18 71.86
N LYS F 193 -76.59 -2.97 72.36
CA LYS F 193 -77.72 -2.17 71.91
C LYS F 193 -77.28 -0.91 71.16
N VAL F 194 -76.37 -0.13 71.72
CA VAL F 194 -75.93 1.11 71.12
C VAL F 194 -74.78 0.83 70.16
N TYR F 195 -74.98 1.17 68.88
CA TYR F 195 -73.94 1.05 67.86
C TYR F 195 -73.79 2.39 67.19
N ALA F 196 -72.56 2.89 67.11
CA ALA F 196 -72.34 4.22 66.57
C ALA F 196 -70.98 4.30 65.91
N CYS F 197 -70.82 5.29 65.04
CA CYS F 197 -69.54 5.60 64.41
CA CYS F 197 -69.54 5.60 64.41
C CYS F 197 -69.26 7.08 64.56
N GLU F 198 -68.03 7.40 64.98
CA GLU F 198 -67.58 8.77 65.16
C GLU F 198 -66.65 9.12 64.00
N VAL F 199 -66.94 10.24 63.34
CA VAL F 199 -66.20 10.71 62.19
C VAL F 199 -65.51 12.01 62.55
N THR F 200 -64.19 12.05 62.36
CA THR F 200 -63.39 13.25 62.50
C THR F 200 -62.91 13.67 61.12
N HIS F 201 -63.22 14.90 60.73
CA HIS F 201 -62.90 15.39 59.40
C HIS F 201 -62.63 16.88 59.48
N GLN F 202 -61.88 17.39 58.50
CA GLN F 202 -61.54 18.81 58.49
C GLN F 202 -62.78 19.68 58.36
N GLY F 203 -63.78 19.21 57.61
CA GLY F 203 -65.02 19.96 57.48
C GLY F 203 -65.91 19.91 58.70
N LEU F 204 -65.63 19.04 59.65
CA LEU F 204 -66.38 18.94 60.90
C LEU F 204 -65.62 19.68 61.99
N SER F 205 -66.28 20.65 62.61
CA SER F 205 -65.66 21.36 63.74
C SER F 205 -65.38 20.39 64.89
N SER F 206 -66.30 19.48 65.15
CA SER F 206 -66.16 18.46 66.17
C SER F 206 -66.46 17.09 65.58
N PRO F 207 -65.87 16.03 66.11
CA PRO F 207 -66.16 14.68 65.59
C PRO F 207 -67.64 14.36 65.74
N VAL F 208 -68.31 14.16 64.61
CA VAL F 208 -69.74 13.88 64.59
C VAL F 208 -69.94 12.38 64.77
N THR F 209 -70.75 12.01 65.77
CA THR F 209 -71.01 10.61 66.07
C THR F 209 -72.46 10.29 65.72
N LYS F 210 -72.66 9.31 64.85
CA LYS F 210 -73.98 8.83 64.49
C LYS F 210 -74.22 7.50 65.17
N SER F 211 -75.31 7.41 65.94
CA SER F 211 -75.58 6.27 66.80
C SER F 211 -77.00 5.77 66.56
N PHE F 212 -77.22 4.50 66.89
CA PHE F 212 -78.54 3.90 66.82
C PHE F 212 -78.64 2.78 67.85
N ASN F 213 -79.87 2.39 68.13
CA ASN F 213 -80.17 1.31 69.06
C ASN F 213 -80.60 0.07 68.28
N ARG F 214 -80.05 -1.08 68.65
CA ARG F 214 -80.42 -2.33 67.97
C ARG F 214 -81.91 -2.58 68.12
N GLY F 215 -82.55 -2.92 67.00
CA GLY F 215 -83.96 -3.17 66.98
C GLY F 215 -84.84 -1.95 66.78
N GLU F 216 -84.25 -0.76 66.75
CA GLU F 216 -85.02 0.47 66.57
C GLU F 216 -84.50 1.25 65.36
N GLN G 3 -41.45 -3.38 28.22
CA GLN G 3 -42.18 -4.19 27.26
C GLN G 3 -42.06 -5.67 27.62
N LEU G 4 -41.60 -5.95 28.83
CA LEU G 4 -41.44 -7.33 29.28
C LEU G 4 -42.80 -8.01 29.39
N VAL G 5 -42.81 -9.31 29.16
CA VAL G 5 -44.01 -10.13 29.23
C VAL G 5 -43.95 -10.96 30.51
N GLN G 6 -44.84 -10.67 31.44
CA GLN G 6 -44.95 -11.43 32.67
C GLN G 6 -45.90 -12.61 32.48
N SER G 7 -45.98 -13.46 33.50
CA SER G 7 -46.93 -14.56 33.46
C SER G 7 -48.35 -14.03 33.68
N GLY G 8 -49.32 -14.88 33.38
CA GLY G 8 -50.71 -14.50 33.53
C GLY G 8 -51.12 -14.39 34.99
N ALA G 9 -52.28 -13.77 35.21
CA ALA G 9 -52.80 -13.62 36.56
C ALA G 9 -53.01 -14.98 37.20
N GLU G 10 -52.59 -15.11 38.46
CA GLU G 10 -52.61 -16.39 39.16
C GLU G 10 -53.48 -16.31 40.40
N VAL G 11 -54.08 -17.44 40.76
CA VAL G 11 -54.87 -17.59 41.98
C VAL G 11 -54.34 -18.82 42.70
N LYS G 12 -53.93 -18.65 43.95
CA LYS G 12 -53.32 -19.69 44.75
C LYS G 12 -53.96 -19.70 46.13
N LYS G 13 -53.55 -20.67 46.95
CA LYS G 13 -54.05 -20.80 48.31
C LYS G 13 -53.00 -20.31 49.31
N PRO G 14 -53.42 -19.89 50.50
CA PRO G 14 -52.44 -19.47 51.50
C PRO G 14 -51.49 -20.60 51.86
N GLY G 15 -50.23 -20.24 52.09
CA GLY G 15 -49.20 -21.21 52.40
C GLY G 15 -48.56 -21.87 51.21
N SER G 16 -49.01 -21.57 50.00
CA SER G 16 -48.46 -22.17 48.79
C SER G 16 -47.34 -21.27 48.24
N SER G 17 -46.88 -21.57 47.02
CA SER G 17 -45.86 -20.78 46.36
C SER G 17 -46.29 -20.53 44.93
N VAL G 18 -45.92 -19.37 44.41
CA VAL G 18 -46.27 -18.96 43.04
C VAL G 18 -45.01 -18.45 42.35
N LYS G 19 -44.81 -18.89 41.11
CA LYS G 19 -43.67 -18.50 40.29
C LYS G 19 -44.17 -17.67 39.13
N VAL G 20 -43.61 -16.47 38.96
CA VAL G 20 -44.00 -15.52 37.93
C VAL G 20 -42.83 -15.35 36.97
N SER G 21 -43.10 -15.52 35.69
CA SER G 21 -42.08 -15.37 34.66
C SER G 21 -42.03 -13.92 34.17
N CYS G 22 -40.95 -13.62 33.45
CA CYS G 22 -40.76 -12.29 32.85
C CYS G 22 -39.87 -12.49 31.63
N LYS G 23 -40.48 -12.53 30.45
CA LYS G 23 -39.78 -12.89 29.22
C LYS G 23 -39.19 -11.64 28.57
N ALA G 24 -37.92 -11.74 28.19
CA ALA G 24 -37.20 -10.67 27.53
C ALA G 24 -36.83 -11.10 26.11
N SER G 25 -37.08 -10.23 25.15
CA SER G 25 -36.86 -10.56 23.75
C SER G 25 -35.37 -10.60 23.42
N ARG G 26 -35.03 -11.45 22.45
CA ARG G 26 -33.66 -11.52 21.94
C ARG G 26 -32.67 -11.86 23.04
N GLY G 27 -31.38 -11.65 22.77
CA GLY G 27 -30.34 -11.91 23.73
C GLY G 27 -29.94 -10.67 24.51
N THR G 28 -30.92 -9.86 24.89
CA THR G 28 -30.70 -8.63 25.64
C THR G 28 -30.95 -8.84 27.12
N PHE G 29 -30.58 -10.01 27.63
CA PHE G 29 -30.89 -10.41 28.99
C PHE G 29 -29.71 -10.21 29.94
N ASN G 30 -28.55 -10.79 29.60
CA ASN G 30 -27.40 -10.73 30.51
C ASN G 30 -26.93 -9.31 30.74
N THR G 31 -26.86 -8.50 29.68
CA THR G 31 -26.30 -7.17 29.79
C THR G 31 -27.17 -6.20 30.57
N TYR G 32 -28.45 -6.52 30.77
CA TYR G 32 -29.38 -5.65 31.46
C TYR G 32 -29.61 -6.15 32.88
N VAL G 33 -30.25 -5.31 33.69
CA VAL G 33 -30.48 -5.60 35.10
C VAL G 33 -31.98 -5.61 35.34
N PHE G 34 -32.51 -6.72 35.84
CA PHE G 34 -33.94 -6.88 36.05
C PHE G 34 -34.27 -6.76 37.53
N THR G 35 -35.47 -6.26 37.80
CA THR G 35 -35.96 -6.13 39.17
C THR G 35 -37.44 -6.48 39.21
N TRP G 36 -37.87 -6.99 40.37
CA TRP G 36 -39.25 -7.36 40.62
C TRP G 36 -39.82 -6.45 41.70
N VAL G 37 -40.96 -5.83 41.38
CA VAL G 37 -41.62 -4.87 42.26
C VAL G 37 -43.10 -5.22 42.32
N ARG G 38 -43.64 -5.32 43.53
CA ARG G 38 -45.06 -5.61 43.72
C ARG G 38 -45.75 -4.43 44.37
N GLN G 39 -47.07 -4.38 44.19
CA GLN G 39 -47.90 -3.33 44.78
C GLN G 39 -49.24 -3.95 45.14
N ALA G 40 -49.58 -3.92 46.43
CA ALA G 40 -50.89 -4.35 46.85
C ALA G 40 -51.93 -3.29 46.47
N PRO G 41 -53.18 -3.70 46.21
CA PRO G 41 -54.20 -2.71 45.84
C PRO G 41 -54.35 -1.65 46.92
N GLY G 42 -54.46 -0.40 46.48
CA GLY G 42 -54.58 0.71 47.41
C GLY G 42 -53.29 1.08 48.11
N GLN G 43 -52.16 0.53 47.69
CA GLN G 43 -50.87 0.77 48.32
C GLN G 43 -49.90 1.31 47.27
N GLY G 44 -48.72 1.74 47.74
CA GLY G 44 -47.70 2.23 46.85
C GLY G 44 -46.80 1.12 46.33
N LEU G 45 -45.96 1.47 45.37
CA LEU G 45 -45.03 0.50 44.79
C LEU G 45 -44.04 0.04 45.84
N GLU G 46 -43.82 -1.28 45.91
CA GLU G 46 -42.93 -1.89 46.89
C GLU G 46 -41.96 -2.78 46.15
N TRP G 47 -40.69 -2.36 46.09
CA TRP G 47 -39.68 -3.17 45.41
C TRP G 47 -39.47 -4.49 46.16
N MET G 48 -39.42 -5.58 45.41
CA MET G 48 -39.19 -6.90 45.98
C MET G 48 -37.72 -7.31 45.87
N GLY G 49 -37.19 -7.36 44.65
CA GLY G 49 -35.84 -7.87 44.47
C GLY G 49 -35.25 -7.46 43.14
N GLY G 50 -34.06 -7.98 42.88
CA GLY G 50 -33.35 -7.67 41.66
C GLY G 50 -32.26 -8.69 41.37
N ILE G 51 -31.89 -8.79 40.10
CA ILE G 51 -30.88 -9.73 39.67
C ILE G 51 -30.36 -9.29 38.30
N ILE G 52 -29.10 -9.64 38.03
CA ILE G 52 -28.47 -9.42 36.74
C ILE G 52 -28.15 -10.81 36.18
N PRO G 53 -28.73 -11.22 35.06
CA PRO G 53 -28.47 -12.59 34.57
C PRO G 53 -27.01 -12.86 34.31
N PHE G 54 -26.24 -11.85 33.89
CA PHE G 54 -24.82 -12.08 33.61
C PHE G 54 -24.07 -12.55 34.84
N PHE G 55 -24.48 -12.10 36.02
CA PHE G 55 -23.83 -12.51 37.26
C PHE G 55 -24.57 -13.60 38.00
N GLY G 56 -25.89 -13.66 37.86
CA GLY G 56 -26.68 -14.66 38.55
C GLY G 56 -26.94 -14.38 40.01
N THR G 57 -26.13 -13.53 40.64
CA THR G 57 -26.35 -13.17 42.04
C THR G 57 -27.55 -12.26 42.14
N ALA G 58 -28.43 -12.53 43.10
CA ALA G 58 -29.67 -11.79 43.26
C ALA G 58 -29.73 -11.19 44.66
N ASP G 59 -30.43 -10.06 44.77
CA ASP G 59 -30.71 -9.42 46.05
C ASP G 59 -32.21 -9.27 46.21
N TYR G 60 -32.65 -9.19 47.47
CA TYR G 60 -34.07 -9.10 47.77
C TYR G 60 -34.28 -8.12 48.91
N ALA G 61 -35.49 -7.59 48.98
CA ALA G 61 -35.84 -6.70 50.09
C ALA G 61 -35.85 -7.49 51.39
N GLN G 62 -35.49 -6.80 52.48
CA GLN G 62 -35.40 -7.47 53.77
C GLN G 62 -36.72 -8.14 54.15
N LYS G 63 -37.84 -7.55 53.73
CA LYS G 63 -39.13 -8.16 54.02
C LYS G 63 -39.28 -9.51 53.33
N PHE G 64 -38.85 -9.61 52.08
CA PHE G 64 -39.06 -10.80 51.26
C PHE G 64 -37.89 -11.75 51.29
N GLN G 65 -36.89 -11.52 52.14
CA GLN G 65 -35.77 -12.43 52.24
C GLN G 65 -36.23 -13.84 52.59
N GLY G 66 -35.68 -14.83 51.90
CA GLY G 66 -36.04 -16.22 52.14
C GLY G 66 -37.33 -16.68 51.47
N ARG G 67 -38.43 -15.96 51.70
CA ARG G 67 -39.70 -16.36 51.10
C ARG G 67 -39.63 -16.31 49.59
N VAL G 68 -39.02 -15.26 49.03
CA VAL G 68 -38.99 -15.07 47.59
C VAL G 68 -37.58 -15.39 47.09
N THR G 69 -37.52 -15.76 45.81
CA THR G 69 -36.26 -16.07 45.16
C THR G 69 -36.39 -15.75 43.68
N ILE G 70 -35.39 -15.08 43.13
CA ILE G 70 -35.41 -14.64 41.74
C ILE G 70 -34.24 -15.28 41.02
N THR G 71 -34.52 -15.89 39.86
CA THR G 71 -33.52 -16.51 39.00
C THR G 71 -33.70 -15.99 37.59
N ALA G 72 -32.79 -16.42 36.70
CA ALA G 72 -32.82 -15.99 35.31
C ALA G 72 -32.22 -17.07 34.44
N ASP G 73 -32.73 -17.20 33.22
CA ASP G 73 -32.22 -18.13 32.23
C ASP G 73 -32.00 -17.41 30.92
N ASP G 74 -30.79 -17.50 30.39
CA ASP G 74 -30.46 -16.85 29.12
C ASP G 74 -31.01 -17.62 27.93
N SER G 75 -31.08 -18.94 28.02
CA SER G 75 -31.57 -19.73 26.89
C SER G 75 -32.98 -19.31 26.50
N THR G 76 -33.85 -19.16 27.48
CA THR G 76 -35.18 -18.61 27.24
C THR G 76 -35.23 -17.09 27.38
N SER G 77 -34.13 -16.46 27.80
CA SER G 77 -34.08 -15.02 27.97
C SER G 77 -35.21 -14.56 28.90
N THR G 78 -35.42 -15.31 29.98
CA THR G 78 -36.56 -15.10 30.86
C THR G 78 -36.09 -15.10 32.31
N ALA G 79 -36.55 -14.11 33.07
CA ALA G 79 -36.37 -14.09 34.51
C ALA G 79 -37.57 -14.73 35.19
N TYR G 80 -37.38 -15.12 36.44
CA TYR G 80 -38.45 -15.75 37.21
C TYR G 80 -38.33 -15.31 38.65
N MET G 81 -39.49 -15.05 39.28
CA MET G 81 -39.56 -14.70 40.69
C MET G 81 -40.60 -15.60 41.34
N GLU G 82 -40.16 -16.42 42.29
CA GLU G 82 -41.04 -17.36 42.97
C GLU G 82 -41.13 -16.98 44.45
N LEU G 83 -42.35 -16.79 44.91
CA LEU G 83 -42.62 -16.47 46.32
C LEU G 83 -43.23 -17.68 47.00
N SER G 84 -42.64 -18.08 48.12
CA SER G 84 -43.10 -19.21 48.90
C SER G 84 -43.92 -18.74 50.10
N SER G 85 -44.62 -19.68 50.72
CA SER G 85 -45.46 -19.41 51.89
C SER G 85 -46.41 -18.25 51.60
N LEU G 86 -47.18 -18.39 50.52
CA LEU G 86 -48.08 -17.34 50.09
C LEU G 86 -49.12 -17.05 51.17
N ARG G 87 -49.49 -15.78 51.27
CA ARG G 87 -50.50 -15.34 52.23
C ARG G 87 -51.40 -14.32 51.55
N SER G 88 -52.54 -14.03 52.19
CA SER G 88 -53.47 -13.06 51.64
C SER G 88 -52.81 -11.71 51.45
N GLU G 89 -51.84 -11.37 52.29
CA GLU G 89 -51.11 -10.12 52.13
C GLU G 89 -50.31 -10.10 50.84
N ASP G 90 -50.01 -11.27 50.28
CA ASP G 90 -49.25 -11.35 49.03
C ASP G 90 -50.12 -11.10 47.81
N THR G 91 -51.43 -11.00 47.96
CA THR G 91 -52.31 -10.70 46.84
C THR G 91 -52.02 -9.29 46.34
N ALA G 92 -51.39 -9.18 45.18
CA ALA G 92 -50.92 -7.88 44.69
C ALA G 92 -50.67 -7.97 43.19
N VAL G 93 -50.38 -6.81 42.60
CA VAL G 93 -49.98 -6.72 41.21
C VAL G 93 -48.47 -6.65 41.15
N TYR G 94 -47.86 -7.56 40.40
CA TYR G 94 -46.41 -7.69 40.32
C TYR G 94 -45.93 -7.25 38.94
N TYR G 95 -44.74 -6.66 38.90
CA TYR G 95 -44.15 -6.19 37.66
C TYR G 95 -42.66 -6.48 37.68
N CYS G 96 -42.09 -6.70 36.51
CA CYS G 96 -40.66 -6.81 36.33
C CYS G 96 -40.20 -5.64 35.46
N SER G 97 -39.24 -4.88 35.98
CA SER G 97 -38.69 -3.72 35.29
C SER G 97 -37.22 -4.00 34.98
N ARG G 98 -36.84 -3.83 33.72
CA ARG G 98 -35.47 -4.07 33.29
C ARG G 98 -34.82 -2.77 32.85
N LEU G 99 -33.60 -2.56 33.33
CA LEU G 99 -32.81 -1.39 33.02
C LEU G 99 -31.66 -1.78 32.11
N SER G 100 -31.52 -1.08 31.00
CA SER G 100 -30.39 -1.27 30.11
C SER G 100 -29.18 -0.51 30.62
N GLN G 101 -28.00 -1.04 30.33
CA GLN G 101 -26.76 -0.43 30.80
C GLN G 101 -26.40 0.83 30.03
N TRP G 102 -27.15 1.18 28.98
CA TRP G 102 -26.76 2.26 28.09
C TRP G 102 -27.84 3.32 27.93
N ASP G 103 -28.91 3.27 28.72
CA ASP G 103 -29.92 4.32 28.70
C ASP G 103 -30.68 4.29 30.01
N LEU G 104 -30.96 5.48 30.55
CA LEU G 104 -31.65 5.61 31.83
C LEU G 104 -33.16 5.69 31.64
N LEU G 105 -33.71 4.73 30.91
CA LEU G 105 -35.15 4.69 30.60
C LEU G 105 -35.67 3.29 30.93
N PRO G 106 -35.92 3.00 32.20
CA PRO G 106 -36.39 1.67 32.57
C PRO G 106 -37.75 1.36 31.94
N MET G 107 -37.95 0.07 31.64
CA MET G 107 -39.17 -0.42 31.02
C MET G 107 -39.81 -1.44 31.94
N TRP G 108 -41.14 -1.45 31.97
CA TRP G 108 -41.92 -2.32 32.85
C TRP G 108 -42.70 -3.34 32.05
N GLY G 109 -43.09 -4.42 32.74
CA GLY G 109 -43.98 -5.38 32.15
C GLY G 109 -45.43 -4.93 32.24
N GLN G 110 -46.32 -5.71 31.61
CA GLN G 110 -47.73 -5.37 31.62
C GLN G 110 -48.38 -5.56 32.98
N GLY G 111 -47.69 -6.17 33.92
CA GLY G 111 -48.27 -6.42 35.23
C GLY G 111 -48.98 -7.77 35.30
N THR G 112 -49.00 -8.34 36.51
CA THR G 112 -49.62 -9.63 36.74
C THR G 112 -50.31 -9.61 38.09
N LEU G 113 -51.62 -9.86 38.10
CA LEU G 113 -52.37 -9.93 39.34
C LEU G 113 -52.23 -11.31 39.96
N VAL G 114 -51.82 -11.37 41.22
CA VAL G 114 -51.73 -12.62 41.97
C VAL G 114 -52.64 -12.51 43.17
N THR G 115 -53.54 -13.48 43.32
CA THR G 115 -54.44 -13.55 44.44
C THR G 115 -54.12 -14.80 45.25
N VAL G 116 -54.11 -14.65 46.58
CA VAL G 116 -53.83 -15.75 47.49
C VAL G 116 -55.00 -15.82 48.47
N SER G 117 -55.99 -16.65 48.14
CA SER G 117 -57.16 -16.83 48.98
C SER G 117 -57.99 -17.96 48.40
N SER G 118 -59.15 -18.21 49.01
CA SER G 118 -60.05 -19.23 48.52
C SER G 118 -60.60 -18.84 47.15
N ALA G 119 -60.59 -19.80 46.23
CA ALA G 119 -61.04 -19.58 44.86
C ALA G 119 -62.34 -20.34 44.64
N SER G 120 -63.36 -19.64 44.15
CA SER G 120 -64.67 -20.22 43.92
C SER G 120 -65.43 -19.34 42.94
N THR G 121 -66.66 -19.74 42.65
CA THR G 121 -67.58 -18.98 41.80
C THR G 121 -68.90 -18.87 42.57
N LYS G 122 -68.99 -17.86 43.43
CA LYS G 122 -70.11 -17.69 44.34
C LYS G 122 -70.88 -16.42 43.99
N GLY G 123 -72.21 -16.52 44.02
CA GLY G 123 -73.06 -15.38 43.78
C GLY G 123 -73.05 -14.43 44.96
N PRO G 124 -73.14 -13.13 44.70
CA PRO G 124 -73.15 -12.16 45.80
C PRO G 124 -74.43 -12.20 46.60
N SER G 125 -74.32 -11.81 47.87
CA SER G 125 -75.47 -11.62 48.74
C SER G 125 -75.72 -10.13 48.90
N VAL G 126 -76.91 -9.68 48.52
CA VAL G 126 -77.26 -8.28 48.55
C VAL G 126 -78.16 -8.04 49.76
N PHE G 127 -77.71 -7.17 50.67
CA PHE G 127 -78.43 -6.86 51.88
C PHE G 127 -78.80 -5.39 51.90
N PRO G 128 -80.08 -5.04 52.07
CA PRO G 128 -80.47 -3.62 52.03
C PRO G 128 -80.11 -2.90 53.31
N LEU G 129 -79.51 -1.72 53.16
CA LEU G 129 -79.15 -0.84 54.27
C LEU G 129 -80.20 0.27 54.30
N ALA G 130 -81.15 0.16 55.23
CA ALA G 130 -82.27 1.07 55.26
C ALA G 130 -81.84 2.45 55.76
N PRO G 131 -82.55 3.51 55.35
CA PRO G 131 -82.24 4.84 55.87
C PRO G 131 -82.56 4.96 57.35
N SER G 132 -81.83 5.84 58.02
CA SER G 132 -82.05 6.07 59.45
C SER G 132 -83.41 6.71 59.67
N SER G 133 -84.09 6.28 60.73
CA SER G 133 -85.40 6.82 61.06
C SER G 133 -85.27 8.09 61.90
N GLY G 139 -83.11 16.56 56.36
CA GLY G 139 -84.03 16.54 55.23
C GLY G 139 -83.66 15.53 54.18
N THR G 140 -82.41 15.08 54.21
CA THR G 140 -81.88 14.09 53.27
C THR G 140 -81.33 12.91 54.05
N ALA G 141 -81.69 11.69 53.62
CA ALA G 141 -81.20 10.48 54.24
C ALA G 141 -80.64 9.56 53.16
N ALA G 142 -79.73 8.69 53.57
CA ALA G 142 -79.08 7.76 52.66
C ALA G 142 -79.67 6.36 52.82
N LEU G 143 -79.62 5.61 51.73
CA LEU G 143 -80.03 4.21 51.76
C LEU G 143 -79.19 3.46 50.74
N GLY G 144 -78.88 2.20 51.05
CA GLY G 144 -77.90 1.49 50.24
C GLY G 144 -78.07 -0.01 50.15
N CYS G 145 -77.05 -0.67 49.60
CA CYS G 145 -77.03 -2.12 49.50
C CYS G 145 -75.60 -2.62 49.69
N LEU G 146 -75.47 -3.68 50.47
CA LEU G 146 -74.20 -4.34 50.73
C LEU G 146 -74.11 -5.60 49.88
N VAL G 147 -73.14 -5.64 48.97
CA VAL G 147 -72.88 -6.80 48.13
C VAL G 147 -71.72 -7.55 48.77
N LYS G 148 -72.04 -8.62 49.48
CA LYS G 148 -71.06 -9.31 50.31
C LYS G 148 -70.91 -10.76 49.85
N ASP G 149 -69.71 -11.31 50.08
CA ASP G 149 -69.45 -12.74 49.90
C ASP G 149 -69.70 -13.18 48.45
N TYR G 150 -68.89 -12.62 47.56
CA TYR G 150 -68.86 -13.04 46.17
C TYR G 150 -67.42 -13.17 45.71
N PHE G 151 -67.20 -14.01 44.69
CA PHE G 151 -65.87 -14.24 44.15
C PHE G 151 -66.01 -14.94 42.81
N PRO G 152 -65.23 -14.56 41.78
CA PRO G 152 -64.25 -13.48 41.75
C PRO G 152 -64.84 -12.14 41.34
N GLU G 153 -63.98 -11.15 41.08
CA GLU G 153 -64.44 -9.88 40.56
C GLU G 153 -64.88 -10.03 39.10
N PRO G 154 -65.67 -9.09 38.57
CA PRO G 154 -66.27 -7.91 39.22
C PRO G 154 -67.78 -8.04 39.41
N VAL G 155 -68.39 -7.04 40.04
CA VAL G 155 -69.83 -6.95 40.17
C VAL G 155 -70.26 -5.53 39.82
N THR G 156 -71.33 -5.42 39.03
CA THR G 156 -71.87 -4.13 38.60
C THR G 156 -73.14 -3.87 39.41
N VAL G 157 -73.18 -2.73 40.09
CA VAL G 157 -74.29 -2.36 40.95
C VAL G 157 -74.90 -1.07 40.42
N SER G 158 -76.21 -1.09 40.20
CA SER G 158 -76.95 0.08 39.75
C SER G 158 -78.19 0.23 40.62
N TRP G 159 -78.84 1.38 40.50
CA TRP G 159 -80.07 1.67 41.25
C TRP G 159 -81.22 1.85 40.27
N ASN G 160 -82.33 1.16 40.54
CA ASN G 160 -83.50 1.19 39.66
C ASN G 160 -83.11 0.81 38.24
N SER G 161 -82.29 -0.24 38.12
CA SER G 161 -81.79 -0.70 36.82
C SER G 161 -81.05 0.41 36.10
N GLY G 162 -80.29 1.21 36.86
CA GLY G 162 -79.51 2.29 36.30
C GLY G 162 -80.25 3.60 36.17
N ALA G 163 -81.55 3.63 36.44
CA ALA G 163 -82.29 4.87 36.35
C ALA G 163 -81.80 5.90 37.36
N LEU G 164 -81.53 5.46 38.59
CA LEU G 164 -81.05 6.34 39.65
C LEU G 164 -79.53 6.35 39.64
N THR G 165 -78.95 7.51 39.32
CA THR G 165 -77.51 7.69 39.32
C THR G 165 -77.04 8.86 40.18
N SER G 166 -77.88 9.87 40.37
CA SER G 166 -77.49 11.01 41.20
C SER G 166 -77.36 10.58 42.65
N GLY G 167 -76.24 10.94 43.27
CA GLY G 167 -76.00 10.60 44.65
C GLY G 167 -75.55 9.17 44.89
N VAL G 168 -75.39 8.39 43.84
CA VAL G 168 -74.98 6.98 43.96
C VAL G 168 -73.47 6.92 44.07
N HIS G 169 -72.98 6.22 45.10
CA HIS G 169 -71.54 6.07 45.33
C HIS G 169 -71.25 4.58 45.48
N THR G 170 -70.85 3.95 44.39
CA THR G 170 -70.50 2.53 44.38
C THR G 170 -69.05 2.41 44.85
N PHE G 171 -68.87 2.11 46.12
CA PHE G 171 -67.53 2.04 46.69
C PHE G 171 -66.78 0.83 46.13
N PRO G 172 -65.47 0.95 45.94
CA PRO G 172 -64.70 -0.19 45.42
C PRO G 172 -64.78 -1.39 46.36
N ALA G 173 -64.83 -2.58 45.78
CA ALA G 173 -64.93 -3.79 46.57
C ALA G 173 -63.65 -4.04 47.36
N VAL G 174 -63.79 -4.56 48.57
CA VAL G 174 -62.68 -4.90 49.44
C VAL G 174 -62.72 -6.39 49.71
N LEU G 175 -61.58 -7.05 49.51
CA LEU G 175 -61.50 -8.49 49.69
C LEU G 175 -61.46 -8.84 51.18
N GLN G 176 -62.29 -9.80 51.57
CA GLN G 176 -62.33 -10.25 52.95
C GLN G 176 -61.20 -11.24 53.22
N SER G 177 -60.91 -11.44 54.51
CA SER G 177 -59.90 -12.41 54.91
C SER G 177 -60.31 -13.83 54.56
N SER G 178 -61.61 -14.07 54.35
CA SER G 178 -62.10 -15.39 54.01
C SER G 178 -61.99 -15.70 52.51
N GLY G 179 -61.53 -14.76 51.71
CA GLY G 179 -61.40 -14.97 50.28
C GLY G 179 -62.56 -14.48 49.44
N LEU G 180 -63.47 -13.71 50.02
CA LEU G 180 -64.62 -13.17 49.30
C LEU G 180 -64.60 -11.65 49.42
N TYR G 181 -65.32 -11.00 48.52
CA TYR G 181 -65.30 -9.55 48.41
C TYR G 181 -66.52 -8.93 49.09
N SER G 182 -66.32 -7.71 49.61
CA SER G 182 -67.38 -6.90 50.19
C SER G 182 -67.41 -5.55 49.49
N LEU G 183 -68.61 -5.10 49.15
CA LEU G 183 -68.79 -3.83 48.45
C LEU G 183 -70.06 -3.17 48.98
N SER G 184 -70.11 -1.84 48.87
CA SER G 184 -71.26 -1.07 49.30
C SER G 184 -71.65 -0.10 48.20
N SER G 185 -72.95 0.06 47.98
CA SER G 185 -73.47 1.02 47.01
C SER G 185 -74.64 1.77 47.66
N VAL G 186 -74.45 3.05 47.93
CA VAL G 186 -75.43 3.84 48.66
C VAL G 186 -75.78 5.09 47.88
N VAL G 187 -77.02 5.55 48.04
CA VAL G 187 -77.53 6.75 47.40
C VAL G 187 -78.23 7.60 48.44
N THR G 188 -78.00 8.91 48.38
CA THR G 188 -78.61 9.87 49.30
C THR G 188 -79.78 10.55 48.59
N VAL G 189 -80.96 10.47 49.20
CA VAL G 189 -82.17 11.04 48.63
C VAL G 189 -82.88 11.85 49.70
N PRO G 190 -83.72 12.81 49.32
CA PRO G 190 -84.45 13.59 50.32
C PRO G 190 -85.32 12.69 51.19
N SER G 191 -85.40 13.04 52.48
CA SER G 191 -86.16 12.21 53.41
C SER G 191 -87.61 12.06 52.98
N SER G 192 -88.15 13.05 52.25
CA SER G 192 -89.52 12.95 51.77
C SER G 192 -89.67 11.88 50.68
N SER G 193 -88.59 11.50 50.03
CA SER G 193 -88.63 10.50 48.96
C SER G 193 -88.43 9.09 49.47
N LEU G 194 -88.20 8.89 50.77
CA LEU G 194 -87.98 7.56 51.30
C LEU G 194 -89.22 6.69 51.13
N GLY G 195 -90.39 7.24 51.43
CA GLY G 195 -91.62 6.47 51.37
C GLY G 195 -92.41 6.69 50.09
N THR G 196 -92.05 7.73 49.33
CA THR G 196 -92.73 8.05 48.08
C THR G 196 -91.97 7.58 46.86
N GLN G 197 -90.88 6.83 47.05
CA GLN G 197 -90.09 6.32 45.93
C GLN G 197 -89.48 4.99 46.35
N THR G 198 -89.75 3.95 45.56
CA THR G 198 -89.22 2.62 45.81
C THR G 198 -87.85 2.51 45.15
N TYR G 199 -86.83 2.20 45.94
CA TYR G 199 -85.46 2.08 45.45
C TYR G 199 -85.09 0.61 45.38
N ILE G 200 -84.61 0.18 44.21
CA ILE G 200 -84.18 -1.19 43.98
C ILE G 200 -82.75 -1.15 43.47
N CYS G 201 -81.85 -1.84 44.18
CA CYS G 201 -80.47 -1.98 43.75
C CYS G 201 -80.34 -3.29 42.99
N ASN G 202 -79.84 -3.20 41.75
CA ASN G 202 -79.62 -4.35 40.89
C ASN G 202 -78.11 -4.64 40.87
N VAL G 203 -77.74 -5.84 41.27
CA VAL G 203 -76.35 -6.26 41.36
C VAL G 203 -76.15 -7.45 40.43
N ASN G 204 -75.15 -7.36 39.57
CA ASN G 204 -74.84 -8.39 38.59
C ASN G 204 -73.41 -8.88 38.80
N HIS G 205 -73.24 -10.20 38.73
CA HIS G 205 -71.95 -10.85 38.92
C HIS G 205 -71.74 -11.80 37.73
N LYS G 206 -70.99 -11.32 36.73
CA LYS G 206 -70.81 -12.11 35.51
C LYS G 206 -70.08 -13.42 35.76
N PRO G 207 -68.95 -13.46 36.48
CA PRO G 207 -68.31 -14.76 36.73
C PRO G 207 -69.25 -15.79 37.35
N SER G 208 -70.10 -15.37 38.28
CA SER G 208 -71.15 -16.24 38.81
C SER G 208 -72.48 -16.06 38.08
N ASN G 209 -72.59 -15.08 37.20
CA ASN G 209 -73.79 -14.85 36.40
C ASN G 209 -75.02 -14.75 37.30
N THR G 210 -74.88 -14.00 38.40
CA THR G 210 -75.91 -13.86 39.40
C THR G 210 -76.49 -12.45 39.33
N LYS G 211 -77.82 -12.35 39.31
CA LYS G 211 -78.52 -11.07 39.23
C LYS G 211 -79.48 -10.97 40.41
N VAL G 212 -79.24 -10.02 41.30
CA VAL G 212 -80.04 -9.83 42.50
C VAL G 212 -80.60 -8.41 42.49
N ASP G 213 -81.93 -8.29 42.59
CA ASP G 213 -82.61 -7.00 42.65
C ASP G 213 -83.22 -6.88 44.05
N LYS G 214 -82.58 -6.10 44.91
CA LYS G 214 -83.00 -5.95 46.30
C LYS G 214 -83.63 -4.58 46.51
N LYS G 215 -84.83 -4.57 47.08
CA LYS G 215 -85.56 -3.34 47.33
C LYS G 215 -85.26 -2.85 48.75
N VAL G 216 -84.89 -1.57 48.86
CA VAL G 216 -84.55 -0.96 50.14
C VAL G 216 -85.77 -0.21 50.66
N GLU G 217 -86.16 -0.51 51.90
CA GLU G 217 -87.33 0.09 52.51
C GLU G 217 -86.96 0.73 53.85
N PRO G 218 -87.55 1.87 54.19
CA PRO G 218 -87.23 2.49 55.49
C PRO G 218 -87.71 1.64 56.65
N LYS G 219 -86.97 1.71 57.75
CA LYS G 219 -87.31 0.97 58.96
C LYS G 219 -88.50 1.60 59.68
N ASP H 1 -0.38 58.81 -14.25
CA ASP H 1 -1.48 58.59 -13.28
C ASP H 1 -2.80 58.35 -14.01
N ILE H 2 -3.89 58.23 -13.25
CA ILE H 2 -5.22 58.00 -13.79
C ILE H 2 -6.14 59.09 -13.24
N VAL H 3 -6.92 59.70 -14.13
CA VAL H 3 -7.83 60.78 -13.78
C VAL H 3 -9.26 60.28 -13.94
N MET H 4 -10.09 60.51 -12.94
CA MET H 4 -11.47 60.06 -12.91
C MET H 4 -12.39 61.26 -13.03
N THR H 5 -13.28 61.24 -14.02
CA THR H 5 -14.23 62.33 -14.26
C THR H 5 -15.63 61.79 -14.15
N GLN H 6 -16.47 62.44 -13.35
CA GLN H 6 -17.84 62.04 -13.15
C GLN H 6 -18.79 63.00 -13.87
N SER H 7 -19.79 62.44 -14.53
CA SER H 7 -20.78 63.22 -15.24
C SER H 7 -22.17 62.68 -14.93
N PRO H 8 -23.16 63.56 -14.68
CA PRO H 8 -23.02 65.02 -14.63
C PRO H 8 -22.43 65.49 -13.30
N GLY H 9 -22.10 66.77 -13.21
CA GLY H 9 -21.62 67.31 -11.94
C GLY H 9 -22.67 67.18 -10.85
N THR H 10 -23.92 67.47 -11.18
CA THR H 10 -25.04 67.28 -10.26
C THR H 10 -26.24 66.83 -11.07
N LEU H 11 -26.84 65.70 -10.71
CA LEU H 11 -27.95 65.12 -11.44
C LEU H 11 -29.25 65.47 -10.73
N SER H 12 -30.15 66.14 -11.44
CA SER H 12 -31.43 66.58 -10.90
C SER H 12 -32.54 65.73 -11.53
N LEU H 13 -32.97 64.71 -10.80
CA LEU H 13 -34.06 63.84 -11.24
C LEU H 13 -35.06 63.64 -10.11
N SER H 14 -36.33 63.52 -10.47
CA SER H 14 -37.38 63.35 -9.49
C SER H 14 -37.41 61.91 -8.97
N PRO H 15 -37.89 61.69 -7.75
CA PRO H 15 -37.99 60.33 -7.23
C PRO H 15 -38.91 59.48 -8.08
N GLY H 16 -38.59 58.19 -8.16
CA GLY H 16 -39.31 57.27 -9.00
C GLY H 16 -38.79 57.15 -10.42
N GLU H 17 -37.82 57.98 -10.80
CA GLU H 17 -37.25 57.95 -12.14
C GLU H 17 -36.01 57.05 -12.15
N ARG H 18 -35.27 57.06 -13.25
CA ARG H 18 -34.06 56.27 -13.42
C ARG H 18 -32.87 57.21 -13.45
N ALA H 19 -31.88 56.95 -12.60
CA ALA H 19 -30.70 57.78 -12.49
C ALA H 19 -29.51 57.10 -13.17
N THR H 20 -28.69 57.90 -13.85
CA THR H 20 -27.53 57.39 -14.57
C THR H 20 -26.34 58.30 -14.32
N LEU H 21 -25.21 57.70 -13.94
CA LEU H 21 -23.97 58.43 -13.71
C LEU H 21 -22.85 57.77 -14.49
N SER H 22 -21.98 58.57 -15.10
CA SER H 22 -20.88 58.05 -15.91
C SER H 22 -19.54 58.45 -15.28
N CYS H 23 -18.65 57.47 -15.18
CA CYS H 23 -17.30 57.68 -14.65
C CYS H 23 -16.30 57.31 -15.72
N ARG H 24 -15.51 58.29 -16.16
CA ARG H 24 -14.56 58.12 -17.25
C ARG H 24 -13.15 58.18 -16.69
N ALA H 25 -12.32 57.22 -17.07
CA ALA H 25 -10.94 57.15 -16.62
C ALA H 25 -10.01 57.61 -17.74
N SER H 26 -8.96 58.34 -17.35
CA SER H 26 -7.97 58.75 -18.33
C SER H 26 -7.25 57.56 -18.96
N GLN H 27 -7.22 56.42 -18.27
CA GLN H 27 -6.58 55.22 -18.80
C GLN H 27 -7.34 54.00 -18.30
N SER H 28 -7.28 52.94 -19.08
CA SER H 28 -7.99 51.71 -18.74
C SER H 28 -7.37 51.05 -17.52
N PHE H 29 -8.19 50.29 -16.80
CA PHE H 29 -7.74 49.57 -15.61
C PHE H 29 -7.18 48.22 -16.04
N THR H 30 -5.88 48.22 -16.35
CA THR H 30 -5.23 46.97 -16.75
C THR H 30 -5.24 45.96 -15.61
N SER H 31 -4.92 46.41 -14.39
CA SER H 31 -4.90 45.55 -13.22
C SER H 31 -5.51 46.28 -12.03
N SER H 32 -6.63 46.96 -12.24
CA SER H 32 -7.31 47.70 -11.20
C SER H 32 -8.82 47.47 -11.32
N TYR H 33 -9.57 48.13 -10.45
CA TYR H 33 -11.01 47.96 -10.37
C TYR H 33 -11.63 49.29 -9.99
N LEU H 34 -12.96 49.37 -10.11
CA LEU H 34 -13.69 50.59 -9.81
C LEU H 34 -14.80 50.31 -8.82
N ALA H 35 -15.11 51.29 -7.98
CA ALA H 35 -16.17 51.18 -7.00
C ALA H 35 -16.96 52.47 -6.94
N TRP H 36 -18.25 52.34 -6.63
CA TRP H 36 -19.16 53.46 -6.49
C TRP H 36 -19.57 53.60 -5.04
N TYR H 37 -19.44 54.81 -4.50
CA TYR H 37 -19.73 55.12 -3.11
C TYR H 37 -20.75 56.25 -3.03
N GLN H 38 -21.58 56.20 -1.99
CA GLN H 38 -22.57 57.22 -1.72
C GLN H 38 -22.32 57.81 -0.34
N GLN H 39 -22.35 59.14 -0.25
CA GLN H 39 -22.14 59.86 0.99
C GLN H 39 -23.21 60.93 1.14
N LYS H 40 -23.71 61.07 2.37
CA LYS H 40 -24.69 62.09 2.70
C LYS H 40 -24.06 63.15 3.61
N PRO H 41 -24.60 64.35 3.63
CA PRO H 41 -24.03 65.39 4.49
C PRO H 41 -24.01 64.96 5.95
N GLY H 42 -22.93 65.29 6.64
CA GLY H 42 -22.80 64.91 8.03
C GLY H 42 -22.72 63.42 8.27
N GLN H 43 -22.38 62.63 7.25
CA GLN H 43 -22.31 61.19 7.38
C GLN H 43 -21.06 60.69 6.64
N ALA H 44 -20.53 59.57 7.11
CA ALA H 44 -19.36 58.99 6.49
C ALA H 44 -19.72 58.42 5.12
N PRO H 45 -18.76 58.35 4.20
CA PRO H 45 -19.06 57.75 2.89
C PRO H 45 -19.50 56.30 3.03
N ARG H 46 -20.44 55.91 2.16
CA ARG H 46 -20.96 54.54 2.13
C ARG H 46 -20.66 53.94 0.77
N LEU H 47 -20.06 52.75 0.79
CA LEU H 47 -19.79 52.02 -0.45
C LEU H 47 -21.06 51.35 -0.94
N LEU H 48 -21.38 51.56 -2.23
CA LEU H 48 -22.56 50.96 -2.84
C LEU H 48 -22.22 49.80 -3.76
N ILE H 49 -21.34 50.02 -4.73
CA ILE H 49 -20.97 49.01 -5.72
C ILE H 49 -19.48 48.74 -5.59
N TYR H 50 -19.12 47.48 -5.37
CA TYR H 50 -17.73 47.06 -5.27
C TYR H 50 -17.39 46.21 -6.49
N GLY H 51 -16.20 46.45 -7.05
CA GLY H 51 -15.82 45.79 -8.28
C GLY H 51 -16.49 46.36 -9.52
N ALA H 52 -17.20 47.47 -9.39
CA ALA H 52 -17.87 48.20 -10.46
C ALA H 52 -19.07 47.45 -11.03
N SER H 53 -19.33 46.21 -10.61
CA SER H 53 -20.48 45.48 -11.13
C SER H 53 -21.15 44.62 -10.07
N SER H 54 -20.83 44.82 -8.79
CA SER H 54 -21.39 44.01 -7.72
C SER H 54 -21.88 44.93 -6.60
N ARG H 55 -23.11 44.70 -6.16
CA ARG H 55 -23.71 45.51 -5.11
C ARG H 55 -23.19 45.08 -3.76
N ALA H 56 -22.90 46.05 -2.90
CA ALA H 56 -22.41 45.76 -1.56
C ALA H 56 -23.53 45.16 -0.72
N THR H 57 -23.18 44.78 0.50
CA THR H 57 -24.16 44.17 1.40
C THR H 57 -25.22 45.21 1.79
N GLY H 58 -26.49 44.80 1.71
CA GLY H 58 -27.59 45.66 2.09
C GLY H 58 -27.99 46.68 1.05
N ILE H 59 -27.31 46.72 -0.10
CA ILE H 59 -27.62 47.70 -1.13
C ILE H 59 -28.92 47.28 -1.83
N PRO H 60 -29.88 48.19 -2.01
CA PRO H 60 -31.09 47.82 -2.75
C PRO H 60 -30.77 47.37 -4.17
N ASP H 61 -31.55 46.41 -4.66
CA ASP H 61 -31.31 45.85 -5.99
C ASP H 61 -31.46 46.88 -7.09
N ARG H 62 -32.14 48.00 -6.82
CA ARG H 62 -32.31 49.01 -7.86
C ARG H 62 -30.98 49.55 -8.35
N PHE H 63 -29.93 49.47 -7.53
CA PHE H 63 -28.61 49.93 -7.91
C PHE H 63 -27.89 48.87 -8.74
N SER H 64 -27.20 49.31 -9.79
CA SER H 64 -26.44 48.41 -10.64
C SER H 64 -25.30 49.18 -11.27
N GLY H 65 -24.31 48.44 -11.76
CA GLY H 65 -23.15 49.05 -12.38
C GLY H 65 -22.56 48.20 -13.49
N THR H 66 -22.18 48.84 -14.59
CA THR H 66 -21.60 48.15 -15.73
C THR H 66 -20.51 49.02 -16.33
N GLY H 67 -19.93 48.57 -17.43
CA GLY H 67 -18.89 49.30 -18.12
C GLY H 67 -17.56 48.55 -18.12
N SER H 68 -16.59 49.16 -18.80
CA SER H 68 -15.29 48.55 -19.00
C SER H 68 -14.36 49.60 -19.59
N GLY H 69 -13.19 49.16 -20.01
CA GLY H 69 -12.23 50.04 -20.64
C GLY H 69 -11.92 51.26 -19.80
N THR H 70 -12.36 52.43 -20.27
CA THR H 70 -12.16 53.69 -19.56
C THR H 70 -13.47 54.32 -19.10
N ASP H 71 -14.62 53.69 -19.38
CA ASP H 71 -15.91 54.26 -19.07
C ASP H 71 -16.77 53.26 -18.30
N PHE H 72 -17.44 53.74 -17.26
CA PHE H 72 -18.31 52.91 -16.45
C PHE H 72 -19.58 53.68 -16.13
N THR H 73 -20.65 52.93 -15.88
CA THR H 73 -21.98 53.51 -15.67
C THR H 73 -22.59 52.94 -14.41
N LEU H 74 -23.13 53.83 -13.57
CA LEU H 74 -23.93 53.47 -12.41
C LEU H 74 -25.37 53.82 -12.69
N THR H 75 -26.27 52.86 -12.50
CA THR H 75 -27.67 53.00 -12.84
C THR H 75 -28.54 52.71 -11.62
N ILE H 76 -29.60 53.50 -11.48
CA ILE H 76 -30.62 53.29 -10.46
C ILE H 76 -31.95 53.21 -11.17
N SER H 77 -32.59 52.03 -11.11
CA SER H 77 -33.85 51.84 -11.83
C SER H 77 -34.94 52.77 -11.31
N ARG H 78 -35.10 52.84 -9.99
CA ARG H 78 -36.09 53.70 -9.37
C ARG H 78 -35.40 54.63 -8.39
N LEU H 79 -35.73 55.91 -8.46
CA LEU H 79 -35.13 56.91 -7.60
C LEU H 79 -36.01 57.11 -6.36
N GLU H 80 -35.39 57.16 -5.20
CA GLU H 80 -36.08 57.24 -3.92
C GLU H 80 -35.65 58.48 -3.16
N PRO H 81 -36.48 58.98 -2.25
CA PRO H 81 -36.07 60.15 -1.45
C PRO H 81 -34.79 59.92 -0.68
N GLU H 82 -34.57 58.71 -0.18
CA GLU H 82 -33.33 58.40 0.53
C GLU H 82 -32.14 58.26 -0.41
N ASP H 83 -32.36 58.24 -1.72
CA ASP H 83 -31.30 58.05 -2.70
C ASP H 83 -30.66 59.35 -3.17
N PHE H 84 -31.08 60.50 -2.63
CA PHE H 84 -30.56 61.80 -3.05
C PHE H 84 -29.38 62.15 -2.15
N ALA H 85 -28.17 61.93 -2.64
CA ALA H 85 -26.96 62.23 -1.89
C ALA H 85 -25.83 62.45 -2.90
N VAL H 86 -24.59 62.44 -2.40
CA VAL H 86 -23.41 62.63 -3.25
C VAL H 86 -22.88 61.26 -3.64
N TYR H 87 -22.40 61.15 -4.88
CA TYR H 87 -21.90 59.89 -5.42
C TYR H 87 -20.49 60.08 -5.96
N TYR H 88 -19.64 59.09 -5.71
CA TYR H 88 -18.25 59.11 -6.15
C TYR H 88 -17.89 57.78 -6.79
N CYS H 89 -16.95 57.83 -7.74
CA CYS H 89 -16.36 56.64 -8.33
C CYS H 89 -14.87 56.65 -8.05
N GLN H 90 -14.37 55.57 -7.48
CA GLN H 90 -12.99 55.45 -7.03
C GLN H 90 -12.35 54.25 -7.72
N GLN H 91 -11.19 54.48 -8.32
CA GLN H 91 -10.41 53.39 -8.90
C GLN H 91 -9.38 52.94 -7.87
N TYR H 92 -9.27 51.63 -7.70
CA TYR H 92 -8.46 51.05 -6.63
C TYR H 92 -8.03 49.66 -7.06
N GLY H 93 -6.92 49.21 -6.47
CA GLY H 93 -6.42 47.89 -6.77
C GLY H 93 -5.39 47.46 -5.75
N THR H 94 -4.75 46.33 -6.03
CA THR H 94 -3.72 45.83 -5.13
C THR H 94 -2.58 46.84 -4.98
N SER H 95 -2.12 47.39 -6.09
CA SER H 95 -1.06 48.37 -6.03
C SER H 95 -1.57 49.66 -5.39
N PRO H 96 -0.91 50.16 -4.34
CA PRO H 96 -1.42 51.37 -3.69
C PRO H 96 -1.49 52.58 -4.60
N ARG H 97 -0.60 52.69 -5.58
CA ARG H 97 -0.60 53.84 -6.48
C ARG H 97 -1.85 53.91 -7.34
N MET H 98 -2.63 52.83 -7.43
CA MET H 98 -3.85 52.81 -8.21
C MET H 98 -5.05 53.31 -7.42
N TYR H 99 -4.84 54.18 -6.43
CA TYR H 99 -5.90 54.70 -5.57
C TYR H 99 -6.14 56.17 -5.90
N THR H 100 -7.22 56.42 -6.66
CA THR H 100 -7.67 57.78 -6.94
C THR H 100 -9.19 57.81 -6.92
N PHE H 101 -9.74 59.02 -6.86
CA PHE H 101 -11.17 59.23 -6.73
C PHE H 101 -11.69 60.11 -7.85
N GLY H 102 -13.02 60.12 -8.01
CA GLY H 102 -13.66 61.08 -8.86
C GLY H 102 -14.07 62.33 -8.09
N GLN H 103 -14.32 63.42 -8.83
CA GLN H 103 -14.66 64.68 -8.19
C GLN H 103 -15.97 64.59 -7.42
N GLY H 104 -16.88 63.74 -7.87
CA GLY H 104 -18.13 63.51 -7.16
C GLY H 104 -19.32 64.05 -7.93
N THR H 105 -20.48 63.41 -7.71
CA THR H 105 -21.72 63.79 -8.34
C THR H 105 -22.82 63.88 -7.30
N LYS H 106 -23.63 64.92 -7.37
CA LYS H 106 -24.72 65.15 -6.43
C LYS H 106 -26.05 64.78 -7.09
N VAL H 107 -26.91 64.11 -6.33
CA VAL H 107 -28.25 63.72 -6.77
C VAL H 107 -29.27 64.48 -5.94
N ASP H 108 -30.13 65.23 -6.61
CA ASP H 108 -31.14 66.06 -5.94
C ASP H 108 -32.48 65.91 -6.65
N ILE H 109 -33.54 66.22 -5.90
CA ILE H 109 -34.89 66.12 -6.45
C ILE H 109 -35.06 67.15 -7.56
N LYS H 110 -35.51 66.69 -8.73
CA LYS H 110 -35.79 67.61 -9.82
C LYS H 110 -36.98 68.49 -9.48
N ARG H 111 -36.86 69.78 -9.78
CA ARG H 111 -37.88 70.76 -9.43
C ARG H 111 -37.86 71.87 -10.46
N THR H 112 -38.99 72.57 -10.58
CA THR H 112 -39.06 73.73 -11.45
C THR H 112 -38.04 74.78 -11.01
N VAL H 113 -37.43 75.44 -11.99
CA VAL H 113 -36.39 76.42 -11.71
C VAL H 113 -36.99 77.52 -10.85
N ALA H 114 -36.53 77.63 -9.61
CA ALA H 114 -37.07 78.59 -8.66
C ALA H 114 -36.15 79.80 -8.58
N ALA H 115 -36.71 80.98 -8.83
CA ALA H 115 -35.94 82.21 -8.72
C ALA H 115 -35.63 82.49 -7.25
N PRO H 116 -34.38 82.73 -6.87
CA PRO H 116 -34.08 83.04 -5.47
C PRO H 116 -34.80 84.29 -5.00
N SER H 117 -35.28 84.25 -3.76
CA SER H 117 -35.73 85.45 -3.08
C SER H 117 -34.48 86.11 -2.47
N VAL H 118 -34.08 87.24 -3.03
CA VAL H 118 -32.82 87.90 -2.68
C VAL H 118 -33.11 88.97 -1.64
N PHE H 119 -32.43 88.89 -0.51
CA PHE H 119 -32.55 89.88 0.56
C PHE H 119 -31.15 90.31 1.01
N ILE H 120 -31.06 91.56 1.46
CA ILE H 120 -29.81 92.11 1.96
C ILE H 120 -30.06 92.66 3.36
N PHE H 121 -29.20 92.27 4.31
CA PHE H 121 -29.30 92.69 5.70
C PHE H 121 -28.05 93.46 6.08
N PRO H 122 -28.15 94.74 6.42
CA PRO H 122 -27.00 95.48 6.92
C PRO H 122 -26.55 94.94 8.27
N PRO H 123 -25.30 95.17 8.66
CA PRO H 123 -24.84 94.72 9.97
C PRO H 123 -25.65 95.38 11.09
N SER H 124 -25.92 94.60 12.13
CA SER H 124 -26.64 95.12 13.27
C SER H 124 -25.79 96.16 14.01
N ASP H 125 -26.46 97.11 14.66
CA ASP H 125 -25.73 98.11 15.43
C ASP H 125 -24.90 97.46 16.53
N GLU H 126 -25.42 96.40 17.13
CA GLU H 126 -24.67 95.68 18.16
C GLU H 126 -23.36 95.15 17.60
N GLN H 127 -23.40 94.57 16.40
CA GLN H 127 -22.18 94.09 15.76
C GLN H 127 -21.24 95.24 15.44
N LEU H 128 -21.79 96.38 15.03
CA LEU H 128 -20.95 97.54 14.76
C LEU H 128 -20.22 98.00 16.02
N LYS H 129 -20.87 97.91 17.18
CA LYS H 129 -20.20 98.26 18.42
C LYS H 129 -18.99 97.38 18.68
N SER H 130 -18.94 96.19 18.08
CA SER H 130 -17.83 95.27 18.25
C SER H 130 -16.67 95.57 17.31
N GLY H 131 -16.79 96.58 16.46
CA GLY H 131 -15.73 96.93 15.54
C GLY H 131 -15.70 96.13 14.26
N THR H 132 -16.74 95.34 13.99
CA THR H 132 -16.82 94.55 12.77
C THR H 132 -18.20 94.71 12.16
N ALA H 133 -18.25 94.69 10.82
CA ALA H 133 -19.50 94.83 10.07
C ALA H 133 -19.67 93.62 9.18
N SER H 134 -20.80 92.92 9.33
CA SER H 134 -21.15 91.78 8.50
C SER H 134 -22.41 92.10 7.72
N VAL H 135 -22.29 92.16 6.39
CA VAL H 135 -23.43 92.36 5.50
C VAL H 135 -23.87 91.00 4.99
N VAL H 136 -25.16 90.70 5.12
CA VAL H 136 -25.68 89.37 4.83
C VAL H 136 -26.51 89.42 3.56
N CYS H 137 -26.31 88.44 2.68
CA CYS H 137 -27.09 88.29 1.47
C CYS H 137 -27.76 86.93 1.50
N LEU H 138 -29.09 86.91 1.40
CA LEU H 138 -29.89 85.71 1.51
C LEU H 138 -30.54 85.39 0.17
N LEU H 139 -30.34 84.17 -0.31
CA LEU H 139 -31.03 83.62 -1.47
C LEU H 139 -31.94 82.53 -0.93
N ASN H 140 -33.22 82.85 -0.73
CA ASN H 140 -34.16 81.93 -0.11
C ASN H 140 -34.98 81.21 -1.18
N ASN H 141 -35.06 79.88 -1.05
CA ASN H 141 -35.93 79.04 -1.86
C ASN H 141 -35.65 79.20 -3.35
N PHE H 142 -34.44 78.78 -3.73
CA PHE H 142 -34.01 78.76 -5.12
C PHE H 142 -33.65 77.35 -5.55
N TYR H 143 -33.87 77.06 -6.83
CA TYR H 143 -33.54 75.77 -7.42
C TYR H 143 -33.20 76.02 -8.88
N PRO H 144 -32.10 75.44 -9.40
CA PRO H 144 -31.17 74.52 -8.75
C PRO H 144 -30.24 75.19 -7.75
N ARG H 145 -29.49 74.39 -7.00
CA ARG H 145 -28.62 74.93 -5.96
C ARG H 145 -27.54 75.85 -6.55
N GLU H 146 -27.16 75.64 -7.81
CA GLU H 146 -26.09 76.40 -8.41
C GLU H 146 -26.48 77.87 -8.51
N ALA H 147 -25.69 78.74 -7.88
CA ALA H 147 -25.94 80.17 -7.91
C ALA H 147 -24.60 80.90 -7.77
N LYS H 148 -24.59 82.16 -8.18
CA LYS H 148 -23.40 83.00 -8.08
C LYS H 148 -23.74 84.26 -7.33
N VAL H 149 -22.92 84.62 -6.33
CA VAL H 149 -23.12 85.81 -5.52
C VAL H 149 -21.86 86.66 -5.61
N GLN H 150 -22.04 87.94 -5.92
CA GLN H 150 -20.93 88.90 -6.01
C GLN H 150 -21.23 90.08 -5.11
N TRP H 151 -20.27 90.42 -4.25
CA TRP H 151 -20.40 91.57 -3.36
C TRP H 151 -19.85 92.81 -4.04
N LYS H 152 -20.61 93.90 -4.01
CA LYS H 152 -20.22 95.16 -4.60
C LYS H 152 -20.34 96.25 -3.53
N VAL H 153 -19.21 96.84 -3.16
CA VAL H 153 -19.17 97.97 -2.24
C VAL H 153 -18.75 99.19 -3.03
N ASP H 154 -19.64 100.17 -3.13
CA ASP H 154 -19.41 101.38 -3.91
C ASP H 154 -18.98 101.01 -5.34
N ASN H 155 -19.68 100.04 -5.91
CA ASN H 155 -19.41 99.55 -7.26
C ASN H 155 -18.00 98.99 -7.39
N ALA H 156 -17.49 98.40 -6.31
CA ALA H 156 -16.20 97.73 -6.31
C ALA H 156 -16.41 96.28 -5.91
N LEU H 157 -15.91 95.36 -6.74
CA LEU H 157 -16.09 93.93 -6.49
C LEU H 157 -15.25 93.49 -5.29
N GLN H 158 -15.84 92.66 -4.44
CA GLN H 158 -15.19 92.16 -3.24
C GLN H 158 -14.91 90.68 -3.39
N SER H 159 -13.66 90.28 -3.15
CA SER H 159 -13.24 88.89 -3.24
C SER H 159 -12.34 88.55 -2.06
N GLY H 160 -12.50 87.34 -1.53
CA GLY H 160 -11.67 86.86 -0.45
C GLY H 160 -12.05 87.38 0.93
N ASN H 161 -13.14 88.13 1.05
CA ASN H 161 -13.57 88.67 2.33
C ASN H 161 -15.01 88.30 2.64
N SER H 162 -15.53 87.24 2.03
CA SER H 162 -16.89 86.78 2.27
C SER H 162 -16.91 85.27 2.38
N GLN H 163 -17.87 84.76 3.16
CA GLN H 163 -18.04 83.34 3.37
C GLN H 163 -19.50 82.95 3.12
N GLU H 164 -19.70 81.85 2.42
CA GLU H 164 -21.03 81.40 2.03
C GLU H 164 -21.38 80.09 2.71
N SER H 165 -22.61 80.01 3.20
CA SER H 165 -23.16 78.79 3.78
C SER H 165 -24.44 78.44 3.03
N VAL H 166 -24.53 77.20 2.56
CA VAL H 166 -25.65 76.74 1.75
CA VAL H 166 -25.65 76.74 1.75
C VAL H 166 -26.31 75.57 2.45
N THR H 167 -27.63 75.62 2.61
CA THR H 167 -28.38 74.52 3.20
C THR H 167 -28.65 73.45 2.14
N GLU H 168 -29.17 72.32 2.61
CA GLU H 168 -29.51 71.22 1.72
C GLU H 168 -30.85 71.49 1.05
N GLN H 169 -31.29 70.55 0.21
CA GLN H 169 -32.55 70.70 -0.48
C GLN H 169 -33.70 70.65 0.51
N ASP H 170 -34.63 71.59 0.39
CA ASP H 170 -35.77 71.62 1.29
C ASP H 170 -36.65 70.39 1.09
N SER H 171 -37.20 69.89 2.19
CA SER H 171 -38.04 68.69 2.13
C SER H 171 -39.46 68.98 1.70
N LYS H 172 -39.84 70.26 1.55
CA LYS H 172 -41.20 70.64 1.20
C LYS H 172 -41.29 71.17 -0.23
N ASP H 173 -40.52 72.20 -0.55
CA ASP H 173 -40.53 72.80 -1.89
C ASP H 173 -39.35 72.37 -2.74
N SER H 174 -38.48 71.49 -2.22
CA SER H 174 -37.33 70.99 -2.97
C SER H 174 -36.47 72.14 -3.50
N THR H 175 -36.27 73.15 -2.67
CA THR H 175 -35.48 74.32 -3.02
C THR H 175 -34.24 74.38 -2.13
N TYR H 176 -33.40 75.38 -2.37
CA TYR H 176 -32.17 75.58 -1.63
C TYR H 176 -32.12 77.01 -1.09
N SER H 177 -31.28 77.20 -0.08
CA SER H 177 -31.07 78.51 0.52
C SER H 177 -29.57 78.77 0.64
N LEU H 178 -29.17 80.01 0.42
CA LEU H 178 -27.77 80.42 0.49
C LEU H 178 -27.66 81.68 1.33
N SER H 179 -26.57 81.78 2.09
CA SER H 179 -26.31 82.95 2.93
C SER H 179 -24.85 83.33 2.76
N SER H 180 -24.60 84.50 2.18
CA SER H 180 -23.25 85.03 1.99
C SER H 180 -23.03 86.16 2.99
N THR H 181 -22.02 86.02 3.83
CA THR H 181 -21.67 87.03 4.82
C THR H 181 -20.37 87.71 4.39
N LEU H 182 -20.43 89.02 4.19
CA LEU H 182 -19.27 89.84 3.87
C LEU H 182 -18.82 90.55 5.13
N THR H 183 -17.61 90.25 5.58
CA THR H 183 -17.08 90.76 6.84
C THR H 183 -16.02 91.81 6.56
N LEU H 184 -16.15 92.96 7.24
CA LEU H 184 -15.23 94.08 7.08
C LEU H 184 -14.98 94.71 8.43
N SER H 185 -13.89 95.48 8.52
CA SER H 185 -13.63 96.25 9.72
C SER H 185 -14.58 97.43 9.80
N LYS H 186 -14.77 97.93 11.03
CA LYS H 186 -15.69 99.05 11.22
C LYS H 186 -15.21 100.29 10.47
N ALA H 187 -13.91 100.57 10.51
CA ALA H 187 -13.39 101.71 9.79
C ALA H 187 -13.61 101.58 8.29
N ASP H 188 -13.35 100.39 7.74
CA ASP H 188 -13.59 100.17 6.32
C ASP H 188 -15.08 100.26 6.00
N TYR H 189 -15.93 99.73 6.89
CA TYR H 189 -17.36 99.81 6.65
C TYR H 189 -17.82 101.27 6.60
N GLU H 190 -17.28 102.10 7.49
CA GLU H 190 -17.63 103.53 7.49
C GLU H 190 -17.04 104.26 6.30
N LYS H 191 -15.99 103.71 5.68
CA LYS H 191 -15.39 104.35 4.51
C LYS H 191 -16.28 104.29 3.27
N HIS H 192 -17.31 103.45 3.28
CA HIS H 192 -18.19 103.28 2.13
C HIS H 192 -19.64 103.32 2.59
N LYS H 193 -20.53 103.67 1.65
CA LYS H 193 -21.93 103.87 1.95
C LYS H 193 -22.83 102.85 1.26
N VAL H 194 -22.60 102.56 -0.01
CA VAL H 194 -23.47 101.66 -0.77
C VAL H 194 -22.89 100.25 -0.70
N TYR H 195 -23.69 99.30 -0.21
CA TYR H 195 -23.30 97.89 -0.14
C TYR H 195 -24.39 97.07 -0.78
N ALA H 196 -24.00 96.15 -1.68
CA ALA H 196 -24.99 95.36 -2.40
C ALA H 196 -24.41 94.01 -2.75
N CYS H 197 -25.32 93.08 -3.06
CA CYS H 197 -24.94 91.76 -3.54
CA CYS H 197 -24.94 91.76 -3.54
C CYS H 197 -25.76 91.44 -4.78
N GLU H 198 -25.09 90.96 -5.82
CA GLU H 198 -25.70 90.58 -7.08
C GLU H 198 -25.75 89.06 -7.16
N VAL H 199 -26.93 88.53 -7.46
CA VAL H 199 -27.17 87.10 -7.54
C VAL H 199 -27.49 86.74 -8.98
N THR H 200 -26.74 85.77 -9.52
CA THR H 200 -27.01 85.18 -10.82
C THR H 200 -27.45 83.74 -10.61
N HIS H 201 -28.64 83.42 -11.09
CA HIS H 201 -29.24 82.11 -10.89
C HIS H 201 -30.03 81.71 -12.13
N GLN H 202 -30.20 80.41 -12.31
CA GLN H 202 -30.92 79.92 -13.48
C GLN H 202 -32.36 80.39 -13.49
N GLY H 203 -32.97 80.55 -12.31
CA GLY H 203 -34.32 81.07 -12.22
C GLY H 203 -34.45 82.56 -12.45
N LEU H 204 -33.33 83.27 -12.54
CA LEU H 204 -33.31 84.70 -12.82
C LEU H 204 -32.89 84.90 -14.27
N SER H 205 -33.74 85.58 -15.04
CA SER H 205 -33.37 85.90 -16.42
C SER H 205 -32.14 86.81 -16.45
N SER H 206 -32.08 87.78 -15.53
CA SER H 206 -30.94 88.65 -15.36
C SER H 206 -30.54 88.68 -13.89
N PRO H 207 -29.27 88.91 -13.59
CA PRO H 207 -28.85 88.97 -12.18
C PRO H 207 -29.62 90.04 -11.42
N VAL H 208 -29.95 89.73 -10.17
CA VAL H 208 -30.71 90.63 -9.31
C VAL H 208 -29.76 91.15 -8.23
N THR H 209 -29.65 92.48 -8.13
CA THR H 209 -28.76 93.13 -7.18
C THR H 209 -29.60 93.77 -6.08
N LYS H 210 -29.34 93.36 -4.84
CA LYS H 210 -29.97 93.97 -3.67
C LYS H 210 -28.96 94.86 -2.97
N SER H 211 -29.32 96.13 -2.78
CA SER H 211 -28.40 97.16 -2.31
C SER H 211 -29.01 97.93 -1.16
N PHE H 212 -28.14 98.55 -0.37
CA PHE H 212 -28.56 99.42 0.72
C PHE H 212 -27.49 100.47 0.96
N ASN H 213 -27.89 101.53 1.65
CA ASN H 213 -27.01 102.66 1.96
C ASN H 213 -26.72 102.67 3.46
N ARG H 214 -25.47 102.88 3.81
CA ARG H 214 -25.05 102.94 5.22
C ARG H 214 -25.65 104.19 5.85
N GLY H 215 -26.59 103.99 6.79
CA GLY H 215 -27.25 105.07 7.49
C GLY H 215 -28.75 105.08 7.30
N GLU H 216 -29.23 104.54 6.18
CA GLU H 216 -30.66 104.49 5.89
C GLU H 216 -31.20 103.08 6.05
N GLN I 3 -14.09 47.85 9.19
CA GLN I 3 -14.15 47.52 10.60
C GLN I 3 -12.87 47.99 11.32
N LEU I 4 -12.09 48.82 10.64
CA LEU I 4 -10.85 49.31 11.20
C LEU I 4 -11.13 50.32 12.32
N VAL I 5 -10.18 50.46 13.24
CA VAL I 5 -10.28 51.38 14.35
C VAL I 5 -9.17 52.42 14.19
N GLN I 6 -9.56 53.69 14.15
CA GLN I 6 -8.65 54.81 13.99
C GLN I 6 -8.52 55.57 15.30
N SER I 7 -7.63 56.55 15.30
CA SER I 7 -7.48 57.41 16.46
C SER I 7 -8.68 58.35 16.57
N GLY I 8 -8.87 58.90 17.77
CA GLY I 8 -9.97 59.79 18.01
C GLY I 8 -9.78 61.15 17.36
N ALA I 9 -10.86 61.93 17.37
CA ALA I 9 -10.81 63.26 16.80
C ALA I 9 -9.76 64.11 17.51
N GLU I 10 -9.02 64.89 16.72
CA GLU I 10 -7.88 65.65 17.23
C GLU I 10 -8.05 67.13 16.91
N VAL I 11 -7.56 67.97 17.82
CA VAL I 11 -7.48 69.42 17.63
C VAL I 11 -6.04 69.83 17.89
N LYS I 12 -5.43 70.50 16.91
CA LYS I 12 -4.02 70.85 16.98
C LYS I 12 -3.83 72.30 16.55
N LYS I 13 -2.72 72.88 17.03
CA LYS I 13 -2.36 74.24 16.64
C LYS I 13 -1.81 74.26 15.22
N PRO I 14 -1.85 75.41 14.55
CA PRO I 14 -1.22 75.52 13.24
C PRO I 14 0.28 75.26 13.31
N GLY I 15 0.80 74.59 12.29
CA GLY I 15 2.21 74.28 12.23
C GLY I 15 2.63 73.06 13.02
N SER I 16 1.70 72.41 13.72
CA SER I 16 2.00 71.22 14.51
C SER I 16 1.88 69.98 13.63
N SER I 17 1.89 68.81 14.25
CA SER I 17 1.75 67.55 13.54
C SER I 17 0.73 66.67 14.26
N VAL I 18 -0.01 65.88 13.48
CA VAL I 18 -1.01 64.97 14.01
C VAL I 18 -0.78 63.59 13.42
N LYS I 19 -0.82 62.57 14.27
CA LYS I 19 -0.58 61.18 13.88
C LYS I 19 -1.85 60.38 14.06
N VAL I 20 -2.50 60.03 12.95
CA VAL I 20 -3.73 59.28 12.96
C VAL I 20 -3.41 57.79 12.81
N SER I 21 -3.94 56.98 13.70
CA SER I 21 -3.72 55.55 13.68
C SER I 21 -4.86 54.83 12.96
N CYS I 22 -4.61 53.56 12.63
CA CYS I 22 -5.62 52.70 12.03
C CYS I 22 -5.26 51.27 12.43
N LYS I 23 -5.96 50.75 13.43
CA LYS I 23 -5.63 49.46 14.02
C LYS I 23 -6.35 48.33 13.28
N ALA I 24 -5.62 47.26 12.99
CA ALA I 24 -6.16 46.11 12.29
C ALA I 24 -6.25 44.91 13.22
N SER I 25 -7.28 44.10 13.01
CA SER I 25 -7.53 42.96 13.88
C SER I 25 -6.74 41.75 13.42
N ARG I 26 -6.23 40.99 14.40
CA ARG I 26 -5.56 39.72 14.12
C ARG I 26 -4.38 39.89 13.20
N GLY I 27 -3.88 38.78 12.65
CA GLY I 27 -2.73 38.80 11.76
C GLY I 27 -3.10 39.04 10.31
N THR I 28 -4.13 39.85 10.07
CA THR I 28 -4.55 40.24 8.74
C THR I 28 -3.96 41.59 8.35
N PHE I 29 -2.73 41.86 8.77
CA PHE I 29 -2.10 43.16 8.61
C PHE I 29 -1.20 43.22 7.39
N ASN I 30 -0.21 42.33 7.31
CA ASN I 30 0.78 42.41 6.26
C ASN I 30 0.18 42.15 4.88
N THR I 31 -0.67 41.14 4.75
CA THR I 31 -1.12 40.70 3.45
C THR I 31 -2.04 41.69 2.75
N TYR I 32 -2.57 42.68 3.45
CA TYR I 32 -3.51 43.64 2.88
C TYR I 32 -2.82 44.95 2.56
N VAL I 33 -3.56 45.85 1.91
CA VAL I 33 -3.04 47.14 1.49
C VAL I 33 -3.88 48.22 2.15
N PHE I 34 -3.22 49.12 2.90
CA PHE I 34 -3.92 50.20 3.58
C PHE I 34 -3.73 51.50 2.83
N THR I 35 -4.77 52.33 2.79
CA THR I 35 -4.70 53.62 2.13
C THR I 35 -5.35 54.68 3.02
N TRP I 36 -4.76 55.86 3.03
CA TRP I 36 -5.25 57.00 3.80
C TRP I 36 -5.85 58.01 2.84
N VAL I 37 -7.10 58.40 3.12
CA VAL I 37 -7.87 59.32 2.28
C VAL I 37 -8.54 60.35 3.18
N ARG I 38 -8.38 61.62 2.84
CA ARG I 38 -8.99 62.70 3.61
C ARG I 38 -10.04 63.44 2.78
N GLN I 39 -10.94 64.11 3.48
CA GLN I 39 -12.00 64.88 2.86
C GLN I 39 -12.26 66.11 3.71
N ALA I 40 -12.08 67.29 3.15
CA ALA I 40 -12.43 68.51 3.85
C ALA I 40 -13.94 68.70 3.84
N PRO I 41 -14.49 69.37 4.86
CA PRO I 41 -15.95 69.58 4.87
C PRO I 41 -16.41 70.33 3.63
N GLY I 42 -17.53 69.87 3.08
CA GLY I 42 -18.05 70.47 1.85
C GLY I 42 -17.15 70.27 0.64
N GLN I 43 -16.26 69.29 0.68
CA GLN I 43 -15.33 69.03 -0.41
C GLN I 43 -15.41 67.54 -0.77
N GLY I 44 -14.76 67.20 -1.88
CA GLY I 44 -14.77 65.84 -2.38
C GLY I 44 -13.75 64.96 -1.67
N LEU I 45 -13.70 63.71 -2.11
CA LEU I 45 -12.79 62.73 -1.54
C LEU I 45 -11.40 62.90 -2.13
N GLU I 46 -10.40 63.04 -1.26
CA GLU I 46 -9.02 63.31 -1.65
C GLU I 46 -8.12 62.21 -1.09
N TRP I 47 -7.69 61.31 -1.95
CA TRP I 47 -6.74 60.28 -1.53
C TRP I 47 -5.42 60.91 -1.15
N MET I 48 -4.84 60.43 -0.05
CA MET I 48 -3.55 60.92 0.43
C MET I 48 -2.41 59.95 0.15
N GLY I 49 -2.54 58.69 0.57
CA GLY I 49 -1.42 57.78 0.43
C GLY I 49 -1.83 56.33 0.57
N GLY I 50 -0.84 55.45 0.45
CA GLY I 50 -1.06 54.02 0.59
C GLY I 50 0.20 53.24 0.88
N ILE I 51 0.10 52.26 1.78
CA ILE I 51 1.24 51.43 2.17
C ILE I 51 0.82 49.97 2.21
N ILE I 52 1.82 49.10 2.12
CA ILE I 52 1.65 47.66 2.27
C ILE I 52 2.56 47.24 3.42
N PRO I 53 2.03 46.83 4.58
CA PRO I 53 2.92 46.53 5.70
C PRO I 53 3.91 45.43 5.39
N PHE I 54 3.54 44.46 4.57
CA PHE I 54 4.47 43.38 4.26
C PHE I 54 5.73 43.90 3.58
N PHE I 55 5.60 44.94 2.77
CA PHE I 55 6.75 45.52 2.09
C PHE I 55 7.26 46.79 2.76
N GLY I 56 6.38 47.58 3.37
CA GLY I 56 6.79 48.75 4.12
C GLY I 56 6.99 50.00 3.31
N THR I 57 7.01 49.90 1.98
CA THR I 57 7.16 51.08 1.14
C THR I 57 5.82 51.80 1.01
N ALA I 58 5.83 53.10 1.27
CA ALA I 58 4.63 53.91 1.27
C ALA I 58 4.66 54.89 0.10
N ASP I 59 3.56 54.95 -0.64
CA ASP I 59 3.39 55.91 -1.72
C ASP I 59 2.48 57.03 -1.26
N TYR I 60 2.77 58.24 -1.72
CA TYR I 60 2.06 59.43 -1.28
C TYR I 60 1.57 60.22 -2.49
N ALA I 61 0.48 60.95 -2.30
CA ALA I 61 -0.01 61.85 -3.33
C ALA I 61 0.98 63.00 -3.52
N GLN I 62 1.06 63.49 -4.77
CA GLN I 62 2.03 64.53 -5.09
C GLN I 62 1.82 65.77 -4.23
N LYS I 63 0.57 66.11 -3.93
CA LYS I 63 0.31 67.30 -3.11
C LYS I 63 0.88 67.15 -1.71
N PHE I 64 0.74 65.97 -1.11
CA PHE I 64 1.09 65.75 0.28
C PHE I 64 2.54 65.31 0.48
N GLN I 65 3.35 65.32 -0.58
CA GLN I 65 4.74 64.90 -0.44
C GLN I 65 5.46 65.76 0.58
N GLY I 66 6.27 65.11 1.41
CA GLY I 66 7.07 65.81 2.40
C GLY I 66 6.39 65.94 3.75
N ARG I 67 5.27 66.66 3.79
CA ARG I 67 4.61 66.93 5.08
C ARG I 67 4.14 65.64 5.75
N VAL I 68 3.56 64.74 4.98
CA VAL I 68 2.91 63.54 5.53
C VAL I 68 3.84 62.36 5.37
N THR I 69 3.68 61.38 6.26
CA THR I 69 4.46 60.15 6.23
C THR I 69 3.60 59.02 6.77
N ILE I 70 3.63 57.89 6.08
CA ILE I 70 2.82 56.72 6.44
C ILE I 70 3.76 55.59 6.84
N THR I 71 3.53 55.03 8.02
CA THR I 71 4.28 53.90 8.54
C THR I 71 3.29 52.81 8.97
N ALA I 72 3.82 51.67 9.36
CA ALA I 72 2.97 50.55 9.77
C ALA I 72 3.76 49.65 10.71
N ASP I 73 3.13 49.28 11.83
CA ASP I 73 3.74 48.39 12.82
C ASP I 73 2.92 47.10 12.89
N ASP I 74 3.61 45.98 12.71
CA ASP I 74 2.96 44.68 12.75
C ASP I 74 2.65 44.23 14.17
N SER I 75 3.50 44.59 15.13
CA SER I 75 3.29 44.14 16.51
C SER I 75 1.94 44.62 17.03
N THR I 76 1.60 45.88 16.77
CA THR I 76 0.28 46.41 17.10
C THR I 76 -0.70 46.28 15.94
N SER I 77 -0.25 45.81 14.78
CA SER I 77 -1.11 45.66 13.61
C SER I 77 -1.83 46.96 13.29
N THR I 78 -1.07 48.05 13.29
CA THR I 78 -1.62 49.38 13.14
C THR I 78 -0.82 50.16 12.10
N ALA I 79 -1.53 50.79 11.17
CA ALA I 79 -0.93 51.68 10.19
C ALA I 79 -1.14 53.12 10.65
N TYR I 80 -0.06 53.89 10.68
CA TYR I 80 -0.09 55.26 11.16
C TYR I 80 0.22 56.22 10.01
N MET I 81 -0.45 57.36 10.02
CA MET I 81 -0.22 58.43 9.05
C MET I 81 -0.05 59.73 9.83
N GLU I 82 1.14 60.32 9.76
CA GLU I 82 1.46 61.52 10.51
C GLU I 82 1.67 62.67 9.53
N LEU I 83 0.92 63.75 9.73
CA LEU I 83 1.00 64.95 8.90
C LEU I 83 1.58 66.09 9.73
N SER I 84 2.61 66.74 9.19
CA SER I 84 3.31 67.80 9.87
C SER I 84 2.95 69.16 9.28
N SER I 85 3.36 70.21 10.00
CA SER I 85 3.09 71.58 9.58
C SER I 85 1.61 71.79 9.31
N LEU I 86 0.79 71.41 10.28
CA LEU I 86 -0.66 71.46 10.11
C LEU I 86 -1.13 72.89 9.89
N ARG I 87 -2.13 73.04 9.03
CA ARG I 87 -2.74 74.33 8.74
C ARG I 87 -4.24 74.19 8.75
N SER I 88 -4.93 75.33 8.72
CA SER I 88 -6.40 75.31 8.73
C SER I 88 -6.95 74.54 7.54
N GLU I 89 -6.24 74.57 6.41
CA GLU I 89 -6.68 73.80 5.24
C GLU I 89 -6.67 72.30 5.51
N ASP I 90 -5.92 71.85 6.51
CA ASP I 90 -5.82 70.44 6.82
C ASP I 90 -6.96 69.94 7.70
N THR I 91 -7.82 70.84 8.19
CA THR I 91 -8.96 70.43 9.00
C THR I 91 -9.91 69.62 8.13
N ALA I 92 -9.98 68.31 8.39
CA ALA I 92 -10.74 67.42 7.51
C ALA I 92 -11.03 66.11 8.24
N VAL I 93 -11.89 65.30 7.62
CA VAL I 93 -12.20 63.97 8.11
C VAL I 93 -11.34 62.97 7.33
N TYR I 94 -10.60 62.14 8.06
CA TYR I 94 -9.67 61.19 7.47
C TYR I 94 -10.17 59.77 7.69
N TYR I 95 -9.86 58.91 6.72
CA TYR I 95 -10.27 57.52 6.75
C TYR I 95 -9.13 56.65 6.27
N CYS I 96 -9.08 55.43 6.81
CA CYS I 96 -8.17 54.40 6.34
C CYS I 96 -8.99 53.27 5.75
N SER I 97 -8.68 52.91 4.51
CA SER I 97 -9.36 51.85 3.79
C SER I 97 -8.38 50.71 3.55
N ARG I 98 -8.79 49.49 3.90
CA ARG I 98 -7.96 48.31 3.76
C ARG I 98 -8.54 47.42 2.66
N LEU I 99 -7.70 47.05 1.71
CA LEU I 99 -8.07 46.18 0.61
C LEU I 99 -7.38 44.84 0.79
N SER I 100 -8.12 43.77 0.59
CA SER I 100 -7.65 42.42 0.83
C SER I 100 -7.07 41.82 -0.45
N GLN I 101 -6.41 40.67 -0.28
CA GLN I 101 -5.84 39.94 -1.41
C GLN I 101 -6.90 39.21 -2.22
N TRP I 102 -8.03 38.86 -1.61
CA TRP I 102 -8.98 37.93 -2.21
C TRP I 102 -10.38 38.51 -2.37
N ASP I 103 -10.54 39.83 -2.29
CA ASP I 103 -11.86 40.43 -2.43
C ASP I 103 -11.71 41.90 -2.80
N LEU I 104 -12.53 42.35 -3.74
CA LEU I 104 -12.54 43.75 -4.17
C LEU I 104 -13.55 44.56 -3.36
N LEU I 105 -13.46 44.47 -2.03
CA LEU I 105 -14.44 45.08 -1.13
C LEU I 105 -13.70 45.95 -0.13
N PRO I 106 -13.35 47.18 -0.51
CA PRO I 106 -12.55 48.04 0.38
C PRO I 106 -13.35 48.46 1.60
N MET I 107 -12.87 48.11 2.78
CA MET I 107 -13.50 48.53 4.01
C MET I 107 -13.14 49.98 4.31
N TRP I 108 -13.81 50.55 5.31
CA TRP I 108 -13.57 51.92 5.74
C TRP I 108 -13.59 52.01 7.25
N GLY I 109 -12.78 52.91 7.79
CA GLY I 109 -12.84 53.22 9.20
C GLY I 109 -14.01 54.14 9.50
N GLN I 110 -14.26 54.33 10.80
CA GLN I 110 -15.36 55.20 11.22
C GLN I 110 -15.07 56.66 10.91
N GLY I 111 -13.85 57.00 10.53
CA GLY I 111 -13.51 58.39 10.26
C GLY I 111 -12.96 59.08 11.49
N THR I 112 -12.07 60.05 11.26
CA THR I 112 -11.46 60.82 12.33
C THR I 112 -11.42 62.27 11.92
N LEU I 113 -12.01 63.15 12.74
CA LEU I 113 -12.02 64.57 12.47
C LEU I 113 -10.75 65.21 13.02
N VAL I 114 -10.03 65.93 12.18
CA VAL I 114 -8.83 66.67 12.58
C VAL I 114 -9.13 68.15 12.36
N THR I 115 -8.92 68.95 13.40
CA THR I 115 -9.13 70.39 13.35
C THR I 115 -7.81 71.10 13.63
N VAL I 116 -7.53 72.15 12.86
CA VAL I 116 -6.31 72.94 13.00
C VAL I 116 -6.73 74.40 13.04
N SER I 117 -6.91 74.95 14.23
CA SER I 117 -7.30 76.35 14.40
C SER I 117 -7.27 76.66 15.89
N SER I 118 -7.61 77.91 16.23
CA SER I 118 -7.67 78.32 17.62
C SER I 118 -8.84 77.62 18.31
N ALA I 119 -8.58 77.06 19.48
CA ALA I 119 -9.56 76.30 20.24
C ALA I 119 -9.88 77.03 21.54
N SER I 120 -11.16 77.23 21.81
CA SER I 120 -11.59 77.90 23.03
C SER I 120 -13.04 77.54 23.31
N THR I 121 -13.46 77.81 24.53
CA THR I 121 -14.85 77.61 24.97
C THR I 121 -15.47 78.99 25.11
N LYS I 122 -15.99 79.51 24.00
CA LYS I 122 -16.53 80.86 23.95
C LYS I 122 -18.02 80.82 23.65
N GLY I 123 -18.76 81.74 24.28
CA GLY I 123 -20.17 81.87 24.03
C GLY I 123 -20.43 82.60 22.73
N PRO I 124 -21.46 82.18 21.99
CA PRO I 124 -21.74 82.82 20.71
C PRO I 124 -22.22 84.25 20.86
N SER I 125 -21.91 85.07 19.87
CA SER I 125 -22.41 86.43 19.76
C SER I 125 -23.55 86.44 18.75
N VAL I 126 -24.74 86.79 19.22
CA VAL I 126 -25.94 86.79 18.38
C VAL I 126 -26.23 88.22 17.95
N PHE I 127 -26.18 88.47 16.65
CA PHE I 127 -26.43 89.79 16.09
C PHE I 127 -27.71 89.77 15.28
N PRO I 128 -28.71 90.61 15.59
CA PRO I 128 -29.98 90.56 14.86
C PRO I 128 -29.87 91.25 13.51
N LEU I 129 -29.96 90.46 12.44
CA LEU I 129 -29.97 90.97 11.08
C LEU I 129 -31.38 91.45 10.78
N ALA I 130 -31.59 92.76 10.88
CA ALA I 130 -32.94 93.31 10.73
C ALA I 130 -33.39 93.27 9.28
N PRO I 131 -34.69 93.18 9.04
CA PRO I 131 -35.19 93.21 7.66
C PRO I 131 -34.98 94.58 7.03
N SER I 132 -34.84 94.58 5.71
CA SER I 132 -34.68 95.82 4.97
C SER I 132 -35.95 96.66 5.06
N SER I 133 -35.78 97.96 5.23
CA SER I 133 -36.91 98.88 5.32
C SER I 133 -37.30 99.39 3.94
N GLY I 139 -43.91 92.71 0.04
CA GLY I 139 -44.90 91.84 0.64
C GLY I 139 -44.33 90.99 1.76
N THR I 140 -43.25 90.28 1.45
CA THR I 140 -42.57 89.42 2.42
C THR I 140 -41.13 89.88 2.56
N ALA I 141 -40.65 89.99 3.81
CA ALA I 141 -39.30 90.41 4.09
C ALA I 141 -38.63 89.37 4.98
N ALA I 142 -37.30 89.31 4.88
CA ALA I 142 -36.51 88.36 5.64
C ALA I 142 -35.84 89.05 6.82
N LEU I 143 -35.70 88.31 7.91
CA LEU I 143 -34.99 88.79 9.09
C LEU I 143 -34.30 87.60 9.74
N GLY I 144 -33.13 87.85 10.32
CA GLY I 144 -32.33 86.75 10.80
C GLY I 144 -31.46 87.05 12.00
N CYS I 145 -30.58 86.10 12.34
CA CYS I 145 -29.61 86.27 13.41
C CYS I 145 -28.29 85.64 13.00
N LEU I 146 -27.21 86.36 13.27
CA LEU I 146 -25.85 85.91 12.99
C LEU I 146 -25.23 85.41 14.30
N VAL I 147 -24.90 84.12 14.34
CA VAL I 147 -24.23 83.51 15.47
C VAL I 147 -22.74 83.47 15.12
N LYS I 148 -21.98 84.41 15.68
CA LYS I 148 -20.59 84.61 15.29
C LYS I 148 -19.67 84.43 16.49
N ASP I 149 -18.46 83.94 16.22
CA ASP I 149 -17.39 83.87 17.21
C ASP I 149 -17.79 82.99 18.40
N TYR I 150 -18.02 81.70 18.11
CA TYR I 150 -18.24 80.69 19.12
C TYR I 150 -17.38 79.47 18.80
N PHE I 151 -17.08 78.71 19.85
CA PHE I 151 -16.25 77.51 19.68
C PHE I 151 -16.38 76.67 20.94
N PRO I 152 -16.49 75.33 20.84
CA PRO I 152 -16.59 74.53 19.61
C PRO I 152 -18.02 74.33 19.15
N GLU I 153 -18.22 73.43 18.17
CA GLU I 153 -19.56 73.07 17.76
C GLU I 153 -20.23 72.22 18.82
N PRO I 154 -21.58 72.12 18.80
CA PRO I 154 -22.54 72.78 17.92
C PRO I 154 -23.34 73.87 18.63
N VAL I 155 -24.20 74.55 17.87
CA VAL I 155 -25.13 75.53 18.42
C VAL I 155 -26.50 75.27 17.81
N THR I 156 -27.53 75.35 18.64
CA THR I 156 -28.92 75.14 18.22
C THR I 156 -29.62 76.49 18.20
N VAL I 157 -30.17 76.85 17.05
CA VAL I 157 -30.83 78.13 16.85
C VAL I 157 -32.29 77.88 16.52
N SER I 158 -33.19 78.49 17.29
CA SER I 158 -34.62 78.42 17.04
C SER I 158 -35.18 79.84 17.02
N TRP I 159 -36.42 79.97 16.55
CA TRP I 159 -37.10 81.26 16.49
C TRP I 159 -38.31 81.22 17.41
N ASN I 160 -38.44 82.27 18.23
CA ASN I 160 -39.51 82.34 19.22
C ASN I 160 -39.52 81.10 20.11
N SER I 161 -38.33 80.68 20.51
CA SER I 161 -38.16 79.45 21.31
C SER I 161 -38.77 78.25 20.59
N GLY I 162 -38.60 78.21 19.27
CA GLY I 162 -39.10 77.11 18.47
C GLY I 162 -40.51 77.30 17.96
N ALA I 163 -41.23 78.33 18.40
CA ALA I 163 -42.59 78.55 17.92
C ALA I 163 -42.61 78.83 16.43
N LEU I 164 -41.68 79.66 15.95
CA LEU I 164 -41.59 80.02 14.54
C LEU I 164 -40.67 79.02 13.84
N THR I 165 -41.23 78.23 12.93
CA THR I 165 -40.44 77.25 12.19
C THR I 165 -40.66 77.41 10.69
N SER I 166 -41.81 77.93 10.29
CA SER I 166 -42.10 78.10 8.88
C SER I 166 -41.17 79.15 8.28
N GLY I 167 -40.53 78.80 7.16
CA GLY I 167 -39.61 79.70 6.50
C GLY I 167 -38.27 79.85 7.21
N VAL I 168 -38.02 79.08 8.25
CA VAL I 168 -36.78 79.20 9.01
C VAL I 168 -35.69 78.38 8.30
N HIS I 169 -34.57 79.04 8.00
CA HIS I 169 -33.41 78.39 7.39
C HIS I 169 -32.20 78.67 8.28
N THR I 170 -31.67 77.62 8.89
CA THR I 170 -30.48 77.71 9.74
C THR I 170 -29.31 77.16 8.94
N PHE I 171 -28.55 78.07 8.33
CA PHE I 171 -27.45 77.65 7.46
C PHE I 171 -26.33 77.01 8.29
N PRO I 172 -25.65 76.02 7.74
CA PRO I 172 -24.54 75.39 8.47
C PRO I 172 -23.44 76.41 8.76
N ALA I 173 -22.82 76.27 9.93
CA ALA I 173 -21.78 77.20 10.35
C ALA I 173 -20.56 77.08 9.43
N VAL I 174 -19.91 78.22 9.18
CA VAL I 174 -18.72 78.28 8.36
C VAL I 174 -17.57 78.76 9.24
N LEU I 175 -16.46 78.03 9.21
CA LEU I 175 -15.33 78.35 10.08
C LEU I 175 -14.63 79.61 9.58
N GLN I 176 -14.33 80.51 10.51
CA GLN I 176 -13.64 81.74 10.19
C GLN I 176 -12.13 81.49 10.10
N SER I 177 -11.42 82.47 9.52
CA SER I 177 -9.97 82.40 9.51
C SER I 177 -9.39 82.58 10.91
N SER I 178 -10.17 83.10 11.86
CA SER I 178 -9.73 83.27 13.23
C SER I 178 -9.92 82.02 14.08
N GLY I 179 -10.46 80.95 13.51
CA GLY I 179 -10.67 79.72 14.23
C GLY I 179 -12.03 79.59 14.88
N LEU I 180 -12.85 80.63 14.84
CA LEU I 180 -14.20 80.58 15.39
C LEU I 180 -15.21 80.41 14.25
N TYR I 181 -16.44 80.08 14.62
CA TYR I 181 -17.48 79.74 13.66
C TYR I 181 -18.41 80.92 13.42
N SER I 182 -18.90 81.01 12.19
CA SER I 182 -19.94 81.95 11.80
C SER I 182 -21.11 81.19 11.21
N LEU I 183 -22.31 81.49 11.70
CA LEU I 183 -23.53 80.83 11.27
C LEU I 183 -24.62 81.88 11.10
N SER I 184 -25.56 81.60 10.20
CA SER I 184 -26.68 82.50 9.94
C SER I 184 -27.98 81.70 10.02
N SER I 185 -28.96 82.24 10.74
CA SER I 185 -30.27 81.63 10.86
C SER I 185 -31.31 82.68 10.53
N VAL I 186 -31.96 82.55 9.38
CA VAL I 186 -32.88 83.57 8.87
C VAL I 186 -34.28 82.98 8.79
N VAL I 187 -35.25 83.87 8.56
CA VAL I 187 -36.64 83.47 8.37
C VAL I 187 -37.35 84.57 7.60
N THR I 188 -38.20 84.17 6.67
CA THR I 188 -38.96 85.09 5.84
C THR I 188 -40.39 85.16 6.35
N VAL I 189 -40.87 86.37 6.62
CA VAL I 189 -42.21 86.58 7.15
C VAL I 189 -42.88 87.72 6.38
N PRO I 190 -44.20 87.78 6.33
CA PRO I 190 -44.86 88.87 5.61
C PRO I 190 -44.46 90.22 6.19
N SER I 191 -44.33 91.21 5.30
CA SER I 191 -43.90 92.54 5.73
C SER I 191 -44.86 93.15 6.74
N SER I 192 -46.14 92.76 6.70
CA SER I 192 -47.11 93.27 7.66
C SER I 192 -46.85 92.76 9.07
N SER I 193 -46.16 91.63 9.21
CA SER I 193 -45.90 91.03 10.52
C SER I 193 -44.59 91.50 11.14
N LEU I 194 -43.84 92.37 10.46
CA LEU I 194 -42.57 92.83 11.01
C LEU I 194 -42.78 93.63 12.29
N GLY I 195 -43.78 94.52 12.31
CA GLY I 195 -44.03 95.35 13.47
C GLY I 195 -45.12 94.84 14.37
N THR I 196 -45.92 93.89 13.88
CA THR I 196 -47.01 93.31 14.66
C THR I 196 -46.64 91.97 15.27
N GLN I 197 -45.38 91.55 15.15
CA GLN I 197 -44.94 90.28 15.71
C GLN I 197 -43.48 90.43 16.12
N THR I 198 -43.19 90.20 17.39
CA THR I 198 -41.83 90.26 17.90
C THR I 198 -41.14 88.92 17.66
N TYR I 199 -40.02 88.95 16.95
CA TYR I 199 -39.27 87.75 16.62
C TYR I 199 -38.03 87.67 17.52
N ILE I 200 -37.88 86.55 18.20
CA ILE I 200 -36.75 86.32 19.10
C ILE I 200 -36.05 85.04 18.64
N CYS I 201 -34.76 85.15 18.32
CA CYS I 201 -33.95 84.00 17.99
C CYS I 201 -33.21 83.53 19.25
N ASN I 202 -33.42 82.27 19.60
CA ASN I 202 -32.78 81.66 20.76
C ASN I 202 -31.64 80.78 20.27
N VAL I 203 -30.43 81.09 20.71
CA VAL I 203 -29.21 80.38 20.32
C VAL I 203 -28.61 79.74 21.56
N ASN I 204 -28.38 78.43 21.49
CA ASN I 204 -27.85 77.66 22.60
C ASN I 204 -26.54 77.00 22.20
N HIS I 205 -25.58 77.04 23.11
CA HIS I 205 -24.23 76.50 22.88
C HIS I 205 -23.87 75.64 24.09
N LYS I 206 -24.10 74.33 23.98
CA LYS I 206 -23.86 73.43 25.10
C LYS I 206 -22.40 73.40 25.53
N PRO I 207 -21.42 73.26 24.63
CA PRO I 207 -20.03 73.27 25.10
C PRO I 207 -19.68 74.50 25.92
N SER I 208 -20.17 75.67 25.52
CA SER I 208 -20.03 76.87 26.33
C SER I 208 -21.23 77.10 27.23
N ASN I 209 -22.30 76.32 27.07
CA ASN I 209 -23.49 76.42 27.91
C ASN I 209 -24.02 77.85 27.95
N THR I 210 -24.08 78.46 26.78
CA THR I 210 -24.50 79.86 26.64
C THR I 210 -25.82 79.92 25.90
N LYS I 211 -26.79 80.65 26.46
CA LYS I 211 -28.12 80.80 25.89
C LYS I 211 -28.38 82.28 25.67
N VAL I 212 -28.55 82.68 24.41
CA VAL I 212 -28.78 84.07 24.04
C VAL I 212 -30.10 84.16 23.29
N ASP I 213 -31.01 84.99 23.79
CA ASP I 213 -32.30 85.23 23.14
C ASP I 213 -32.29 86.66 22.63
N LYS I 214 -32.06 86.82 21.33
CA LYS I 214 -31.91 88.13 20.71
C LYS I 214 -33.16 88.47 19.92
N LYS I 215 -33.71 89.66 20.17
CA LYS I 215 -34.91 90.11 19.49
C LYS I 215 -34.54 90.90 18.24
N VAL I 216 -35.11 90.52 17.11
CA VAL I 216 -34.86 91.18 15.84
C VAL I 216 -35.92 92.27 15.66
N GLU I 217 -35.47 93.50 15.44
CA GLU I 217 -36.35 94.65 15.30
C GLU I 217 -36.12 95.31 13.95
N PRO I 218 -37.17 95.60 13.17
CA PRO I 218 -36.96 96.25 11.88
C PRO I 218 -36.35 97.64 12.03
N LYS I 219 -35.49 97.99 11.08
CA LYS I 219 -34.82 99.28 11.08
C LYS I 219 -35.68 100.33 10.38
C1 NAG J . -38.14 0.15 -20.03
C2 NAG J . -38.70 0.96 -18.88
C3 NAG J . -39.39 2.20 -19.41
C4 NAG J . -38.47 3.00 -20.32
C5 NAG J . -37.86 2.09 -21.39
C6 NAG J . -36.78 2.78 -22.20
C7 NAG J . -39.22 -0.63 -17.08
C8 NAG J . -40.30 -1.39 -16.37
N2 NAG J . -39.61 0.16 -18.08
O3 NAG J . -39.80 3.02 -18.32
O4 NAG J . -39.19 4.04 -20.97
O5 NAG J . -37.24 0.95 -20.78
O6 NAG J . -35.51 2.54 -21.59
O7 NAG J . -38.04 -0.73 -16.76
C1 NAG J . -38.69 5.33 -20.54
C2 NAG J . -38.83 6.31 -21.70
C3 NAG J . -38.37 7.70 -21.27
C4 NAG J . -39.12 8.13 -20.02
C5 NAG J . -38.96 7.08 -18.92
C6 NAG J . -39.77 7.38 -17.69
C7 NAG J . -38.64 5.67 -24.06
C8 NAG J . -37.72 5.21 -25.15
N2 NAG J . -38.08 5.87 -22.86
O3 NAG J . -38.61 8.62 -22.32
O4 NAG J . -38.61 9.37 -19.55
O5 NAG J . -39.42 5.80 -19.40
O6 NAG J . -39.51 6.45 -16.65
O7 NAG J . -39.84 5.84 -24.25
C1 FUC J . -34.51 3.47 -22.07
C2 FUC J . -34.51 4.69 -21.15
C3 FUC J . -34.17 4.26 -19.73
C4 FUC J . -32.82 3.53 -19.72
C5 FUC J . -32.82 2.39 -20.74
C6 FUC J . -31.44 1.76 -20.94
O2 FUC J . -35.73 5.42 -21.20
O3 FUC J . -34.06 5.40 -18.88
O4 FUC J . -31.77 4.44 -20.00
O5 FUC J . -33.26 2.85 -22.05
C1 NAG K . -5.39 20.56 -33.45
C2 NAG K . -5.77 19.33 -32.65
C3 NAG K . -5.73 18.08 -33.52
C4 NAG K . -6.57 18.29 -34.77
C5 NAG K . -6.18 19.58 -35.48
C6 NAG K . -7.08 19.91 -36.66
C7 NAG K . -5.37 18.98 -30.25
C8 NAG K . -4.32 18.85 -29.17
N2 NAG K . -4.90 19.17 -31.49
O3 NAG K . -6.20 16.96 -32.80
O4 NAG K . -6.39 17.19 -35.66
O5 NAG K . -6.27 20.68 -34.58
O6 NAG K . -8.42 19.48 -36.42
O7 NAG K . -6.56 18.93 -30.00
C1 NAG K . -7.55 16.35 -35.66
C2 NAG K . -7.49 15.46 -36.90
C3 NAG K . -8.69 14.51 -36.92
C4 NAG K . -8.77 13.73 -35.62
C5 NAG K . -8.77 14.69 -34.42
C6 NAG K . -8.74 13.98 -33.09
C7 NAG K . -6.40 16.28 -38.93
C8 NAG K . -6.51 17.15 -40.14
N2 NAG K . -7.45 16.25 -38.11
O3 NAG K . -8.55 13.61 -38.01
O4 NAG K . -9.96 12.95 -35.59
O5 NAG K . -7.61 15.54 -34.48
O6 NAG K . -8.34 14.86 -32.04
O7 NAG K . -5.38 15.61 -38.71
C1 NAG L . 72.80 -20.66 -24.79
C2 NAG L . 74.04 -20.85 -25.65
C3 NAG L . 74.91 -19.60 -25.61
C4 NAG L . 74.09 -18.36 -25.96
C5 NAG L . 72.84 -18.30 -25.08
C6 NAG L . 71.91 -17.17 -25.46
C7 NAG L . 75.63 -22.69 -26.03
C8 NAG L . 76.34 -23.85 -25.42
N2 NAG L . 74.80 -22.01 -25.22
O3 NAG L . 75.98 -19.74 -26.53
O4 NAG L . 74.86 -17.19 -25.76
O5 NAG L . 72.09 -19.50 -25.21
O6 NAG L . 70.67 -17.27 -24.78
O7 NAG L . 75.79 -22.36 -27.20
C1 NAG L . 75.00 -16.52 -27.02
C2 NAG L . 75.19 -15.02 -26.76
C3 NAG L . 75.39 -14.28 -28.08
C4 NAG L . 76.52 -14.91 -28.87
C5 NAG L . 76.30 -16.41 -29.03
C6 NAG L . 77.47 -17.12 -29.69
C7 NAG L . 74.15 -14.10 -24.74
C8 NAG L . 72.89 -13.55 -24.14
N2 NAG L . 74.07 -14.47 -26.02
O3 NAG L . 75.67 -12.92 -27.81
O4 NAG L . 76.60 -14.31 -30.16
O5 NAG L . 76.12 -17.03 -27.75
O6 NAG L . 78.52 -17.32 -28.76
O7 NAG L . 75.19 -14.21 -24.10
C1 NAG M . 71.92 -2.35 -13.11
C2 NAG M . 73.29 -1.73 -13.06
C3 NAG M . 73.19 -0.21 -13.08
C4 NAG M . 72.35 0.25 -14.26
C5 NAG M . 71.00 -0.45 -14.26
C6 NAG M . 70.16 -0.14 -15.47
C7 NAG M . 75.13 -2.94 -11.97
C8 NAG M . 75.76 -3.31 -10.66
N2 NAG M . 74.03 -2.18 -11.90
O3 NAG M . 74.49 0.37 -13.15
O4 NAG M . 72.15 1.66 -14.20
O5 NAG M . 71.20 -1.88 -14.26
O6 NAG M . 68.77 -0.19 -15.16
O7 NAG M . 75.59 -3.31 -13.04
C1 NAG M . 72.74 2.25 -15.37
C2 NAG M . 72.02 3.55 -15.69
C3 NAG M . 72.65 4.22 -16.90
C4 NAG M . 74.15 4.39 -16.69
C5 NAG M . 74.78 3.05 -16.33
C6 NAG M . 76.25 3.17 -15.97
C7 NAG M . 69.70 3.36 -14.93
C8 NAG M . 68.28 3.10 -15.33
N2 NAG M . 70.60 3.32 -15.90
O3 NAG M . 72.05 5.49 -17.11
O4 NAG M . 74.76 4.88 -17.89
O5 NAG M . 74.13 2.50 -15.18
O6 NAG M . 76.44 3.53 -14.61
O7 NAG M . 70.01 3.59 -13.76
C1 NAG N . 80.56 -39.39 -30.52
C2 NAG N . 81.32 -38.97 -31.76
C3 NAG N . 82.71 -39.60 -31.76
C4 NAG N . 83.43 -39.29 -30.45
C5 NAG N . 82.56 -39.66 -29.25
C6 NAG N . 83.16 -39.22 -27.94
C7 NAG N . 79.67 -38.53 -33.51
C8 NAG N . 79.02 -39.05 -34.76
N2 NAG N . 80.60 -39.32 -32.97
O3 NAG N . 83.46 -39.11 -32.87
O4 NAG N . 84.66 -40.02 -30.39
O5 NAG N . 81.29 -39.01 -29.36
O6 NAG N . 82.83 -37.87 -27.65
O7 NAG N . 79.36 -37.45 -33.02
C1 NAG N . 85.73 -39.07 -30.38
C2 NAG N . 87.05 -39.84 -30.27
C3 NAG N . 88.23 -38.88 -30.31
C4 NAG N . 88.15 -37.99 -31.55
C5 NAG N . 86.79 -37.30 -31.61
C6 NAG N . 86.59 -36.50 -32.87
C7 NAG N . 86.51 -41.85 -28.97
C8 NAG N . 86.64 -42.54 -27.64
N2 NAG N . 87.09 -40.65 -29.06
O3 NAG N . 89.45 -39.62 -30.33
O4 NAG N . 89.17 -37.00 -31.50
O5 NAG N . 85.74 -38.29 -31.57
O6 NAG N . 87.82 -36.31 -33.56
O7 NAG N . 85.91 -42.37 -29.91
C1 NAG O . 75.43 -58.65 -25.71
C2 NAG O . 74.60 -59.30 -26.80
C3 NAG O . 74.26 -60.74 -26.41
C4 NAG O . 75.52 -61.51 -26.06
C5 NAG O . 76.33 -60.76 -25.01
C6 NAG O . 77.66 -61.40 -24.71
C7 NAG O . 73.36 -57.50 -27.89
C8 NAG O . 72.03 -56.83 -28.06
N2 NAG O . 73.39 -58.55 -27.07
O3 NAG O . 73.58 -61.38 -27.49
O4 NAG O . 75.18 -62.80 -25.55
O5 NAG O . 76.60 -59.43 -25.46
O6 NAG O . 78.72 -60.71 -25.34
O7 NAG O . 74.37 -57.10 -28.49
C1 NAG O . 75.50 -63.77 -26.55
C2 NAG O . 75.78 -65.10 -25.85
C3 NAG O . 76.08 -66.18 -26.88
C4 NAG O . 74.96 -66.26 -27.92
C5 NAG O . 74.71 -64.89 -28.53
C6 NAG O . 73.53 -64.87 -29.47
C7 NAG O . 76.71 -64.54 -23.65
C8 NAG O . 77.94 -64.46 -22.80
N2 NAG O . 76.87 -64.97 -24.90
O3 NAG O . 76.22 -67.43 -26.22
O4 NAG O . 75.32 -67.18 -28.95
O5 NAG O . 74.43 -63.94 -27.49
O6 NAG O . 72.89 -66.14 -29.52
O7 NAG O . 75.60 -64.22 -23.22
C1 NAG P . -32.41 8.24 26.12
C2 NAG P . -32.61 9.22 24.98
C3 NAG P . -34.02 9.09 24.40
C4 NAG P . -34.30 7.65 24.01
C5 NAG P . -34.03 6.72 25.19
C6 NAG P . -34.11 5.26 24.81
C7 NAG P . -31.15 11.14 25.40
C8 NAG P . -31.07 12.56 25.88
N2 NAG P . -32.37 10.59 25.40
O3 NAG P . -34.16 9.94 23.27
O4 NAG P . -35.66 7.50 23.60
O5 NAG P . -32.70 6.92 25.67
O6 NAG P . -32.84 4.79 24.38
O7 NAG P . -30.15 10.52 25.06
C1 NAG P . -35.69 7.20 22.19
C2 NAG P . -36.85 6.23 21.91
C3 NAG P . -36.93 5.93 20.42
C4 NAG P . -37.01 7.22 19.62
C5 NAG P . -35.86 8.15 19.99
C6 NAG P . -35.95 9.51 19.34
C7 NAG P . -37.54 4.66 23.66
C8 NAG P . -37.25 3.36 24.34
N2 NAG P . -36.72 5.01 22.67
O3 NAG P . -38.08 5.13 20.15
O4 NAG P . -36.95 6.93 18.22
O5 NAG P . -35.86 8.38 21.41
O6 NAG P . -35.77 9.41 17.93
O7 NAG P . -38.48 5.38 23.99
C1 BMA P . -38.27 6.83 17.67
C2 BMA P . -38.22 7.40 16.22
C3 BMA P . -39.55 7.16 15.52
C4 BMA P . -40.01 5.70 15.65
C5 BMA P . -40.06 5.31 17.12
C6 BMA P . -40.47 3.85 17.34
O2 BMA P . -37.23 6.72 15.46
O3 BMA P . -39.50 7.53 14.15
O4 BMA P . -41.29 5.52 15.07
O5 BMA P . -38.74 5.48 17.68
O6 BMA P . -40.67 3.65 18.73
C1 FUC P . -32.95 3.50 23.74
C2 FUC P . -33.06 3.71 22.23
C3 FUC P . -31.77 4.34 21.68
C4 FUC P . -30.54 3.52 22.11
C5 FUC P . -30.56 3.31 23.62
C6 FUC P . -29.47 2.36 24.10
O2 FUC P . -34.20 4.48 21.86
O3 FUC P . -31.80 4.34 20.25
O4 FUC P . -30.54 2.28 21.44
O5 FUC P . -31.82 2.73 24.06
C1 NAG Q . -29.20 -27.29 3.59
C2 NAG Q . -29.01 -26.12 4.55
C3 NAG Q . -28.52 -26.63 5.90
C4 NAG Q . -29.45 -27.71 6.43
C5 NAG Q . -29.68 -28.79 5.37
C6 NAG Q . -30.73 -29.80 5.79
C7 NAG Q . -26.84 -25.45 3.63
C8 NAG Q . -26.02 -24.31 3.09
N2 NAG Q . -28.09 -25.14 4.01
O3 NAG Q . -28.45 -25.54 6.82
O4 NAG Q . -28.87 -28.31 7.58
O5 NAG Q . -30.13 -28.21 4.14
O6 NAG Q . -30.88 -30.82 4.82
O7 NAG Q . -26.40 -26.59 3.72
C1 NAG Q . -29.54 -27.84 8.76
C2 NAG Q . -29.44 -28.93 9.83
C3 NAG Q . -30.10 -28.46 11.12
C4 NAG Q . -29.51 -27.11 11.55
C5 NAG Q . -29.61 -26.10 10.42
C6 NAG Q . -28.92 -24.79 10.74
C7 NAG Q . -29.31 -31.19 8.88
C8 NAG Q . -30.08 -32.40 8.45
N2 NAG Q . -30.03 -30.17 9.37
O3 NAG Q . -29.89 -29.43 12.14
O4 NAG Q . -30.24 -26.61 12.68
O5 NAG Q . -28.97 -26.62 9.25
O6 NAG Q . -27.52 -24.88 10.54
O7 NAG Q . -28.09 -31.13 8.79
C1 NAG R . 53.26 -59.22 -6.57
C2 NAG R . 53.70 -60.65 -6.82
C3 NAG R . 53.21 -61.14 -8.18
C4 NAG R . 51.71 -60.94 -8.30
C5 NAG R . 51.35 -59.48 -7.99
C6 NAG R . 49.86 -59.25 -7.96
C7 NAG R . 55.75 -61.58 -5.83
C8 NAG R . 57.25 -61.58 -5.87
N2 NAG R . 55.14 -60.78 -6.72
O3 NAG R . 53.53 -62.52 -8.33
O4 NAG R . 51.29 -61.23 -9.63
O5 NAG R . 51.84 -59.13 -6.69
O6 NAG R . 49.54 -57.96 -7.46
O7 NAG R . 55.12 -62.26 -5.03
C1 NAG R . 50.50 -62.43 -9.60
C2 NAG R . 49.86 -62.62 -10.97
C3 NAG R . 49.04 -63.91 -11.00
C4 NAG R . 49.91 -65.09 -10.56
C5 NAG R . 50.56 -64.80 -9.21
C6 NAG R . 51.54 -65.88 -8.79
C7 NAG R . 49.34 -60.63 -12.32
C8 NAG R . 48.37 -59.52 -12.54
N2 NAG R . 49.03 -61.48 -11.32
O3 NAG R . 48.54 -64.13 -12.31
O4 NAG R . 49.11 -66.26 -10.46
O5 NAG R . 51.30 -63.57 -9.28
O6 NAG R . 52.77 -65.74 -9.48
O7 NAG R . 50.35 -60.77 -13.00
C1 NAG S . 44.04 -52.40 -25.33
C2 NAG S . 44.45 -53.43 -26.36
C3 NAG S . 43.37 -53.55 -27.43
C4 NAG S . 42.01 -53.81 -26.79
C5 NAG S . 41.72 -52.77 -25.71
C6 NAG S . 40.46 -53.07 -24.94
C7 NAG S . 46.90 -53.42 -26.39
C8 NAG S . 48.13 -52.99 -27.15
N2 NAG S . 45.73 -53.10 -26.96
O3 NAG S . 43.69 -54.62 -28.31
O4 NAG S . 40.99 -53.72 -27.78
O5 NAG S . 42.79 -52.75 -24.75
O6 NAG S . 40.66 -52.86 -23.53
O7 NAG S . 46.96 -54.01 -25.33
C1 NAG S . 40.39 -55.02 -27.94
C2 NAG S . 39.01 -54.85 -28.56
C3 NAG S . 38.36 -56.20 -28.79
C4 NAG S . 39.27 -57.10 -29.60
C5 NAG S . 40.65 -57.18 -28.94
C6 NAG S . 41.65 -57.96 -29.76
C7 NAG S . 38.15 -52.67 -27.81
C8 NAG S . 37.21 -51.96 -26.87
N2 NAG S . 38.16 -54.00 -27.73
O3 NAG S . 37.12 -56.03 -29.47
O4 NAG S . 38.71 -58.41 -29.69
O5 NAG S . 41.19 -55.87 -28.77
O6 NAG S . 42.75 -57.15 -30.14
O7 NAG S . 38.85 -52.07 -28.62
C1 NAG T . 68.35 -64.74 5.90
C2 NAG T . 68.31 -66.25 6.06
C3 NAG T . 69.68 -66.84 5.78
C4 NAG T . 70.20 -66.38 4.43
C5 NAG T . 70.12 -64.86 4.30
C6 NAG T . 70.44 -64.37 2.91
C7 NAG T . 66.57 -66.90 7.66
C8 NAG T . 66.28 -67.28 9.09
N2 NAG T . 67.85 -66.62 7.39
O3 NAG T . 69.60 -68.27 5.81
O4 NAG T . 71.56 -66.78 4.27
O5 NAG T . 68.79 -64.42 4.59
O6 NAG T . 69.96 -65.27 1.92
O7 NAG T . 65.70 -66.87 6.80
C1 NAG T . 71.68 -67.65 3.14
C2 NAG T . 73.00 -68.40 3.25
C3 NAG T . 73.16 -69.38 2.09
C4 NAG T . 71.95 -70.30 2.02
C5 NAG T . 70.66 -69.48 1.97
C6 NAG T . 69.42 -70.34 2.02
C7 NAG T . 74.78 -67.16 4.41
C8 NAG T . 75.90 -66.18 4.26
N2 NAG T . 74.11 -67.46 3.29
O3 NAG T . 74.35 -70.13 2.27
O4 NAG T . 72.04 -71.11 0.85
O5 NAG T . 70.60 -68.60 3.10
O6 NAG T . 68.59 -69.99 3.12
O7 NAG T . 74.49 -67.67 5.49
C1 NAG U . 79.37 -55.11 20.16
C2 NAG U . 78.93 -55.48 21.58
C3 NAG U . 79.86 -54.85 22.60
C4 NAG U . 81.30 -55.21 22.30
C5 NAG U . 81.64 -54.87 20.85
C6 NAG U . 83.02 -55.34 20.45
C7 NAG U . 76.51 -55.90 21.64
C8 NAG U . 75.16 -55.32 21.94
N2 NAG U . 77.55 -55.08 21.82
O3 NAG U . 79.51 -55.29 23.90
O4 NAG U . 82.17 -54.50 23.17
O5 NAG U . 80.72 -55.50 19.96
O6 NAG U . 82.99 -56.66 19.91
O7 NAG U . 76.65 -57.05 21.24
C1 NAG U . 82.49 -55.34 24.28
C2 NAG U . 83.89 -54.96 24.77
C3 NAG U . 84.27 -55.79 25.99
C4 NAG U . 83.20 -55.67 27.07
C5 NAG U . 81.83 -56.03 26.49
C6 NAG U . 80.70 -55.81 27.48
C7 NAG U . 85.28 -54.10 22.95
C8 NAG U . 86.30 -54.45 21.90
N2 NAG U . 84.87 -55.11 23.71
O3 NAG U . 85.52 -55.34 26.50
O4 NAG U . 83.49 -56.56 28.15
O5 NAG U . 81.55 -55.20 25.35
O6 NAG U . 80.01 -54.58 27.21
O7 NAG U . 84.86 -52.96 23.09
C1 NAG V . -16.75 39.35 -2.30
C2 NAG V . -18.10 38.61 -2.39
C3 NAG V . -19.05 39.13 -1.31
C4 NAG V . -18.40 39.02 0.05
C5 NAG V . -17.05 39.74 0.05
C6 NAG V . -16.29 39.56 1.35
C7 NAG V . -18.39 37.97 -4.74
C8 NAG V . -19.09 38.27 -6.03
N2 NAG V . -18.69 38.77 -3.71
O3 NAG V . -20.25 38.36 -1.34
O4 NAG V . -19.24 39.59 1.05
O5 NAG V . -16.22 39.20 -0.98
O6 NAG V . -15.24 38.62 1.20
O7 NAG V . -17.57 37.06 -4.64
C1 NAG V . -19.66 38.52 1.92
C2 NAG V . -19.79 39.04 3.35
C3 NAG V . -20.25 37.92 4.27
C4 NAG V . -21.52 37.27 3.74
C5 NAG V . -21.34 36.86 2.27
C6 NAG V . -22.63 36.36 1.65
C7 NAG V . -18.28 40.91 3.84
C8 NAG V . -16.93 41.31 4.37
N2 NAG V . -18.53 39.60 3.82
O3 NAG V . -20.49 38.43 5.58
O4 NAG V . -21.82 36.10 4.50
O5 NAG V . -20.92 37.98 1.49
O6 NAG V . -22.90 35.01 2.03
O7 NAG V . -19.11 41.74 3.46
C1 BMA V . -22.80 36.42 5.51
C2 BMA V . -24.06 35.58 5.22
C3 BMA V . -25.06 35.69 6.38
C4 BMA V . -24.36 35.43 7.72
C5 BMA V . -23.19 36.40 7.88
C6 BMA V . -22.46 36.22 9.19
O2 BMA V . -23.73 34.20 5.09
O3 BMA V . -26.15 34.78 6.21
O4 BMA V . -25.29 35.63 8.78
O5 BMA V . -22.27 36.15 6.80
O6 BMA V . -21.46 37.24 9.29
C1 FUC V . -15.25 37.72 2.34
C2 FUC V . -15.80 36.36 1.87
C3 FUC V . -14.83 35.69 0.89
C4 FUC V . -13.43 35.60 1.50
C5 FUC V . -12.98 36.98 1.98
C6 FUC V . -11.67 36.94 2.73
O2 FUC V . -17.11 36.48 1.30
O3 FUC V . -15.28 34.35 0.62
O4 FUC V . -13.44 34.69 2.60
O5 FUC V . -13.94 37.58 2.86
C1 NAG W . 72.50 -27.03 21.57
C2 NAG W . 73.64 -27.31 22.52
C3 NAG W . 73.11 -28.02 23.78
C4 NAG W . 71.98 -27.21 24.39
C5 NAG W . 70.91 -26.90 23.34
C6 NAG W . 69.83 -25.98 23.86
C7 NAG W . 75.89 -27.65 21.62
C8 NAG W . 76.83 -28.61 20.95
N2 NAG W . 74.67 -28.12 21.89
O3 NAG W . 74.17 -28.16 24.71
O4 NAG W . 71.38 -27.95 25.45
O5 NAG W . 71.51 -26.24 22.21
O6 NAG W . 68.64 -26.10 23.09
O7 NAG W . 76.23 -26.51 21.91
C1 NAG W . 71.71 -27.31 26.70
C2 NAG W . 70.62 -27.64 27.71
C3 NAG W . 70.94 -27.03 29.07
C4 NAG W . 72.34 -27.45 29.51
C5 NAG W . 73.36 -27.12 28.43
C6 NAG W . 74.75 -27.62 28.75
C7 NAG W . 68.21 -27.95 27.32
C8 NAG W . 66.96 -27.33 26.79
N2 NAG W . 69.32 -27.20 27.25
O3 NAG W . 69.98 -27.46 30.03
O4 NAG W . 72.70 -26.76 30.70
O5 NAG W . 72.98 -27.75 27.19
O6 NAG W . 75.64 -26.55 29.03
O7 NAG W . 68.23 -29.09 27.80
C1 NAG X . 55.21 -37.41 30.27
C2 NAG X . 55.79 -38.44 31.23
C3 NAG X . 54.80 -38.71 32.37
C4 NAG X . 54.40 -37.40 33.04
C5 NAG X . 53.92 -36.40 31.99
C6 NAG X . 53.64 -35.03 32.57
C7 NAG X . 57.06 -40.52 30.94
C8 NAG X . 57.24 -41.75 30.09
N2 NAG X . 56.10 -39.69 30.53
O3 NAG X . 55.41 -39.58 33.32
O4 NAG X . 53.35 -37.64 33.96
O5 NAG X . 54.91 -36.22 30.98
O6 NAG X . 54.01 -34.00 31.66
O7 NAG X . 57.74 -40.30 31.93
C1 NAG X . 53.76 -37.16 35.25
C2 NAG X . 52.51 -36.78 36.04
C3 NAG X . 52.91 -36.29 37.44
C4 NAG X . 53.76 -37.34 38.14
C5 NAG X . 54.95 -37.71 37.25
C6 NAG X . 55.78 -38.84 37.83
C7 NAG X . 50.81 -36.05 34.44
C8 NAG X . 50.10 -34.88 33.83
N2 NAG X . 51.73 -35.75 35.35
O3 NAG X . 51.72 -36.05 38.20
O4 NAG X . 54.24 -36.83 39.37
O5 NAG X . 54.50 -38.15 35.97
O6 NAG X . 56.18 -38.56 39.16
O7 NAG X . 50.54 -37.20 34.13
C1 NAG Y . 90.59 -24.92 12.26
C2 NAG Y . 91.38 -24.59 13.51
C3 NAG Y . 92.65 -25.43 13.57
C4 NAG Y . 92.29 -26.91 13.47
C5 NAG Y . 91.43 -27.17 12.24
C6 NAG Y . 90.92 -28.58 12.17
C7 NAG Y . 91.29 -22.35 14.51
C8 NAG Y . 91.71 -20.91 14.38
N2 NAG Y . 91.71 -23.17 13.53
O3 NAG Y . 93.33 -25.18 14.79
O4 NAG Y . 93.48 -27.69 13.38
O5 NAG Y . 90.27 -26.32 12.26
O6 NAG Y . 91.04 -29.25 13.43
O7 NAG Y . 90.60 -22.74 15.44
C1 NAG Y . 93.59 -28.47 14.59
C2 NAG Y . 94.88 -29.29 14.52
C3 NAG Y . 95.05 -30.10 15.80
C4 NAG Y . 94.98 -29.19 17.02
C5 NAG Y . 93.69 -28.36 16.99
C6 NAG Y . 93.62 -27.35 18.10
C7 NAG Y . 95.31 -29.78 12.15
C8 NAG Y . 95.23 -30.81 11.07
N2 NAG Y . 94.87 -30.16 13.36
O3 NAG Y . 96.31 -30.77 15.77
O4 NAG Y . 95.01 -29.97 18.20
O5 NAG Y . 93.62 -27.63 15.75
O6 NAG Y . 94.91 -26.90 18.49
O7 NAG Y . 95.75 -28.65 11.95
C1 NAG Z . 96.54 -22.20 -7.22
C2 NAG Z . 96.69 -20.69 -7.41
C3 NAG Z . 97.14 -20.39 -8.84
C4 NAG Z . 98.37 -21.19 -9.20
C5 NAG Z . 98.16 -22.67 -8.91
C6 NAG Z . 99.40 -23.51 -9.11
C7 NAG Z . 95.40 -18.77 -6.60
C8 NAG Z . 94.03 -18.22 -6.35
N2 NAG Z . 95.44 -20.01 -7.11
O3 NAG Z . 97.39 -19.00 -8.97
O4 NAG Z . 98.68 -21.03 -10.57
O5 NAG Z . 97.77 -22.84 -7.54
O6 NAG Z . 99.72 -24.25 -7.94
O7 NAG Z . 96.42 -18.14 -6.34
C1 NAG Z . 99.95 -20.37 -10.68
C2 NAG Z . 100.44 -20.51 -12.12
C3 NAG Z . 101.77 -19.79 -12.30
C4 NAG Z . 101.65 -18.34 -11.84
C5 NAG Z . 101.11 -18.28 -10.42
C6 NAG Z . 100.84 -16.87 -9.94
C7 NAG Z . 99.53 -22.65 -12.88
C8 NAG Z . 99.82 -24.08 -13.23
N2 NAG Z . 100.56 -21.91 -12.50
O3 NAG Z . 102.15 -19.83 -13.68
O4 NAG Z . 102.93 -17.71 -11.87
O5 NAG Z . 99.85 -18.98 -10.35
O6 NAG Z . 100.29 -16.07 -10.99
O7 NAG Z . 98.39 -22.20 -12.94
C1 NAG AA . 15.68 12.64 -48.48
C2 NAG AA . 16.78 11.83 -49.18
C3 NAG AA . 16.58 11.86 -50.69
C4 NAG AA . 15.17 11.42 -51.06
C5 NAG AA . 14.15 12.26 -50.29
C6 NAG AA . 12.73 11.80 -50.51
C7 NAG AA . 19.02 11.57 -48.21
C8 NAG AA . 20.33 12.25 -47.92
N2 NAG AA . 18.10 12.32 -48.82
O3 NAG AA . 17.54 11.01 -51.32
O4 NAG AA . 14.96 11.59 -52.46
O5 NAG AA . 14.40 12.14 -48.88
O6 NAG AA . 11.90 12.12 -49.41
O7 NAG AA . 18.80 10.41 -47.91
C1 NAG BA . 35.94 26.77 -18.96
C2 NAG BA . 36.65 27.12 -20.26
C3 NAG BA . 38.14 27.29 -20.00
C4 NAG BA . 38.37 28.30 -18.88
C5 NAG BA . 37.57 27.91 -17.64
C6 NAG BA . 37.65 28.94 -16.54
C7 NAG BA . 36.09 26.39 -22.53
C8 NAG BA . 35.90 25.21 -23.43
N2 NAG BA . 36.43 26.10 -21.27
O3 NAG BA . 38.78 27.74 -21.19
O4 NAG BA . 39.76 28.36 -18.55
O5 NAG BA . 36.18 27.78 -17.98
O6 NAG BA . 36.81 28.59 -15.44
O7 NAG BA . 35.95 27.54 -22.92
C1 NAG CA . 44.99 5.01 -29.82
C2 NAG CA . 45.13 6.32 -29.04
C3 NAG CA . 46.48 6.96 -29.33
C4 NAG CA . 47.61 5.96 -29.07
C5 NAG CA . 47.37 4.68 -29.85
C6 NAG CA . 48.38 3.60 -29.56
C7 NAG CA . 43.21 7.72 -28.46
C8 NAG CA . 42.16 8.66 -28.97
N2 NAG CA . 44.06 7.23 -29.37
O3 NAG CA . 46.65 8.11 -28.51
O4 NAG CA . 48.86 6.52 -29.46
O5 NAG CA . 46.08 4.14 -29.50
O6 NAG CA . 48.43 2.64 -30.60
O7 NAG CA . 43.29 7.43 -27.27
C1 NAG DA . 16.66 -21.66 -39.50
C2 NAG DA . 16.48 -22.97 -38.73
C3 NAG DA . 16.86 -24.15 -39.61
C4 NAG DA . 16.07 -24.11 -40.91
C5 NAG DA . 16.25 -22.75 -41.59
C6 NAG DA . 15.37 -22.61 -42.82
C7 NAG DA . 16.79 -22.54 -36.33
C8 NAG DA . 17.73 -22.60 -35.18
N2 NAG DA . 17.27 -22.96 -37.51
O3 NAG DA . 16.60 -25.37 -38.91
O4 NAG DA . 16.53 -25.14 -41.79
O5 NAG DA . 15.87 -21.70 -40.70
O6 NAG DA . 14.33 -23.57 -42.83
O7 NAG DA . 15.64 -22.14 -36.21
C1 NAG EA . 35.73 -22.50 -47.23
C2 NAG EA . 35.05 -21.59 -48.25
C3 NAG EA . 33.81 -22.29 -48.83
C4 NAG EA . 34.18 -23.67 -49.37
C5 NAG EA . 34.90 -24.48 -48.29
C6 NAG EA . 35.39 -25.82 -48.80
C7 NAG EA . 35.24 -19.16 -48.03
C8 NAG EA . 34.74 -17.94 -47.31
N2 NAG EA . 34.69 -20.32 -47.66
O3 NAG EA . 33.26 -21.49 -49.87
O4 NAG EA . 33.00 -24.36 -49.76
O5 NAG EA . 36.05 -23.76 -47.83
O6 NAG EA . 36.35 -26.38 -47.91
O7 NAG EA . 36.08 -19.10 -48.92
C1 NAG FA . 61.34 -50.62 -30.52
C2 NAG FA . 61.62 -52.12 -30.42
C3 NAG FA . 61.89 -52.70 -31.79
C4 NAG FA . 60.77 -52.35 -32.76
C5 NAG FA . 60.52 -50.85 -32.76
C6 NAG FA . 59.33 -50.45 -33.60
C7 NAG FA . 62.61 -52.40 -28.19
C8 NAG FA . 63.86 -52.70 -27.42
N2 NAG FA . 62.73 -52.39 -29.52
O3 NAG FA . 62.03 -54.11 -31.70
O4 NAG FA . 61.11 -52.77 -34.07
O5 NAG FA . 60.26 -50.40 -31.43
O6 NAG FA . 59.27 -51.20 -34.81
O7 NAG FA . 61.53 -52.19 -27.63
C1 NAG GA . 64.43 -35.41 -33.56
C2 NAG GA . 64.45 -33.91 -33.86
C3 NAG GA . 63.08 -33.45 -34.33
C4 NAG GA . 62.60 -34.29 -35.50
C5 NAG GA . 62.67 -35.77 -35.15
C6 NAG GA . 62.33 -36.66 -36.32
C7 NAG GA . 65.24 -31.87 -32.75
C8 NAG GA . 65.65 -31.23 -31.47
N2 NAG GA . 64.88 -33.15 -32.69
O3 NAG GA . 63.14 -32.08 -34.69
O4 NAG GA . 61.27 -33.94 -35.85
O5 NAG GA . 63.99 -36.13 -34.72
O6 NAG GA . 61.65 -35.95 -37.34
O7 NAG GA . 65.22 -31.23 -33.82
C1 NAG HA . -19.56 -21.75 -37.32
C2 NAG HA . -19.51 -23.26 -37.52
C3 NAG HA . -18.74 -23.60 -38.80
C4 NAG HA . -19.33 -22.85 -39.98
C5 NAG HA . -19.41 -21.36 -39.68
C6 NAG HA . -20.10 -20.57 -40.77
C7 NAG HA . -19.57 -24.20 -35.26
C8 NAG HA . -18.79 -24.89 -34.17
N2 NAG HA . -18.90 -23.93 -36.38
O3 NAG HA . -18.80 -25.01 -39.03
O4 NAG HA . -18.53 -23.05 -41.14
O5 NAG HA . -20.15 -21.14 -38.47
O6 NAG HA . -21.52 -20.62 -40.62
O7 NAG HA . -20.76 -23.92 -35.12
C1 NAG IA . -14.67 -50.43 7.99
C2 NAG IA . -13.55 -51.30 8.55
C3 NAG IA . -14.12 -52.53 9.26
C4 NAG IA . -15.14 -52.08 10.32
C5 NAG IA . -16.19 -51.18 9.69
C6 NAG IA . -17.16 -50.62 10.70
C7 NAG IA . -11.54 -51.03 7.15
C8 NAG IA . -10.72 -51.60 6.04
N2 NAG IA . -12.64 -51.72 7.49
O3 NAG IA . -13.06 -53.25 9.88
O4 NAG IA . -15.76 -53.22 10.88
O5 NAG IA . -15.56 -50.06 9.06
O6 NAG IA . -17.67 -49.35 10.28
O7 NAG IA . -11.23 -49.99 7.73
C1 NAG JA . -1.03 -41.86 -27.24
C2 NAG JA . -0.33 -43.10 -26.69
C3 NAG JA . 0.34 -43.88 -27.82
C4 NAG JA . -0.67 -44.18 -28.92
C5 NAG JA . -1.36 -42.89 -29.38
C6 NAG JA . -2.46 -43.14 -30.39
C7 NAG JA . 0.49 -43.05 -24.38
C8 NAG JA . 1.60 -42.60 -23.46
N2 NAG JA . 0.65 -42.74 -25.67
O3 NAG JA . 0.89 -45.08 -27.31
O4 NAG JA . -0.01 -44.78 -30.03
O5 NAG JA . -1.97 -42.24 -28.25
O6 NAG JA . -3.40 -44.08 -29.89
O7 NAG JA . -0.48 -43.65 -23.96
C1 NAG KA . -12.67 -14.10 43.19
C2 NAG KA . -11.67 -14.18 44.35
C3 NAG KA . -11.53 -15.62 44.82
C4 NAG KA . -12.90 -16.20 45.17
C5 NAG KA . -13.85 -16.04 43.98
C6 NAG KA . -15.27 -16.46 44.30
C7 NAG KA . -9.57 -12.99 44.78
C8 NAG KA . -8.27 -12.51 44.22
N2 NAG KA . -10.37 -13.65 43.94
O3 NAG KA . -10.69 -15.66 45.97
O4 NAG KA . -12.77 -17.58 45.47
O5 NAG KA . -13.92 -14.66 43.60
O6 NAG KA . -16.08 -15.35 44.65
O7 NAG KA . -9.89 -12.77 45.95
C1 NAG LA . 16.23 -50.97 -8.84
C2 NAG LA . 16.54 -50.48 -10.26
C3 NAG LA . 17.02 -51.63 -11.13
C4 NAG LA . 18.18 -52.36 -10.46
C5 NAG LA . 17.80 -52.76 -9.04
C6 NAG LA . 18.95 -53.38 -8.28
C7 NAG LA . 15.12 -48.53 -10.72
C8 NAG LA . 13.88 -48.02 -11.39
N2 NAG LA . 15.38 -49.83 -10.84
O3 NAG LA . 17.41 -51.12 -12.40
O4 NAG LA . 18.52 -53.51 -11.21
O5 NAG LA . 17.38 -51.62 -8.30
O6 NAG LA . 19.20 -52.69 -7.07
O7 NAG LA . 15.86 -47.77 -10.08
C1 NAG MA . 11.53 -37.18 28.39
C2 NAG MA . 13.05 -37.05 28.55
C3 NAG MA . 13.53 -37.91 29.72
C4 NAG MA . 12.76 -37.57 30.98
C5 NAG MA . 11.25 -37.68 30.72
C6 NAG MA . 10.42 -37.24 31.90
C7 NAG MA . 14.94 -36.96 27.00
C8 NAG MA . 15.50 -37.44 25.69
N2 NAG MA . 13.73 -37.42 27.33
O3 NAG MA . 14.92 -37.68 29.93
O4 NAG MA . 13.11 -38.47 32.03
O5 NAG MA . 10.89 -36.84 29.62
O6 NAG MA . 9.39 -36.35 31.50
O7 NAG MA . 15.57 -36.18 27.73
C1 NAG NA . 21.42 -54.24 23.67
C2 NAG NA . 20.03 -54.87 23.83
C3 NAG NA . 19.39 -54.41 25.14
C4 NAG NA . 20.33 -54.67 26.31
C5 NAG NA . 21.70 -54.06 26.05
C6 NAG NA . 22.72 -54.38 27.11
C7 NAG NA . 18.33 -55.40 22.16
C8 NAG NA . 17.52 -54.90 21.00
N2 NAG NA . 19.18 -54.53 22.70
O3 NAG NA . 18.17 -55.10 25.33
O4 NAG NA . 19.79 -54.12 27.51
O5 NAG NA . 22.23 -54.55 24.80
O6 NAG NA . 24.02 -54.50 26.56
O7 NAG NA . 18.20 -56.55 22.58
C1 NAG OA . 63.00 -52.07 23.45
C2 NAG OA . 64.45 -51.92 23.86
C3 NAG OA . 64.86 -53.09 24.75
C4 NAG OA . 63.90 -53.25 25.92
C5 NAG OA . 62.46 -53.32 25.40
C6 NAG OA . 61.44 -53.34 26.52
C7 NAG OA . 66.43 -51.08 22.69
C8 NAG OA . 67.21 -51.11 21.40
N2 NAG OA . 65.32 -51.83 22.70
O3 NAG OA . 66.18 -52.86 25.24
O4 NAG OA . 64.20 -54.43 26.64
O5 NAG OA . 62.17 -52.17 24.60
O6 NAG OA . 60.18 -52.87 26.07
O7 NAG OA . 66.78 -50.41 23.64
C1 NAG PA . 54.83 -58.84 12.84
C2 NAG PA . 53.58 -59.16 12.04
C3 NAG PA . 52.33 -58.86 12.86
C4 NAG PA . 52.39 -59.57 14.20
C5 NAG PA . 53.69 -59.22 14.92
C6 NAG PA . 53.87 -59.98 16.22
C7 NAG PA . 52.81 -58.80 9.74
C8 NAG PA . 52.92 -57.93 8.52
N2 NAG PA . 53.57 -58.44 10.78
O3 NAG PA . 51.17 -59.28 12.14
O4 NAG PA . 51.29 -59.17 15.00
O5 NAG PA . 54.81 -59.55 14.08
O6 NAG PA . 53.20 -61.22 16.18
O7 NAG PA . 52.09 -59.78 9.77
C1 NAG QA . -44.76 -24.45 -6.31
C2 NAG QA . -45.27 -25.11 -5.04
C3 NAG QA . -46.49 -24.36 -4.50
C4 NAG QA . -46.14 -22.88 -4.31
C5 NAG QA . -45.62 -22.31 -5.62
C6 NAG QA . -45.15 -20.87 -5.49
C7 NAG QA . -45.19 -27.46 -4.41
C8 NAG QA . -45.61 -28.86 -4.76
N2 NAG QA . -45.59 -26.51 -5.25
O3 NAG QA . -46.90 -24.93 -3.27
O4 NAG QA . -47.30 -22.17 -3.90
O5 NAG QA . -44.49 -23.06 -6.08
O6 NAG QA . -43.96 -20.79 -4.73
O7 NAG QA . -44.52 -27.22 -3.41
C1 NAG RA . 26.87 23.00 40.27
C2 NAG RA . 28.34 22.66 40.05
C3 NAG RA . 29.24 23.64 40.80
C4 NAG RA . 28.89 25.08 40.43
C5 NAG RA . 27.40 25.32 40.65
C6 NAG RA . 26.96 26.68 40.19
C7 NAG RA . 28.94 20.32 39.58
C8 NAG RA . 29.21 18.97 40.17
N2 NAG RA . 28.63 21.29 40.45
O3 NAG RA . 30.60 23.37 40.49
O4 NAG RA . 29.63 25.98 41.24
O5 NAG RA . 26.63 24.37 39.90
O6 NAG RA . 25.61 26.66 39.72
O7 NAG RA . 29.00 20.53 38.38
C1 NAG SA . 16.80 -14.00 44.05
C2 NAG SA . 18.02 -13.52 44.83
C3 NAG SA . 18.72 -14.69 45.49
C4 NAG SA . 17.74 -15.46 46.36
C5 NAG SA . 16.52 -15.88 45.54
C6 NAG SA . 15.45 -16.54 46.36
C7 NAG SA . 18.83 -11.51 43.65
C8 NAG SA . 19.87 -10.94 42.74
N2 NAG SA . 18.95 -12.81 43.95
O3 NAG SA . 19.80 -14.21 46.29
O4 NAG SA . 18.36 -16.62 46.89
O5 NAG SA . 15.92 -14.71 44.94
O6 NAG SA . 15.91 -16.82 47.68
O7 NAG SA . 17.92 -10.83 44.11
C1 NAG TA . 41.25 -8.79 34.45
C2 NAG TA . 40.47 -10.06 34.77
C3 NAG TA . 41.21 -10.89 35.81
C4 NAG TA . 42.64 -11.15 35.37
C5 NAG TA . 43.32 -9.82 35.03
C6 NAG TA . 44.72 -10.01 34.47
C7 NAG TA . 38.07 -9.69 34.40
C8 NAG TA . 36.76 -9.36 35.04
N2 NAG TA . 39.12 -9.75 35.22
O3 NAG TA . 40.53 -12.13 36.00
O4 NAG TA . 43.36 -11.79 36.40
O5 NAG TA . 42.57 -9.13 34.03
O6 NAG TA . 44.87 -9.35 33.22
O7 NAG TA . 38.18 -9.90 33.19
C1 NAG UA . 42.81 21.47 8.56
C2 NAG UA . 43.58 20.96 7.34
C3 NAG UA . 44.92 21.66 7.24
C4 NAG UA . 44.74 23.18 7.25
C5 NAG UA . 43.91 23.60 8.46
C6 NAG UA . 43.57 25.07 8.46
C7 NAG UA . 42.89 18.66 6.85
C8 NAG UA . 43.23 17.21 7.02
N2 NAG UA . 43.76 19.52 7.40
O3 NAG UA . 45.58 21.27 6.04
O4 NAG UA . 46.01 23.83 7.30
O5 NAG UA . 42.66 22.89 8.47
O6 NAG UA . 43.25 25.53 7.16
O7 NAG UA . 41.90 19.04 6.27
C1 NAG VA . 58.95 14.38 18.33
C2 NAG VA . 58.34 15.39 19.30
C3 NAG VA . 58.19 16.75 18.63
C4 NAG VA . 59.53 17.20 18.05
C5 NAG VA . 60.10 16.12 17.13
C6 NAG VA . 61.49 16.45 16.63
C7 NAG VA . 56.73 14.93 21.09
C8 NAG VA . 55.36 14.42 21.42
N2 NAG VA . 57.05 14.93 19.80
O3 NAG VA . 57.73 17.70 19.57
O4 NAG VA . 59.36 18.40 17.31
O5 NAG VA . 60.21 14.88 17.85
O6 NAG VA . 62.48 15.74 17.35
O7 NAG VA . 57.50 15.35 21.95
C1 NAG WA . 84.55 -10.17 -3.15
C2 NAG WA . 85.52 -10.51 -4.27
C3 NAG WA . 86.88 -9.88 -3.99
C4 NAG WA . 86.74 -8.40 -3.74
C5 NAG WA . 85.71 -8.14 -2.65
C6 NAG WA . 85.42 -6.67 -2.44
C7 NAG WA . 84.94 -12.64 -5.35
C8 NAG WA . 85.19 -14.11 -5.39
N2 NAG WA . 85.64 -11.95 -4.45
O3 NAG WA . 87.74 -10.11 -5.10
O4 NAG WA . 87.99 -7.85 -3.33
O5 NAG WA . 84.46 -8.76 -3.00
O6 NAG WA . 86.55 -5.87 -2.75
O7 NAG WA . 84.14 -12.10 -6.10
C1 NAG XA . 80.02 -12.57 11.04
C2 NAG XA . 79.10 -12.56 12.27
C3 NAG XA . 78.40 -11.21 12.41
C4 NAG XA . 79.41 -10.08 12.39
C5 NAG XA . 80.31 -10.18 11.16
C6 NAG XA . 81.42 -9.15 11.15
C7 NAG XA . 77.37 -14.00 13.25
C8 NAG XA . 76.43 -15.13 13.00
N2 NAG XA . 78.13 -13.64 12.21
O3 NAG XA . 77.65 -11.17 13.61
O4 NAG XA . 78.74 -8.82 12.38
O5 NAG XA . 80.93 -11.47 11.12
O6 NAG XA . 80.97 -7.90 11.65
O7 NAG XA . 77.46 -13.45 14.33
C1 NAG YA . 16.64 44.54 -4.36
C2 NAG YA . 17.79 44.88 -5.31
C3 NAG YA . 18.95 45.47 -4.53
C4 NAG YA . 18.49 46.66 -3.70
C5 NAG YA . 17.30 46.27 -2.83
C6 NAG YA . 16.69 47.44 -2.10
C7 NAG YA . 17.61 43.30 -7.18
C8 NAG YA . 18.19 42.08 -7.83
N2 NAG YA . 18.22 43.71 -6.07
O3 NAG YA . 19.98 45.88 -5.44
O4 NAG YA . 19.54 47.13 -2.88
O5 NAG YA . 16.25 45.71 -3.64
O6 NAG YA . 15.50 47.88 -2.72
O7 NAG YA . 16.64 43.89 -7.65
#